data_7VZ1
#
_entry.id   7VZ1
#
_cell.length_a   1.00
_cell.length_b   1.00
_cell.length_c   1.00
_cell.angle_alpha   90.00
_cell.angle_beta   90.00
_cell.angle_gamma   90.00
#
_symmetry.space_group_name_H-M   'P 1'
#
loop_
_entity.id
_entity.type
_entity.pdbx_description
1 polymer 'NADH dehydrogenase [ubiquinone] flavoprotein 1, mitochondrial'
2 polymer 'NADH dehydrogenase [ubiquinone] iron-sulfur protein 8, mitochondrial'
3 polymer 'NADH dehydrogenase [ubiquinone] iron-sulfur protein 7, mitochondrial'
4 polymer 'NADH dehydrogenase [ubiquinone] 1 alpha subcomplex subunit 6'
5 polymer 'NADH dehydrogenase [ubiquinone] 1 alpha subcomplex subunit 2'
6 polymer 'Acyl carrier protein'
7 polymer 'NADH dehydrogenase [ubiquinone] 1 alpha subcomplex subunit 5'
8 polymer 'NADH dehydrogenase [ubiquinone] 1 alpha subcomplex subunit 7'
9 polymer 'NADH:ubiquinone oxidoreductase subunit A9'
10 polymer 'NADH dehydrogenase [ubiquinone] flavoprotein 3, mitochondrial'
11 polymer 'NADH dehydrogenase [ubiquinone] iron-sulfur protein 4, mitochondrial'
12 polymer 'NADH-ubiquinone oxidoreductase 75 kDa subunit, mitochondrial'
13 polymer 'NADH dehydrogenase [ubiquinone] 1 alpha subcomplex subunit 12'
14 polymer 'NADH dehydrogenase [ubiquinone] flavoprotein 2, mitochondrial'
15 polymer 'NADH dehydrogenase [ubiquinone] iron-sulfur protein 3, mitochondrial'
16 polymer 'NADH dehydrogenase [ubiquinone] iron-sulfur protein 2, mitochondrial'
17 polymer 'NADH dehydrogenase [ubiquinone] iron-sulfur protein 6, mitochondrial'
18 polymer 'NADH dehydrogenase [ubiquinone] 1 alpha subcomplex subunit 13'
19 non-polymer 'IRON/SULFUR CLUSTER'
20 non-polymer 'FLAVIN MONONUCLEOTIDE'
21 non-polymer '1,4-DIHYDRONICOTINAMIDE ADENINE DINUCLEOTIDE'
22 non-polymer 1,2-dioleoyl-sn-glycero-3-phosphoethanolamine
23 non-polymer (9R,11S)-9-({[(1S)-1-HYDROXYHEXADECYL]OXY}METHYL)-2,2-DIMETHYL-5,7,10-TRIOXA-2LAMBDA~5~-AZA-6LAMBDA~5~-PHOSPHAOCTACOSANE-6,6,11-TRIOL
24 non-polymer 'S-[2-({N-[(2R)-2-hydroxy-3,3-dimethyl-4-(phosphonooxy)butanoyl]-beta-alanyl}amino)ethyl] dodecanethioate'
25 non-polymer CARDIOLIPIN
26 non-polymer 'NADPH DIHYDRO-NICOTINAMIDE-ADENINE-DINUCLEOTIDE PHOSPHATE'
27 non-polymer 'FE2/S2 (INORGANIC) CLUSTER'
28 non-polymer 'MAGNESIUM ION'
29 non-polymer 'ZINC ION'
30 water water
#
loop_
_entity_poly.entity_id
_entity_poly.type
_entity_poly.pdbx_seq_one_letter_code
_entity_poly.pdbx_strand_id
1 'polypeptide(L)'
;KKTSFGSLKDEDRIFTNLYGRHDWRLKGAQSRGDWYKTKEILLKGPDWILGEVKTSGLRGRGGAGFPTGLKWSFMNKPSD
GRPKYLVVNADEGEPGTCKDREIIRHDPHKLVEGCLVGGRAMGARAAYIYIRGEFYNEASNLQVAIREAYEAGLIGKNAC
GSGYDFDVFVVRGAGAYICGEETALIESIEGKQGKPRLKPPFPADVGVFGCPTTVANVETVAVSPTICRRGGAWFASFGR
ERNSGTKLFNISGHVNHPCTVEEEMSVPLKELIEKHAGGVIGGWDNLLAVIPGGSSTPLIPKSVCETVLMDFDALVQAQT
GLGTAAVIVMDRSTDIVKAIARLIEFYKHESCGQCTPCREGVDWMNKVMARFVKGDARPAEIDSLWEISKQIEGHTICAL
GDGAAWPVQGLIRHFRPELEERMQQFALQHQ
;
A
2 'polypeptide(L)'
;TYKFVNMREPSMDMKSVTDRAAQTLLWTELVRGLGMTLSYLFREPATINYPFEKGPLSPRFRGEHALRRYPSGEERCIAC
KLCEAVCPAQAITIEAEPRADGSRRTTRYDIDMTKCIYCGFCQEACPVDAIVEGPNFEFSTETHEELLYNKEKLLNNGDK
WEAEIAANIQADYLYR
;
B
3 'polypeptide(L)'
;SRGEYVVAKLDDLVNWARRSSLWPMTFGLACCAVEMMHMAAPRYDMDRFGVVFRASPRQSDVMIVAGTLTNKMAPALRKV
YDQMPEPRYVVSMGSCANGGGYYHYSYSVVRGCDRIVPVDIYVPGCPPTAEALLYGILQLQRKIKREKRLRIWYRR
;
C
4 'polypeptide(L)'
;GTSVKPIFSRDMNEAKRRVRELYRAWYREVPNTVHLFQLDISVKQGRDKVREMFMKNAHVTDPRVVDLLVIKGKMELEET
INVWKQRTHIMRFFHETEAPRPTDFLSKFYVGHDP
;
E
5 'polypeptide(L)'
;LGLREIRIHLCQRSPGSQGVRDFIEKRYVELKKANPDLPILIRECSDVQPKLWARYAFGQEKNVSLNNFSADQVTRTLEN
VLSGKA
;
F
6 'polypeptide(L)'
;SDAPPLTLEAIKDRVLYVLKLYDKIDPEKLSVNSHFMKDLGLDSLDQVEIIMAMEDEFGFEIPDIDAEKLMCPQEIVDYI
ADKKDVYE
;
G
7 'polypeptide(L)'
;LKKTTGLVGLAVCETPHERLKILYTKILDVLGQIPKNAAYRKYTEQITNEKLGMVKAEPDVKKLEEQLQGGQIEEVILQA
ENELSLARKMLRWKPWEPLVEEPPANQWKWPI
;
H
8 'polypeptide(L)'
;ASATRVIQLLRNWASGRDLQAKLQLRYQEISKRTQPPPKLPVGPSHKLSNNYYCTRDGRREAMPPSIVMSSQKVLASGKP
AESSAVAETEKKAVTPAPPIKRWELSKDQPYL
;
I
9 'polypeptide(L)'
;LHHALIPHGKGGRSSVSGIVATVFGATGFLGRYVVNHLGRMGSQVIVPYRCEPYDTMHLRPMGDLGQIIFMEWNGKDKDS
IRKVVEHSNVVINLVGREWETKNFDFEDVFVKIPHAIAQVSKEAGVEKLIHISHLNADIKSPSRYLRSKAVGEKEVRAAF
PEATIIKPSDIFGREDRFLNYFASMRWFGGVPLISLGKETVKQPVYIVDVSKGIINAIKDPDAKGKTFAFVGPNRYLLFD
LVQYIFAVAYRPFLPYPLPHFAYRWVGRLFEVSPFEPWTTRDKVERVHMSDMTLPHLPGLEDLGIQATPLELKAIEVLRR
HRTYRWLTSEMEDVKPAKTVN
;
J
10 'polypeptide(L)' DNSTYRNLQHHEYSTYTFLDLNVELSKFRMPQPSSGRQSPRH K
11 'polypeptide(L)'
;QLIAVDEKLDITTLTGVPEEHIKTRKVRIFVPARNNMQSGVNNTKKWKMEFDTRERWENPLMGWSSTADPLSNLVLTFST
KEDAVAFAEKNGWSFDVEERKVPKPKSKSYGANFSWNKRTRVSTK
;
L
12 'polypeptide(L)'
;SNLIEVFVDGQSVMVEPGTTVLQACEKVGMQIPRFCYHERLSVAGNCRMCLVEIEKAPKVVAACAMPVMKGWNILTNSEK
SKKAREGVMEFLLANHPLDCPICDQGGECDLQDQSMMFGSDRSRFLEGKRAVEDKNIGPLVKTIMTRCIQCTRCIRFASE
IAGVDDLGTTGRGNDMQVGTYIEKMFMSELSGNIIDICPVGALTSKPYAFTARPWETRKTESIDVMDAVGSNIVVSTRTG
EVMRILPRMHEDINEEWISDKTRFAYDGLKRQRLTQPMIRNEKGLLTYTTWEDALSRVAGMLQSFQGNDVAAIAGGLVDA
EALVALKDLLNRVDSDSLCTEEVFPTAGAGTDLRSNYLLNTTIAGVEEADVILLVGTNPRFEAPLFNARIRKSWLHNDLK
VALIGSPVDLTYRYDHLGDSPKILQDIASGNHPFSQILKEAKKPMVVLGSSALQRSDGTAILAAVSNIAQNIRLSSGVTG
DWKVMNILHRIASQVAALDLGYKPGVEAIRKNPPKVLFLLGADGGCITRQDLPKDCFIIYQGHHGDVGAPMADVILPGAA
YTEKSATYVNTEGRAQQTKVAVTPPGLAREDWKIIRALSEIAGMTLPYDTLDQVRSRLEEVSPNLVRYDDVEGANYFQQA
NELSKLVNQQLLADPLVPPQLTIKDFYMTDSISRASQTMAKCVKAVTEGI
;
M
13 'polypeptide(L)'
;ELVQVLRRGLQQVSGHGGLRGYLRVLFRANDVRVGTLVGEDKYGNKYYEDNKQFFGRHRWVIYTTEMNGRDTFWDVDGSM
VPPEWHRWLHCMTDDPPTTKPPTARKYIWTNHKFNVSGTPQQYVPYSTTRKKIQEWVPPSTPYK
;
N
14 'polypeptide(L)'
;GAGGALFVHRDTPENNPDTPFDFTPENYKRIEAIVKNYPEGHKAAAVLPVLDLAQRQNGWLPISAMNKVAEILQVPPMRV
YEVATFYTMYNRKPVGKYHIQVCTTTPCMLRNSDSILEAIQKKLGIKVGETTPDKLFTLIEVECLGACVNAPMVQINDNY
YEDLTPKDIEEIIDELKAGKIPKPGPRSGRFSCEPAGGLTSLTEPPKGPGFGVQAGL
;
O
15 'polypeptide(L)'
;TRPTIRPRNDVVHKQLSAFGQYVAEILPKYVQQVQVSCFNELEIFIHPDGVIPVLTFLRDHTNAQFKSLADLTAVDVPTR
QNRFEIVYNLLSLRFNSRIRVKTYTDELTPIESSVTVYKAANWYEREIWDMFGVFFANHPDLRRILTDYGFEGHPFRKDF
PLSGYVELRYDDEVKRVVAEPVELAQEFRKFDLNSPWEAFPAYRQPPE
;
P
16 'polypeptide(L)'
;NLTLNFGPQHPAAHGVLRLVMELSGEMVRKCDPHIGLLH(2MR)GTEKLIEYKTYLQALPYFDRLDYVSMMCNEQAYSLA
VEKLLNIQPPPRAQWIRVLFGEITRLLNHIMAVTTHALDIGAMTPFFWMFEEREKMFEFYERVSGARMHAAYIRPGGVHQ
DLPLGLLDDIYEFSKNFSFRIDELEEMLTNNRIWRNRTVDIGVVTAEDALNYGFSGVMLRGSGIQWDLRKTQPYDVYDQV
EFDVPIGSRGDCYDRYLCRVEEMRQSLRIISQCLNKMPPGEIKVDDAKVSPPKRAEMKTSMESLIHHFKLYTEGYQVPPG
ATYTAIEAPKGEFGVYLVSDGSSRPYRCKIKAPGFAHLAGLDKMSKGHMLADVVAIIGTQDIVFGEVDR
;
Q
17 'polypeptide(L)'
;GVRTSPTGEKVTHTGQAYDDGDYRRVRFSDRQKEVNENFAIDLIAEQPVSEVGSRVISCDGGGGALGHPRVYINLDKETK
TGTCGYCGLQFRQPHH
;
T
18 'polypeptide(L)' ASKVKQDMPPPGGYGPIDYKRNLPRRGLS W
#
# COMPACT_ATOMS: atom_id res chain seq x y z
N LYS A 1 -54.63 -47.19 16.06
CA LYS A 1 -55.25 -48.51 15.95
C LYS A 1 -55.67 -48.78 14.52
N LYS A 2 -56.40 -47.83 13.93
CA LYS A 2 -56.80 -47.94 12.53
C LYS A 2 -55.57 -47.91 11.63
N THR A 3 -55.62 -48.67 10.54
CA THR A 3 -54.51 -48.76 9.61
C THR A 3 -54.82 -48.17 8.24
N SER A 4 -56.03 -48.32 7.74
CA SER A 4 -56.41 -47.83 6.42
C SER A 4 -57.19 -46.53 6.55
N PHE A 5 -56.74 -45.50 5.86
CA PHE A 5 -57.37 -44.18 5.90
C PHE A 5 -57.81 -43.80 4.50
N GLY A 6 -58.92 -43.07 4.42
CA GLY A 6 -59.37 -42.56 3.14
C GLY A 6 -60.83 -42.71 2.78
N SER A 7 -61.67 -43.09 3.73
CA SER A 7 -63.10 -43.19 3.48
C SER A 7 -63.82 -42.22 4.41
N LEU A 8 -63.94 -40.97 3.97
CA LEU A 8 -64.54 -39.91 4.77
C LEU A 8 -66.01 -39.79 4.42
N LYS A 9 -66.87 -39.99 5.41
CA LYS A 9 -68.31 -39.94 5.19
C LYS A 9 -68.75 -38.51 4.89
N ASP A 10 -69.87 -38.39 4.16
CA ASP A 10 -70.34 -37.08 3.74
C ASP A 10 -70.73 -36.22 4.92
N GLU A 11 -71.39 -36.80 5.92
CA GLU A 11 -71.81 -36.03 7.08
C GLU A 11 -70.65 -35.66 8.00
N ASP A 12 -69.44 -36.09 7.68
CA ASP A 12 -68.29 -35.88 8.54
C ASP A 12 -67.32 -34.82 8.02
N ARG A 13 -67.61 -34.23 6.86
CA ARG A 13 -66.75 -33.20 6.31
C ARG A 13 -66.97 -31.87 7.03
N ILE A 14 -65.95 -31.03 7.00
CA ILE A 14 -66.05 -29.72 7.66
C ILE A 14 -66.71 -28.72 6.73
N PHE A 15 -66.20 -28.58 5.51
CA PHE A 15 -66.65 -27.55 4.57
C PHE A 15 -67.73 -28.17 3.68
N THR A 16 -68.96 -28.13 4.17
CA THR A 16 -70.07 -28.77 3.48
C THR A 16 -70.69 -27.91 2.39
N ASN A 17 -70.21 -26.67 2.21
CA ASN A 17 -70.57 -25.86 1.06
C ASN A 17 -69.36 -25.58 0.20
N LEU A 18 -68.51 -26.59 0.03
CA LEU A 18 -67.27 -26.41 -0.71
C LEU A 18 -67.53 -26.05 -2.17
N TYR A 19 -68.60 -26.59 -2.75
CA TYR A 19 -68.86 -26.43 -4.16
C TYR A 19 -69.86 -25.32 -4.47
N GLY A 20 -70.27 -24.55 -3.48
CA GLY A 20 -71.15 -23.42 -3.73
C GLY A 20 -72.55 -23.79 -4.16
N ARG A 21 -73.00 -25.01 -3.88
CA ARG A 21 -74.35 -25.41 -4.28
C ARG A 21 -75.40 -24.94 -3.29
N HIS A 22 -74.99 -24.35 -2.17
CA HIS A 22 -75.89 -23.88 -1.14
C HIS A 22 -75.65 -22.39 -0.88
N ASP A 23 -76.59 -21.79 -0.14
CA ASP A 23 -76.49 -20.37 0.18
C ASP A 23 -75.26 -20.08 1.02
N TRP A 24 -74.38 -19.22 0.50
CA TRP A 24 -73.17 -18.83 1.20
C TRP A 24 -73.39 -17.72 2.20
N ARG A 25 -74.58 -17.13 2.23
CA ARG A 25 -74.88 -16.03 3.14
C ARG A 25 -75.23 -16.58 4.52
N LEU A 26 -75.65 -15.67 5.42
CA LEU A 26 -75.83 -16.02 6.81
C LEU A 26 -76.90 -17.09 7.00
N LYS A 27 -78.03 -16.95 6.32
CA LYS A 27 -79.15 -17.88 6.51
C LYS A 27 -78.74 -19.32 6.25
N GLY A 28 -78.09 -19.56 5.11
CA GLY A 28 -77.64 -20.91 4.80
C GLY A 28 -76.60 -21.41 5.78
N ALA A 29 -75.68 -20.54 6.20
CA ALA A 29 -74.65 -20.94 7.15
C ALA A 29 -75.26 -21.37 8.48
N GLN A 30 -76.23 -20.61 8.98
CA GLN A 30 -76.93 -21.04 10.20
C GLN A 30 -77.68 -22.34 9.97
N SER A 31 -78.28 -22.50 8.79
CA SER A 31 -78.95 -23.75 8.47
C SER A 31 -77.99 -24.94 8.50
N ARG A 32 -76.73 -24.72 8.14
CA ARG A 32 -75.75 -25.80 8.08
C ARG A 32 -74.98 -25.99 9.38
N GLY A 33 -75.27 -25.20 10.41
CA GLY A 33 -74.64 -25.38 11.71
C GLY A 33 -73.62 -24.34 12.09
N ASP A 34 -73.47 -23.27 11.33
CA ASP A 34 -72.54 -22.21 11.69
C ASP A 34 -73.18 -21.26 12.70
N TRP A 35 -72.31 -20.63 13.51
CA TRP A 35 -72.74 -19.71 14.57
C TRP A 35 -73.71 -20.38 15.53
N TYR A 36 -73.43 -21.64 15.86
CA TYR A 36 -74.22 -22.38 16.84
C TYR A 36 -73.43 -22.47 18.14
N LYS A 37 -74.05 -22.05 19.24
CA LYS A 37 -73.44 -22.12 20.57
C LYS A 37 -72.13 -21.35 20.64
N THR A 38 -71.99 -20.31 19.80
CA THR A 38 -70.77 -19.53 19.79
C THR A 38 -70.59 -18.77 21.10
N LYS A 39 -71.70 -18.31 21.67
CA LYS A 39 -71.64 -17.66 22.98
C LYS A 39 -71.11 -18.60 24.04
N GLU A 40 -71.55 -19.86 24.01
CA GLU A 40 -71.05 -20.83 24.97
C GLU A 40 -69.55 -21.06 24.82
N ILE A 41 -69.08 -21.17 23.57
CA ILE A 41 -67.66 -21.34 23.30
C ILE A 41 -66.87 -20.15 23.83
N LEU A 42 -67.36 -18.94 23.59
CA LEU A 42 -66.66 -17.74 24.07
C LEU A 42 -66.64 -17.68 25.58
N LEU A 43 -67.75 -18.04 26.23
CA LEU A 43 -67.83 -17.97 27.69
C LEU A 43 -67.06 -19.10 28.36
N LYS A 44 -66.76 -20.18 27.64
CA LYS A 44 -66.02 -21.28 28.26
C LYS A 44 -64.57 -20.91 28.53
N GLY A 45 -64.07 -19.83 27.95
CA GLY A 45 -62.76 -19.31 28.28
C GLY A 45 -61.73 -19.58 27.21
N PRO A 46 -60.63 -18.83 27.22
CA PRO A 46 -59.57 -19.03 26.24
C PRO A 46 -58.74 -20.29 26.50
N ASP A 47 -58.54 -20.62 27.77
CA ASP A 47 -57.77 -21.81 28.11
C ASP A 47 -58.46 -23.08 27.63
N TRP A 48 -59.78 -23.14 27.77
CA TRP A 48 -60.52 -24.31 27.30
C TRP A 48 -60.43 -24.45 25.78
N ILE A 49 -60.55 -23.34 25.06
CA ILE A 49 -60.44 -23.37 23.60
C ILE A 49 -59.05 -23.81 23.18
N LEU A 50 -58.02 -23.28 23.85
CA LEU A 50 -56.65 -23.67 23.56
C LEU A 50 -56.44 -25.15 23.81
N GLY A 51 -56.97 -25.67 24.92
CA GLY A 51 -56.86 -27.10 25.19
C GLY A 51 -57.57 -27.93 24.15
N GLU A 52 -58.75 -27.48 23.70
CA GLU A 52 -59.47 -28.20 22.66
C GLU A 52 -58.66 -28.24 21.37
N VAL A 53 -58.00 -27.14 21.03
CA VAL A 53 -57.15 -27.12 19.84
C VAL A 53 -55.94 -28.03 20.03
N LYS A 54 -55.39 -28.08 21.25
CA LYS A 54 -54.22 -28.92 21.50
C LYS A 54 -54.54 -30.39 21.38
N THR A 55 -55.60 -30.86 22.06
CA THR A 55 -55.95 -32.27 21.96
C THR A 55 -56.50 -32.64 20.59
N SER A 56 -56.81 -31.65 19.76
CA SER A 56 -57.26 -31.91 18.41
C SER A 56 -56.14 -32.42 17.51
N GLY A 57 -54.89 -32.07 17.81
CA GLY A 57 -53.79 -32.45 16.95
C GLY A 57 -53.71 -31.68 15.66
N LEU A 58 -54.41 -30.55 15.58
CA LEU A 58 -54.40 -29.74 14.36
C LEU A 58 -53.02 -29.14 14.12
N ARG A 59 -52.53 -29.29 12.90
CA ARG A 59 -51.26 -28.73 12.48
C ARG A 59 -51.52 -27.62 11.47
N GLY A 60 -50.54 -26.73 11.33
CA GLY A 60 -50.67 -25.58 10.47
C GLY A 60 -51.00 -25.92 9.03
N ARG A 61 -52.11 -25.40 8.53
CA ARG A 61 -52.57 -25.69 7.19
C ARG A 61 -51.96 -24.78 6.13
N GLY A 62 -51.17 -23.80 6.52
CA GLY A 62 -50.46 -22.99 5.54
C GLY A 62 -49.46 -23.82 4.75
N GLY A 63 -48.89 -24.85 5.40
CA GLY A 63 -47.95 -25.72 4.73
C GLY A 63 -46.80 -26.16 5.61
N ALA A 64 -46.46 -25.35 6.61
CA ALA A 64 -45.36 -25.71 7.50
C ALA A 64 -45.73 -26.86 8.41
N GLY A 65 -46.98 -26.91 8.88
CA GLY A 65 -47.42 -27.99 9.73
C GLY A 65 -47.06 -27.84 11.19
N PHE A 66 -46.81 -26.62 11.65
CA PHE A 66 -46.53 -26.38 13.06
C PHE A 66 -47.79 -26.60 13.90
N PRO A 67 -47.67 -27.23 15.07
CA PRO A 67 -48.86 -27.43 15.92
C PRO A 67 -49.54 -26.13 16.30
N THR A 68 -50.84 -26.03 16.01
CA THR A 68 -51.52 -24.74 16.09
C THR A 68 -51.80 -24.36 17.53
N GLY A 69 -52.13 -25.33 18.39
CA GLY A 69 -52.32 -25.03 19.79
C GLY A 69 -51.10 -24.43 20.44
N LEU A 70 -49.91 -24.89 20.02
CA LEU A 70 -48.67 -24.35 20.55
C LEU A 70 -48.51 -22.87 20.23
N LYS A 71 -48.73 -22.47 18.97
CA LYS A 71 -48.64 -21.05 18.61
C LYS A 71 -49.69 -20.23 19.33
N TRP A 72 -50.94 -20.70 19.32
CA TRP A 72 -52.01 -19.94 19.94
C TRP A 72 -51.83 -19.83 21.45
N SER A 73 -51.07 -20.75 22.06
CA SER A 73 -50.70 -20.62 23.47
C SER A 73 -49.49 -19.72 23.64
N PHE A 74 -48.58 -19.67 22.67
CA PHE A 74 -47.53 -18.67 22.69
C PHE A 74 -48.12 -17.28 22.80
N MET A 75 -49.25 -17.07 22.13
CA MET A 75 -49.92 -15.78 22.22
C MET A 75 -50.64 -15.56 23.55
N ASN A 76 -50.79 -16.59 24.38
CA ASN A 76 -51.65 -16.58 25.56
C ASN A 76 -50.99 -15.92 26.79
N LYS A 77 -49.93 -15.12 26.61
CA LYS A 77 -49.28 -14.48 27.74
C LYS A 77 -50.12 -13.32 28.28
N PRO A 78 -49.88 -12.90 29.51
CA PRO A 78 -50.69 -11.80 30.08
C PRO A 78 -50.44 -10.48 29.37
N SER A 79 -51.28 -9.50 29.70
CA SER A 79 -51.29 -8.23 29.01
C SER A 79 -50.01 -7.45 29.25
N ASP A 80 -49.64 -6.62 28.27
CA ASP A 80 -48.44 -5.81 28.30
C ASP A 80 -48.72 -4.32 28.27
N GLY A 81 -49.72 -3.89 27.49
CA GLY A 81 -50.00 -2.48 27.30
C GLY A 81 -50.38 -2.21 25.85
N ARG A 82 -49.92 -3.09 24.95
CA ARG A 82 -50.18 -3.05 23.52
C ARG A 82 -51.41 -3.86 23.17
N PRO A 83 -52.17 -3.45 22.16
CA PRO A 83 -53.29 -4.27 21.69
C PRO A 83 -52.80 -5.56 21.05
N LYS A 84 -53.66 -6.56 21.04
CA LYS A 84 -53.35 -7.87 20.50
C LYS A 84 -54.21 -8.14 19.28
N TYR A 85 -53.62 -8.76 18.27
CA TYR A 85 -54.27 -8.91 16.97
C TYR A 85 -54.16 -10.34 16.47
N LEU A 86 -55.15 -10.74 15.68
CA LEU A 86 -55.12 -11.97 14.90
C LEU A 86 -55.01 -11.59 13.44
N VAL A 87 -54.12 -12.26 12.71
CA VAL A 87 -53.96 -12.05 11.28
C VAL A 87 -54.26 -13.36 10.56
N VAL A 88 -55.15 -13.30 9.58
CA VAL A 88 -55.52 -14.47 8.77
C VAL A 88 -54.82 -14.37 7.43
N ASN A 89 -54.06 -15.40 7.09
CA ASN A 89 -53.27 -15.43 5.86
C ASN A 89 -54.14 -15.99 4.74
N ALA A 90 -54.70 -15.10 3.93
CA ALA A 90 -55.49 -15.48 2.77
C ALA A 90 -54.79 -15.12 1.47
N ASP A 91 -53.46 -15.13 1.45
CA ASP A 91 -52.73 -14.73 0.25
C ASP A 91 -52.82 -15.80 -0.84
N GLU A 92 -52.67 -17.08 -0.48
CA GLU A 92 -52.83 -18.19 -1.40
C GLU A 92 -52.02 -17.98 -2.68
N GLY A 93 -50.70 -18.01 -2.56
CA GLY A 93 -49.86 -17.74 -3.73
C GLY A 93 -49.28 -18.99 -4.36
N GLU A 94 -49.32 -20.11 -3.65
CA GLU A 94 -48.61 -21.30 -4.12
C GLU A 94 -49.25 -21.84 -5.38
N PRO A 95 -48.48 -22.04 -6.46
CA PRO A 95 -49.03 -22.67 -7.66
C PRO A 95 -49.57 -24.06 -7.37
N GLY A 96 -50.74 -24.35 -7.91
CA GLY A 96 -51.45 -25.57 -7.60
C GLY A 96 -52.45 -25.46 -6.48
N THR A 97 -52.48 -24.33 -5.75
CA THR A 97 -53.27 -24.20 -4.53
C THR A 97 -54.44 -23.25 -4.76
N CYS A 98 -55.65 -23.74 -4.49
CA CYS A 98 -56.86 -22.93 -4.61
C CYS A 98 -57.89 -23.16 -3.51
N LYS A 99 -57.52 -23.87 -2.43
CA LYS A 99 -58.50 -24.25 -1.42
C LYS A 99 -59.05 -23.04 -0.65
N ASP A 100 -58.16 -22.10 -0.31
CA ASP A 100 -58.59 -20.94 0.47
C ASP A 100 -59.59 -20.10 -0.30
N ARG A 101 -59.41 -20.00 -1.61
CA ARG A 101 -60.36 -19.27 -2.45
C ARG A 101 -61.76 -19.87 -2.34
N GLU A 102 -61.84 -21.20 -2.37
CA GLU A 102 -63.14 -21.87 -2.31
C GLU A 102 -63.77 -21.74 -0.93
N ILE A 103 -62.98 -21.82 0.13
CA ILE A 103 -63.59 -21.69 1.46
C ILE A 103 -63.88 -20.24 1.81
N ILE A 104 -63.29 -19.29 1.11
CA ILE A 104 -63.58 -17.87 1.34
C ILE A 104 -64.82 -17.43 0.57
N ARG A 105 -64.94 -17.83 -0.70
CA ARG A 105 -66.06 -17.34 -1.50
C ARG A 105 -67.35 -18.10 -1.20
N HIS A 106 -67.26 -19.37 -0.79
CA HIS A 106 -68.44 -20.19 -0.62
C HIS A 106 -68.83 -20.42 0.83
N ASP A 107 -67.88 -20.32 1.76
CA ASP A 107 -68.22 -20.49 3.17
C ASP A 107 -67.53 -19.41 4.01
N PRO A 108 -67.89 -18.13 3.82
CA PRO A 108 -67.17 -17.07 4.54
C PRO A 108 -67.49 -17.02 6.03
N HIS A 109 -68.67 -17.48 6.42
CA HIS A 109 -69.05 -17.38 7.83
C HIS A 109 -68.26 -18.34 8.70
N LYS A 110 -67.83 -19.48 8.16
CA LYS A 110 -66.90 -20.32 8.90
C LYS A 110 -65.61 -19.58 9.21
N LEU A 111 -65.08 -18.85 8.21
CA LEU A 111 -63.88 -18.06 8.43
C LEU A 111 -64.12 -16.96 9.46
N VAL A 112 -65.27 -16.29 9.40
CA VAL A 112 -65.53 -15.21 10.35
C VAL A 112 -65.68 -15.74 11.77
N GLU A 113 -66.43 -16.83 11.93
CA GLU A 113 -66.59 -17.43 13.26
C GLU A 113 -65.26 -17.95 13.78
N GLY A 114 -64.43 -18.51 12.90
CA GLY A 114 -63.11 -18.94 13.32
C GLY A 114 -62.24 -17.77 13.75
N CYS A 115 -62.37 -16.64 13.06
CA CYS A 115 -61.67 -15.43 13.48
C CYS A 115 -62.09 -15.04 14.89
N LEU A 116 -63.40 -15.05 15.16
CA LEU A 116 -63.87 -14.68 16.49
C LEU A 116 -63.36 -15.66 17.55
N VAL A 117 -63.46 -16.96 17.27
CA VAL A 117 -63.06 -17.97 18.24
C VAL A 117 -61.56 -17.90 18.52
N GLY A 118 -60.75 -17.78 17.46
CA GLY A 118 -59.32 -17.66 17.66
C GLY A 118 -58.92 -16.40 18.39
N GLY A 119 -59.55 -15.27 18.04
CA GLY A 119 -59.26 -14.03 18.74
C GLY A 119 -59.62 -14.09 20.21
N ARG A 120 -60.75 -14.73 20.53
CA ARG A 120 -61.07 -14.96 21.93
C ARG A 120 -60.03 -15.85 22.60
N ALA A 121 -59.58 -16.88 21.89
CA ALA A 121 -58.60 -17.81 22.46
C ALA A 121 -57.28 -17.11 22.78
N MET A 122 -56.84 -16.20 21.92
CA MET A 122 -55.57 -15.53 22.10
C MET A 122 -55.70 -14.12 22.66
N GLY A 123 -56.92 -13.71 23.02
CA GLY A 123 -57.11 -12.38 23.58
C GLY A 123 -56.95 -11.24 22.60
N ALA A 124 -57.10 -11.51 21.30
CA ALA A 124 -56.96 -10.47 20.30
C ALA A 124 -58.14 -9.50 20.35
N ARG A 125 -57.88 -8.24 20.00
CA ARG A 125 -58.93 -7.23 19.98
C ARG A 125 -59.61 -7.18 18.62
N ALA A 126 -58.93 -7.62 17.57
CA ALA A 126 -59.48 -7.57 16.22
C ALA A 126 -58.75 -8.58 15.36
N ALA A 127 -59.33 -8.84 14.19
CA ALA A 127 -58.74 -9.74 13.20
C ALA A 127 -58.55 -8.99 11.90
N TYR A 128 -57.40 -9.18 11.27
CA TYR A 128 -57.13 -8.67 9.93
C TYR A 128 -57.01 -9.85 8.99
N ILE A 129 -57.81 -9.85 7.93
CA ILE A 129 -57.78 -10.89 6.92
C ILE A 129 -57.12 -10.31 5.68
N TYR A 130 -55.89 -10.76 5.41
CA TYR A 130 -55.13 -10.30 4.25
C TYR A 130 -55.48 -11.17 3.05
N ILE A 131 -56.44 -10.69 2.26
CA ILE A 131 -56.90 -11.43 1.10
C ILE A 131 -56.07 -11.06 -0.11
N ARG A 132 -55.83 -12.04 -0.98
CA ARG A 132 -55.10 -11.81 -2.22
C ARG A 132 -55.78 -10.74 -3.06
N GLY A 133 -54.99 -9.85 -3.64
CA GLY A 133 -55.55 -8.75 -4.39
C GLY A 133 -56.30 -9.18 -5.64
N GLU A 134 -55.94 -10.31 -6.21
CA GLU A 134 -56.62 -10.79 -7.40
C GLU A 134 -57.98 -11.42 -7.07
N PHE A 135 -58.20 -11.80 -5.81
CA PHE A 135 -59.48 -12.36 -5.37
C PHE A 135 -60.44 -11.22 -5.02
N TYR A 136 -60.79 -10.43 -6.03
CA TYR A 136 -61.64 -9.27 -5.78
C TYR A 136 -63.07 -9.67 -5.41
N ASN A 137 -63.68 -10.56 -6.19
CA ASN A 137 -65.04 -10.98 -5.91
C ASN A 137 -65.10 -11.83 -4.64
N GLU A 138 -64.07 -12.63 -4.38
CA GLU A 138 -64.00 -13.36 -3.13
C GLU A 138 -63.89 -12.41 -1.94
N ALA A 139 -63.09 -11.36 -2.07
CA ALA A 139 -62.98 -10.37 -1.01
C ALA A 139 -64.32 -9.66 -0.79
N SER A 140 -65.04 -9.37 -1.87
CA SER A 140 -66.34 -8.72 -1.72
C SER A 140 -67.35 -9.64 -1.05
N ASN A 141 -67.31 -10.94 -1.37
CA ASN A 141 -68.15 -11.90 -0.66
C ASN A 141 -67.81 -11.94 0.82
N LEU A 142 -66.52 -11.95 1.15
CA LEU A 142 -66.11 -11.91 2.55
C LEU A 142 -66.63 -10.66 3.24
N GLN A 143 -66.55 -9.51 2.58
CA GLN A 143 -67.01 -8.27 3.17
C GLN A 143 -68.52 -8.27 3.38
N VAL A 144 -69.27 -8.88 2.45
CA VAL A 144 -70.71 -8.99 2.62
C VAL A 144 -71.05 -9.87 3.80
N ALA A 145 -70.35 -10.99 3.96
CA ALA A 145 -70.58 -11.86 5.11
C ALA A 145 -70.25 -11.15 6.41
N ILE A 146 -69.17 -10.36 6.42
CA ILE A 146 -68.81 -9.59 7.61
C ILE A 146 -69.87 -8.55 7.92
N ARG A 147 -70.45 -7.94 6.88
CA ARG A 147 -71.55 -7.00 7.08
C ARG A 147 -72.74 -7.69 7.73
N GLU A 148 -73.08 -8.89 7.25
CA GLU A 148 -74.16 -9.66 7.87
C GLU A 148 -73.85 -9.99 9.32
N ALA A 149 -72.61 -10.38 9.61
CA ALA A 149 -72.24 -10.74 10.97
C ALA A 149 -72.33 -9.54 11.91
N TYR A 150 -71.91 -8.36 11.43
CA TYR A 150 -72.08 -7.15 12.23
C TYR A 150 -73.56 -6.84 12.45
N GLU A 151 -74.38 -6.99 11.41
CA GLU A 151 -75.80 -6.66 11.53
C GLU A 151 -76.49 -7.60 12.52
N ALA A 152 -76.07 -8.86 12.58
CA ALA A 152 -76.68 -9.82 13.49
C ALA A 152 -76.06 -9.79 14.88
N GLY A 153 -75.05 -8.95 15.11
CA GLY A 153 -74.41 -8.89 16.42
C GLY A 153 -73.47 -10.03 16.71
N LEU A 154 -73.13 -10.84 15.71
CA LEU A 154 -72.23 -11.97 15.93
C LEU A 154 -70.79 -11.52 16.14
N ILE A 155 -70.43 -10.37 15.58
CA ILE A 155 -69.12 -9.76 15.80
C ILE A 155 -69.32 -8.28 16.06
N GLY A 156 -68.30 -7.65 16.65
CA GLY A 156 -68.37 -6.25 16.96
C GLY A 156 -68.60 -5.96 18.42
N LYS A 157 -69.55 -5.08 18.71
CA LYS A 157 -69.87 -4.70 20.09
C LYS A 157 -70.47 -5.90 20.81
N ASN A 158 -69.67 -6.48 21.71
CA ASN A 158 -70.08 -7.53 22.65
C ASN A 158 -70.30 -8.87 21.94
N ALA A 159 -70.44 -8.85 20.61
CA ALA A 159 -70.22 -9.98 19.71
C ALA A 159 -71.16 -11.17 19.97
N CYS A 160 -71.82 -11.17 21.11
CA CYS A 160 -72.72 -12.22 21.59
C CYS A 160 -73.36 -11.66 22.85
N GLY A 161 -73.98 -12.54 23.63
CA GLY A 161 -74.18 -12.20 25.03
C GLY A 161 -72.94 -12.50 25.84
N SER A 162 -71.77 -12.13 25.31
CA SER A 162 -70.50 -12.55 25.88
C SER A 162 -69.79 -11.44 26.65
N GLY A 163 -69.79 -10.22 26.14
CA GLY A 163 -69.01 -9.15 26.73
C GLY A 163 -67.66 -8.94 26.10
N TYR A 164 -67.35 -9.63 25.01
CA TYR A 164 -66.06 -9.54 24.33
C TYR A 164 -66.23 -8.75 23.05
N ASP A 165 -65.40 -7.73 22.87
CA ASP A 165 -65.42 -6.89 21.69
C ASP A 165 -64.42 -7.39 20.66
N PHE A 166 -64.87 -7.52 19.42
CA PHE A 166 -64.02 -8.08 18.37
C PHE A 166 -64.41 -7.52 17.02
N ASP A 167 -63.45 -6.95 16.30
CA ASP A 167 -63.64 -6.46 14.95
C ASP A 167 -62.94 -7.36 13.95
N VAL A 168 -63.46 -7.39 12.73
CA VAL A 168 -62.88 -8.15 11.64
C VAL A 168 -62.69 -7.20 10.46
N PHE A 169 -61.44 -7.00 10.08
CA PHE A 169 -61.09 -6.14 8.95
C PHE A 169 -60.54 -6.99 7.81
N VAL A 170 -60.81 -6.54 6.58
CA VAL A 170 -60.32 -7.21 5.37
C VAL A 170 -59.43 -6.23 4.63
N VAL A 171 -58.18 -6.62 4.40
CA VAL A 171 -57.23 -5.81 3.66
C VAL A 171 -56.75 -6.62 2.45
N ARG A 172 -56.54 -5.91 1.35
CA ARG A 172 -56.25 -6.52 0.07
C ARG A 172 -54.80 -6.30 -0.30
N GLY A 173 -54.17 -7.35 -0.83
CA GLY A 173 -52.83 -7.25 -1.36
C GLY A 173 -52.82 -6.69 -2.77
N ALA A 174 -51.63 -6.58 -3.33
CA ALA A 174 -51.47 -6.17 -4.73
C ALA A 174 -50.38 -7.01 -5.38
N GLY A 175 -50.75 -8.17 -5.91
CA GLY A 175 -49.84 -8.97 -6.70
C GLY A 175 -48.46 -9.22 -6.13
N ALA A 176 -48.36 -10.00 -5.06
CA ALA A 176 -47.07 -10.38 -4.49
C ALA A 176 -47.21 -11.75 -3.84
N TYR A 177 -46.53 -12.74 -4.39
CA TYR A 177 -46.53 -14.08 -3.79
C TYR A 177 -45.80 -14.09 -2.45
N ILE A 178 -44.75 -13.28 -2.32
CA ILE A 178 -43.96 -13.24 -1.10
C ILE A 178 -44.80 -12.73 0.07
N CYS A 179 -45.86 -11.96 -0.21
CA CYS A 179 -46.68 -11.43 0.86
C CYS A 179 -47.52 -12.49 1.55
N GLY A 180 -47.38 -13.76 1.14
CA GLY A 180 -47.96 -14.84 1.92
C GLY A 180 -47.10 -15.27 3.08
N GLU A 181 -45.79 -15.00 3.00
CA GLU A 181 -44.91 -15.18 4.15
C GLU A 181 -45.39 -14.28 5.28
N GLU A 182 -45.47 -14.85 6.49
CA GLU A 182 -46.23 -14.20 7.56
C GLU A 182 -45.62 -12.85 7.94
N THR A 183 -44.30 -12.77 8.05
CA THR A 183 -43.67 -11.51 8.39
C THR A 183 -43.76 -10.52 7.22
N ALA A 184 -43.62 -11.01 5.99
CA ALA A 184 -43.83 -10.15 4.83
C ALA A 184 -45.26 -9.68 4.75
N LEU A 185 -46.22 -10.53 5.14
CA LEU A 185 -47.61 -10.12 5.23
C LEU A 185 -47.79 -9.01 6.25
N ILE A 186 -47.17 -9.14 7.42
CA ILE A 186 -47.25 -8.09 8.43
C ILE A 186 -46.65 -6.79 7.91
N GLU A 187 -45.53 -6.89 7.20
CA GLU A 187 -44.91 -5.70 6.60
C GLU A 187 -45.83 -5.05 5.57
N SER A 188 -46.54 -5.86 4.79
CA SER A 188 -47.44 -5.31 3.78
C SER A 188 -48.66 -4.65 4.43
N ILE A 189 -49.14 -5.20 5.54
CA ILE A 189 -50.26 -4.59 6.24
C ILE A 189 -49.87 -3.20 6.75
N GLU A 190 -48.62 -3.04 7.16
CA GLU A 190 -48.13 -1.78 7.69
C GLU A 190 -47.82 -0.74 6.62
N GLY A 191 -47.96 -1.08 5.34
CA GLY A 191 -47.78 -0.12 4.27
C GLY A 191 -46.40 -0.08 3.65
N LYS A 192 -45.56 -1.07 3.90
CA LYS A 192 -44.24 -1.12 3.32
C LYS A 192 -44.19 -2.20 2.24
N GLN A 193 -43.01 -2.40 1.65
CA GLN A 193 -42.81 -3.47 0.70
C GLN A 193 -42.97 -4.83 1.38
N GLY A 194 -43.29 -5.84 0.59
CA GLY A 194 -43.50 -7.17 1.13
C GLY A 194 -42.21 -7.93 1.36
N LYS A 195 -41.34 -7.40 2.21
CA LYS A 195 -40.06 -8.03 2.50
C LYS A 195 -40.12 -8.71 3.86
N PRO A 196 -39.84 -10.00 3.96
CA PRO A 196 -39.87 -10.66 5.27
C PRO A 196 -38.85 -10.08 6.24
N ARG A 197 -39.20 -10.11 7.51
CA ARG A 197 -38.29 -9.68 8.56
C ARG A 197 -37.72 -10.88 9.30
N LEU A 198 -36.56 -10.67 9.92
CA LEU A 198 -35.83 -11.76 10.57
C LEU A 198 -36.50 -12.17 11.88
N LYS A 199 -36.28 -13.42 12.26
CA LYS A 199 -36.76 -13.98 13.51
C LYS A 199 -35.59 -14.52 14.31
N PRO A 200 -35.53 -14.26 15.63
CA PRO A 200 -36.44 -13.49 16.47
C PRO A 200 -36.38 -12.00 16.20
N PRO A 201 -37.35 -11.19 16.64
CA PRO A 201 -38.52 -11.56 17.46
C PRO A 201 -39.61 -12.27 16.66
N PHE A 202 -40.36 -13.15 17.31
CA PHE A 202 -41.47 -13.80 16.66
C PHE A 202 -42.72 -12.90 16.74
N PRO A 203 -43.70 -13.14 15.86
CA PRO A 203 -44.88 -12.26 15.86
C PRO A 203 -45.62 -12.23 17.19
N ALA A 204 -45.54 -13.29 17.99
CA ALA A 204 -46.20 -13.28 19.30
C ALA A 204 -45.61 -12.23 20.22
N ASP A 205 -44.35 -11.82 19.97
CA ASP A 205 -43.73 -10.74 20.72
C ASP A 205 -43.87 -9.40 19.99
N VAL A 206 -43.35 -9.33 18.76
CA VAL A 206 -43.44 -8.12 17.94
C VAL A 206 -44.05 -8.52 16.61
N GLY A 207 -45.24 -8.01 16.32
CA GLY A 207 -45.93 -8.34 15.09
C GLY A 207 -46.42 -7.15 14.32
N VAL A 208 -47.70 -7.12 13.99
CA VAL A 208 -48.25 -6.02 13.22
C VAL A 208 -48.35 -4.77 14.10
N PHE A 209 -47.91 -3.63 13.56
CA PHE A 209 -47.81 -2.37 14.28
C PHE A 209 -46.93 -2.47 15.53
N GLY A 210 -46.08 -3.48 15.59
CA GLY A 210 -45.24 -3.71 16.75
C GLY A 210 -45.93 -4.40 17.91
N CYS A 211 -47.13 -4.92 17.71
CA CYS A 211 -47.96 -5.51 18.75
C CYS A 211 -47.95 -7.03 18.66
N PRO A 212 -48.29 -7.72 19.74
CA PRO A 212 -48.39 -9.19 19.67
C PRO A 212 -49.38 -9.64 18.61
N THR A 213 -48.98 -10.64 17.83
CA THR A 213 -49.73 -11.02 16.64
C THR A 213 -49.57 -12.51 16.40
N THR A 214 -50.63 -13.13 15.91
CA THR A 214 -50.59 -14.51 15.43
C THR A 214 -51.09 -14.53 13.99
N VAL A 215 -50.29 -15.09 13.10
CA VAL A 215 -50.67 -15.27 11.70
C VAL A 215 -51.08 -16.73 11.52
N ALA A 216 -52.30 -16.94 11.05
CA ALA A 216 -52.83 -18.28 10.87
C ALA A 216 -53.49 -18.40 9.50
N ASN A 217 -53.36 -19.59 8.92
CA ASN A 217 -53.92 -19.87 7.61
C ASN A 217 -55.44 -19.89 7.66
N VAL A 218 -56.05 -19.67 6.49
CA VAL A 218 -57.52 -19.62 6.38
C VAL A 218 -58.13 -20.94 6.84
N GLU A 219 -57.56 -22.07 6.41
CA GLU A 219 -58.15 -23.36 6.73
C GLU A 219 -58.08 -23.65 8.22
N THR A 220 -56.96 -23.34 8.86
CA THR A 220 -56.83 -23.55 10.30
C THR A 220 -57.88 -22.77 11.07
N VAL A 221 -57.98 -21.47 10.78
CA VAL A 221 -58.95 -20.61 11.44
C VAL A 221 -60.37 -21.10 11.18
N ALA A 222 -60.66 -21.50 9.94
CA ALA A 222 -62.02 -21.88 9.58
C ALA A 222 -62.42 -23.22 10.16
N VAL A 223 -61.46 -24.09 10.47
CA VAL A 223 -61.81 -25.36 11.09
C VAL A 223 -61.81 -25.29 12.61
N SER A 224 -61.16 -24.28 13.21
CA SER A 224 -61.15 -24.18 14.67
C SER A 224 -62.54 -24.21 15.32
N PRO A 225 -63.54 -23.43 14.87
CA PRO A 225 -64.84 -23.48 15.57
C PRO A 225 -65.53 -24.84 15.52
N THR A 226 -65.41 -25.57 14.42
CA THR A 226 -65.98 -26.92 14.39
C THR A 226 -65.25 -27.85 15.34
N ILE A 227 -63.93 -27.69 15.48
CA ILE A 227 -63.17 -28.46 16.46
C ILE A 227 -63.67 -28.17 17.86
N CYS A 228 -63.94 -26.89 18.16
CA CYS A 228 -64.47 -26.53 19.47
C CYS A 228 -65.87 -27.12 19.68
N ARG A 229 -66.71 -27.08 18.64
CA ARG A 229 -68.09 -27.53 18.80
C ARG A 229 -68.18 -29.04 18.96
N ARG A 230 -67.41 -29.80 18.17
CA ARG A 230 -67.53 -31.25 18.15
C ARG A 230 -66.53 -31.93 19.07
N GLY A 231 -65.43 -31.28 19.40
CA GLY A 231 -64.45 -31.85 20.30
C GLY A 231 -63.12 -32.13 19.63
N GLY A 232 -62.05 -32.02 20.41
CA GLY A 232 -60.73 -32.33 19.89
C GLY A 232 -60.55 -33.80 19.55
N ALA A 233 -61.18 -34.68 20.33
CA ALA A 233 -61.06 -36.12 20.10
C ALA A 233 -61.66 -36.53 18.76
N TRP A 234 -62.80 -35.94 18.39
CA TRP A 234 -63.42 -36.27 17.11
C TRP A 234 -62.49 -35.93 15.95
N PHE A 235 -61.86 -34.75 15.99
CA PHE A 235 -60.89 -34.39 14.97
C PHE A 235 -59.66 -35.28 15.01
N ALA A 236 -59.20 -35.63 16.21
CA ALA A 236 -57.99 -36.44 16.35
C ALA A 236 -58.19 -37.88 15.92
N SER A 237 -59.45 -38.35 15.83
CA SER A 237 -59.69 -39.73 15.42
C SER A 237 -59.23 -39.97 13.98
N PHE A 238 -59.18 -38.93 13.16
CA PHE A 238 -58.81 -39.10 11.76
C PHE A 238 -57.30 -39.01 11.56
N GLY A 239 -56.81 -39.76 10.58
CA GLY A 239 -55.39 -39.76 10.25
C GLY A 239 -54.59 -40.59 11.24
N ARG A 240 -53.29 -40.64 11.00
CA ARG A 240 -52.38 -41.33 11.90
C ARG A 240 -52.06 -40.43 13.09
N GLU A 241 -51.24 -40.97 14.00
CA GLU A 241 -50.73 -40.15 15.09
C GLU A 241 -49.88 -39.01 14.53
N ARG A 242 -50.00 -37.84 15.17
CA ARG A 242 -49.34 -36.60 14.77
C ARG A 242 -49.74 -36.12 13.38
N ASN A 243 -50.78 -36.70 12.79
CA ASN A 243 -51.26 -36.31 11.47
C ASN A 243 -52.78 -36.24 11.47
N SER A 244 -53.36 -35.62 12.50
CA SER A 244 -54.79 -35.72 12.74
C SER A 244 -55.59 -34.83 11.82
N GLY A 245 -56.83 -35.24 11.57
CA GLY A 245 -57.83 -34.39 10.97
C GLY A 245 -58.16 -34.75 9.53
N THR A 246 -58.90 -33.84 8.90
CA THR A 246 -59.31 -33.94 7.51
C THR A 246 -58.69 -32.76 6.77
N LYS A 247 -58.09 -33.02 5.61
CA LYS A 247 -57.42 -31.97 4.85
C LYS A 247 -58.00 -31.74 3.45
N LEU A 248 -58.14 -30.48 3.07
CA LEU A 248 -58.62 -30.14 1.73
C LEU A 248 -57.55 -30.51 0.71
N PHE A 249 -57.96 -31.09 -0.41
CA PHE A 249 -57.00 -31.49 -1.44
C PHE A 249 -57.30 -30.90 -2.81
N ASN A 250 -56.26 -30.39 -3.47
CA ASN A 250 -56.41 -29.83 -4.80
C ASN A 250 -55.69 -30.73 -5.78
N ILE A 251 -56.41 -31.21 -6.79
CA ILE A 251 -55.80 -32.07 -7.79
C ILE A 251 -55.79 -31.33 -9.12
N SER A 252 -54.61 -31.14 -9.68
CA SER A 252 -54.48 -30.42 -10.94
C SER A 252 -53.39 -31.02 -11.83
N GLY A 253 -53.50 -30.76 -13.12
CA GLY A 253 -52.53 -31.22 -14.07
C GLY A 253 -53.11 -32.25 -15.03
N HIS A 254 -52.44 -33.38 -15.18
CA HIS A 254 -52.82 -34.39 -16.16
C HIS A 254 -53.72 -35.44 -15.51
N VAL A 255 -54.87 -34.98 -15.05
CA VAL A 255 -55.93 -35.86 -14.57
C VAL A 255 -57.16 -35.62 -15.43
N ASN A 256 -58.06 -36.60 -15.39
CA ASN A 256 -59.29 -36.48 -16.18
C ASN A 256 -60.22 -35.44 -15.57
N HIS A 257 -60.26 -35.34 -14.25
CA HIS A 257 -61.21 -34.47 -13.54
C HIS A 257 -60.46 -33.67 -12.48
N PRO A 258 -59.77 -32.60 -12.90
CA PRO A 258 -59.09 -31.81 -11.86
C PRO A 258 -60.14 -31.20 -10.94
N CYS A 259 -59.94 -31.29 -9.63
CA CYS A 259 -60.92 -30.77 -8.67
C CYS A 259 -60.36 -30.53 -7.28
N THR A 260 -61.14 -29.84 -6.45
CA THR A 260 -60.78 -29.58 -5.07
C THR A 260 -61.71 -30.44 -4.22
N VAL A 261 -61.16 -31.24 -3.33
CA VAL A 261 -61.97 -32.11 -2.49
C VAL A 261 -61.46 -32.18 -1.04
N GLU A 262 -62.37 -32.48 -0.11
CA GLU A 262 -62.03 -32.62 1.30
C GLU A 262 -61.99 -34.12 1.57
N GLU A 263 -60.93 -34.58 2.24
CA GLU A 263 -60.79 -36.01 2.45
C GLU A 263 -59.91 -36.23 3.68
N GLU A 264 -60.00 -37.45 4.23
CA GLU A 264 -59.21 -37.85 5.39
C GLU A 264 -57.73 -37.56 5.14
N MET A 265 -57.00 -37.33 6.24
CA MET A 265 -55.60 -36.92 6.13
C MET A 265 -54.74 -37.95 5.42
N SER A 266 -54.54 -39.12 6.02
CA SER A 266 -53.54 -40.06 5.53
C SER A 266 -54.08 -40.93 4.39
N VAL A 267 -54.61 -40.31 3.34
CA VAL A 267 -55.08 -41.08 2.18
C VAL A 267 -53.88 -41.43 1.30
N PRO A 268 -53.90 -42.57 0.61
CA PRO A 268 -52.89 -42.81 -0.42
C PRO A 268 -53.06 -41.84 -1.58
N LEU A 269 -51.93 -41.47 -2.19
CA LEU A 269 -51.97 -40.57 -3.34
C LEU A 269 -52.71 -41.21 -4.51
N LYS A 270 -52.40 -42.47 -4.81
CA LYS A 270 -53.05 -43.16 -5.92
C LYS A 270 -54.54 -43.29 -5.67
N GLU A 271 -54.93 -43.61 -4.44
CA GLU A 271 -56.35 -43.71 -4.11
C GLU A 271 -57.05 -42.38 -4.32
N LEU A 272 -56.44 -41.29 -3.85
CA LEU A 272 -57.02 -39.96 -4.01
C LEU A 272 -57.22 -39.62 -5.48
N ILE A 273 -56.18 -39.86 -6.29
CA ILE A 273 -56.28 -39.54 -7.72
C ILE A 273 -57.35 -40.37 -8.40
N GLU A 274 -57.34 -41.69 -8.17
CA GLU A 274 -58.28 -42.56 -8.86
C GLU A 274 -59.70 -42.38 -8.37
N LYS A 275 -59.90 -41.86 -7.16
CA LYS A 275 -61.25 -41.73 -6.64
C LYS A 275 -61.86 -40.38 -6.98
N HIS A 276 -61.14 -39.29 -6.70
CA HIS A 276 -61.74 -37.97 -6.79
C HIS A 276 -61.37 -37.23 -8.07
N ALA A 277 -60.18 -37.47 -8.62
CA ALA A 277 -59.75 -36.76 -9.82
C ALA A 277 -60.03 -37.55 -11.10
N GLY A 278 -60.68 -38.70 -11.02
CA GLY A 278 -60.98 -39.47 -12.20
C GLY A 278 -59.81 -40.22 -12.79
N GLY A 279 -58.67 -40.23 -12.11
CA GLY A 279 -57.51 -40.93 -12.63
C GLY A 279 -56.60 -40.03 -13.45
N VAL A 280 -55.37 -40.51 -13.66
CA VAL A 280 -54.41 -39.78 -14.48
C VAL A 280 -54.69 -40.05 -15.96
N ILE A 281 -54.57 -39.01 -16.78
CA ILE A 281 -54.87 -39.10 -18.20
C ILE A 281 -54.06 -40.22 -18.83
N GLY A 282 -54.74 -41.12 -19.52
CA GLY A 282 -54.10 -42.27 -20.15
C GLY A 282 -53.87 -43.45 -19.24
N GLY A 283 -54.47 -43.47 -18.06
CA GLY A 283 -54.31 -44.59 -17.14
C GLY A 283 -53.13 -44.40 -16.21
N TRP A 284 -53.10 -45.21 -15.14
CA TRP A 284 -52.07 -45.10 -14.13
C TRP A 284 -50.68 -45.39 -14.69
N ASP A 285 -50.56 -46.29 -15.66
CA ASP A 285 -49.26 -46.56 -16.27
C ASP A 285 -48.70 -45.34 -16.97
N ASN A 286 -49.55 -44.38 -17.34
CA ASN A 286 -49.10 -43.17 -18.03
C ASN A 286 -48.56 -42.12 -17.08
N LEU A 287 -48.59 -42.35 -15.77
CA LEU A 287 -48.07 -41.36 -14.84
C LEU A 287 -46.56 -41.30 -14.93
N LEU A 288 -46.03 -40.07 -14.95
CA LEU A 288 -44.59 -39.83 -14.90
C LEU A 288 -44.13 -39.30 -13.55
N ALA A 289 -44.78 -38.25 -13.04
CA ALA A 289 -44.34 -37.63 -11.80
C ALA A 289 -45.49 -36.90 -11.14
N VAL A 290 -45.33 -36.62 -9.86
CA VAL A 290 -46.32 -35.88 -9.08
C VAL A 290 -45.58 -34.90 -8.17
N ILE A 291 -46.04 -33.66 -8.13
CA ILE A 291 -45.68 -32.70 -7.09
C ILE A 291 -46.81 -32.70 -6.06
N PRO A 292 -46.61 -33.27 -4.87
CA PRO A 292 -47.78 -33.57 -4.01
C PRO A 292 -48.27 -32.39 -3.20
N GLY A 293 -47.42 -31.42 -2.89
CA GLY A 293 -47.80 -30.35 -2.00
C GLY A 293 -47.55 -28.93 -2.46
N GLY A 294 -47.77 -28.63 -3.72
CA GLY A 294 -47.47 -27.33 -4.26
C GLY A 294 -46.05 -27.26 -4.81
N SER A 295 -45.77 -26.17 -5.50
CA SER A 295 -44.52 -26.07 -6.27
C SER A 295 -43.30 -26.12 -5.36
N SER A 296 -43.45 -25.72 -4.09
CA SER A 296 -42.31 -25.70 -3.18
C SER A 296 -41.79 -27.11 -2.90
N THR A 297 -42.69 -28.07 -2.78
CA THR A 297 -42.29 -29.43 -2.46
C THR A 297 -41.62 -30.10 -3.65
N PRO A 298 -40.59 -30.92 -3.40
CA PRO A 298 -39.95 -31.66 -4.49
C PRO A 298 -40.88 -32.70 -5.09
N LEU A 299 -40.64 -33.04 -6.36
CA LEU A 299 -41.48 -34.01 -7.03
C LEU A 299 -41.00 -35.43 -6.73
N ILE A 300 -41.91 -36.39 -6.89
CA ILE A 300 -41.60 -37.80 -6.68
C ILE A 300 -42.06 -38.59 -7.90
N PRO A 301 -41.32 -39.60 -8.33
CA PRO A 301 -41.72 -40.38 -9.51
C PRO A 301 -42.79 -41.43 -9.22
N LYS A 302 -43.15 -42.20 -10.24
CA LYS A 302 -44.23 -43.17 -10.12
C LYS A 302 -43.93 -44.25 -9.10
N SER A 303 -42.66 -44.68 -9.02
CA SER A 303 -42.31 -45.82 -8.16
C SER A 303 -42.63 -45.54 -6.70
N VAL A 304 -42.33 -44.31 -6.22
CA VAL A 304 -42.68 -43.94 -4.86
C VAL A 304 -44.13 -43.47 -4.74
N CYS A 305 -44.70 -42.90 -5.80
CA CYS A 305 -46.09 -42.47 -5.80
C CYS A 305 -47.08 -43.62 -5.67
N GLU A 306 -46.64 -44.86 -5.90
CA GLU A 306 -47.56 -45.99 -5.93
C GLU A 306 -48.21 -46.23 -4.57
N THR A 307 -47.42 -46.15 -3.50
CA THR A 307 -47.85 -46.56 -2.17
C THR A 307 -47.44 -45.55 -1.12
N VAL A 308 -47.65 -44.26 -1.40
CA VAL A 308 -47.30 -43.19 -0.47
C VAL A 308 -48.58 -42.59 0.09
N LEU A 309 -48.55 -42.24 1.37
CA LEU A 309 -49.70 -41.63 2.02
C LEU A 309 -49.58 -40.11 1.96
N MET A 310 -50.66 -39.40 2.26
CA MET A 310 -50.72 -37.95 2.14
C MET A 310 -50.75 -37.35 3.54
N ASP A 311 -49.58 -37.18 4.14
CA ASP A 311 -49.48 -36.49 5.42
C ASP A 311 -48.05 -36.02 5.58
N PHE A 312 -47.82 -35.23 6.63
CA PHE A 312 -46.52 -34.60 6.82
C PHE A 312 -45.41 -35.62 6.97
N ASP A 313 -45.58 -36.59 7.87
CA ASP A 313 -44.49 -37.52 8.19
C ASP A 313 -44.21 -38.47 7.03
N ALA A 314 -45.26 -39.06 6.45
CA ALA A 314 -45.06 -40.01 5.38
C ALA A 314 -44.44 -39.35 4.16
N LEU A 315 -44.85 -38.12 3.85
CA LEU A 315 -44.30 -37.42 2.71
C LEU A 315 -42.90 -36.88 2.99
N VAL A 316 -42.57 -36.64 4.26
CA VAL A 316 -41.19 -36.31 4.60
C VAL A 316 -40.30 -37.52 4.42
N GLN A 317 -40.76 -38.70 4.83
CA GLN A 317 -39.98 -39.92 4.62
C GLN A 317 -39.76 -40.22 3.14
N ALA A 318 -40.64 -39.74 2.26
CA ALA A 318 -40.41 -39.79 0.83
C ALA A 318 -39.59 -38.62 0.32
N GLN A 319 -38.96 -37.87 1.23
CA GLN A 319 -38.08 -36.74 0.90
C GLN A 319 -38.80 -35.61 0.19
N THR A 320 -40.11 -35.44 0.44
CA THR A 320 -40.82 -34.33 -0.17
C THR A 320 -41.44 -33.36 0.83
N GLY A 321 -42.30 -33.84 1.73
CA GLY A 321 -43.08 -32.94 2.56
C GLY A 321 -44.50 -32.73 2.04
N LEU A 322 -45.45 -32.55 2.96
CA LEU A 322 -46.86 -32.44 2.56
C LEU A 322 -47.18 -31.08 1.95
N GLY A 323 -46.55 -30.02 2.46
CA GLY A 323 -46.80 -28.69 1.93
C GLY A 323 -48.25 -28.28 2.11
N THR A 324 -48.85 -27.79 1.02
CA THR A 324 -50.22 -27.31 1.02
C THR A 324 -51.19 -28.33 0.44
N ALA A 325 -50.75 -29.56 0.20
CA ALA A 325 -51.59 -30.64 -0.34
C ALA A 325 -52.15 -30.29 -1.72
N ALA A 326 -51.31 -29.69 -2.55
CA ALA A 326 -51.66 -29.33 -3.92
C ALA A 326 -51.00 -30.33 -4.86
N VAL A 327 -51.74 -31.37 -5.23
CA VAL A 327 -51.25 -32.42 -6.10
C VAL A 327 -51.26 -31.93 -7.54
N ILE A 328 -50.09 -31.94 -8.18
CA ILE A 328 -49.95 -31.58 -9.58
C ILE A 328 -49.33 -32.78 -10.29
N VAL A 329 -50.08 -33.39 -11.20
CA VAL A 329 -49.64 -34.64 -11.79
C VAL A 329 -49.21 -34.40 -13.23
N MET A 330 -48.19 -35.15 -13.66
CA MET A 330 -47.64 -35.06 -15.01
C MET A 330 -47.47 -36.45 -15.57
N ASP A 331 -48.00 -36.68 -16.77
CA ASP A 331 -47.89 -37.98 -17.43
C ASP A 331 -46.57 -38.04 -18.19
N ARG A 332 -46.34 -39.11 -18.94
CA ARG A 332 -45.07 -39.26 -19.64
C ARG A 332 -45.02 -38.50 -20.96
N SER A 333 -46.06 -37.74 -21.30
CA SER A 333 -46.06 -36.94 -22.51
C SER A 333 -45.76 -35.47 -22.25
N THR A 334 -45.05 -35.15 -21.17
CA THR A 334 -44.66 -33.78 -20.87
C THR A 334 -43.16 -33.71 -20.62
N ASP A 335 -42.62 -32.51 -20.80
CA ASP A 335 -41.21 -32.24 -20.57
C ASP A 335 -41.01 -31.88 -19.11
N ILE A 336 -40.41 -32.79 -18.34
CA ILE A 336 -40.27 -32.58 -16.91
C ILE A 336 -39.28 -31.46 -16.62
N VAL A 337 -38.20 -31.38 -17.42
CA VAL A 337 -37.23 -30.32 -17.26
C VAL A 337 -37.88 -28.96 -17.53
N LYS A 338 -38.73 -28.87 -18.56
CA LYS A 338 -39.40 -27.62 -18.87
C LYS A 338 -40.34 -27.20 -17.73
N ALA A 339 -41.06 -28.16 -17.14
CA ALA A 339 -41.98 -27.82 -16.05
C ALA A 339 -41.22 -27.32 -14.83
N ILE A 340 -40.15 -28.00 -14.45
CA ILE A 340 -39.35 -27.55 -13.32
C ILE A 340 -38.73 -26.18 -13.61
N ALA A 341 -38.29 -25.96 -14.85
CA ALA A 341 -37.71 -24.67 -15.21
C ALA A 341 -38.75 -23.56 -15.13
N ARG A 342 -39.99 -23.85 -15.52
CA ARG A 342 -41.06 -22.85 -15.38
C ARG A 342 -41.31 -22.53 -13.91
N LEU A 343 -41.28 -23.53 -13.04
CA LEU A 343 -41.42 -23.26 -11.62
C LEU A 343 -40.28 -22.38 -11.10
N ILE A 344 -39.06 -22.65 -11.56
CA ILE A 344 -37.92 -21.83 -11.15
C ILE A 344 -38.06 -20.40 -11.66
N GLU A 345 -38.59 -20.24 -12.87
CA GLU A 345 -38.83 -18.90 -13.40
C GLU A 345 -39.88 -18.17 -12.57
N PHE A 346 -40.92 -18.88 -12.14
CA PHE A 346 -41.89 -18.28 -11.23
C PHE A 346 -41.22 -17.78 -9.95
N TYR A 347 -40.37 -18.62 -9.36
CA TYR A 347 -39.67 -18.21 -8.14
C TYR A 347 -38.76 -17.03 -8.39
N LYS A 348 -38.12 -16.98 -9.56
CA LYS A 348 -37.28 -15.83 -9.90
C LYS A 348 -38.12 -14.56 -9.99
N HIS A 349 -39.33 -14.66 -10.54
CA HIS A 349 -40.21 -13.50 -10.64
C HIS A 349 -40.88 -13.14 -9.32
N GLU A 350 -40.84 -14.00 -8.31
CA GLU A 350 -41.54 -13.73 -7.07
C GLU A 350 -40.63 -13.34 -5.90
N SER A 351 -39.32 -13.49 -6.00
CA SER A 351 -38.46 -13.16 -4.88
C SER A 351 -38.45 -11.66 -4.63
N CYS A 352 -38.40 -11.27 -3.35
CA CYS A 352 -38.48 -9.85 -3.00
C CYS A 352 -37.14 -9.13 -3.19
N GLY A 353 -36.05 -9.87 -3.27
CA GLY A 353 -34.75 -9.28 -3.51
C GLY A 353 -34.05 -8.74 -2.28
N GLN A 354 -34.55 -9.02 -1.08
CA GLN A 354 -33.99 -8.43 0.12
C GLN A 354 -32.60 -9.00 0.44
N CYS A 355 -32.46 -10.32 0.41
CA CYS A 355 -31.23 -10.97 0.82
C CYS A 355 -30.50 -11.59 -0.37
N THR A 356 -29.17 -11.49 -0.35
CA THR A 356 -28.37 -11.86 -1.50
C THR A 356 -28.49 -13.32 -1.94
N PRO A 357 -28.55 -14.34 -1.05
CA PRO A 357 -28.62 -15.71 -1.57
C PRO A 357 -29.84 -15.93 -2.44
N CYS A 358 -31.03 -15.57 -1.97
CA CYS A 358 -32.23 -15.78 -2.78
C CYS A 358 -32.17 -14.97 -4.08
N ARG A 359 -31.93 -13.67 -3.97
CA ARG A 359 -31.90 -12.80 -5.13
C ARG A 359 -30.96 -13.33 -6.20
N GLU A 360 -29.66 -13.36 -5.87
CA GLU A 360 -28.65 -13.74 -6.85
C GLU A 360 -28.78 -15.20 -7.26
N GLY A 361 -28.85 -16.11 -6.28
CA GLY A 361 -28.84 -17.52 -6.59
C GLY A 361 -30.07 -18.01 -7.33
N VAL A 362 -31.24 -17.45 -7.04
CA VAL A 362 -32.45 -17.83 -7.77
C VAL A 362 -32.39 -17.31 -9.20
N ASP A 363 -31.85 -16.10 -9.40
CA ASP A 363 -31.63 -15.66 -10.78
C ASP A 363 -30.67 -16.61 -11.51
N TRP A 364 -29.58 -17.00 -10.83
CA TRP A 364 -28.60 -17.90 -11.41
C TRP A 364 -29.20 -19.26 -11.74
N MET A 365 -30.00 -19.80 -10.82
CA MET A 365 -30.71 -21.05 -11.05
C MET A 365 -31.64 -20.94 -12.25
N ASN A 366 -32.33 -19.81 -12.39
CA ASN A 366 -33.21 -19.63 -13.53
C ASN A 366 -32.43 -19.70 -14.83
N LYS A 367 -31.31 -19.00 -14.90
CA LYS A 367 -30.49 -19.00 -16.11
C LYS A 367 -29.95 -20.38 -16.44
N VAL A 368 -29.48 -21.10 -15.43
CA VAL A 368 -28.95 -22.45 -15.61
C VAL A 368 -30.05 -23.40 -16.08
N MET A 369 -31.23 -23.27 -15.50
CA MET A 369 -32.37 -24.12 -15.84
C MET A 369 -32.82 -23.94 -17.29
N ALA A 370 -32.80 -22.70 -17.78
CA ALA A 370 -33.20 -22.43 -19.14
C ALA A 370 -32.26 -23.14 -20.11
N ARG A 371 -30.97 -23.09 -19.81
CA ARG A 371 -29.95 -23.76 -20.63
C ARG A 371 -30.15 -25.28 -20.58
N PHE A 372 -30.50 -25.77 -19.40
CA PHE A 372 -30.72 -27.20 -19.18
C PHE A 372 -31.86 -27.73 -20.04
N VAL A 373 -32.92 -26.94 -20.19
CA VAL A 373 -34.05 -27.37 -21.01
C VAL A 373 -33.58 -27.59 -22.44
N LYS A 374 -32.79 -26.64 -22.95
CA LYS A 374 -32.21 -26.75 -24.27
C LYS A 374 -31.21 -27.89 -24.33
N GLY A 375 -30.44 -28.06 -23.26
CA GLY A 375 -29.42 -29.09 -23.20
C GLY A 375 -28.06 -28.52 -23.56
N ASP A 376 -28.02 -27.20 -23.65
CA ASP A 376 -26.83 -26.44 -24.02
C ASP A 376 -25.67 -26.60 -23.04
N ALA A 377 -25.89 -27.21 -21.89
CA ALA A 377 -24.86 -27.29 -20.86
C ALA A 377 -24.04 -28.57 -21.00
N ARG A 378 -23.21 -28.86 -20.00
CA ARG A 378 -22.41 -30.06 -19.90
C ARG A 378 -22.78 -30.80 -18.62
N PRO A 379 -22.46 -32.10 -18.56
CA PRO A 379 -22.76 -33.02 -17.46
C PRO A 379 -22.16 -32.60 -16.12
N ALA A 380 -20.96 -32.03 -16.15
CA ALA A 380 -20.27 -31.58 -14.95
C ALA A 380 -21.05 -30.52 -14.17
N GLU A 381 -21.72 -29.64 -14.89
CA GLU A 381 -22.51 -28.56 -14.28
C GLU A 381 -23.64 -29.06 -13.37
N ILE A 382 -24.30 -30.15 -13.72
CA ILE A 382 -25.42 -30.63 -12.92
C ILE A 382 -25.03 -30.64 -11.44
N ASP A 383 -23.90 -31.26 -11.12
CA ASP A 383 -23.40 -31.21 -9.75
C ASP A 383 -23.22 -29.78 -9.29
N SER A 384 -22.65 -28.93 -10.15
CA SER A 384 -22.53 -27.52 -9.82
C SER A 384 -23.88 -26.95 -9.39
N LEU A 385 -24.91 -27.22 -10.20
CA LEU A 385 -26.24 -26.73 -9.90
C LEU A 385 -26.74 -27.25 -8.56
N TRP A 386 -26.44 -28.50 -8.25
CA TRP A 386 -26.87 -29.08 -6.99
C TRP A 386 -26.21 -28.34 -5.83
N GLU A 387 -24.94 -28.02 -5.98
CA GLU A 387 -24.21 -27.28 -4.94
C GLU A 387 -24.77 -25.88 -4.73
N ILE A 388 -25.15 -25.23 -5.82
CA ILE A 388 -25.71 -23.89 -5.76
C ILE A 388 -27.00 -23.86 -4.96
N SER A 389 -27.84 -24.87 -5.17
CA SER A 389 -29.11 -24.97 -4.45
C SER A 389 -28.88 -25.14 -2.95
N LYS A 390 -27.87 -25.94 -2.60
CA LYS A 390 -27.51 -26.18 -1.20
C LYS A 390 -27.09 -24.89 -0.50
N GLN A 391 -26.34 -24.07 -1.24
CA GLN A 391 -25.87 -22.79 -0.75
C GLN A 391 -27.03 -21.86 -0.43
N ILE A 392 -28.09 -21.92 -1.24
CA ILE A 392 -29.24 -21.04 -1.03
C ILE A 392 -30.04 -21.50 0.19
N GLU A 393 -30.41 -22.78 0.20
CA GLU A 393 -31.24 -23.32 1.27
C GLU A 393 -30.54 -23.23 2.62
N GLY A 394 -31.26 -22.73 3.63
CA GLY A 394 -30.72 -22.57 4.95
C GLY A 394 -29.88 -21.32 5.16
N HIS A 395 -29.76 -20.46 4.16
CA HIS A 395 -28.95 -19.25 4.27
C HIS A 395 -29.73 -17.97 3.99
N THR A 396 -31.02 -18.08 3.68
CA THR A 396 -31.82 -16.91 3.34
C THR A 396 -32.64 -16.44 4.55
N ILE A 397 -33.25 -15.27 4.40
CA ILE A 397 -34.08 -14.73 5.47
C ILE A 397 -35.34 -15.55 5.66
N CYS A 398 -36.04 -15.86 4.57
CA CYS A 398 -37.28 -16.60 4.62
C CYS A 398 -37.16 -17.87 3.78
N ALA A 399 -38.25 -18.62 3.70
CA ALA A 399 -38.26 -19.95 3.11
C ALA A 399 -38.55 -19.95 1.62
N LEU A 400 -38.64 -18.78 0.98
CA LEU A 400 -38.75 -18.75 -0.48
C LEU A 400 -37.50 -19.32 -1.12
N GLY A 401 -36.32 -19.05 -0.54
CA GLY A 401 -35.11 -19.65 -1.05
C GLY A 401 -35.11 -21.16 -0.98
N ASP A 402 -35.60 -21.72 0.14
CA ASP A 402 -35.75 -23.17 0.24
C ASP A 402 -36.75 -23.68 -0.79
N GLY A 403 -37.85 -22.95 -0.99
CA GLY A 403 -38.87 -23.36 -1.94
C GLY A 403 -38.43 -23.28 -3.38
N ALA A 404 -37.41 -22.48 -3.67
CA ALA A 404 -36.80 -22.50 -5.00
C ALA A 404 -35.71 -23.55 -5.12
N ALA A 405 -34.99 -23.83 -4.03
CA ALA A 405 -33.93 -24.84 -4.07
C ALA A 405 -34.47 -26.26 -4.17
N TRP A 406 -35.56 -26.56 -3.48
CA TRP A 406 -36.04 -27.94 -3.41
C TRP A 406 -36.51 -28.53 -4.75
N PRO A 407 -37.29 -27.83 -5.58
CA PRO A 407 -37.68 -28.44 -6.87
C PRO A 407 -36.52 -28.81 -7.75
N VAL A 408 -35.46 -27.99 -7.76
CA VAL A 408 -34.27 -28.31 -8.53
C VAL A 408 -33.63 -29.59 -8.00
N GLN A 409 -33.54 -29.72 -6.68
CA GLN A 409 -32.95 -30.90 -6.08
C GLN A 409 -33.77 -32.15 -6.40
N GLY A 410 -35.10 -32.04 -6.35
CA GLY A 410 -35.93 -33.18 -6.71
C GLY A 410 -35.76 -33.58 -8.15
N LEU A 411 -35.74 -32.61 -9.06
CA LEU A 411 -35.53 -32.92 -10.47
C LEU A 411 -34.20 -33.59 -10.70
N ILE A 412 -33.13 -33.07 -10.10
CA ILE A 412 -31.82 -33.69 -10.27
C ILE A 412 -31.85 -35.12 -9.74
N ARG A 413 -32.32 -35.28 -8.50
CA ARG A 413 -32.27 -36.57 -7.81
C ARG A 413 -33.05 -37.64 -8.56
N HIS A 414 -34.15 -37.27 -9.21
CA HIS A 414 -34.98 -38.31 -9.82
C HIS A 414 -34.91 -38.35 -11.35
N PHE A 415 -34.26 -37.38 -12.00
CA PHE A 415 -34.21 -37.38 -13.45
C PHE A 415 -32.86 -36.92 -13.98
N ARG A 416 -31.77 -37.18 -13.26
CA ARG A 416 -30.45 -36.93 -13.84
C ARG A 416 -30.22 -37.61 -15.19
N PRO A 417 -30.65 -38.86 -15.44
CA PRO A 417 -30.47 -39.42 -16.78
C PRO A 417 -31.14 -38.61 -17.88
N GLU A 418 -32.30 -38.02 -17.62
CA GLU A 418 -32.97 -37.22 -18.64
C GLU A 418 -32.15 -35.97 -18.99
N LEU A 419 -31.62 -35.29 -17.98
CA LEU A 419 -30.75 -34.15 -18.23
C LEU A 419 -29.50 -34.56 -19.01
N GLU A 420 -28.89 -35.66 -18.62
CA GLU A 420 -27.68 -36.12 -19.31
C GLU A 420 -27.98 -36.45 -20.77
N GLU A 421 -29.10 -37.13 -21.02
CA GLU A 421 -29.46 -37.48 -22.38
C GLU A 421 -29.76 -36.25 -23.22
N ARG A 422 -30.44 -35.26 -22.63
CA ARG A 422 -30.70 -34.02 -23.36
C ARG A 422 -29.41 -33.29 -23.72
N MET A 423 -28.46 -33.23 -22.78
CA MET A 423 -27.18 -32.61 -23.07
C MET A 423 -26.44 -33.36 -24.18
N GLN A 424 -26.44 -34.69 -24.12
CA GLN A 424 -25.76 -35.48 -25.13
C GLN A 424 -26.40 -35.28 -26.50
N GLN A 425 -27.74 -35.24 -26.55
CA GLN A 425 -28.44 -35.02 -27.82
C GLN A 425 -28.12 -33.64 -28.39
N PHE A 426 -28.08 -32.61 -27.55
CA PHE A 426 -27.71 -31.28 -28.02
C PHE A 426 -26.28 -31.27 -28.56
N ALA A 427 -25.35 -31.91 -27.84
CA ALA A 427 -23.97 -31.93 -28.29
C ALA A 427 -23.84 -32.66 -29.62
N LEU A 428 -24.58 -33.75 -29.80
CA LEU A 428 -24.57 -34.46 -31.08
C LEU A 428 -25.15 -33.58 -32.19
N GLN A 429 -26.22 -32.85 -31.90
CA GLN A 429 -26.87 -32.05 -32.93
C GLN A 429 -26.05 -30.82 -33.32
N HIS A 430 -25.21 -30.33 -32.42
CA HIS A 430 -24.47 -29.10 -32.69
C HIS A 430 -23.01 -29.33 -33.09
N GLN A 431 -22.46 -30.50 -32.83
CA GLN A 431 -21.07 -30.82 -33.16
C GLN A 431 -20.11 -29.78 -32.59
N THR B 1 25.71 -42.42 -4.02
CA THR B 1 26.83 -42.91 -4.81
C THR B 1 27.87 -41.81 -5.01
N TYR B 2 29.14 -42.18 -4.85
CA TYR B 2 30.24 -41.23 -5.00
C TYR B 2 31.38 -41.82 -5.81
N LYS B 3 32.18 -40.93 -6.41
CA LYS B 3 33.33 -41.35 -7.20
C LYS B 3 34.59 -40.65 -6.73
N PHE B 4 35.74 -41.29 -6.93
CA PHE B 4 37.01 -40.70 -6.55
C PHE B 4 37.63 -40.07 -7.80
N VAL B 5 37.98 -38.79 -7.72
CA VAL B 5 38.47 -38.07 -8.90
C VAL B 5 39.96 -38.32 -9.07
N ASN B 6 40.69 -38.41 -7.97
CA ASN B 6 42.14 -38.61 -8.02
C ASN B 6 42.56 -39.68 -7.01
N MET B 7 42.47 -40.95 -7.40
CA MET B 7 42.81 -42.03 -6.48
C MET B 7 43.51 -43.18 -7.19
N ARG B 8 44.30 -42.85 -8.21
CA ARG B 8 45.03 -43.84 -9.00
C ARG B 8 46.52 -43.84 -8.69
N GLU B 9 47.09 -45.02 -8.48
CA GLU B 9 48.50 -45.15 -8.19
C GLU B 9 49.23 -45.67 -9.42
N PRO B 10 50.29 -44.96 -9.84
CA PRO B 10 51.08 -45.29 -11.03
C PRO B 10 51.84 -46.61 -10.94
N SER B 11 51.87 -47.34 -12.05
CA SER B 11 52.55 -48.63 -12.12
C SER B 11 54.06 -48.47 -11.93
N MET B 12 54.66 -49.41 -11.20
CA MET B 12 56.10 -49.37 -10.94
C MET B 12 56.91 -50.20 -11.93
N ASP B 13 56.24 -50.84 -12.88
CA ASP B 13 56.95 -51.65 -13.87
C ASP B 13 57.88 -50.78 -14.70
N MET B 14 59.04 -51.31 -15.03
CA MET B 14 60.04 -50.58 -15.81
C MET B 14 59.42 -49.86 -16.99
N LYS B 15 58.44 -50.49 -17.65
CA LYS B 15 57.83 -49.86 -18.81
C LYS B 15 57.07 -48.60 -18.43
N SER B 16 56.31 -48.64 -17.33
CA SER B 16 55.57 -47.45 -16.90
C SER B 16 56.52 -46.32 -16.50
N VAL B 17 57.61 -46.66 -15.80
CA VAL B 17 58.56 -45.64 -15.39
C VAL B 17 59.25 -45.03 -16.60
N THR B 18 59.58 -45.86 -17.60
CA THR B 18 60.21 -45.35 -18.81
C THR B 18 59.26 -44.48 -19.61
N ASP B 19 57.98 -44.84 -19.66
CA ASP B 19 57.00 -43.99 -20.32
C ASP B 19 56.87 -42.65 -19.62
N ARG B 20 56.84 -42.66 -18.28
CA ARG B 20 56.78 -41.40 -17.54
C ARG B 20 58.05 -40.57 -17.76
N ALA B 21 59.20 -41.23 -17.84
CA ALA B 21 60.45 -40.52 -18.10
C ALA B 21 60.46 -39.91 -19.50
N ALA B 22 59.93 -40.62 -20.49
CA ALA B 22 59.82 -40.08 -21.83
C ALA B 22 58.88 -38.89 -21.86
N GLN B 23 57.79 -38.96 -21.10
CA GLN B 23 56.89 -37.81 -20.99
C GLN B 23 57.62 -36.62 -20.37
N THR B 24 58.40 -36.85 -19.32
CA THR B 24 59.12 -35.77 -18.66
C THR B 24 60.17 -35.15 -19.58
N LEU B 25 60.91 -35.97 -20.30
CA LEU B 25 62.06 -35.48 -21.06
C LEU B 25 61.69 -34.97 -22.46
N LEU B 26 60.63 -35.48 -23.07
CA LEU B 26 60.26 -35.12 -24.43
C LEU B 26 59.04 -34.22 -24.51
N TRP B 27 58.36 -33.96 -23.40
CA TRP B 27 57.23 -33.03 -23.33
C TRP B 27 56.08 -33.45 -24.26
N THR B 28 55.58 -34.66 -24.03
CA THR B 28 54.55 -35.19 -24.92
C THR B 28 53.19 -34.55 -24.68
N GLU B 29 52.82 -34.30 -23.41
CA GLU B 29 51.51 -33.72 -23.14
C GLU B 29 51.46 -32.25 -23.54
N LEU B 30 52.60 -31.54 -23.47
CA LEU B 30 52.65 -30.19 -23.98
C LEU B 30 52.42 -30.16 -25.48
N VAL B 31 53.00 -31.14 -26.19
CA VAL B 31 52.76 -31.26 -27.63
C VAL B 31 51.29 -31.58 -27.90
N ARG B 32 50.67 -32.38 -27.02
CA ARG B 32 49.24 -32.67 -27.19
C ARG B 32 48.39 -31.41 -27.05
N GLY B 33 48.70 -30.57 -26.06
CA GLY B 33 47.99 -29.31 -25.92
C GLY B 33 48.21 -28.39 -27.10
N LEU B 34 49.44 -28.34 -27.61
CA LEU B 34 49.73 -27.57 -28.82
C LEU B 34 48.89 -28.07 -29.99
N GLY B 35 48.74 -29.39 -30.11
CA GLY B 35 47.92 -29.94 -31.17
C GLY B 35 46.45 -29.57 -31.03
N MET B 36 45.96 -29.52 -29.81
CA MET B 36 44.58 -29.08 -29.58
C MET B 36 44.38 -27.64 -30.05
N THR B 37 45.32 -26.77 -29.69
CA THR B 37 45.21 -25.36 -30.12
C THR B 37 45.34 -25.26 -31.64
N LEU B 38 46.21 -26.06 -32.24
CA LEU B 38 46.35 -26.08 -33.70
C LEU B 38 45.05 -26.49 -34.38
N SER B 39 44.42 -27.55 -33.87
CA SER B 39 43.16 -27.99 -34.46
C SER B 39 42.09 -26.93 -34.31
N TYR B 40 42.12 -26.20 -33.20
CA TYR B 40 41.12 -25.16 -32.99
C TYR B 40 41.35 -23.97 -33.92
N LEU B 41 42.60 -23.73 -34.32
CA LEU B 41 42.89 -22.66 -35.27
C LEU B 41 42.23 -22.89 -36.64
N PHE B 42 42.02 -24.15 -37.01
CA PHE B 42 41.56 -24.48 -38.36
C PHE B 42 40.05 -24.71 -38.46
N ARG B 43 39.29 -24.39 -37.42
CA ARG B 43 37.85 -24.51 -37.48
C ARG B 43 37.22 -23.12 -37.55
N GLU B 44 36.01 -23.05 -38.10
CA GLU B 44 35.38 -21.78 -38.36
C GLU B 44 35.06 -21.05 -37.05
N PRO B 45 35.41 -19.78 -36.93
CA PRO B 45 35.09 -19.04 -35.70
C PRO B 45 33.60 -18.77 -35.56
N ALA B 46 33.20 -18.48 -34.33
CA ALA B 46 31.80 -18.25 -33.98
C ALA B 46 31.40 -16.78 -34.05
N THR B 47 32.23 -15.93 -34.63
CA THR B 47 31.97 -14.49 -34.63
C THR B 47 30.92 -14.12 -35.68
N ILE B 48 29.99 -13.25 -35.29
CA ILE B 48 29.02 -12.69 -36.21
C ILE B 48 29.44 -11.27 -36.56
N ASN B 49 28.95 -10.77 -37.69
CA ASN B 49 29.38 -9.48 -38.23
C ASN B 49 28.42 -8.37 -37.81
N TYR B 50 28.48 -8.04 -36.52
CA TYR B 50 27.72 -6.92 -36.00
C TYR B 50 28.22 -5.61 -36.60
N PRO B 51 27.33 -4.64 -36.90
CA PRO B 51 25.87 -4.65 -36.74
C PRO B 51 25.12 -5.17 -37.96
N PHE B 52 25.84 -5.72 -38.94
CA PHE B 52 25.19 -6.28 -40.12
C PHE B 52 24.52 -7.60 -39.81
N GLU B 53 24.99 -8.32 -38.79
CA GLU B 53 24.35 -9.51 -38.27
C GLU B 53 24.04 -9.30 -36.79
N LYS B 54 22.94 -9.89 -36.32
CA LYS B 54 22.44 -9.67 -34.98
C LYS B 54 22.38 -10.98 -34.21
N GLY B 55 22.26 -10.87 -32.90
CA GLY B 55 22.08 -12.02 -32.04
C GLY B 55 20.63 -12.44 -31.97
N PRO B 56 20.38 -13.75 -31.96
CA PRO B 56 18.99 -14.23 -31.96
C PRO B 56 18.29 -13.93 -30.65
N LEU B 57 17.03 -13.53 -30.75
CA LEU B 57 16.24 -13.15 -29.59
C LEU B 57 14.90 -13.88 -29.66
N SER B 58 14.13 -13.77 -28.58
CA SER B 58 12.86 -14.43 -28.40
C SER B 58 11.75 -13.41 -28.35
N PRO B 59 10.50 -13.81 -28.63
CA PRO B 59 9.39 -12.87 -28.45
C PRO B 59 9.19 -12.41 -27.02
N ARG B 60 9.74 -13.12 -26.04
CA ARG B 60 9.62 -12.76 -24.64
C ARG B 60 10.64 -11.71 -24.20
N PHE B 61 11.53 -11.30 -25.09
CA PHE B 61 12.63 -10.43 -24.72
C PHE B 61 12.14 -9.12 -24.12
N ARG B 62 12.83 -8.65 -23.09
CA ARG B 62 12.50 -7.41 -22.41
C ARG B 62 13.47 -6.32 -22.85
N GLY B 63 12.93 -5.28 -23.50
CA GLY B 63 13.75 -4.18 -23.96
C GLY B 63 13.25 -2.82 -23.51
N GLU B 64 13.17 -1.88 -24.43
CA GLU B 64 12.70 -0.55 -24.10
C GLU B 64 11.19 -0.56 -23.90
N HIS B 65 10.73 0.20 -22.90
CA HIS B 65 9.32 0.24 -22.55
C HIS B 65 8.52 1.03 -23.57
N ALA B 66 7.22 0.72 -23.65
CA ALA B 66 6.32 1.44 -24.54
C ALA B 66 4.91 1.43 -23.98
N LEU B 67 4.15 2.46 -24.34
CA LEU B 67 2.73 2.56 -24.01
C LEU B 67 1.91 2.33 -25.27
N ARG B 68 0.90 1.46 -25.16
CA ARG B 68 0.14 1.03 -26.31
C ARG B 68 -1.24 1.67 -26.32
N ARG B 69 -1.99 1.40 -27.38
CA ARG B 69 -3.34 1.93 -27.53
C ARG B 69 -4.20 0.91 -28.28
N TYR B 70 -5.50 1.15 -28.24
CA TYR B 70 -6.45 0.32 -28.96
C TYR B 70 -6.39 0.62 -30.45
N PRO B 71 -6.95 -0.27 -31.29
CA PRO B 71 -6.97 0.01 -32.73
C PRO B 71 -7.66 1.30 -33.10
N SER B 72 -8.58 1.79 -32.26
CA SER B 72 -9.22 3.07 -32.50
C SER B 72 -8.26 4.24 -32.29
N GLY B 73 -7.09 3.99 -31.72
CA GLY B 73 -6.17 5.05 -31.36
C GLY B 73 -6.31 5.55 -29.94
N GLU B 74 -7.32 5.09 -29.21
CA GLU B 74 -7.47 5.43 -27.81
C GLU B 74 -6.48 4.63 -26.98
N GLU B 75 -5.82 5.30 -26.04
CA GLU B 75 -4.78 4.65 -25.26
C GLU B 75 -5.38 3.62 -24.31
N ARG B 76 -4.64 2.53 -24.10
CA ARG B 76 -5.12 1.46 -23.24
C ARG B 76 -5.02 1.79 -21.75
N CYS B 77 -4.05 2.60 -21.35
CA CYS B 77 -3.86 2.91 -19.94
C CYS B 77 -5.07 3.62 -19.36
N ILE B 78 -5.56 3.11 -18.23
CA ILE B 78 -6.65 3.71 -17.48
C ILE B 78 -6.24 4.08 -16.06
N ALA B 79 -4.93 4.16 -15.80
CA ALA B 79 -4.39 4.76 -14.57
C ALA B 79 -4.81 3.99 -13.31
N CYS B 80 -4.72 2.67 -13.37
CA CYS B 80 -5.02 1.86 -12.19
C CYS B 80 -3.86 1.86 -11.19
N LYS B 81 -2.65 2.19 -11.63
CA LYS B 81 -1.46 2.29 -10.78
C LYS B 81 -0.98 0.94 -10.27
N LEU B 82 -1.38 -0.14 -10.93
CA LEU B 82 -0.88 -1.46 -10.55
C LEU B 82 0.61 -1.62 -10.89
N CYS B 83 1.03 -1.11 -12.04
CA CYS B 83 2.44 -1.17 -12.42
C CYS B 83 3.30 -0.34 -11.46
N GLU B 84 2.80 0.82 -11.06
CA GLU B 84 3.51 1.64 -10.08
C GLU B 84 3.60 0.94 -8.73
N ALA B 85 2.54 0.23 -8.33
CA ALA B 85 2.55 -0.49 -7.06
C ALA B 85 3.52 -1.67 -7.09
N VAL B 86 3.61 -2.36 -8.23
CA VAL B 86 4.40 -3.58 -8.27
C VAL B 86 5.88 -3.35 -8.56
N CYS B 87 6.25 -2.20 -9.13
CA CYS B 87 7.63 -1.92 -9.55
C CYS B 87 8.63 -2.11 -8.42
N PRO B 88 9.51 -3.10 -8.51
CA PRO B 88 10.47 -3.33 -7.42
C PRO B 88 11.45 -2.19 -7.21
N ALA B 89 11.72 -1.40 -8.24
CA ALA B 89 12.69 -0.32 -8.15
C ALA B 89 12.05 1.05 -7.89
N GLN B 90 10.73 1.12 -7.76
CA GLN B 90 10.00 2.39 -7.67
C GLN B 90 10.37 3.32 -8.81
N ALA B 91 10.37 2.80 -10.03
CA ALA B 91 10.80 3.55 -11.19
C ALA B 91 9.64 4.22 -11.94
N ILE B 92 8.40 3.95 -11.56
CA ILE B 92 7.22 4.48 -12.24
C ILE B 92 6.57 5.54 -11.36
N THR B 93 6.25 6.69 -11.95
CA THR B 93 5.54 7.77 -11.27
C THR B 93 4.31 8.12 -12.10
N ILE B 94 3.13 8.09 -11.46
CA ILE B 94 1.86 8.23 -12.15
C ILE B 94 1.02 9.32 -11.49
N GLU B 95 0.39 10.15 -12.32
CA GLU B 95 -0.61 11.11 -11.88
C GLU B 95 -1.77 11.08 -12.85
N ALA B 96 -2.99 11.12 -12.31
CA ALA B 96 -4.18 10.95 -13.14
C ALA B 96 -5.27 11.92 -12.70
N GLU B 97 -6.21 12.14 -13.61
CA GLU B 97 -7.38 12.97 -13.36
C GLU B 97 -8.42 12.64 -14.43
N PRO B 98 -9.69 12.99 -14.20
CA PRO B 98 -10.69 12.84 -15.27
C PRO B 98 -10.35 13.70 -16.47
N ARG B 99 -10.54 13.14 -17.65
CA ARG B 99 -10.28 13.87 -18.89
C ARG B 99 -11.46 14.77 -19.23
N ALA B 100 -11.30 15.59 -20.27
CA ALA B 100 -12.33 16.53 -20.65
C ALA B 100 -13.63 15.82 -21.06
N ASP B 101 -13.54 14.56 -21.45
CA ASP B 101 -14.71 13.75 -21.77
C ASP B 101 -15.07 12.78 -20.64
N GLY B 102 -14.56 13.01 -19.43
CA GLY B 102 -14.82 12.15 -18.30
C GLY B 102 -14.10 10.83 -18.29
N SER B 103 -13.09 10.64 -19.14
CA SER B 103 -12.38 9.38 -19.20
C SER B 103 -11.29 9.33 -18.13
N ARG B 104 -11.01 8.13 -17.65
CA ARG B 104 -10.00 7.90 -16.61
C ARG B 104 -8.64 7.72 -17.28
N ARG B 105 -7.83 8.78 -17.26
CA ARG B 105 -6.57 8.79 -18.00
C ARG B 105 -5.47 9.42 -17.16
N THR B 106 -4.23 9.16 -17.55
CA THR B 106 -3.09 9.71 -16.85
C THR B 106 -2.73 11.10 -17.37
N THR B 107 -2.27 11.96 -16.46
CA THR B 107 -1.62 13.20 -16.84
C THR B 107 -0.11 13.15 -16.67
N ARG B 108 0.40 12.21 -15.88
CA ARG B 108 1.83 11.96 -15.75
C ARG B 108 2.07 10.46 -15.76
N TYR B 109 2.99 10.02 -16.61
CA TYR B 109 3.45 8.63 -16.59
C TYR B 109 4.94 8.65 -16.90
N ASP B 110 5.76 8.59 -15.84
CA ASP B 110 7.20 8.68 -15.96
C ASP B 110 7.85 7.36 -15.58
N ILE B 111 8.85 6.95 -16.34
CA ILE B 111 9.69 5.81 -16.01
C ILE B 111 11.14 6.28 -16.00
N ASP B 112 11.80 6.16 -14.85
CA ASP B 112 13.23 6.43 -14.74
C ASP B 112 13.98 5.18 -15.18
N MET B 113 14.58 5.22 -16.38
CA MET B 113 15.26 4.06 -16.93
C MET B 113 16.59 3.76 -16.24
N THR B 114 17.13 4.67 -15.45
CA THR B 114 18.33 4.38 -14.68
C THR B 114 18.03 3.81 -13.31
N LYS B 115 16.76 3.74 -12.93
CA LYS B 115 16.33 2.96 -11.77
C LYS B 115 15.74 1.63 -12.15
N CYS B 116 15.17 1.53 -13.35
CA CYS B 116 14.51 0.31 -13.80
C CYS B 116 15.47 -0.86 -13.86
N ILE B 117 14.98 -2.04 -13.45
CA ILE B 117 15.77 -3.27 -13.54
C ILE B 117 15.33 -4.16 -14.70
N TYR B 118 14.34 -3.73 -15.48
CA TYR B 118 13.90 -4.44 -16.68
C TYR B 118 13.45 -5.87 -16.35
N CYS B 119 12.72 -6.00 -15.25
CA CYS B 119 12.18 -7.28 -14.80
C CYS B 119 10.88 -7.66 -15.52
N GLY B 120 10.17 -6.68 -16.07
CA GLY B 120 8.91 -6.95 -16.74
C GLY B 120 7.73 -7.18 -15.84
N PHE B 121 7.83 -6.83 -14.54
CA PHE B 121 6.71 -7.02 -13.64
C PHE B 121 5.55 -6.10 -13.98
N CYS B 122 5.85 -4.91 -14.52
CA CYS B 122 4.81 -3.95 -14.86
C CYS B 122 3.90 -4.46 -15.96
N GLN B 123 4.46 -5.07 -17.00
CA GLN B 123 3.64 -5.55 -18.10
C GLN B 123 2.80 -6.76 -17.71
N GLU B 124 3.25 -7.56 -16.75
CA GLU B 124 2.46 -8.68 -16.28
C GLU B 124 1.45 -8.26 -15.22
N ALA B 125 1.66 -7.12 -14.57
CA ALA B 125 0.66 -6.56 -13.67
C ALA B 125 -0.43 -5.80 -14.42
N CYS B 126 -0.15 -5.30 -15.61
CA CYS B 126 -1.12 -4.49 -16.33
C CYS B 126 -2.34 -5.31 -16.73
N PRO B 127 -3.55 -4.83 -16.46
CA PRO B 127 -4.75 -5.59 -16.84
C PRO B 127 -5.25 -5.33 -18.25
N VAL B 128 -4.67 -4.38 -18.98
CA VAL B 128 -5.18 -3.99 -20.29
C VAL B 128 -4.07 -3.96 -21.32
N ASP B 129 -2.91 -4.54 -20.99
CA ASP B 129 -1.74 -4.58 -21.87
C ASP B 129 -1.31 -3.18 -22.30
N ALA B 130 -1.31 -2.22 -21.37
CA ALA B 130 -0.97 -0.85 -21.71
C ALA B 130 0.55 -0.65 -21.74
N ILE B 131 1.22 -0.89 -20.62
CA ILE B 131 2.67 -0.79 -20.56
C ILE B 131 3.27 -2.13 -20.96
N VAL B 132 4.20 -2.10 -21.90
CA VAL B 132 4.90 -3.31 -22.32
C VAL B 132 6.39 -3.04 -22.37
N GLU B 133 7.16 -4.11 -22.38
CA GLU B 133 8.61 -4.05 -22.62
C GLU B 133 8.82 -4.50 -24.05
N GLY B 134 9.32 -3.59 -24.88
CA GLY B 134 9.44 -3.84 -26.30
C GLY B 134 10.67 -4.64 -26.66
N PRO B 135 10.93 -4.78 -27.96
CA PRO B 135 12.07 -5.58 -28.42
C PRO B 135 13.35 -4.77 -28.59
N ASN B 136 13.28 -3.44 -28.56
CA ASN B 136 14.44 -2.61 -28.83
C ASN B 136 15.40 -2.63 -27.65
N PHE B 137 16.69 -2.80 -27.94
CA PHE B 137 17.74 -2.72 -26.94
C PHE B 137 18.86 -1.76 -27.31
N GLU B 138 18.84 -1.17 -28.50
CA GLU B 138 19.86 -0.23 -28.92
C GLU B 138 19.36 1.21 -28.75
N PHE B 139 19.34 1.66 -27.51
CA PHE B 139 18.92 3.02 -27.18
C PHE B 139 19.86 3.63 -26.14
N SER B 140 21.15 3.49 -26.37
CA SER B 140 22.15 4.15 -25.55
C SER B 140 22.11 5.66 -25.76
N THR B 141 22.58 6.40 -24.77
CA THR B 141 22.40 7.84 -24.72
C THR B 141 23.70 8.50 -24.27
N GLU B 142 23.90 9.75 -24.68
CA GLU B 142 25.07 10.51 -24.29
C GLU B 142 24.86 11.34 -23.02
N THR B 143 23.65 11.41 -22.48
CA THR B 143 23.40 12.14 -21.25
C THR B 143 22.47 11.33 -20.35
N HIS B 144 22.51 11.64 -19.06
CA HIS B 144 21.64 10.96 -18.11
C HIS B 144 20.20 11.43 -18.24
N GLU B 145 19.99 12.67 -18.68
CA GLU B 145 18.64 13.24 -18.72
C GLU B 145 17.74 12.54 -19.72
N GLU B 146 18.26 12.15 -20.89
CA GLU B 146 17.41 11.54 -21.90
C GLU B 146 16.92 10.14 -21.52
N LEU B 147 17.41 9.58 -20.42
CA LEU B 147 16.95 8.28 -19.94
C LEU B 147 15.85 8.40 -18.90
N LEU B 148 15.30 9.60 -18.70
CA LEU B 148 14.18 9.80 -17.79
C LEU B 148 12.95 10.05 -18.67
N TYR B 149 12.19 8.98 -18.90
CA TYR B 149 11.11 9.02 -19.88
C TYR B 149 9.83 9.60 -19.27
N ASN B 150 9.20 10.50 -20.01
CA ASN B 150 7.87 10.98 -19.65
C ASN B 150 6.83 10.33 -20.56
N LYS B 151 5.56 10.72 -20.38
CA LYS B 151 4.48 10.05 -21.09
C LYS B 151 4.58 10.21 -22.60
N GLU B 152 4.99 11.40 -23.06
CA GLU B 152 5.11 11.64 -24.50
C GLU B 152 6.13 10.70 -25.12
N LYS B 153 7.27 10.51 -24.45
CA LYS B 153 8.29 9.61 -24.97
C LYS B 153 7.79 8.17 -25.04
N LEU B 154 7.04 7.72 -24.04
CA LEU B 154 6.58 6.34 -24.03
C LEU B 154 5.47 6.11 -25.06
N LEU B 155 4.59 7.10 -25.25
CA LEU B 155 3.60 7.01 -26.31
C LEU B 155 4.26 7.02 -27.68
N ASN B 156 5.33 7.82 -27.84
CA ASN B 156 6.05 7.84 -29.11
C ASN B 156 6.75 6.50 -29.36
N ASN B 157 7.29 5.89 -28.31
CA ASN B 157 7.88 4.56 -28.44
C ASN B 157 6.84 3.53 -28.86
N GLY B 158 5.65 3.61 -28.28
CA GLY B 158 4.58 2.70 -28.69
C GLY B 158 4.21 2.88 -30.15
N ASP B 159 4.04 4.13 -30.57
CA ASP B 159 3.70 4.39 -31.97
C ASP B 159 4.84 4.00 -32.91
N LYS B 160 6.07 4.03 -32.41
CA LYS B 160 7.24 3.63 -33.18
C LYS B 160 7.31 2.12 -33.36
N TRP B 161 7.03 1.35 -32.30
CA TRP B 161 7.32 -0.09 -32.29
C TRP B 161 6.08 -0.97 -32.31
N GLU B 162 4.89 -0.40 -32.51
CA GLU B 162 3.64 -1.17 -32.35
C GLU B 162 3.59 -2.40 -33.24
N ALA B 163 4.13 -2.33 -34.46
CA ALA B 163 4.04 -3.48 -35.36
C ALA B 163 4.74 -4.69 -34.76
N GLU B 164 6.01 -4.52 -34.37
CA GLU B 164 6.75 -5.62 -33.76
C GLU B 164 6.17 -6.01 -32.42
N ILE B 165 5.72 -5.03 -31.64
CA ILE B 165 5.15 -5.34 -30.32
C ILE B 165 3.91 -6.20 -30.46
N ALA B 166 3.02 -5.85 -31.40
CA ALA B 166 1.81 -6.61 -31.62
C ALA B 166 2.12 -8.01 -32.13
N ALA B 167 3.09 -8.14 -33.04
CA ALA B 167 3.45 -9.48 -33.51
C ALA B 167 4.00 -10.34 -32.37
N ASN B 168 4.86 -9.76 -31.52
CA ASN B 168 5.42 -10.51 -30.41
C ASN B 168 4.35 -10.93 -29.40
N ILE B 169 3.43 -10.01 -29.09
CA ILE B 169 2.36 -10.34 -28.15
C ILE B 169 1.45 -11.41 -28.74
N GLN B 170 1.19 -11.35 -30.05
CA GLN B 170 0.41 -12.41 -30.67
C GLN B 170 1.14 -13.75 -30.59
N ALA B 171 2.47 -13.72 -30.72
CA ALA B 171 3.23 -14.97 -30.65
C ALA B 171 3.22 -15.56 -29.24
N ASP B 172 3.20 -14.71 -28.20
CA ASP B 172 3.44 -15.21 -26.85
C ASP B 172 2.25 -15.15 -25.89
N TYR B 173 1.10 -14.59 -26.29
CA TYR B 173 0.04 -14.37 -25.30
C TYR B 173 -0.63 -15.66 -24.84
N LEU B 174 -0.55 -16.74 -25.62
CA LEU B 174 -1.16 -17.99 -25.20
C LEU B 174 -0.39 -18.67 -24.08
N TYR B 175 0.81 -18.21 -23.76
CA TYR B 175 1.55 -18.66 -22.59
C TYR B 175 1.28 -17.79 -21.36
N ARG B 176 0.54 -16.70 -21.51
CA ARG B 176 0.30 -15.78 -20.41
C ARG B 176 -1.13 -15.90 -19.89
N SER C 1 40.33 28.62 -47.20
CA SER C 1 41.66 28.49 -47.79
C SER C 1 42.29 27.16 -47.43
N ARG C 2 43.56 26.98 -47.85
CA ARG C 2 44.27 25.75 -47.57
C ARG C 2 44.49 25.53 -46.08
N GLY C 3 44.56 26.60 -45.29
CA GLY C 3 44.82 26.45 -43.87
C GLY C 3 43.74 25.68 -43.14
N GLU C 4 42.48 25.93 -43.47
CA GLU C 4 41.41 25.17 -42.83
C GLU C 4 41.28 23.77 -43.43
N TYR C 5 41.59 23.62 -44.73
CA TYR C 5 41.55 22.30 -45.34
C TYR C 5 42.54 21.34 -44.68
N VAL C 6 43.77 21.81 -44.45
CA VAL C 6 44.78 20.92 -43.91
C VAL C 6 44.44 20.53 -42.46
N VAL C 7 43.96 21.48 -41.66
CA VAL C 7 43.60 21.14 -40.29
C VAL C 7 42.40 20.21 -40.27
N ALA C 8 41.46 20.37 -41.21
CA ALA C 8 40.34 19.45 -41.28
C ALA C 8 40.81 18.04 -41.61
N LYS C 9 41.69 17.90 -42.60
CA LYS C 9 42.21 16.58 -42.95
C LYS C 9 42.98 15.95 -41.80
N LEU C 10 43.82 16.73 -41.13
CA LEU C 10 44.60 16.19 -40.01
C LEU C 10 43.69 15.80 -38.86
N ASP C 11 42.66 16.60 -38.59
CA ASP C 11 41.70 16.27 -37.56
C ASP C 11 40.98 14.96 -37.87
N ASP C 12 40.62 14.77 -39.14
CA ASP C 12 39.99 13.52 -39.54
C ASP C 12 40.93 12.34 -39.34
N LEU C 13 42.20 12.50 -39.70
CA LEU C 13 43.17 11.42 -39.52
C LEU C 13 43.34 11.07 -38.05
N VAL C 14 43.47 12.08 -37.19
CA VAL C 14 43.67 11.83 -35.77
C VAL C 14 42.43 11.19 -35.16
N ASN C 15 41.24 11.64 -35.56
CA ASN C 15 40.01 11.02 -35.07
C ASN C 15 39.92 9.57 -35.50
N TRP C 16 40.27 9.27 -36.76
CA TRP C 16 40.25 7.89 -37.23
C TRP C 16 41.20 7.02 -36.42
N ALA C 17 42.43 7.51 -36.18
CA ALA C 17 43.39 6.72 -35.43
C ALA C 17 42.93 6.51 -33.99
N ARG C 18 42.36 7.54 -33.37
CA ARG C 18 41.97 7.42 -31.97
C ARG C 18 40.77 6.51 -31.79
N ARG C 19 39.81 6.55 -32.72
CA ARG C 19 38.63 5.70 -32.58
C ARG C 19 38.83 4.31 -33.15
N SER C 20 39.88 4.09 -33.95
CA SER C 20 40.16 2.76 -34.47
C SER C 20 40.99 1.91 -33.53
N SER C 21 41.58 2.50 -32.49
CA SER C 21 42.26 1.74 -31.43
C SER C 21 41.81 2.31 -30.10
N LEU C 22 40.71 1.78 -29.57
CA LEU C 22 40.18 2.18 -28.28
C LEU C 22 40.56 1.11 -27.26
N TRP C 23 41.42 1.48 -26.32
CA TRP C 23 41.90 0.54 -25.31
C TRP C 23 41.15 0.79 -24.00
N PRO C 24 40.23 -0.09 -23.61
CA PRO C 24 39.46 0.14 -22.38
C PRO C 24 40.06 -0.55 -21.17
N MET C 25 39.89 0.11 -20.03
CA MET C 25 40.03 -0.54 -18.73
C MET C 25 38.63 -0.72 -18.15
N THR C 26 38.32 -1.95 -17.75
CA THR C 26 36.99 -2.30 -17.29
C THR C 26 36.97 -2.38 -15.77
N PHE C 27 36.17 -1.53 -15.15
CA PHE C 27 35.90 -1.63 -13.71
C PHE C 27 34.76 -2.63 -13.53
N GLY C 28 35.13 -3.89 -13.35
CA GLY C 28 34.16 -4.97 -13.21
C GLY C 28 33.59 -5.09 -11.82
N LEU C 29 32.65 -4.21 -11.48
CA LEU C 29 32.17 -4.12 -10.10
C LEU C 29 31.18 -5.24 -9.78
N ALA C 30 30.23 -5.51 -10.67
CA ALA C 30 29.16 -6.44 -10.37
C ALA C 30 28.74 -7.13 -11.66
N CYS C 31 27.53 -7.69 -11.67
CA CYS C 31 27.04 -8.55 -12.74
C CYS C 31 27.08 -7.98 -14.15
N CYS C 32 27.23 -6.67 -14.31
CA CYS C 32 27.43 -6.13 -15.65
C CYS C 32 28.77 -6.54 -16.25
N ALA C 33 29.75 -6.87 -15.40
CA ALA C 33 31.04 -7.34 -15.89
C ALA C 33 30.92 -8.67 -16.61
N VAL C 34 29.91 -9.48 -16.30
CA VAL C 34 29.71 -10.73 -17.00
C VAL C 34 29.33 -10.47 -18.46
N GLU C 35 28.40 -9.54 -18.70
CA GLU C 35 28.09 -9.18 -20.07
C GLU C 35 29.27 -8.48 -20.74
N MET C 36 30.08 -7.76 -19.97
CA MET C 36 31.32 -7.22 -20.53
C MET C 36 32.22 -8.34 -21.04
N MET C 37 32.38 -9.41 -20.26
CA MET C 37 33.16 -10.57 -20.69
C MET C 37 32.53 -11.27 -21.89
N HIS C 38 31.20 -11.32 -21.93
CA HIS C 38 30.52 -11.93 -23.07
C HIS C 38 30.71 -11.11 -24.34
N MET C 39 30.92 -9.79 -24.21
CA MET C 39 31.23 -8.98 -25.38
C MET C 39 32.62 -9.28 -25.93
N ALA C 40 33.56 -9.72 -25.09
CA ALA C 40 34.88 -10.14 -25.54
C ALA C 40 34.90 -11.59 -26.01
N ALA C 41 33.85 -12.35 -25.74
CA ALA C 41 33.75 -13.74 -26.12
C ALA C 41 33.65 -13.86 -27.63
N PRO C 42 33.89 -15.06 -28.20
CA PRO C 42 34.04 -15.16 -29.66
C PRO C 42 32.85 -14.68 -30.48
N ARG C 43 31.62 -14.76 -29.96
CA ARG C 43 30.47 -14.38 -30.77
C ARG C 43 30.55 -12.91 -31.19
N TYR C 44 30.95 -12.03 -30.29
CA TYR C 44 31.00 -10.60 -30.59
C TYR C 44 32.40 -10.10 -30.89
N ASP C 45 33.42 -10.61 -30.19
CA ASP C 45 34.82 -10.35 -30.53
C ASP C 45 35.12 -8.85 -30.65
N MET C 46 35.05 -8.17 -29.51
CA MET C 46 35.37 -6.75 -29.50
C MET C 46 36.78 -6.49 -30.05
N ASP C 47 37.69 -7.46 -29.89
CA ASP C 47 39.05 -7.30 -30.36
C ASP C 47 39.11 -7.08 -31.87
N ARG C 48 38.12 -7.57 -32.61
CA ARG C 48 38.11 -7.36 -34.05
C ARG C 48 37.84 -5.91 -34.44
N PHE C 49 37.31 -5.10 -33.53
CA PHE C 49 37.10 -3.68 -33.79
C PHE C 49 38.32 -2.83 -33.45
N GLY C 50 39.39 -3.43 -32.96
CA GLY C 50 40.50 -2.69 -32.42
C GLY C 50 40.42 -2.42 -30.94
N VAL C 51 39.42 -2.98 -30.26
CA VAL C 51 39.20 -2.77 -28.83
C VAL C 51 39.85 -3.93 -28.08
N VAL C 52 41.03 -3.69 -27.51
CA VAL C 52 41.75 -4.75 -26.84
C VAL C 52 41.04 -5.15 -25.56
N PHE C 53 41.32 -6.37 -25.09
CA PHE C 53 40.69 -6.91 -23.90
C PHE C 53 41.61 -6.64 -22.70
N ARG C 54 41.07 -5.92 -21.71
CA ARG C 54 41.78 -5.65 -20.45
C ARG C 54 43.10 -4.90 -20.68
N ALA C 55 42.98 -3.66 -21.13
CA ALA C 55 44.13 -2.77 -21.23
C ALA C 55 44.56 -2.29 -19.85
N SER C 56 45.85 -1.96 -19.74
CA SER C 56 46.40 -1.46 -18.49
C SER C 56 45.88 -0.06 -18.19
N PRO C 57 45.69 0.29 -16.92
CA PRO C 57 45.16 1.62 -16.57
C PRO C 57 46.03 2.77 -17.02
N ARG C 58 47.33 2.56 -17.21
CA ARG C 58 48.22 3.65 -17.59
C ARG C 58 48.24 3.87 -19.10
N GLN C 59 47.62 2.98 -19.87
CA GLN C 59 47.60 3.06 -21.32
C GLN C 59 46.19 2.85 -21.85
N SER C 60 45.19 3.17 -21.05
CA SER C 60 43.80 2.99 -21.43
C SER C 60 43.23 4.29 -21.95
N ASP C 61 42.29 4.18 -22.88
CA ASP C 61 41.65 5.35 -23.47
C ASP C 61 40.23 5.56 -22.96
N VAL C 62 39.55 4.52 -22.54
CA VAL C 62 38.17 4.61 -22.08
C VAL C 62 37.99 3.78 -20.83
N MET C 63 37.28 4.34 -19.85
CA MET C 63 36.92 3.63 -18.62
C MET C 63 35.47 3.17 -18.74
N ILE C 64 35.25 1.87 -18.53
CA ILE C 64 33.91 1.29 -18.54
C ILE C 64 33.55 0.94 -17.09
N VAL C 65 32.57 1.65 -16.54
CA VAL C 65 32.04 1.36 -15.22
C VAL C 65 30.89 0.39 -15.40
N ALA C 66 31.09 -0.85 -14.97
CA ALA C 66 30.15 -1.95 -15.18
C ALA C 66 29.81 -2.56 -13.82
N GLY C 67 28.80 -2.01 -13.16
CA GLY C 67 28.38 -2.52 -11.87
C GLY C 67 28.07 -1.46 -10.85
N THR C 68 27.58 -1.88 -9.69
CA THR C 68 27.20 -0.95 -8.64
C THR C 68 28.44 -0.27 -8.06
N LEU C 69 28.35 1.05 -7.87
CA LEU C 69 29.41 1.81 -7.22
C LEU C 69 28.97 2.15 -5.80
N THR C 70 29.67 1.61 -4.82
CA THR C 70 29.38 1.89 -3.43
C THR C 70 30.15 3.12 -2.96
N ASN C 71 29.76 3.62 -1.79
CA ASN C 71 30.47 4.74 -1.18
C ASN C 71 31.91 4.36 -0.84
N LYS C 72 32.11 3.14 -0.37
CA LYS C 72 33.44 2.64 -0.06
C LYS C 72 34.34 2.56 -1.29
N MET C 73 33.75 2.38 -2.47
CA MET C 73 34.49 2.17 -3.70
C MET C 73 34.77 3.46 -4.48
N ALA C 74 33.97 4.50 -4.28
CA ALA C 74 34.08 5.70 -5.11
C ALA C 74 35.46 6.37 -5.08
N PRO C 75 36.13 6.54 -3.93
CA PRO C 75 37.47 7.15 -3.98
C PRO C 75 38.45 6.41 -4.87
N ALA C 76 38.40 5.07 -4.87
CA ALA C 76 39.30 4.30 -5.71
C ALA C 76 39.00 4.54 -7.20
N LEU C 77 37.72 4.60 -7.56
CA LEU C 77 37.37 4.86 -8.95
C LEU C 77 37.82 6.25 -9.39
N ARG C 78 37.65 7.25 -8.51
CA ARG C 78 38.15 8.59 -8.84
C ARG C 78 39.66 8.58 -8.99
N LYS C 79 40.37 7.87 -8.11
CA LYS C 79 41.83 7.79 -8.21
C LYS C 79 42.26 7.15 -9.51
N VAL C 80 41.58 6.08 -9.93
CA VAL C 80 41.95 5.42 -11.17
C VAL C 80 41.65 6.31 -12.37
N TYR C 81 40.53 7.03 -12.33
CA TYR C 81 40.19 7.96 -13.40
C TYR C 81 41.23 9.07 -13.52
N ASP C 82 41.71 9.58 -12.38
CA ASP C 82 42.64 10.70 -12.42
C ASP C 82 44.01 10.33 -12.96
N GLN C 83 44.33 9.04 -12.83
CA GLN C 83 45.57 8.45 -13.35
C GLN C 83 45.65 8.39 -14.88
N MET C 84 44.50 8.18 -15.52
CA MET C 84 44.44 8.03 -16.98
C MET C 84 44.90 9.24 -17.78
N PRO C 85 45.70 8.99 -18.83
CA PRO C 85 46.22 9.98 -19.76
C PRO C 85 45.15 10.43 -20.75
N GLU C 86 45.14 11.71 -21.10
CA GLU C 86 44.19 12.24 -22.06
C GLU C 86 44.55 11.83 -23.49
N PRO C 87 43.57 11.78 -24.40
CA PRO C 87 42.12 11.83 -24.16
C PRO C 87 41.57 10.59 -23.46
N ARG C 88 40.61 10.79 -22.57
CA ARG C 88 39.99 9.70 -21.82
C ARG C 88 38.48 9.81 -21.90
N TYR C 89 37.82 8.66 -22.01
CA TYR C 89 36.36 8.64 -22.09
C TYR C 89 35.79 7.66 -21.07
N VAL C 90 34.61 7.97 -20.54
CA VAL C 90 33.98 7.11 -19.55
C VAL C 90 32.67 6.61 -20.12
N VAL C 91 32.44 5.31 -20.02
CA VAL C 91 31.20 4.69 -20.44
C VAL C 91 30.52 4.11 -19.19
N SER C 92 29.29 4.52 -18.94
CA SER C 92 28.51 4.01 -17.83
C SER C 92 27.59 2.91 -18.34
N MET C 93 27.71 1.72 -17.78
CA MET C 93 26.98 0.55 -18.25
C MET C 93 26.13 -0.03 -17.12
N GLY C 94 24.83 -0.10 -17.34
CA GLY C 94 23.91 -0.69 -16.39
C GLY C 94 23.19 0.34 -15.53
N SER C 95 22.07 -0.09 -14.97
CA SER C 95 21.23 0.79 -14.16
C SER C 95 21.95 1.29 -12.91
N CYS C 96 22.69 0.39 -12.23
CA CYS C 96 23.38 0.79 -11.01
C CYS C 96 24.36 1.92 -11.26
N ALA C 97 25.19 1.79 -12.30
CA ALA C 97 26.13 2.84 -12.64
C ALA C 97 25.43 4.08 -13.22
N ASN C 98 24.33 3.88 -13.94
CA ASN C 98 23.66 4.99 -14.59
C ASN C 98 22.99 5.92 -13.58
N GLY C 99 22.20 5.36 -12.66
CA GLY C 99 21.54 6.19 -11.68
C GLY C 99 21.34 5.57 -10.31
N GLY C 100 21.97 4.44 -10.05
CA GLY C 100 21.75 3.69 -8.82
C GLY C 100 20.95 2.41 -9.00
N GLY C 101 19.98 2.41 -9.93
CA GLY C 101 19.25 1.20 -10.24
C GLY C 101 18.41 0.67 -9.09
N TYR C 102 18.49 -0.64 -8.88
CA TYR C 102 17.76 -1.36 -7.84
C TYR C 102 18.17 -0.92 -6.44
N TYR C 103 19.36 -0.33 -6.29
CA TYR C 103 19.92 0.04 -5.01
C TYR C 103 19.95 1.56 -4.85
N HIS C 104 19.07 2.24 -5.58
CA HIS C 104 19.05 3.70 -5.60
C HIS C 104 18.81 4.28 -4.21
N TYR C 105 17.86 3.73 -3.48
CA TYR C 105 17.52 4.22 -2.14
C TYR C 105 18.28 3.48 -1.04
N SER C 106 19.59 3.36 -1.19
CA SER C 106 20.41 2.65 -0.22
C SER C 106 21.39 3.62 0.44
N TYR C 107 21.66 3.38 1.72
CA TYR C 107 22.57 4.18 2.52
C TYR C 107 24.03 4.08 2.07
N SER C 108 24.39 3.05 1.30
CA SER C 108 25.79 2.78 1.00
C SER C 108 26.10 2.80 -0.50
N VAL C 109 25.20 3.31 -1.33
CA VAL C 109 25.35 3.26 -2.78
C VAL C 109 25.43 4.68 -3.32
N VAL C 110 26.36 4.91 -4.24
CA VAL C 110 26.42 6.16 -4.98
C VAL C 110 25.33 6.14 -6.05
N ARG C 111 24.50 7.17 -6.08
CA ARG C 111 23.34 7.20 -6.97
C ARG C 111 23.77 7.65 -8.37
N GLY C 112 24.56 6.81 -9.01
CA GLY C 112 25.06 7.08 -10.35
C GLY C 112 26.51 7.51 -10.37
N CYS C 113 27.31 6.88 -11.23
CA CYS C 113 28.74 7.16 -11.29
C CYS C 113 29.06 8.54 -11.85
N ASP C 114 28.06 9.25 -12.39
CA ASP C 114 28.29 10.60 -12.88
C ASP C 114 28.36 11.64 -11.75
N ARG C 115 28.07 11.25 -10.50
CA ARG C 115 28.43 12.09 -9.36
C ARG C 115 29.92 12.12 -9.12
N ILE C 116 30.66 11.15 -9.65
CA ILE C 116 32.07 10.96 -9.35
C ILE C 116 32.95 11.33 -10.54
N VAL C 117 32.56 10.90 -11.73
CA VAL C 117 33.33 11.16 -12.94
C VAL C 117 32.39 11.66 -14.03
N PRO C 118 32.86 12.44 -15.00
CA PRO C 118 32.01 12.77 -16.15
C PRO C 118 31.85 11.58 -17.08
N VAL C 119 30.64 11.42 -17.59
CA VAL C 119 30.26 10.24 -18.36
C VAL C 119 29.97 10.66 -19.81
N ASP C 120 30.51 9.89 -20.75
CA ASP C 120 30.30 10.12 -22.17
C ASP C 120 29.12 9.33 -22.73
N ILE C 121 29.00 8.05 -22.41
CA ILE C 121 27.95 7.19 -22.93
C ILE C 121 27.25 6.50 -21.77
N TYR C 122 25.92 6.52 -21.78
CA TYR C 122 25.10 5.77 -20.83
C TYR C 122 24.47 4.60 -21.57
N VAL C 123 24.72 3.40 -21.10
CA VAL C 123 24.18 2.18 -21.69
C VAL C 123 23.09 1.64 -20.76
N PRO C 124 21.82 1.66 -21.17
CA PRO C 124 20.76 1.19 -20.28
C PRO C 124 20.62 -0.32 -20.29
N GLY C 125 19.99 -0.83 -19.23
CA GLY C 125 19.77 -2.25 -19.09
C GLY C 125 20.20 -2.79 -17.74
N CYS C 126 19.63 -3.91 -17.30
CA CYS C 126 19.96 -4.51 -16.01
C CYS C 126 20.07 -6.02 -16.15
N PRO C 127 21.15 -6.50 -16.80
CA PRO C 127 22.22 -5.77 -17.47
C PRO C 127 21.88 -5.46 -18.91
N PRO C 128 22.57 -4.53 -19.54
CA PRO C 128 22.54 -4.47 -21.00
C PRO C 128 23.11 -5.77 -21.56
N THR C 129 22.56 -6.21 -22.67
CA THR C 129 23.16 -7.36 -23.35
C THR C 129 24.51 -6.96 -23.91
N ALA C 130 25.34 -7.97 -24.20
CA ALA C 130 26.63 -7.70 -24.81
C ALA C 130 26.48 -6.93 -26.11
N GLU C 131 25.41 -7.19 -26.85
CA GLU C 131 25.14 -6.46 -28.09
C GLU C 131 24.83 -4.99 -27.81
N ALA C 132 24.09 -4.70 -26.73
CA ALA C 132 23.81 -3.32 -26.36
C ALA C 132 25.08 -2.58 -25.97
N LEU C 133 25.98 -3.24 -25.24
CA LEU C 133 27.26 -2.61 -24.89
C LEU C 133 28.10 -2.37 -26.14
N LEU C 134 28.08 -3.32 -27.09
CA LEU C 134 28.79 -3.10 -28.36
C LEU C 134 28.21 -1.91 -29.12
N TYR C 135 26.88 -1.76 -29.08
CA TYR C 135 26.24 -0.60 -29.68
C TYR C 135 26.72 0.69 -29.01
N GLY C 136 26.83 0.68 -27.68
CA GLY C 136 27.34 1.85 -26.98
C GLY C 136 28.78 2.18 -27.35
N ILE C 137 29.62 1.16 -27.50
CA ILE C 137 31.00 1.37 -27.90
C ILE C 137 31.08 1.98 -29.30
N LEU C 138 30.28 1.46 -30.23
CA LEU C 138 30.25 2.03 -31.57
C LEU C 138 29.72 3.46 -31.58
N GLN C 139 28.77 3.75 -30.69
CA GLN C 139 28.28 5.12 -30.53
C GLN C 139 29.38 6.05 -30.02
N LEU C 140 30.20 5.56 -29.09
CA LEU C 140 31.35 6.34 -28.64
C LEU C 140 32.33 6.58 -29.78
N GLN C 141 32.51 5.58 -30.64
CA GLN C 141 33.38 5.75 -31.81
C GLN C 141 32.85 6.85 -32.72
N ARG C 142 31.54 6.84 -32.98
CA ARG C 142 30.95 7.88 -33.83
C ARG C 142 31.06 9.25 -33.18
N LYS C 143 30.89 9.31 -31.85
CA LYS C 143 31.06 10.58 -31.14
C LYS C 143 32.48 11.11 -31.26
N ILE C 144 33.48 10.23 -31.13
CA ILE C 144 34.86 10.64 -31.31
C ILE C 144 35.08 11.13 -32.73
N LYS C 145 34.46 10.47 -33.71
CA LYS C 145 34.55 10.93 -35.09
C LYS C 145 33.96 12.32 -35.25
N ARG C 146 32.92 12.66 -34.48
CA ARG C 146 32.27 13.95 -34.60
C ARG C 146 33.12 15.12 -34.12
N GLU C 147 34.15 14.87 -33.30
CA GLU C 147 34.82 15.97 -32.62
C GLU C 147 35.81 16.66 -33.55
N LYS C 148 36.21 17.88 -33.15
CA LYS C 148 37.07 18.70 -33.99
C LYS C 148 37.97 19.53 -33.08
N ARG C 149 39.18 19.03 -32.82
CA ARG C 149 40.12 19.73 -31.96
C ARG C 149 41.03 20.69 -32.72
N LEU C 150 41.45 20.33 -33.93
CA LEU C 150 42.33 21.22 -34.69
C LEU C 150 41.55 22.36 -35.32
N ARG C 151 40.30 22.13 -35.72
CA ARG C 151 39.48 23.22 -36.28
C ARG C 151 39.17 24.28 -35.22
N ILE C 152 38.87 23.85 -33.99
CA ILE C 152 38.66 24.81 -32.92
C ILE C 152 39.94 25.58 -32.62
N TRP C 153 41.07 24.88 -32.59
CA TRP C 153 42.35 25.55 -32.37
C TRP C 153 42.66 26.57 -33.44
N TYR C 154 42.43 26.24 -34.71
CA TYR C 154 42.66 27.19 -35.79
C TYR C 154 41.75 28.41 -35.67
N ARG C 155 40.48 28.21 -35.35
CA ARG C 155 39.52 29.30 -35.21
C ARG C 155 39.76 30.15 -33.98
N ARG C 156 40.43 29.63 -32.96
CA ARG C 156 40.63 30.35 -31.72
C ARG C 156 41.89 31.20 -31.78
N GLY D 1 19.89 -0.68 43.11
CA GLY D 1 19.46 -1.80 42.30
C GLY D 1 19.96 -1.72 40.87
N THR D 2 19.26 -2.42 39.97
CA THR D 2 19.56 -2.43 38.54
C THR D 2 21.01 -2.87 38.28
N SER D 3 21.27 -4.12 38.63
CA SER D 3 22.58 -4.72 38.41
C SER D 3 22.76 -5.04 36.93
N VAL D 4 23.88 -4.63 36.36
CA VAL D 4 24.17 -4.82 34.95
C VAL D 4 25.57 -5.38 34.78
N LYS D 5 25.77 -6.12 33.69
CA LYS D 5 27.04 -6.75 33.36
C LYS D 5 28.01 -5.72 32.80
N PRO D 6 29.25 -5.69 33.29
CA PRO D 6 30.22 -4.71 32.78
C PRO D 6 30.68 -5.05 31.37
N ILE D 7 31.18 -4.03 30.68
CA ILE D 7 31.88 -4.24 29.42
C ILE D 7 33.37 -4.32 29.73
N PHE D 8 33.93 -3.25 30.28
CA PHE D 8 35.33 -3.24 30.69
C PHE D 8 35.54 -2.62 32.07
N SER D 9 34.69 -1.68 32.47
CA SER D 9 34.95 -0.84 33.63
C SER D 9 33.89 -1.06 34.70
N ARG D 10 34.34 -1.19 35.94
CA ARG D 10 33.44 -1.40 37.07
C ARG D 10 32.79 -0.10 37.54
N ASP D 11 33.41 1.04 37.26
CA ASP D 11 32.90 2.32 37.71
C ASP D 11 33.40 3.42 36.78
N MET D 12 33.22 4.67 37.19
CA MET D 12 33.54 5.81 36.33
C MET D 12 35.05 6.05 36.21
N ASN D 13 35.81 5.72 37.26
CA ASN D 13 37.23 6.04 37.26
C ASN D 13 38.00 5.21 36.24
N GLU D 14 37.70 3.92 36.16
CA GLU D 14 38.35 3.07 35.16
C GLU D 14 38.02 3.53 33.75
N ALA D 15 36.77 3.93 33.52
CA ALA D 15 36.37 4.47 32.23
C ALA D 15 37.14 5.74 31.90
N LYS D 16 37.30 6.63 32.89
CA LYS D 16 38.07 7.86 32.66
C LYS D 16 39.52 7.55 32.32
N ARG D 17 40.10 6.55 32.99
CA ARG D 17 41.47 6.16 32.69
C ARG D 17 41.61 5.64 31.26
N ARG D 18 40.64 4.82 30.81
CA ARG D 18 40.66 4.36 29.43
C ARG D 18 40.50 5.51 28.45
N VAL D 19 39.64 6.48 28.78
CA VAL D 19 39.47 7.66 27.94
C VAL D 19 40.79 8.43 27.82
N ARG D 20 41.50 8.59 28.94
CA ARG D 20 42.77 9.31 28.90
C ARG D 20 43.81 8.57 28.07
N GLU D 21 43.84 7.23 28.17
CA GLU D 21 44.77 6.46 27.34
C GLU D 21 44.47 6.65 25.85
N LEU D 22 43.19 6.58 25.47
CA LEU D 22 42.82 6.76 24.07
C LEU D 22 43.18 8.17 23.59
N TYR D 23 42.96 9.18 24.43
CA TYR D 23 43.29 10.54 24.05
C TYR D 23 44.79 10.71 23.86
N ARG D 24 45.59 10.11 24.74
CA ARG D 24 47.04 10.15 24.58
C ARG D 24 47.45 9.53 23.26
N ALA D 25 46.86 8.39 22.91
CA ALA D 25 47.23 7.72 21.66
C ALA D 25 46.87 8.58 20.44
N TRP D 26 45.67 9.18 20.45
CA TRP D 26 45.29 10.05 19.32
C TRP D 26 46.21 11.26 19.22
N TYR D 27 46.55 11.87 20.36
CA TYR D 27 47.41 13.05 20.36
C TYR D 27 48.80 12.71 19.82
N ARG D 28 49.33 11.55 20.20
CA ARG D 28 50.61 11.10 19.64
C ARG D 28 50.50 10.88 18.14
N GLU D 29 49.38 10.31 17.67
CA GLU D 29 49.27 9.93 16.27
C GLU D 29 49.06 11.12 15.33
N VAL D 30 48.46 12.22 15.81
CA VAL D 30 48.03 13.29 14.89
C VAL D 30 49.14 13.76 13.94
N PRO D 31 50.36 14.08 14.40
CA PRO D 31 51.39 14.53 13.44
C PRO D 31 51.72 13.51 12.37
N ASN D 32 51.75 12.22 12.73
CA ASN D 32 51.99 11.19 11.74
C ASN D 32 50.88 11.15 10.71
N THR D 33 49.63 11.32 11.16
CA THR D 33 48.51 11.36 10.22
C THR D 33 48.65 12.55 9.28
N VAL D 34 49.02 13.72 9.81
CA VAL D 34 49.15 14.91 8.98
C VAL D 34 50.24 14.71 7.93
N HIS D 35 51.39 14.15 8.33
CA HIS D 35 52.49 13.98 7.38
C HIS D 35 52.18 12.89 6.35
N LEU D 36 51.65 11.76 6.81
CA LEU D 36 51.57 10.57 5.96
C LEU D 36 50.47 10.70 4.92
N PHE D 37 49.36 11.34 5.27
CA PHE D 37 48.28 11.57 4.31
C PHE D 37 48.51 12.79 3.44
N GLN D 38 49.56 13.56 3.69
CA GLN D 38 49.82 14.81 2.98
C GLN D 38 48.64 15.77 3.09
N LEU D 39 48.13 15.92 4.31
CA LEU D 39 47.01 16.80 4.54
C LEU D 39 47.43 18.25 4.47
N ASP D 40 46.46 19.12 4.25
CA ASP D 40 46.67 20.55 4.15
C ASP D 40 46.38 21.29 5.45
N ILE D 41 46.14 20.57 6.52
CA ILE D 41 45.89 21.17 7.82
C ILE D 41 47.17 21.12 8.64
N SER D 42 47.20 21.90 9.71
CA SER D 42 48.32 21.88 10.63
C SER D 42 48.10 20.83 11.72
N VAL D 43 49.18 20.52 12.44
CA VAL D 43 49.08 19.62 13.57
C VAL D 43 48.21 20.22 14.67
N LYS D 44 48.28 21.55 14.82
CA LYS D 44 47.51 22.23 15.86
C LYS D 44 46.01 22.04 15.64
N GLN D 45 45.53 22.25 14.41
CA GLN D 45 44.10 22.12 14.17
C GLN D 45 43.66 20.66 14.14
N GLY D 46 44.56 19.75 13.77
CA GLY D 46 44.24 18.33 13.91
C GLY D 46 44.01 17.94 15.36
N ARG D 47 44.90 18.39 16.25
CA ARG D 47 44.72 18.11 17.67
C ARG D 47 43.51 18.84 18.23
N ASP D 48 43.21 20.03 17.73
CA ASP D 48 41.99 20.72 18.12
C ASP D 48 40.75 19.93 17.72
N LYS D 49 40.77 19.33 16.53
CA LYS D 49 39.64 18.52 16.09
C LYS D 49 39.50 17.28 16.95
N VAL D 50 40.62 16.65 17.32
CA VAL D 50 40.59 15.51 18.23
C VAL D 50 39.95 15.92 19.56
N ARG D 51 40.38 17.07 20.10
CA ARG D 51 39.82 17.55 21.36
C ARG D 51 38.33 17.82 21.25
N GLU D 52 37.91 18.42 20.13
CA GLU D 52 36.49 18.71 19.92
C GLU D 52 35.66 17.41 19.86
N MET D 53 36.18 16.40 19.16
CA MET D 53 35.45 15.14 19.06
C MET D 53 35.38 14.43 20.40
N PHE D 54 36.41 14.60 21.24
CA PHE D 54 36.33 14.07 22.60
C PHE D 54 35.31 14.83 23.44
N MET D 55 35.29 16.17 23.32
CA MET D 55 34.38 16.98 24.13
C MET D 55 32.93 16.84 23.69
N LYS D 56 32.68 16.35 22.47
CA LYS D 56 31.30 16.15 22.04
C LYS D 56 30.56 15.16 22.93
N ASN D 57 31.28 14.24 23.56
CA ASN D 57 30.66 13.18 24.38
C ASN D 57 30.93 13.38 25.87
N ALA D 58 31.28 14.60 26.28
CA ALA D 58 31.69 14.86 27.65
C ALA D 58 30.54 14.79 28.65
N HIS D 59 29.30 14.68 28.20
CA HIS D 59 28.14 14.67 29.07
C HIS D 59 27.71 13.28 29.51
N VAL D 60 28.43 12.24 29.09
CA VAL D 60 28.01 10.87 29.36
C VAL D 60 28.42 10.48 30.77
N THR D 61 27.47 9.90 31.52
CA THR D 61 27.68 9.53 32.92
C THR D 61 27.45 8.04 33.13
N ASP D 62 27.64 7.25 32.08
CA ASP D 62 27.40 5.81 32.17
C ASP D 62 28.63 5.07 31.70
N PRO D 63 29.27 4.27 32.56
CA PRO D 63 30.53 3.63 32.19
C PRO D 63 30.42 2.69 30.98
N ARG D 64 29.30 1.99 30.81
CA ARG D 64 29.14 1.12 29.65
C ARG D 64 29.15 1.93 28.36
N VAL D 65 28.42 3.05 28.33
CA VAL D 65 28.44 3.92 27.17
C VAL D 65 29.84 4.48 26.95
N VAL D 66 30.53 4.84 28.03
CA VAL D 66 31.84 5.46 27.90
C VAL D 66 32.84 4.48 27.28
N ASP D 67 32.87 3.24 27.76
CA ASP D 67 33.86 2.33 27.19
C ASP D 67 33.41 1.76 25.85
N LEU D 68 32.12 1.78 25.52
CA LEU D 68 31.73 1.52 24.14
C LEU D 68 32.24 2.62 23.21
N LEU D 69 32.14 3.88 23.67
CA LEU D 69 32.71 4.99 22.92
C LEU D 69 34.22 4.85 22.76
N VAL D 70 34.88 4.37 23.82
CA VAL D 70 36.33 4.17 23.75
C VAL D 70 36.67 3.05 22.76
N ILE D 71 35.87 1.99 22.75
CA ILE D 71 36.09 0.90 21.78
C ILE D 71 35.94 1.44 20.36
N LYS D 72 34.92 2.26 20.11
CA LYS D 72 34.74 2.83 18.79
C LYS D 72 35.89 3.77 18.42
N GLY D 73 36.36 4.57 19.38
CA GLY D 73 37.48 5.46 19.10
C GLY D 73 38.77 4.72 18.83
N LYS D 74 38.98 3.60 19.53
CA LYS D 74 40.14 2.75 19.26
C LYS D 74 40.03 2.12 17.87
N MET D 75 38.82 1.72 17.46
CA MET D 75 38.62 1.22 16.11
C MET D 75 38.97 2.28 15.08
N GLU D 76 38.54 3.51 15.31
CA GLU D 76 38.84 4.62 14.40
C GLU D 76 40.34 4.88 14.33
N LEU D 77 41.02 4.84 15.49
CA LEU D 77 42.46 5.04 15.52
C LEU D 77 43.20 3.94 14.78
N GLU D 78 42.75 2.70 14.95
CA GLU D 78 43.37 1.59 14.23
C GLU D 78 43.17 1.73 12.72
N GLU D 79 41.99 2.20 12.31
CA GLU D 79 41.75 2.46 10.90
C GLU D 79 42.69 3.54 10.37
N THR D 80 42.94 4.57 11.17
CA THR D 80 43.80 5.66 10.72
C THR D 80 45.26 5.24 10.66
N ILE D 81 45.75 4.52 11.68
CA ILE D 81 47.16 4.17 11.75
C ILE D 81 47.55 3.23 10.62
N ASN D 82 46.73 2.23 10.34
CA ASN D 82 47.03 1.25 9.31
C ASN D 82 46.81 1.78 7.90
N VAL D 83 46.47 3.06 7.75
CA VAL D 83 46.16 3.68 6.47
C VAL D 83 45.13 2.85 5.72
N TRP D 84 44.10 2.41 6.44
CA TRP D 84 42.95 1.81 5.77
C TRP D 84 42.01 2.88 5.24
N LYS D 85 41.94 4.03 5.93
CA LYS D 85 41.26 5.20 5.42
C LYS D 85 42.07 5.83 4.29
N GLN D 86 41.40 6.63 3.49
CA GLN D 86 42.03 7.49 2.50
C GLN D 86 42.05 8.92 3.02
N ARG D 87 42.58 9.83 2.20
CA ARG D 87 42.58 11.24 2.57
C ARG D 87 41.15 11.77 2.72
N THR D 88 40.22 11.27 1.90
CA THR D 88 38.84 11.72 1.97
C THR D 88 38.20 11.37 3.32
N HIS D 89 38.46 10.18 3.83
CA HIS D 89 37.91 9.79 5.13
C HIS D 89 38.44 10.69 6.25
N ILE D 90 39.75 10.99 6.22
CA ILE D 90 40.34 11.86 7.23
C ILE D 90 39.75 13.26 7.13
N MET D 91 39.60 13.76 5.91
CA MET D 91 39.10 15.12 5.71
C MET D 91 37.60 15.25 5.99
N ARG D 92 36.87 14.14 6.05
CA ARG D 92 35.45 14.23 6.35
C ARG D 92 35.16 14.79 7.75
N PHE D 93 36.15 14.79 8.65
CA PHE D 93 35.94 15.33 9.98
C PHE D 93 35.78 16.85 9.98
N PHE D 94 36.09 17.52 8.87
CA PHE D 94 36.16 18.98 8.86
C PHE D 94 35.06 19.66 8.06
N HIS D 95 34.34 18.94 7.20
CA HIS D 95 33.17 19.47 6.50
C HIS D 95 33.49 20.77 5.76
N GLU D 96 34.59 20.77 5.01
CA GLU D 96 35.05 22.00 4.38
C GLU D 96 34.20 22.42 3.19
N THR D 97 33.31 21.54 2.72
CA THR D 97 32.44 21.85 1.59
C THR D 97 31.04 22.24 2.03
N GLU D 98 30.61 21.81 3.20
CA GLU D 98 29.28 22.12 3.71
C GLU D 98 29.14 23.61 4.00
N ALA D 99 28.06 24.20 3.51
CA ALA D 99 27.80 25.62 3.73
C ALA D 99 27.44 25.85 5.20
N PRO D 100 27.86 27.01 5.74
CA PRO D 100 27.57 27.34 7.14
C PRO D 100 26.07 27.50 7.38
N ARG D 101 25.60 27.02 8.52
CA ARG D 101 24.19 27.12 8.87
C ARG D 101 24.01 28.07 10.04
N PRO D 102 23.22 29.13 9.85
CA PRO D 102 22.98 30.12 10.92
C PRO D 102 22.11 29.56 12.04
N THR D 103 22.48 29.85 13.28
CA THR D 103 21.71 29.39 14.43
C THR D 103 20.69 30.44 14.88
N ASP D 104 20.74 31.61 14.26
CA ASP D 104 19.83 32.70 14.59
C ASP D 104 18.39 32.41 14.19
N PHE D 105 17.45 32.90 15.00
CA PHE D 105 16.03 32.71 14.70
C PHE D 105 15.62 33.40 13.41
N LEU D 106 16.11 34.61 13.17
CA LEU D 106 15.74 35.34 11.96
C LEU D 106 16.24 34.67 10.70
N SER D 107 17.49 34.19 10.71
CA SER D 107 18.05 33.57 9.52
C SER D 107 17.30 32.29 9.16
N LYS D 108 17.00 31.47 10.16
CA LYS D 108 16.23 30.24 9.92
C LYS D 108 14.81 30.58 9.48
N PHE D 109 14.24 31.67 10.00
CA PHE D 109 12.96 32.16 9.49
C PHE D 109 13.07 32.50 8.00
N TYR D 110 14.13 33.18 7.61
CA TYR D 110 14.27 33.63 6.22
C TYR D 110 14.47 32.47 5.27
N VAL D 111 15.27 31.46 5.66
CA VAL D 111 15.64 30.43 4.70
C VAL D 111 14.49 29.47 4.43
N GLY D 112 13.73 29.10 5.44
CA GLY D 112 12.69 28.10 5.23
C GLY D 112 11.88 27.84 6.48
N HIS D 113 11.28 26.65 6.51
CA HIS D 113 10.37 26.24 7.57
C HIS D 113 11.03 25.40 8.64
N ASP D 114 12.32 25.10 8.51
CA ASP D 114 12.98 24.20 9.44
C ASP D 114 13.33 24.92 10.73
N PRO D 115 12.89 24.42 11.90
CA PRO D 115 13.30 25.01 13.18
C PRO D 115 14.75 24.71 13.52
N LEU E 1 3.06 50.90 36.27
CA LEU E 1 2.26 51.04 37.48
C LEU E 1 0.78 50.89 37.17
N GLY E 2 0.43 51.06 35.89
CA GLY E 2 -0.95 50.88 35.47
C GLY E 2 -1.31 49.43 35.32
N LEU E 3 -2.24 48.96 36.14
CA LEU E 3 -2.71 47.57 36.04
C LEU E 3 -3.61 47.43 34.81
N ARG E 4 -3.50 46.30 34.12
CA ARG E 4 -4.27 46.05 32.91
C ARG E 4 -5.23 44.88 33.06
N GLU E 5 -4.77 43.76 33.62
CA GLU E 5 -5.60 42.59 33.83
C GLU E 5 -4.95 41.75 34.91
N ILE E 6 -5.76 40.93 35.59
CA ILE E 6 -5.22 39.96 36.53
C ILE E 6 -5.78 38.60 36.18
N ARG E 7 -5.03 37.56 36.54
CA ARG E 7 -5.36 36.17 36.21
C ARG E 7 -5.23 35.32 37.46
N ILE E 8 -6.26 34.53 37.74
CA ILE E 8 -6.27 33.60 38.87
C ILE E 8 -6.37 32.19 38.31
N HIS E 9 -5.31 31.41 38.49
CA HIS E 9 -5.27 30.03 38.03
C HIS E 9 -5.44 29.12 39.24
N LEU E 10 -6.63 28.54 39.37
CA LEU E 10 -6.94 27.70 40.52
C LEU E 10 -7.30 26.30 40.03
N CYS E 11 -7.09 25.31 40.88
CA CYS E 11 -7.36 23.93 40.51
C CYS E 11 -8.69 23.48 41.09
N GLN E 12 -9.32 22.51 40.42
CA GLN E 12 -10.69 22.13 40.74
C GLN E 12 -10.82 21.37 42.06
N ARG E 13 -9.95 20.38 42.29
CA ARG E 13 -10.15 19.46 43.41
C ARG E 13 -9.05 19.50 44.45
N SER E 14 -7.85 19.96 44.12
CA SER E 14 -6.73 19.87 45.06
C SER E 14 -7.01 20.73 46.30
N PRO E 15 -6.69 20.23 47.49
CA PRO E 15 -6.98 21.01 48.72
C PRO E 15 -6.27 22.34 48.77
N GLY E 16 -5.09 22.47 48.15
CA GLY E 16 -4.36 23.73 48.19
C GLY E 16 -5.12 24.89 47.60
N SER E 17 -5.97 24.65 46.60
CA SER E 17 -6.79 25.68 46.00
C SER E 17 -8.09 25.92 46.74
N GLN E 18 -8.37 25.12 47.78
CA GLN E 18 -9.66 25.17 48.46
C GLN E 18 -10.06 26.60 48.83
N GLY E 19 -9.24 27.26 49.65
CA GLY E 19 -9.55 28.62 50.04
C GLY E 19 -9.78 29.53 48.85
N VAL E 20 -8.92 29.40 47.82
CA VAL E 20 -9.08 30.20 46.62
C VAL E 20 -10.47 30.00 46.04
N ARG E 21 -10.89 28.74 45.87
CA ARG E 21 -12.24 28.48 45.40
C ARG E 21 -13.26 29.19 46.27
N ASP E 22 -13.12 29.05 47.60
CA ASP E 22 -14.03 29.74 48.50
C ASP E 22 -14.12 31.21 48.17
N PHE E 23 -12.96 31.86 48.02
CA PHE E 23 -12.96 33.29 47.73
C PHE E 23 -13.86 33.59 46.55
N ILE E 24 -13.67 32.87 45.45
CA ILE E 24 -14.50 33.07 44.28
C ILE E 24 -15.96 32.96 44.68
N GLU E 25 -16.35 31.78 45.15
CA GLU E 25 -17.75 31.50 45.39
C GLU E 25 -18.29 32.39 46.50
N LYS E 26 -17.42 33.06 47.24
CA LYS E 26 -17.89 33.97 48.27
C LYS E 26 -17.81 35.44 47.84
N ARG E 27 -16.75 35.85 47.14
CA ARG E 27 -16.50 37.28 47.04
C ARG E 27 -16.21 37.80 45.64
N TYR E 28 -15.95 36.92 44.68
CA TYR E 28 -15.60 37.40 43.34
C TYR E 28 -16.63 38.38 42.81
N VAL E 29 -17.93 38.10 42.97
CA VAL E 29 -18.97 38.99 42.47
C VAL E 29 -18.75 40.39 43.02
N GLU E 30 -18.56 40.51 44.33
CA GLU E 30 -18.38 41.83 44.92
C GLU E 30 -17.16 42.51 44.34
N LEU E 31 -16.08 41.74 44.12
CA LEU E 31 -14.91 42.31 43.46
C LEU E 31 -15.27 42.86 42.09
N LYS E 32 -16.01 42.07 41.31
CA LYS E 32 -16.42 42.55 39.98
C LYS E 32 -17.38 43.72 40.08
N LYS E 33 -18.02 43.90 41.25
CA LYS E 33 -18.83 45.09 41.45
C LYS E 33 -17.94 46.33 41.58
N ALA E 34 -16.81 46.19 42.27
CA ALA E 34 -15.96 47.35 42.54
C ALA E 34 -15.10 47.71 41.35
N ASN E 35 -14.80 46.74 40.49
CA ASN E 35 -13.91 46.92 39.34
C ASN E 35 -14.62 46.42 38.09
N PRO E 36 -15.54 47.21 37.54
CA PRO E 36 -16.29 46.77 36.36
C PRO E 36 -15.51 46.82 35.06
N ASP E 37 -14.33 47.44 35.05
CA ASP E 37 -13.54 47.54 33.84
C ASP E 37 -12.23 46.76 33.90
N LEU E 38 -11.92 46.09 35.00
CA LEU E 38 -10.70 45.32 35.12
C LEU E 38 -10.97 43.87 34.77
N PRO E 39 -10.30 43.30 33.77
CA PRO E 39 -10.48 41.86 33.49
C PRO E 39 -9.81 40.99 34.55
N ILE E 40 -10.64 40.29 35.31
CA ILE E 40 -10.22 39.33 36.32
C ILE E 40 -10.49 37.95 35.74
N LEU E 41 -9.51 37.38 35.05
CA LEU E 41 -9.69 36.09 34.39
C LEU E 41 -9.55 34.98 35.41
N ILE E 42 -10.46 34.00 35.36
CA ILE E 42 -10.41 32.83 36.21
C ILE E 42 -10.17 31.62 35.32
N ARG E 43 -9.08 30.90 35.56
CA ARG E 43 -8.70 29.76 34.73
C ARG E 43 -8.30 28.59 35.62
N GLU E 44 -8.19 27.42 35.00
CA GLU E 44 -8.11 26.15 35.70
C GLU E 44 -6.73 25.54 35.55
N CYS E 45 -6.04 25.31 36.67
CA CYS E 45 -4.80 24.57 36.67
C CYS E 45 -5.09 23.08 36.86
N SER E 46 -4.04 22.27 36.76
CA SER E 46 -4.17 20.83 36.98
C SER E 46 -2.87 20.32 37.56
N ASP E 47 -2.91 19.88 38.82
CA ASP E 47 -1.73 19.38 39.54
C ASP E 47 -0.62 20.42 39.59
N VAL E 48 -0.99 21.68 39.75
CA VAL E 48 -0.05 22.79 39.83
C VAL E 48 -0.44 23.66 41.02
N GLN E 49 0.51 24.46 41.50
CA GLN E 49 0.23 25.41 42.56
C GLN E 49 -0.82 26.42 42.10
N PRO E 50 -1.70 26.88 42.99
CA PRO E 50 -2.52 28.05 42.66
C PRO E 50 -1.63 29.27 42.49
N LYS E 51 -2.05 30.17 41.59
CA LYS E 51 -1.22 31.33 41.29
C LYS E 51 -2.10 32.52 40.97
N LEU E 52 -1.52 33.71 41.16
CA LEU E 52 -2.13 34.96 40.77
C LEU E 52 -1.17 35.70 39.85
N TRP E 53 -1.63 36.05 38.65
CA TRP E 53 -0.85 36.81 37.69
C TRP E 53 -1.39 38.22 37.59
N ALA E 54 -0.49 39.19 37.57
CA ALA E 54 -0.86 40.60 37.41
C ALA E 54 -0.04 41.19 36.27
N ARG E 55 -0.73 41.79 35.31
CA ARG E 55 -0.11 42.38 34.13
C ARG E 55 -0.19 43.89 34.23
N TYR E 56 0.95 44.55 34.04
CA TYR E 56 1.04 46.00 34.09
C TYR E 56 1.29 46.54 32.69
N ALA E 57 1.51 47.86 32.59
CA ALA E 57 1.70 48.48 31.29
C ALA E 57 2.96 47.97 30.61
N PHE E 58 2.90 47.92 29.28
CA PHE E 58 4.02 47.51 28.43
C PHE E 58 4.39 46.04 28.66
N GLY E 59 3.42 45.25 29.08
CA GLY E 59 3.56 43.80 29.09
C GLY E 59 4.36 43.20 30.22
N GLN E 60 4.69 43.96 31.25
CA GLN E 60 5.36 43.40 32.42
C GLN E 60 4.37 42.63 33.27
N GLU E 61 4.80 41.47 33.77
CA GLU E 61 3.93 40.58 34.55
C GLU E 61 4.63 40.15 35.82
N LYS E 62 3.86 40.06 36.90
CA LYS E 62 4.33 39.50 38.16
C LYS E 62 3.34 38.46 38.66
N ASN E 63 3.86 37.34 39.17
CA ASN E 63 3.01 36.28 39.68
C ASN E 63 3.35 35.99 41.13
N VAL E 64 2.34 35.63 41.91
CA VAL E 64 2.50 35.24 43.31
C VAL E 64 1.80 33.91 43.52
N SER E 65 2.26 33.16 44.52
CA SER E 65 1.69 31.85 44.79
C SER E 65 0.54 31.94 45.78
N LEU E 66 -0.40 31.02 45.64
CA LEU E 66 -1.62 30.99 46.45
C LEU E 66 -1.81 29.63 47.11
N ASN E 67 -0.73 28.87 47.26
CA ASN E 67 -0.83 27.53 47.82
C ASN E 67 -1.27 27.60 49.27
N ASN E 68 -2.33 26.86 49.60
CA ASN E 68 -2.88 26.72 50.95
C ASN E 68 -3.37 28.04 51.53
N PHE E 69 -3.53 29.07 50.70
CA PHE E 69 -4.06 30.34 51.19
C PHE E 69 -5.53 30.20 51.53
N SER E 70 -5.97 30.94 52.54
CA SER E 70 -7.38 31.02 52.88
C SER E 70 -8.03 32.16 52.11
N ALA E 71 -9.35 32.31 52.26
CA ALA E 71 -10.05 33.37 51.57
C ALA E 71 -9.58 34.75 52.02
N ASP E 72 -9.32 34.90 53.33
CA ASP E 72 -8.79 36.18 53.83
C ASP E 72 -7.43 36.48 53.22
N GLN E 73 -6.55 35.47 53.13
CA GLN E 73 -5.22 35.70 52.58
C GLN E 73 -5.26 36.08 51.11
N VAL E 74 -6.08 35.40 50.31
CA VAL E 74 -6.16 35.75 48.90
C VAL E 74 -6.81 37.12 48.73
N THR E 75 -7.78 37.46 49.58
CA THR E 75 -8.36 38.79 49.53
C THR E 75 -7.30 39.86 49.82
N ARG E 76 -6.46 39.62 50.82
CA ARG E 76 -5.40 40.57 51.14
C ARG E 76 -4.40 40.69 50.01
N THR E 77 -4.00 39.56 49.42
CA THR E 77 -3.07 39.59 48.30
C THR E 77 -3.67 40.36 47.11
N LEU E 78 -4.95 40.13 46.84
CA LEU E 78 -5.60 40.82 45.74
C LEU E 78 -5.75 42.32 46.01
N GLU E 79 -6.05 42.72 47.25
CA GLU E 79 -6.07 44.14 47.58
C GLU E 79 -4.70 44.76 47.43
N ASN E 80 -3.64 44.05 47.85
CA ASN E 80 -2.30 44.57 47.66
C ASN E 80 -1.97 44.77 46.19
N VAL E 81 -2.35 43.80 45.35
CA VAL E 81 -2.10 43.93 43.91
C VAL E 81 -2.88 45.10 43.33
N LEU E 82 -4.16 45.23 43.70
CA LEU E 82 -4.99 46.29 43.14
C LEU E 82 -4.53 47.66 43.57
N SER E 83 -4.13 47.81 44.84
CA SER E 83 -3.67 49.10 45.34
C SER E 83 -2.29 49.47 44.83
N GLY E 84 -1.44 48.48 44.53
CA GLY E 84 -0.09 48.73 44.09
C GLY E 84 0.95 48.71 45.20
N LYS E 85 0.51 48.69 46.46
CA LYS E 85 1.43 48.67 47.58
C LYS E 85 2.22 47.37 47.60
N ALA E 86 3.47 47.45 48.05
CA ALA E 86 4.34 46.29 48.15
C ALA E 86 3.95 45.39 49.32
N SER F 1 81.79 9.49 30.11
CA SER F 1 80.85 9.88 31.16
C SER F 1 81.27 11.19 31.80
N ASP F 2 81.78 12.11 30.99
CA ASP F 2 82.22 13.41 31.48
C ASP F 2 81.13 14.47 31.41
N ALA F 3 79.92 14.11 31.00
CA ALA F 3 78.84 15.08 30.95
C ALA F 3 78.46 15.53 32.35
N PRO F 4 78.12 16.79 32.55
CA PRO F 4 77.74 17.28 33.88
C PRO F 4 76.47 16.61 34.36
N PRO F 5 76.36 16.33 35.66
CA PRO F 5 75.15 15.70 36.19
C PRO F 5 73.97 16.66 36.17
N LEU F 6 72.77 16.10 36.10
CA LEU F 6 71.56 16.91 36.11
C LEU F 6 71.19 17.29 37.54
N THR F 7 70.76 18.54 37.70
CA THR F 7 70.48 19.11 39.03
C THR F 7 69.04 19.61 39.07
N LEU F 8 68.48 19.66 40.29
CA LEU F 8 67.10 20.10 40.47
C LEU F 8 66.88 21.53 40.01
N GLU F 9 67.93 22.35 40.02
CA GLU F 9 67.82 23.68 39.44
C GLU F 9 67.59 23.59 37.93
N ALA F 10 68.34 22.73 37.25
CA ALA F 10 68.12 22.50 35.83
C ALA F 10 66.78 21.83 35.58
N ILE F 11 66.39 20.90 36.46
CA ILE F 11 65.09 20.24 36.32
C ILE F 11 63.97 21.26 36.39
N LYS F 12 64.03 22.16 37.38
CA LYS F 12 63.02 23.19 37.51
C LYS F 12 63.03 24.13 36.31
N ASP F 13 64.21 24.51 35.85
CA ASP F 13 64.28 25.40 34.68
C ASP F 13 63.65 24.75 33.46
N ARG F 14 63.94 23.47 33.23
CA ARG F 14 63.38 22.79 32.07
C ARG F 14 61.87 22.65 32.19
N VAL F 15 61.37 22.25 33.37
CA VAL F 15 59.93 22.09 33.55
C VAL F 15 59.22 23.42 33.35
N LEU F 16 59.77 24.49 33.91
CA LEU F 16 59.16 25.80 33.76
C LEU F 16 59.20 26.26 32.31
N TYR F 17 60.26 25.95 31.58
CA TYR F 17 60.33 26.32 30.17
C TYR F 17 59.26 25.59 29.36
N VAL F 18 59.08 24.29 29.60
CA VAL F 18 58.01 23.58 28.90
C VAL F 18 56.64 24.12 29.29
N LEU F 19 56.47 24.54 30.54
CA LEU F 19 55.22 25.21 30.91
C LEU F 19 55.03 26.51 30.14
N LYS F 20 56.11 27.28 29.98
CA LYS F 20 56.02 28.54 29.25
C LYS F 20 55.62 28.32 27.81
N LEU F 21 56.21 27.30 27.16
CA LEU F 21 55.87 27.03 25.77
C LEU F 21 54.44 26.54 25.60
N TYR F 22 53.83 25.98 26.65
CA TYR F 22 52.42 25.62 26.62
C TYR F 22 51.59 26.89 26.50
N ASP F 23 50.81 27.01 25.43
CA ASP F 23 50.21 28.29 25.05
C ASP F 23 48.98 28.65 25.87
N LYS F 24 48.47 27.75 26.71
CA LYS F 24 47.27 28.03 27.48
C LYS F 24 47.58 28.56 28.88
N ILE F 25 48.83 28.49 29.32
CA ILE F 25 49.25 29.06 30.60
C ILE F 25 50.18 30.23 30.31
N ASP F 26 49.74 31.44 30.66
CA ASP F 26 50.60 32.57 30.41
C ASP F 26 51.73 32.61 31.45
N PRO F 27 52.92 33.07 31.05
CA PRO F 27 54.06 33.04 31.98
C PRO F 27 53.84 33.83 33.26
N GLU F 28 53.06 34.91 33.21
CA GLU F 28 52.91 35.79 34.36
C GLU F 28 52.13 35.17 35.51
N LYS F 29 51.38 34.10 35.26
CA LYS F 29 50.53 33.49 36.28
C LYS F 29 51.09 32.20 36.87
N LEU F 30 51.88 31.45 36.11
CA LEU F 30 52.36 30.17 36.59
C LEU F 30 53.49 30.34 37.60
N SER F 31 53.49 29.49 38.62
CA SER F 31 54.58 29.39 39.57
C SER F 31 54.87 27.91 39.79
N VAL F 32 55.96 27.64 40.51
CA VAL F 32 56.32 26.25 40.76
C VAL F 32 55.29 25.57 41.64
N ASN F 33 54.58 26.32 42.48
CA ASN F 33 53.57 25.79 43.36
C ASN F 33 52.15 26.03 42.86
N SER F 34 51.99 26.54 41.64
CA SER F 34 50.66 26.74 41.09
C SER F 34 49.97 25.41 40.81
N HIS F 35 48.65 25.39 40.91
CA HIS F 35 47.88 24.18 40.74
C HIS F 35 47.12 24.22 39.42
N PHE F 36 47.17 23.10 38.69
CA PHE F 36 46.67 23.09 37.31
C PHE F 36 45.17 23.35 37.25
N MET F 37 44.41 22.80 38.21
CA MET F 37 42.95 22.87 38.13
C MET F 37 42.42 24.26 38.43
N LYS F 38 42.67 24.77 39.65
CA LYS F 38 42.06 26.02 40.09
C LYS F 38 42.94 27.25 39.90
N ASP F 39 44.24 27.15 40.20
CA ASP F 39 45.11 28.29 40.03
C ASP F 39 45.27 28.68 38.56
N LEU F 40 45.16 27.72 37.64
CA LEU F 40 45.40 27.98 36.23
C LEU F 40 44.20 27.71 35.33
N GLY F 41 43.14 27.10 35.85
CA GLY F 41 41.95 26.87 35.06
C GLY F 41 42.13 25.88 33.93
N LEU F 42 42.63 24.68 34.25
CA LEU F 42 42.87 23.63 33.28
C LEU F 42 42.11 22.38 33.69
N ASP F 43 41.63 21.63 32.70
CA ASP F 43 40.94 20.38 32.98
C ASP F 43 41.89 19.20 32.74
N SER F 44 41.33 17.99 32.76
CA SER F 44 42.16 16.79 32.74
C SER F 44 42.94 16.65 31.44
N LEU F 45 42.36 17.10 30.31
CA LEU F 45 43.02 16.88 29.03
C LEU F 45 44.25 17.78 28.85
N ASP F 46 44.19 19.03 29.32
CA ASP F 46 45.38 19.87 29.31
C ASP F 46 46.46 19.28 30.21
N GLN F 47 46.07 18.72 31.35
CA GLN F 47 47.04 18.06 32.22
C GLN F 47 47.71 16.89 31.51
N VAL F 48 46.92 16.10 30.77
CA VAL F 48 47.47 14.97 30.02
C VAL F 48 48.44 15.47 28.95
N GLU F 49 48.09 16.55 28.25
CA GLU F 49 48.98 17.11 27.24
C GLU F 49 50.28 17.62 27.84
N ILE F 50 50.19 18.27 29.00
CA ILE F 50 51.40 18.71 29.71
C ILE F 50 52.25 17.50 30.07
N ILE F 51 51.61 16.41 30.48
CA ILE F 51 52.35 15.20 30.83
C ILE F 51 53.09 14.65 29.61
N MET F 52 52.44 14.65 28.45
CA MET F 52 53.14 14.17 27.25
C MET F 52 54.29 15.10 26.86
N ALA F 53 54.12 16.41 27.07
CA ALA F 53 55.23 17.34 26.85
C ALA F 53 56.39 17.02 27.78
N MET F 54 56.11 16.70 29.03
CA MET F 54 57.15 16.24 29.94
C MET F 54 57.80 14.96 29.41
N GLU F 55 56.98 14.04 28.91
CA GLU F 55 57.50 12.75 28.44
C GLU F 55 58.50 12.94 27.30
N ASP F 56 58.18 13.82 26.35
CA ASP F 56 59.10 14.00 25.23
C ASP F 56 60.12 15.11 25.46
N GLU F 57 60.10 15.78 26.62
CA GLU F 57 61.20 16.66 26.99
C GLU F 57 62.24 15.95 27.83
N PHE F 58 61.81 15.09 28.75
CA PHE F 58 62.73 14.35 29.62
C PHE F 58 63.06 12.97 29.09
N GLY F 59 62.59 12.62 27.90
CA GLY F 59 63.03 11.41 27.22
C GLY F 59 62.73 10.10 27.91
N PHE F 60 61.57 9.97 28.54
CA PHE F 60 61.17 8.71 29.15
C PHE F 60 59.66 8.68 29.28
N GLU F 61 59.15 7.52 29.69
CA GLU F 61 57.72 7.29 29.71
C GLU F 61 57.17 7.38 31.12
N ILE F 62 55.97 7.92 31.25
CA ILE F 62 55.30 8.08 32.55
C ILE F 62 53.98 7.33 32.55
N PRO F 63 53.85 6.27 33.35
CA PRO F 63 52.58 5.53 33.38
C PRO F 63 51.42 6.40 33.82
N ASP F 64 50.23 6.07 33.31
CA ASP F 64 49.04 6.85 33.61
C ASP F 64 48.69 6.78 35.10
N ILE F 65 49.05 5.68 35.77
CA ILE F 65 48.66 5.53 37.17
C ILE F 65 49.29 6.62 38.04
N ASP F 66 50.57 6.90 37.82
CA ASP F 66 51.24 7.95 38.57
C ASP F 66 51.29 9.29 37.85
N ALA F 67 50.81 9.35 36.61
CA ALA F 67 50.76 10.62 35.90
C ALA F 67 49.54 11.44 36.30
N GLU F 68 48.55 10.80 36.92
CA GLU F 68 47.32 11.52 37.25
C GLU F 68 47.42 12.25 38.59
N LYS F 69 48.47 12.03 39.36
CA LYS F 69 48.62 12.68 40.65
C LYS F 69 49.53 13.91 40.60
N LEU F 70 50.36 14.04 39.57
CA LEU F 70 51.17 15.25 39.39
C LEU F 70 50.23 16.39 39.01
N MET F 71 50.00 17.31 39.94
CA MET F 71 49.08 18.42 39.73
C MET F 71 49.73 19.79 39.83
N CYS F 72 51.00 19.87 40.23
CA CYS F 72 51.73 21.12 40.28
C CYS F 72 53.13 20.89 39.73
N PRO F 73 53.78 21.95 39.22
CA PRO F 73 55.15 21.76 38.69
C PRO F 73 56.14 21.29 39.73
N GLN F 74 55.94 21.64 41.00
CA GLN F 74 56.87 21.22 42.05
C GLN F 74 56.90 19.69 42.19
N GLU F 75 55.73 19.06 42.26
CA GLU F 75 55.72 17.61 42.40
C GLU F 75 56.08 16.92 41.08
N ILE F 76 55.90 17.59 39.94
CA ILE F 76 56.46 17.07 38.70
C ILE F 76 57.97 17.02 38.78
N VAL F 77 58.58 18.07 39.30
CA VAL F 77 60.04 18.09 39.49
C VAL F 77 60.44 16.98 40.47
N ASP F 78 59.66 16.82 41.54
CA ASP F 78 59.94 15.74 42.49
C ASP F 78 59.92 14.38 41.82
N TYR F 79 58.89 14.13 41.00
CA TYR F 79 58.78 12.83 40.33
C TYR F 79 59.92 12.62 39.35
N ILE F 80 60.30 13.65 38.60
CA ILE F 80 61.43 13.53 37.68
C ILE F 80 62.70 13.21 38.44
N ALA F 81 62.95 13.90 39.55
CA ALA F 81 64.15 13.63 40.33
C ALA F 81 64.13 12.22 40.92
N ASP F 82 62.97 11.78 41.39
CA ASP F 82 62.87 10.44 41.96
C ASP F 82 63.16 9.38 40.90
N LYS F 83 62.66 9.56 39.68
CA LYS F 83 62.97 8.62 38.61
C LYS F 83 64.37 8.85 38.05
N LYS F 84 65.02 9.95 38.43
CA LYS F 84 66.32 10.32 37.88
C LYS F 84 67.48 10.08 38.83
N ASP F 85 67.21 9.95 40.14
CA ASP F 85 68.24 9.68 41.15
C ASP F 85 69.31 10.77 41.15
N VAL F 86 68.89 11.97 41.51
CA VAL F 86 69.81 13.09 41.69
C VAL F 86 69.89 13.43 43.18
N TYR F 87 70.93 14.20 43.53
CA TYR F 87 71.10 14.64 44.92
C TYR F 87 70.63 16.08 45.10
N GLU F 88 71.22 17.00 44.35
CA GLU F 88 70.81 18.40 44.37
C GLU F 88 70.58 18.88 42.95
N LEU G 1 46.07 -54.21 6.83
CA LEU G 1 45.46 -52.98 7.34
C LEU G 1 45.25 -51.99 6.20
N LYS G 2 44.28 -51.09 6.37
CA LYS G 2 43.99 -50.12 5.35
C LYS G 2 44.96 -48.94 5.42
N LYS G 3 44.92 -48.12 4.37
CA LYS G 3 45.66 -46.87 4.32
C LYS G 3 44.75 -45.78 3.80
N THR G 4 45.05 -44.53 4.16
CA THR G 4 44.35 -43.37 3.61
C THR G 4 42.85 -43.46 3.90
N THR G 5 42.51 -43.24 5.17
CA THR G 5 41.11 -43.20 5.63
C THR G 5 40.20 -42.45 4.67
N GLY G 6 40.74 -41.50 3.92
CA GLY G 6 39.98 -40.76 2.93
C GLY G 6 39.71 -39.32 3.32
N LEU G 7 39.87 -38.97 4.59
CA LEU G 7 39.76 -37.60 5.06
C LEU G 7 41.16 -37.03 5.22
N VAL G 8 41.38 -35.83 4.70
CA VAL G 8 42.69 -35.20 4.82
C VAL G 8 42.94 -34.82 6.26
N GLY G 9 44.10 -35.22 6.77
CA GLY G 9 44.48 -34.92 8.14
C GLY G 9 44.08 -35.96 9.16
N LEU G 10 43.35 -37.01 8.77
CA LEU G 10 42.95 -38.09 9.67
C LEU G 10 43.84 -39.29 9.39
N ALA G 11 44.82 -39.52 10.25
CA ALA G 11 45.77 -40.60 10.08
C ALA G 11 45.13 -41.95 10.44
N VAL G 12 45.69 -43.01 9.85
CA VAL G 12 45.25 -44.37 10.13
C VAL G 12 45.80 -44.79 11.49
N CYS G 13 44.96 -45.39 12.31
CA CYS G 13 45.35 -45.86 13.64
C CYS G 13 45.58 -47.36 13.60
N GLU G 14 46.79 -47.78 13.94
CA GLU G 14 47.04 -49.18 14.25
C GLU G 14 46.61 -49.47 15.68
N THR G 15 46.03 -50.66 15.87
CA THR G 15 45.51 -51.09 17.17
C THR G 15 44.49 -50.09 17.71
N PRO G 16 43.32 -49.96 17.08
CA PRO G 16 42.33 -48.99 17.58
C PRO G 16 41.47 -49.50 18.72
N HIS G 17 41.44 -50.82 18.96
CA HIS G 17 40.65 -51.34 20.07
C HIS G 17 41.19 -50.89 21.42
N GLU G 18 42.52 -50.93 21.60
CA GLU G 18 43.11 -50.50 22.85
C GLU G 18 42.92 -49.00 23.06
N ARG G 19 43.07 -48.21 21.99
CA ARG G 19 42.82 -46.78 22.09
C ARG G 19 41.37 -46.51 22.49
N LEU G 20 40.43 -47.22 21.89
CA LEU G 20 39.02 -47.04 22.22
C LEU G 20 38.75 -47.41 23.67
N LYS G 21 39.32 -48.52 24.13
CA LYS G 21 39.12 -48.93 25.53
C LYS G 21 39.68 -47.90 26.49
N ILE G 22 40.88 -47.38 26.22
CA ILE G 22 41.48 -46.37 27.09
C ILE G 22 40.64 -45.11 27.12
N LEU G 23 40.18 -44.67 25.94
CA LEU G 23 39.38 -43.45 25.89
C LEU G 23 38.06 -43.62 26.63
N TYR G 24 37.39 -44.76 26.45
CA TYR G 24 36.11 -44.98 27.12
C TYR G 24 36.29 -45.09 28.62
N THR G 25 37.37 -45.73 29.08
CA THR G 25 37.58 -45.81 30.52
C THR G 25 37.92 -44.44 31.11
N LYS G 26 38.64 -43.60 30.36
CA LYS G 26 38.89 -42.23 30.83
C LYS G 26 37.58 -41.45 30.90
N ILE G 27 36.69 -41.62 29.92
CA ILE G 27 35.43 -40.92 29.92
C ILE G 27 34.58 -41.34 31.12
N LEU G 28 34.53 -42.65 31.40
CA LEU G 28 33.79 -43.12 32.56
C LEU G 28 34.40 -42.59 33.86
N ASP G 29 35.74 -42.53 33.93
CA ASP G 29 36.40 -42.01 35.12
C ASP G 29 36.02 -40.55 35.34
N VAL G 30 36.01 -39.75 34.28
CA VAL G 30 35.64 -38.35 34.43
C VAL G 30 34.16 -38.22 34.81
N LEU G 31 33.29 -39.01 34.18
CA LEU G 31 31.87 -38.96 34.49
C LEU G 31 31.59 -39.37 35.93
N GLY G 32 32.45 -40.18 36.53
CA GLY G 32 32.24 -40.59 37.91
C GLY G 32 32.17 -39.45 38.89
N GLN G 33 32.86 -38.34 38.60
CA GLN G 33 32.91 -37.19 39.50
C GLN G 33 31.67 -36.31 39.40
N ILE G 34 30.85 -36.47 38.37
CA ILE G 34 29.63 -35.68 38.18
C ILE G 34 28.55 -36.21 39.11
N PRO G 35 27.65 -35.37 39.63
CA PRO G 35 26.58 -35.89 40.49
C PRO G 35 25.73 -36.94 39.80
N LYS G 36 25.27 -37.91 40.59
CA LYS G 36 24.53 -39.04 40.05
C LYS G 36 23.23 -38.60 39.40
N ASN G 37 22.57 -37.61 39.99
CA ASN G 37 21.28 -37.13 39.48
C ASN G 37 21.40 -36.35 38.18
N ALA G 38 22.60 -35.94 37.78
CA ALA G 38 22.76 -35.16 36.57
C ALA G 38 22.41 -35.98 35.35
N ALA G 39 21.60 -35.41 34.45
CA ALA G 39 21.18 -36.13 33.26
C ALA G 39 22.35 -36.39 32.32
N TYR G 40 23.30 -35.46 32.25
CA TYR G 40 24.45 -35.64 31.38
C TYR G 40 25.24 -36.88 31.77
N ARG G 41 25.46 -37.06 33.07
CA ARG G 41 26.23 -38.21 33.54
C ARG G 41 25.57 -39.51 33.14
N LYS G 42 24.27 -39.66 33.42
CA LYS G 42 23.61 -40.93 33.16
C LYS G 42 23.50 -41.19 31.65
N TYR G 43 23.18 -40.17 30.86
CA TYR G 43 23.06 -40.37 29.41
C TYR G 43 24.40 -40.75 28.80
N THR G 44 25.45 -39.99 29.14
CA THR G 44 26.77 -40.29 28.58
C THR G 44 27.31 -41.61 29.07
N GLU G 45 27.03 -41.97 30.33
CA GLU G 45 27.43 -43.27 30.85
C GLU G 45 26.75 -44.40 30.09
N GLN G 46 25.45 -44.25 29.82
CA GLN G 46 24.74 -45.22 29.00
C GLN G 46 25.40 -45.38 27.63
N ILE G 47 25.65 -44.27 26.95
CA ILE G 47 26.23 -44.32 25.60
C ILE G 47 27.62 -44.96 25.65
N THR G 48 28.44 -44.54 26.61
CA THR G 48 29.82 -45.02 26.69
C THR G 48 29.88 -46.50 27.04
N ASN G 49 29.02 -46.95 27.97
CA ASN G 49 29.00 -48.37 28.30
C ASN G 49 28.54 -49.20 27.12
N GLU G 50 27.53 -48.71 26.37
CA GLU G 50 27.10 -49.41 25.17
C GLU G 50 28.26 -49.59 24.20
N LYS G 51 28.98 -48.49 23.91
CA LYS G 51 30.08 -48.57 22.95
C LYS G 51 31.22 -49.43 23.47
N LEU G 52 31.53 -49.35 24.77
CA LEU G 52 32.61 -50.14 25.34
C LEU G 52 32.30 -51.63 25.25
N GLY G 53 31.06 -52.03 25.59
CA GLY G 53 30.68 -53.42 25.40
C GLY G 53 30.74 -53.84 23.95
N MET G 54 30.36 -52.94 23.04
CA MET G 54 30.42 -53.25 21.62
C MET G 54 31.84 -53.51 21.15
N VAL G 55 32.79 -52.69 21.60
CA VAL G 55 34.18 -52.92 21.19
C VAL G 55 34.80 -54.10 21.93
N LYS G 56 34.28 -54.44 23.12
CA LYS G 56 34.82 -55.59 23.83
C LYS G 56 34.23 -56.90 23.34
N ALA G 57 33.15 -56.86 22.56
CA ALA G 57 32.53 -58.07 22.02
C ALA G 57 32.79 -58.23 20.52
N GLU G 58 33.82 -57.58 19.97
CA GLU G 58 34.10 -57.70 18.55
C GLU G 58 35.58 -57.46 18.25
N PRO G 59 36.32 -58.49 17.84
CA PRO G 59 37.72 -58.29 17.46
C PRO G 59 37.91 -57.70 16.07
N ASP G 60 36.99 -57.98 15.16
CA ASP G 60 37.11 -57.51 13.79
C ASP G 60 36.87 -56.00 13.72
N VAL G 61 37.58 -55.36 12.80
CA VAL G 61 37.51 -53.90 12.68
C VAL G 61 36.37 -53.45 11.78
N LYS G 62 36.18 -54.11 10.62
CA LYS G 62 35.09 -53.72 9.73
C LYS G 62 33.72 -54.03 10.35
N LYS G 63 33.60 -55.18 11.01
CA LYS G 63 32.34 -55.51 11.66
C LYS G 63 32.05 -54.58 12.83
N LEU G 64 33.10 -54.18 13.56
CA LEU G 64 32.95 -53.18 14.60
C LEU G 64 32.50 -51.84 14.01
N GLU G 65 33.06 -51.47 12.86
CA GLU G 65 32.66 -50.23 12.21
C GLU G 65 31.19 -50.27 11.82
N GLU G 66 30.74 -51.44 11.32
CA GLU G 66 29.33 -51.58 10.96
C GLU G 66 28.43 -51.55 12.18
N GLN G 67 28.92 -52.09 13.30
CA GLN G 67 28.06 -52.23 14.48
C GLN G 67 28.01 -50.96 15.31
N LEU G 68 29.06 -50.15 15.27
CA LEU G 68 29.12 -48.92 16.06
C LEU G 68 28.34 -47.78 15.43
N GLN G 69 27.93 -47.91 14.17
CA GLN G 69 27.14 -46.92 13.45
C GLN G 69 27.89 -45.60 13.26
N GLY G 70 29.20 -45.59 13.48
CA GLY G 70 29.99 -44.42 13.24
C GLY G 70 30.79 -44.52 11.95
N GLY G 71 31.36 -45.70 11.71
CA GLY G 71 32.14 -45.93 10.50
C GLY G 71 33.49 -45.26 10.57
N GLN G 72 34.51 -45.87 9.98
CA GLN G 72 35.86 -45.30 9.99
C GLN G 72 36.34 -45.07 11.43
N ILE G 73 36.67 -46.18 12.08
CA ILE G 73 37.03 -46.24 13.50
C ILE G 73 37.90 -45.06 13.92
N GLU G 74 38.68 -44.50 13.00
CA GLU G 74 39.45 -43.30 13.30
C GLU G 74 38.57 -42.13 13.73
N GLU G 75 37.46 -41.88 13.01
CA GLU G 75 36.59 -40.79 13.45
C GLU G 75 35.81 -41.17 14.69
N VAL G 76 35.63 -42.46 14.95
CA VAL G 76 35.06 -42.89 16.23
C VAL G 76 35.99 -42.52 17.38
N ILE G 77 37.30 -42.73 17.18
CA ILE G 77 38.29 -42.33 18.18
C ILE G 77 38.30 -40.82 18.35
N LEU G 78 38.18 -40.08 17.24
CA LEU G 78 38.13 -38.63 17.31
C LEU G 78 36.91 -38.17 18.11
N GLN G 79 35.75 -38.79 17.87
CA GLN G 79 34.56 -38.46 18.64
C GLN G 79 34.71 -38.81 20.11
N ALA G 80 35.41 -39.91 20.42
CA ALA G 80 35.64 -40.26 21.82
C ALA G 80 36.50 -39.21 22.52
N GLU G 81 37.56 -38.73 21.85
CA GLU G 81 38.34 -37.65 22.44
C GLU G 81 37.52 -36.37 22.61
N ASN G 82 36.66 -36.06 21.64
CA ASN G 82 35.80 -34.89 21.78
C ASN G 82 34.88 -35.05 22.98
N GLU G 83 34.32 -36.25 23.18
CA GLU G 83 33.47 -36.49 24.33
C GLU G 83 34.23 -36.35 25.65
N LEU G 84 35.48 -36.83 25.69
CA LEU G 84 36.29 -36.67 26.90
C LEU G 84 36.51 -35.19 27.22
N SER G 85 36.88 -34.41 26.21
CA SER G 85 37.09 -32.98 26.42
C SER G 85 35.81 -32.30 26.90
N LEU G 86 34.67 -32.64 26.27
CA LEU G 86 33.40 -32.08 26.70
C LEU G 86 33.07 -32.48 28.13
N ALA G 87 33.37 -33.72 28.51
CA ALA G 87 33.07 -34.17 29.86
C ALA G 87 33.86 -33.36 30.89
N ARG G 88 35.14 -33.12 30.63
CA ARG G 88 35.93 -32.30 31.54
C ARG G 88 35.37 -30.87 31.61
N LYS G 89 35.11 -30.27 30.45
CA LYS G 89 34.61 -28.90 30.43
C LYS G 89 33.26 -28.79 31.10
N MET G 90 32.45 -29.84 31.01
CA MET G 90 31.10 -29.81 31.54
C MET G 90 31.10 -30.07 33.05
N LEU G 91 32.09 -30.84 33.52
CA LEU G 91 32.36 -30.90 34.95
C LEU G 91 32.74 -29.53 35.47
N ARG G 92 33.51 -28.77 34.70
CA ARG G 92 33.86 -27.41 35.11
C ARG G 92 32.64 -26.48 35.08
N TRP G 93 31.75 -26.64 34.10
CA TRP G 93 30.64 -25.71 33.90
C TRP G 93 29.48 -25.98 34.86
N LYS G 94 29.28 -27.24 35.26
CA LYS G 94 28.19 -27.68 36.12
C LYS G 94 26.83 -27.22 35.63
N PRO G 95 26.40 -27.58 34.42
CA PRO G 95 25.11 -27.10 33.91
C PRO G 95 23.91 -27.91 34.32
N TRP G 96 24.04 -28.81 35.30
CA TRP G 96 22.89 -29.51 35.85
C TRP G 96 22.13 -28.66 36.86
N GLU G 97 22.69 -27.54 37.29
CA GLU G 97 22.06 -26.66 38.25
C GLU G 97 20.84 -25.98 37.63
N PRO G 98 19.92 -25.48 38.45
CA PRO G 98 18.69 -24.87 37.92
C PRO G 98 18.99 -23.65 37.07
N LEU G 99 17.94 -23.18 36.40
CA LEU G 99 18.08 -22.10 35.42
C LEU G 99 18.59 -20.83 36.09
N VAL G 100 19.47 -20.12 35.39
CA VAL G 100 20.11 -18.93 35.95
C VAL G 100 19.07 -17.86 36.24
N GLU G 101 18.22 -17.55 35.26
CA GLU G 101 17.13 -16.60 35.45
C GLU G 101 16.18 -16.70 34.27
N GLU G 102 14.95 -16.31 34.50
CA GLU G 102 13.92 -16.31 33.46
C GLU G 102 14.07 -15.09 32.56
N PRO G 103 13.63 -15.18 31.32
CA PRO G 103 13.68 -14.02 30.42
C PRO G 103 12.61 -13.02 30.79
N PRO G 104 12.70 -11.80 30.28
CA PRO G 104 11.61 -10.83 30.47
C PRO G 104 10.28 -11.36 29.95
N ALA G 105 9.21 -10.63 30.29
CA ALA G 105 7.86 -11.18 30.19
C ALA G 105 7.50 -11.59 28.76
N ASN G 106 7.86 -10.77 27.78
CA ASN G 106 7.49 -11.02 26.39
C ASN G 106 8.73 -11.09 25.51
N GLN G 107 9.78 -11.74 26.02
CA GLN G 107 11.03 -11.82 25.28
C GLN G 107 10.91 -12.68 24.03
N TRP G 108 10.13 -13.75 24.06
CA TRP G 108 10.04 -14.69 22.96
C TRP G 108 8.68 -14.67 22.28
N LYS G 109 7.89 -13.62 22.46
CA LYS G 109 6.57 -13.54 21.88
C LYS G 109 6.68 -13.07 20.42
N TRP G 110 6.25 -13.94 19.50
CA TRP G 110 6.22 -13.61 18.08
C TRP G 110 4.87 -14.02 17.50
N PRO G 111 4.25 -13.19 16.65
CA PRO G 111 4.72 -11.91 16.12
C PRO G 111 4.69 -10.76 17.13
N ILE G 112 5.34 -9.65 16.78
CA ILE G 112 5.58 -8.49 17.65
C ILE G 112 6.00 -8.91 19.05
N ALA H 1 29.11 -27.72 -41.91
CA ALA H 1 30.39 -27.03 -41.95
C ALA H 1 31.05 -27.21 -43.31
N SER H 2 31.43 -26.09 -43.92
CA SER H 2 32.05 -26.10 -45.24
C SER H 2 33.57 -26.01 -45.12
N ALA H 3 34.16 -27.12 -44.73
CA ALA H 3 35.61 -27.26 -44.65
C ALA H 3 36.06 -28.36 -45.58
N THR H 4 37.22 -28.15 -46.22
CA THR H 4 37.72 -29.11 -47.19
C THR H 4 38.12 -30.41 -46.52
N ARG H 5 38.28 -31.45 -47.33
CA ARG H 5 38.62 -32.76 -46.80
C ARG H 5 40.00 -32.75 -46.13
N VAL H 6 40.97 -32.09 -46.75
CA VAL H 6 42.31 -32.03 -46.19
C VAL H 6 42.31 -31.26 -44.87
N ILE H 7 41.58 -30.15 -44.81
CA ILE H 7 41.49 -29.36 -43.58
C ILE H 7 40.77 -30.16 -42.50
N GLN H 8 39.73 -30.89 -42.87
CA GLN H 8 39.03 -31.75 -41.90
C GLN H 8 39.95 -32.81 -41.33
N LEU H 9 40.74 -33.46 -42.20
CA LEU H 9 41.67 -34.48 -41.71
C LEU H 9 42.73 -33.86 -40.80
N LEU H 10 43.25 -32.68 -41.18
CA LEU H 10 44.29 -32.06 -40.37
C LEU H 10 43.76 -31.67 -38.99
N ARG H 11 42.57 -31.06 -38.93
CA ARG H 11 42.03 -30.67 -37.64
C ARG H 11 41.64 -31.88 -36.80
N ASN H 12 41.16 -32.95 -37.46
CA ASN H 12 40.83 -34.17 -36.74
C ASN H 12 42.07 -34.80 -36.14
N TRP H 13 43.17 -34.84 -36.91
CA TRP H 13 44.39 -35.47 -36.42
C TRP H 13 45.05 -34.63 -35.34
N ALA H 14 44.97 -33.30 -35.45
CA ALA H 14 45.54 -32.45 -34.42
C ALA H 14 44.74 -32.52 -33.12
N SER H 15 43.41 -32.56 -33.24
CA SER H 15 42.56 -32.67 -32.06
C SER H 15 42.61 -34.07 -31.45
N GLY H 16 42.81 -35.08 -32.27
CA GLY H 16 42.78 -36.46 -31.81
C GLY H 16 41.41 -37.11 -31.82
N ARG H 17 40.44 -36.53 -32.51
CA ARG H 17 39.09 -37.07 -32.57
C ARG H 17 38.38 -36.56 -33.81
N ASP H 18 37.19 -37.09 -34.05
CA ASP H 18 36.36 -36.69 -35.18
C ASP H 18 35.57 -35.44 -34.79
N LEU H 19 35.86 -34.32 -35.46
CA LEU H 19 35.24 -33.07 -35.07
C LEU H 19 33.92 -32.82 -35.80
N GLN H 20 33.78 -33.34 -37.02
CA GLN H 20 32.54 -33.16 -37.77
C GLN H 20 31.35 -33.84 -37.08
N ALA H 21 31.60 -34.84 -36.25
CA ALA H 21 30.50 -35.52 -35.57
C ALA H 21 29.82 -34.62 -34.55
N LYS H 22 30.61 -33.78 -33.86
CA LYS H 22 30.10 -32.94 -32.78
C LYS H 22 30.61 -31.52 -33.00
N LEU H 23 29.86 -30.73 -33.75
CA LEU H 23 30.26 -29.37 -34.07
C LEU H 23 29.67 -28.39 -33.07
N GLN H 24 30.46 -27.38 -32.72
CA GLN H 24 30.04 -26.38 -31.76
C GLN H 24 29.27 -25.22 -32.38
N LEU H 25 29.15 -25.20 -33.71
CA LEU H 25 28.32 -24.23 -34.41
C LEU H 25 26.97 -24.87 -34.75
N ARG H 26 25.91 -24.09 -34.69
CA ARG H 26 24.57 -24.62 -34.89
C ARG H 26 24.12 -24.43 -36.33
N TYR H 27 23.28 -25.35 -36.80
CA TYR H 27 22.78 -25.35 -38.17
C TYR H 27 21.30 -25.70 -38.17
N GLN H 28 20.77 -26.11 -39.32
CA GLN H 28 19.33 -26.31 -39.50
C GLN H 28 18.73 -27.34 -38.53
N GLU H 29 19.53 -27.97 -37.68
CA GLU H 29 19.00 -28.93 -36.73
C GLU H 29 18.34 -28.27 -35.51
N ILE H 30 18.42 -26.94 -35.38
CA ILE H 30 17.71 -26.27 -34.30
C ILE H 30 16.25 -26.08 -34.69
N SER H 31 15.41 -25.81 -33.68
CA SER H 31 13.98 -25.68 -33.91
C SER H 31 13.68 -24.35 -34.60
N LYS H 32 12.53 -24.32 -35.29
CA LYS H 32 12.15 -23.15 -36.05
C LYS H 32 11.77 -21.99 -35.12
N ARG H 33 11.99 -20.77 -35.61
CA ARG H 33 11.72 -19.59 -34.82
C ARG H 33 10.25 -19.19 -34.82
N THR H 34 9.43 -19.82 -35.66
CA THR H 34 7.97 -19.72 -35.58
C THR H 34 7.43 -21.09 -35.22
N GLN H 35 6.58 -21.13 -34.21
CA GLN H 35 6.05 -22.37 -33.66
C GLN H 35 4.54 -22.34 -33.68
N PRO H 36 3.89 -23.50 -33.69
CA PRO H 36 2.43 -23.54 -33.56
C PRO H 36 2.00 -23.05 -32.20
N PRO H 37 0.74 -22.60 -32.07
CA PRO H 37 0.24 -22.14 -30.76
C PRO H 37 0.17 -23.29 -29.77
N PRO H 38 0.37 -23.00 -28.48
CA PRO H 38 0.21 -24.03 -27.45
C PRO H 38 -1.22 -24.11 -26.94
N LYS H 39 -1.52 -25.12 -26.10
CA LYS H 39 -2.86 -25.22 -25.53
C LYS H 39 -2.83 -25.06 -24.01
N LEU H 40 -1.78 -25.55 -23.34
CA LEU H 40 -1.51 -25.20 -21.94
C LEU H 40 -2.61 -25.61 -20.97
N PRO H 41 -2.59 -26.86 -20.50
CA PRO H 41 -3.69 -27.37 -19.67
C PRO H 41 -3.89 -26.58 -18.37
N VAL H 42 -4.96 -26.92 -17.67
CA VAL H 42 -5.28 -26.27 -16.40
C VAL H 42 -4.94 -27.20 -15.24
N GLY H 43 -4.95 -26.63 -14.03
CA GLY H 43 -4.56 -27.35 -12.84
C GLY H 43 -5.68 -28.15 -12.20
N PRO H 44 -5.39 -28.78 -11.06
CA PRO H 44 -6.38 -29.66 -10.43
C PRO H 44 -7.54 -28.93 -9.76
N SER H 45 -7.39 -27.64 -9.46
CA SER H 45 -8.44 -26.88 -8.80
C SER H 45 -9.46 -26.31 -9.77
N HIS H 46 -9.48 -26.77 -11.02
CA HIS H 46 -10.39 -26.24 -12.02
C HIS H 46 -11.68 -27.05 -12.14
N LYS H 47 -12.18 -27.60 -11.03
CA LYS H 47 -13.43 -28.32 -11.04
C LYS H 47 -14.61 -27.38 -10.83
N LEU H 48 -15.79 -27.80 -11.28
CA LEU H 48 -17.00 -27.02 -11.12
C LEU H 48 -17.78 -27.36 -9.86
N SER H 49 -17.37 -28.41 -9.14
CA SER H 49 -18.06 -28.84 -7.93
C SER H 49 -17.07 -29.61 -7.06
N ASN H 50 -17.45 -29.81 -5.80
CA ASN H 50 -16.61 -30.49 -4.81
C ASN H 50 -15.24 -29.82 -4.73
N ASN H 51 -15.24 -28.48 -4.74
CA ASN H 51 -14.02 -27.70 -4.89
C ASN H 51 -13.99 -26.51 -3.96
N TYR H 52 -14.44 -26.68 -2.71
CA TYR H 52 -14.46 -25.57 -1.77
C TYR H 52 -13.04 -25.21 -1.35
N TYR H 53 -12.79 -23.90 -1.23
CA TYR H 53 -11.44 -23.44 -0.97
C TYR H 53 -10.96 -23.82 0.43
N CYS H 54 -11.89 -24.00 1.38
CA CYS H 54 -11.50 -24.37 2.74
C CYS H 54 -10.89 -25.76 2.81
N THR H 55 -11.13 -26.61 1.81
CA THR H 55 -10.53 -27.94 1.78
C THR H 55 -9.19 -27.98 1.05
N ARG H 56 -8.75 -26.87 0.47
CA ARG H 56 -7.48 -26.81 -0.26
C ARG H 56 -6.74 -25.53 0.09
N ASP H 57 -6.77 -25.13 1.35
CA ASP H 57 -6.20 -23.86 1.80
C ASP H 57 -4.94 -24.16 2.61
N GLY H 58 -3.78 -24.06 1.95
CA GLY H 58 -2.53 -24.38 2.61
C GLY H 58 -2.13 -23.40 3.69
N ARG H 59 -2.35 -22.10 3.45
CA ARG H 59 -1.92 -21.08 4.41
C ARG H 59 -2.67 -21.19 5.73
N ARG H 60 -3.95 -21.56 5.68
CA ARG H 60 -4.75 -21.62 6.90
C ARG H 60 -4.50 -22.88 7.71
N GLU H 61 -3.78 -23.86 7.17
CA GLU H 61 -3.43 -25.05 7.92
C GLU H 61 -2.12 -24.91 8.69
N ALA H 62 -1.38 -23.82 8.49
CA ALA H 62 -0.20 -23.55 9.29
C ALA H 62 -0.61 -23.14 10.70
N MET H 63 0.19 -23.56 11.68
CA MET H 63 -0.08 -23.32 13.09
C MET H 63 1.17 -22.81 13.78
N PRO H 64 1.01 -22.15 14.92
CA PRO H 64 2.19 -21.75 15.69
C PRO H 64 2.99 -22.96 16.13
N PRO H 65 4.30 -22.81 16.32
CA PRO H 65 5.14 -23.97 16.61
C PRO H 65 4.77 -24.64 17.93
N SER H 66 4.97 -25.96 17.96
CA SER H 66 4.66 -26.75 19.16
C SER H 66 5.70 -26.49 20.24
N ILE H 67 5.23 -26.20 21.45
CA ILE H 67 6.10 -25.89 22.57
C ILE H 67 6.29 -27.15 23.40
N VAL H 68 7.53 -27.60 23.51
CA VAL H 68 7.93 -28.62 24.47
C VAL H 68 8.92 -27.99 25.43
N MET H 69 8.76 -28.26 26.72
CA MET H 69 9.64 -27.74 27.76
C MET H 69 9.64 -26.20 27.74
N SER H 70 8.56 -25.66 28.28
CA SER H 70 8.55 -24.26 28.71
C SER H 70 9.08 -24.20 30.14
N SER H 71 10.10 -23.39 30.37
CA SER H 71 10.70 -23.32 31.70
C SER H 71 9.85 -22.50 32.67
N GLN H 72 8.81 -21.83 32.18
CA GLN H 72 7.98 -21.02 33.06
C GLN H 72 6.89 -21.84 33.74
N LYS H 73 6.56 -23.02 33.21
CA LYS H 73 5.51 -23.85 33.77
C LYS H 73 6.06 -25.18 34.25
N THR H 89 11.77 -44.58 35.44
CA THR H 89 11.91 -44.48 34.00
C THR H 89 13.36 -44.67 33.56
N GLU H 90 13.57 -45.62 32.64
CA GLU H 90 14.92 -45.86 32.12
C GLU H 90 15.47 -44.64 31.40
N LYS H 91 14.66 -44.01 30.55
CA LYS H 91 15.03 -42.79 29.85
C LYS H 91 16.29 -43.00 28.99
N LYS H 92 16.10 -43.79 27.95
CA LYS H 92 17.18 -44.04 26.99
C LYS H 92 17.58 -42.75 26.27
N ALA H 93 18.86 -42.67 25.92
CA ALA H 93 19.37 -41.51 25.21
C ALA H 93 18.93 -41.53 23.74
N VAL H 94 18.80 -40.34 23.16
CA VAL H 94 18.34 -40.19 21.79
C VAL H 94 19.29 -39.29 21.02
N THR H 95 19.20 -39.37 19.70
CA THR H 95 19.91 -38.53 18.75
C THR H 95 18.90 -37.71 17.96
N PRO H 96 19.32 -36.59 17.35
CA PRO H 96 18.34 -35.78 16.59
C PRO H 96 17.70 -36.53 15.44
N ALA H 97 18.40 -37.50 14.87
CA ALA H 97 17.90 -38.34 13.80
C ALA H 97 18.76 -39.60 13.77
N PRO H 98 18.29 -40.65 13.12
CA PRO H 98 19.12 -41.85 13.00
C PRO H 98 20.41 -41.53 12.28
N PRO H 99 21.49 -42.23 12.61
CA PRO H 99 22.78 -41.97 11.95
C PRO H 99 22.68 -42.16 10.43
N ILE H 100 23.40 -41.32 9.70
CA ILE H 100 23.39 -41.40 8.25
C ILE H 100 24.05 -42.69 7.80
N LYS H 101 23.50 -43.30 6.75
CA LYS H 101 24.07 -44.52 6.21
C LYS H 101 25.22 -44.19 5.26
N ARG H 102 26.21 -45.07 5.22
CA ARG H 102 27.36 -44.86 4.34
C ARG H 102 26.93 -44.84 2.88
N TRP H 103 27.57 -43.97 2.11
CA TRP H 103 27.36 -43.95 0.67
C TRP H 103 27.99 -45.16 0.01
N GLU H 104 27.48 -45.49 -1.17
CA GLU H 104 27.99 -46.59 -1.96
C GLU H 104 28.88 -46.07 -3.08
N LEU H 105 29.78 -46.94 -3.54
CA LEU H 105 30.85 -46.54 -4.47
C LEU H 105 30.50 -46.79 -5.93
N SER H 106 29.42 -46.16 -6.41
CA SER H 106 29.24 -45.82 -7.82
C SER H 106 29.56 -46.98 -8.76
N LYS H 107 28.68 -47.98 -8.79
CA LYS H 107 28.91 -49.08 -9.71
C LYS H 107 28.52 -48.69 -11.14
N ASP H 108 28.96 -47.51 -11.56
CA ASP H 108 28.96 -47.00 -12.93
C ASP H 108 30.37 -46.60 -13.37
N GLN H 109 31.05 -45.77 -12.57
CA GLN H 109 32.46 -45.45 -12.73
C GLN H 109 33.02 -45.09 -11.35
N PRO H 110 33.59 -46.05 -10.62
CA PRO H 110 34.05 -45.75 -9.26
C PRO H 110 35.30 -44.89 -9.22
N TYR H 111 36.21 -45.02 -10.19
CA TYR H 111 37.45 -44.28 -10.19
C TYR H 111 37.60 -43.51 -11.51
N LEU H 112 38.26 -42.37 -11.43
CA LEU H 112 38.45 -41.52 -12.60
C LEU H 112 39.88 -41.57 -13.11
N LEU I 1 8.15 37.16 -8.05
CA LEU I 1 9.39 36.41 -8.05
C LEU I 1 9.29 35.15 -8.90
N HIS I 2 8.13 34.96 -9.54
CA HIS I 2 7.93 33.81 -10.42
C HIS I 2 8.10 32.47 -9.72
N HIS I 3 7.03 32.01 -9.07
CA HIS I 3 6.99 30.85 -8.17
C HIS I 3 8.00 29.75 -8.48
N ALA I 4 8.16 29.41 -9.76
CA ALA I 4 9.19 28.45 -10.14
C ALA I 4 10.60 28.90 -9.76
N LEU I 5 10.79 30.14 -9.34
CA LEU I 5 12.08 30.65 -8.91
C LEU I 5 12.12 30.98 -7.41
N ILE I 6 11.19 30.44 -6.64
CA ILE I 6 11.21 30.62 -5.19
C ILE I 6 12.12 29.57 -4.57
N PRO I 7 13.07 29.95 -3.71
CA PRO I 7 14.01 28.96 -3.16
C PRO I 7 13.29 27.87 -2.36
N HIS I 8 13.80 26.65 -2.46
CA HIS I 8 13.25 25.51 -1.74
C HIS I 8 14.40 24.59 -1.37
N GLY I 9 14.15 23.76 -0.36
CA GLY I 9 15.16 22.82 0.10
C GLY I 9 16.07 23.40 1.17
N LYS I 10 17.18 22.69 1.38
CA LYS I 10 18.15 23.02 2.42
C LYS I 10 19.46 23.56 1.85
N GLY I 11 19.44 24.10 0.64
CA GLY I 11 20.63 24.62 0.02
C GLY I 11 21.64 23.55 -0.35
N GLY I 12 21.15 22.40 -0.83
CA GLY I 12 22.01 21.31 -1.24
C GLY I 12 21.99 21.04 -2.72
N ARG I 13 22.49 19.86 -3.12
CA ARG I 13 22.64 19.54 -4.53
C ARG I 13 21.30 19.52 -5.26
N SER I 14 20.28 18.93 -4.65
CA SER I 14 18.97 18.82 -5.27
C SER I 14 18.00 19.89 -4.78
N SER I 15 18.50 20.94 -4.15
CA SER I 15 17.69 22.06 -3.72
C SER I 15 17.43 23.00 -4.89
N VAL I 16 16.60 24.01 -4.66
CA VAL I 16 16.36 25.09 -5.62
C VAL I 16 16.76 26.39 -4.94
N SER I 17 17.70 27.11 -5.54
CA SER I 17 18.18 28.35 -4.96
C SER I 17 17.53 29.59 -5.57
N GLY I 18 16.78 29.44 -6.66
CA GLY I 18 16.18 30.58 -7.31
C GLY I 18 17.12 31.40 -8.16
N ILE I 19 18.28 30.86 -8.50
CA ILE I 19 19.28 31.55 -9.30
C ILE I 19 19.34 30.89 -10.68
N VAL I 20 19.16 31.68 -11.72
CA VAL I 20 19.42 31.25 -13.09
C VAL I 20 20.57 32.11 -13.60
N ALA I 21 21.73 31.49 -13.72
CA ALA I 21 22.96 32.20 -14.03
C ALA I 21 23.52 31.76 -15.37
N THR I 22 23.86 32.72 -16.20
CA THR I 22 24.62 32.47 -17.43
C THR I 22 26.05 32.91 -17.18
N VAL I 23 26.98 31.96 -17.27
CA VAL I 23 28.37 32.25 -16.93
C VAL I 23 29.24 32.20 -18.18
N PHE I 24 29.57 33.37 -18.72
CA PHE I 24 30.50 33.43 -19.84
C PHE I 24 31.92 33.18 -19.37
N GLY I 25 32.70 32.48 -20.18
CA GLY I 25 34.04 32.10 -19.77
C GLY I 25 34.07 31.13 -18.62
N ALA I 26 33.13 30.18 -18.60
CA ALA I 26 33.07 29.17 -17.55
C ALA I 26 34.08 28.06 -17.71
N THR I 27 34.75 27.97 -18.86
CA THR I 27 35.68 26.89 -19.14
C THR I 27 37.11 27.20 -18.71
N GLY I 28 37.34 28.33 -18.05
CA GLY I 28 38.67 28.72 -17.62
C GLY I 28 38.93 28.48 -16.15
N PHE I 29 39.91 29.21 -15.62
CA PHE I 29 40.36 29.03 -14.25
C PHE I 29 39.26 29.39 -13.25
N LEU I 30 38.84 30.65 -13.21
CA LEU I 30 37.82 31.09 -12.27
C LEU I 30 36.46 30.48 -12.55
N GLY I 31 36.19 30.12 -13.81
CA GLY I 31 34.87 29.64 -14.17
C GLY I 31 34.51 28.33 -13.52
N ARG I 32 35.47 27.42 -13.39
CA ARG I 32 35.16 26.12 -12.79
C ARG I 32 34.77 26.27 -11.33
N TYR I 33 35.47 27.14 -10.59
CA TYR I 33 35.10 27.39 -9.20
C TYR I 33 33.75 28.09 -9.10
N VAL I 34 33.49 29.06 -9.97
CA VAL I 34 32.22 29.76 -9.95
C VAL I 34 31.06 28.79 -10.22
N VAL I 35 31.23 27.92 -11.22
CA VAL I 35 30.18 26.99 -11.58
C VAL I 35 29.98 25.95 -10.47
N ASN I 36 31.07 25.51 -9.85
CA ASN I 36 30.95 24.57 -8.73
C ASN I 36 30.19 25.19 -7.56
N HIS I 37 30.52 26.45 -7.21
CA HIS I 37 29.81 27.12 -6.14
C HIS I 37 28.33 27.32 -6.47
N LEU I 38 28.03 27.69 -7.72
CA LEU I 38 26.65 27.88 -8.12
C LEU I 38 25.87 26.57 -8.08
N GLY I 39 26.48 25.47 -8.54
CA GLY I 39 25.77 24.22 -8.65
C GLY I 39 25.68 23.41 -7.38
N ARG I 40 26.53 23.68 -6.39
CA ARG I 40 26.42 22.93 -5.15
C ARG I 40 25.23 23.36 -4.30
N MET I 41 24.60 24.50 -4.60
CA MET I 41 23.41 24.93 -3.89
C MET I 41 22.14 24.79 -4.73
N GLY I 42 22.22 24.13 -5.87
CA GLY I 42 21.03 23.84 -6.66
C GLY I 42 20.57 24.94 -7.58
N SER I 43 21.45 25.82 -8.04
CA SER I 43 21.07 26.80 -9.02
C SER I 43 21.11 26.19 -10.42
N GLN I 44 20.43 26.84 -11.35
CA GLN I 44 20.47 26.45 -12.75
C GLN I 44 21.56 27.25 -13.46
N VAL I 45 22.46 26.55 -14.13
CA VAL I 45 23.64 27.17 -14.76
C VAL I 45 23.56 26.93 -16.26
N ILE I 46 23.70 28.01 -17.02
CA ILE I 46 23.83 27.96 -18.46
C ILE I 46 25.28 28.26 -18.81
N VAL I 47 25.94 27.31 -19.47
CA VAL I 47 27.34 27.43 -19.82
C VAL I 47 27.47 27.66 -21.32
N PRO I 48 27.82 28.87 -21.76
CA PRO I 48 28.19 29.07 -23.16
C PRO I 48 29.61 28.61 -23.40
N TYR I 49 29.81 27.88 -24.49
CA TYR I 49 31.13 27.40 -24.83
C TYR I 49 31.39 27.60 -26.32
N ARG I 50 32.65 27.85 -26.66
CA ARG I 50 33.12 27.87 -28.04
C ARG I 50 34.12 26.76 -28.33
N CYS I 51 34.69 26.16 -27.29
CA CYS I 51 35.68 25.10 -27.43
C CYS I 51 35.01 23.77 -27.69
N GLU I 52 35.82 22.72 -27.71
CA GLU I 52 35.28 21.37 -27.81
C GLU I 52 34.49 21.03 -26.55
N PRO I 53 33.38 20.29 -26.67
CA PRO I 53 32.67 19.84 -25.46
C PRO I 53 33.52 18.98 -24.55
N TYR I 54 34.51 18.29 -25.12
CA TYR I 54 35.46 17.53 -24.32
C TYR I 54 36.14 18.42 -23.29
N ASP I 55 36.45 19.67 -23.66
CA ASP I 55 37.05 20.60 -22.70
C ASP I 55 36.06 21.11 -21.67
N THR I 56 34.76 20.90 -21.89
CA THR I 56 33.75 21.26 -20.91
C THR I 56 33.28 20.05 -20.10
N MET I 57 33.82 18.86 -20.37
CA MET I 57 33.35 17.65 -19.69
C MET I 57 33.55 17.71 -18.17
N HIS I 58 34.54 18.46 -17.69
CA HIS I 58 34.80 18.46 -16.25
C HIS I 58 33.74 19.24 -15.46
N LEU I 59 32.86 19.96 -16.13
CA LEU I 59 31.79 20.68 -15.44
C LEU I 59 30.50 19.87 -15.30
N ARG I 60 30.41 18.70 -15.94
CA ARG I 60 29.19 17.91 -15.88
C ARG I 60 28.81 17.48 -14.47
N PRO I 61 29.70 16.92 -13.65
CA PRO I 61 29.28 16.48 -12.30
C PRO I 61 29.12 17.60 -11.28
N MET I 62 29.10 18.85 -11.72
CA MET I 62 29.03 20.00 -10.82
C MET I 62 27.60 20.35 -10.41
N GLY I 63 26.60 19.70 -10.98
CA GLY I 63 25.23 19.99 -10.64
C GLY I 63 24.37 18.75 -10.73
N ASP I 64 23.16 18.85 -10.21
CA ASP I 64 22.18 17.77 -10.30
C ASP I 64 21.70 17.61 -11.73
N LEU I 65 20.88 16.58 -11.95
CA LEU I 65 20.39 16.29 -13.29
C LEU I 65 19.56 17.45 -13.83
N GLY I 66 19.96 17.95 -15.00
CA GLY I 66 19.28 19.05 -15.64
C GLY I 66 19.71 20.43 -15.20
N GLN I 67 20.56 20.54 -14.19
CA GLN I 67 20.91 21.83 -13.63
C GLN I 67 22.04 22.53 -14.36
N ILE I 68 22.72 21.85 -15.28
CA ILE I 68 23.80 22.42 -16.05
C ILE I 68 23.50 22.22 -17.53
N ILE I 69 23.38 23.32 -18.28
CA ILE I 69 22.97 23.28 -19.68
C ILE I 69 24.05 23.94 -20.51
N PHE I 70 24.63 23.18 -21.44
CA PHE I 70 25.71 23.67 -22.29
C PHE I 70 25.14 24.13 -23.63
N MET I 71 25.49 25.34 -24.04
CA MET I 71 25.08 25.87 -25.33
C MET I 71 26.27 26.48 -26.05
N GLU I 72 26.25 26.41 -27.37
CA GLU I 72 27.31 26.96 -28.19
C GLU I 72 27.08 28.44 -28.45
N TRP I 73 28.18 29.20 -28.52
CA TRP I 73 28.11 30.63 -28.76
C TRP I 73 29.43 31.07 -29.38
N ASN I 74 29.41 32.28 -29.94
CA ASN I 74 30.64 32.95 -30.34
C ASN I 74 30.47 34.44 -30.12
N GLY I 75 31.55 35.08 -29.67
CA GLY I 75 31.47 36.45 -29.18
C GLY I 75 31.15 37.49 -30.23
N LYS I 76 31.37 37.18 -31.51
CA LYS I 76 31.11 38.13 -32.58
C LYS I 76 29.64 38.23 -32.93
N ASP I 77 28.81 37.30 -32.49
CA ASP I 77 27.40 37.26 -32.84
C ASP I 77 26.55 37.62 -31.64
N LYS I 78 25.58 38.50 -31.84
CA LYS I 78 24.68 38.91 -30.78
C LYS I 78 23.49 37.97 -30.63
N ASP I 79 23.13 37.21 -31.67
CA ASP I 79 22.02 36.28 -31.56
C ASP I 79 22.34 35.14 -30.61
N SER I 80 23.56 34.61 -30.67
CA SER I 80 23.96 33.55 -29.75
C SER I 80 24.00 34.06 -28.32
N ILE I 81 24.48 35.30 -28.13
CA ILE I 81 24.44 35.92 -26.81
C ILE I 81 23.00 36.02 -26.32
N ARG I 82 22.09 36.44 -27.20
CA ARG I 82 20.69 36.61 -26.80
C ARG I 82 20.06 35.28 -26.40
N LYS I 83 20.25 34.25 -27.22
CA LYS I 83 19.66 32.96 -26.91
C LYS I 83 20.31 32.30 -25.70
N VAL I 84 21.54 32.70 -25.35
CA VAL I 84 22.17 32.13 -24.17
C VAL I 84 21.70 32.81 -22.88
N VAL I 85 21.33 34.09 -22.94
CA VAL I 85 20.95 34.83 -21.73
C VAL I 85 19.46 35.13 -21.67
N GLU I 86 18.64 34.46 -22.49
CA GLU I 86 17.23 34.81 -22.58
C GLU I 86 16.49 34.56 -21.27
N HIS I 87 16.80 33.47 -20.59
CA HIS I 87 16.01 33.03 -19.44
C HIS I 87 16.72 33.22 -18.11
N SER I 88 17.90 33.81 -18.09
CA SER I 88 18.65 33.97 -16.86
C SER I 88 18.22 35.23 -16.11
N ASN I 89 18.35 35.17 -14.78
CA ASN I 89 18.19 36.35 -13.96
C ASN I 89 19.51 36.94 -13.50
N VAL I 90 20.62 36.24 -13.69
CA VAL I 90 21.95 36.79 -13.42
C VAL I 90 22.91 36.35 -14.50
N VAL I 91 23.74 37.29 -14.96
CA VAL I 91 24.76 37.04 -15.97
C VAL I 91 26.11 37.39 -15.36
N ILE I 92 27.08 36.49 -15.54
CA ILE I 92 28.45 36.69 -15.05
C ILE I 92 29.38 36.65 -16.26
N ASN I 93 30.27 37.63 -16.35
CA ASN I 93 31.24 37.70 -17.44
C ASN I 93 32.63 37.38 -16.90
N LEU I 94 33.15 36.21 -17.28
CA LEU I 94 34.51 35.81 -16.95
C LEU I 94 35.39 35.68 -18.19
N VAL I 95 35.02 36.33 -19.29
CA VAL I 95 35.73 36.15 -20.54
C VAL I 95 37.00 36.98 -20.53
N GLY I 96 38.12 36.35 -20.83
CA GLY I 96 39.39 37.07 -20.89
C GLY I 96 40.53 36.21 -21.38
N ARG I 97 41.40 36.79 -22.20
CA ARG I 97 42.59 36.09 -22.68
C ARG I 97 43.81 36.90 -22.27
N GLU I 98 44.84 36.20 -21.79
CA GLU I 98 46.01 36.89 -21.27
C GLU I 98 47.03 37.20 -22.34
N TRP I 99 46.73 36.90 -23.60
CA TRP I 99 47.57 37.21 -24.74
C TRP I 99 46.69 37.56 -25.92
N GLU I 100 47.32 37.94 -27.02
CA GLU I 100 46.64 38.45 -28.20
C GLU I 100 46.63 37.35 -29.26
N THR I 101 45.48 37.14 -29.89
CA THR I 101 45.32 36.12 -30.92
C THR I 101 44.95 36.77 -32.24
N LYS I 102 45.27 36.09 -33.35
CA LYS I 102 45.04 36.65 -34.68
C LYS I 102 43.56 36.91 -34.95
N ASN I 103 42.66 36.28 -34.22
CA ASN I 103 41.23 36.51 -34.42
C ASN I 103 40.61 37.37 -33.32
N PHE I 104 41.26 37.49 -32.17
CA PHE I 104 40.75 38.26 -31.05
C PHE I 104 41.93 39.01 -30.43
N ASP I 105 41.96 40.32 -30.57
CA ASP I 105 42.92 41.11 -29.83
C ASP I 105 42.30 41.56 -28.51
N PHE I 106 43.07 42.33 -27.73
CA PHE I 106 42.60 42.76 -26.41
C PHE I 106 41.32 43.59 -26.51
N GLU I 107 41.16 44.35 -27.58
CA GLU I 107 39.98 45.19 -27.72
C GLU I 107 38.71 44.35 -27.83
N ASP I 108 38.73 43.30 -28.65
CA ASP I 108 37.54 42.46 -28.76
C ASP I 108 37.28 41.72 -27.45
N VAL I 109 38.34 41.23 -26.82
CA VAL I 109 38.17 40.37 -25.65
C VAL I 109 37.65 41.17 -24.46
N PHE I 110 38.17 42.38 -24.25
CA PHE I 110 37.90 43.13 -23.03
C PHE I 110 36.98 44.31 -23.23
N VAL I 111 36.64 44.67 -24.46
CA VAL I 111 35.78 45.82 -24.70
C VAL I 111 34.53 45.42 -25.47
N LYS I 112 34.70 44.84 -26.66
CA LYS I 112 33.56 44.60 -27.53
C LYS I 112 32.68 43.46 -27.01
N ILE I 113 33.28 42.35 -26.60
CA ILE I 113 32.51 41.23 -26.06
C ILE I 113 31.78 41.61 -24.77
N PRO I 114 32.44 42.21 -23.76
CA PRO I 114 31.68 42.64 -22.58
C PRO I 114 30.58 43.64 -22.89
N HIS I 115 30.83 44.56 -23.83
CA HIS I 115 29.81 45.55 -24.18
C HIS I 115 28.61 44.88 -24.81
N ALA I 116 28.85 43.93 -25.72
CA ALA I 116 27.75 43.21 -26.34
C ALA I 116 26.98 42.38 -25.32
N ILE I 117 27.70 41.72 -24.40
CA ILE I 117 27.03 40.93 -23.37
C ILE I 117 26.15 41.82 -22.52
N ALA I 118 26.67 42.97 -22.09
CA ALA I 118 25.91 43.88 -21.24
C ALA I 118 24.69 44.42 -21.97
N GLN I 119 24.85 44.83 -23.23
CA GLN I 119 23.73 45.40 -23.96
C GLN I 119 22.63 44.37 -24.21
N VAL I 120 23.01 43.16 -24.61
CA VAL I 120 22.01 42.12 -24.85
C VAL I 120 21.33 41.71 -23.56
N SER I 121 22.08 41.63 -22.47
CA SER I 121 21.49 41.28 -21.18
C SER I 121 20.50 42.35 -20.72
N LYS I 122 20.84 43.63 -20.92
CA LYS I 122 19.91 44.70 -20.57
C LYS I 122 18.66 44.64 -21.45
N GLU I 123 18.82 44.34 -22.73
CA GLU I 123 17.68 44.20 -23.61
C GLU I 123 16.78 43.04 -23.19
N ALA I 124 17.37 41.94 -22.73
CA ALA I 124 16.60 40.75 -22.38
C ALA I 124 15.98 40.82 -20.99
N GLY I 125 16.21 41.90 -20.25
CA GLY I 125 15.65 42.04 -18.92
C GLY I 125 16.37 41.27 -17.84
N VAL I 126 17.64 40.94 -18.03
CA VAL I 126 18.41 40.30 -16.97
C VAL I 126 18.54 41.24 -15.80
N GLU I 127 18.26 40.73 -14.60
CA GLU I 127 18.19 41.59 -13.42
C GLU I 127 19.58 41.98 -12.92
N LYS I 128 20.53 41.05 -12.97
CA LYS I 128 21.86 41.28 -12.40
C LYS I 128 22.95 40.94 -13.40
N LEU I 129 23.97 41.79 -13.44
CA LEU I 129 25.15 41.55 -14.25
C LEU I 129 26.40 41.77 -13.41
N ILE I 130 27.33 40.81 -13.49
CA ILE I 130 28.60 40.87 -12.79
C ILE I 130 29.71 40.82 -13.82
N HIS I 131 30.62 41.78 -13.75
CA HIS I 131 31.71 41.91 -14.70
C HIS I 131 33.04 41.94 -13.96
N ILE I 132 34.01 41.21 -14.48
CA ILE I 132 35.34 41.12 -13.88
C ILE I 132 36.31 41.98 -14.69
N SER I 133 37.02 42.86 -14.00
CA SER I 133 38.10 43.65 -14.57
C SER I 133 39.33 43.42 -13.71
N HIS I 134 40.37 44.21 -13.93
CA HIS I 134 41.60 44.07 -13.15
C HIS I 134 41.69 45.16 -12.09
N LEU I 135 42.44 44.86 -11.02
CA LEU I 135 42.69 45.84 -9.97
C LEU I 135 43.45 47.04 -10.50
N ASN I 136 44.49 46.80 -11.29
CA ASN I 136 45.34 47.87 -11.80
C ASN I 136 44.90 48.38 -13.18
N ALA I 137 43.62 48.31 -13.48
CA ALA I 137 43.09 48.81 -14.76
C ALA I 137 42.93 50.33 -14.66
N ASP I 138 43.72 51.06 -15.44
CA ASP I 138 43.55 52.49 -15.59
C ASP I 138 43.75 52.86 -17.06
N ILE I 139 43.25 54.05 -17.43
CA ILE I 139 43.22 54.45 -18.84
C ILE I 139 44.64 54.64 -19.37
N LYS I 140 45.55 55.17 -18.55
CA LYS I 140 46.88 55.54 -19.00
C LYS I 140 47.91 54.44 -18.77
N SER I 141 47.48 53.19 -18.64
CA SER I 141 48.41 52.10 -18.38
C SER I 141 49.38 51.94 -19.56
N PRO I 142 50.65 51.67 -19.29
CA PRO I 142 51.58 51.34 -20.39
C PRO I 142 51.21 50.07 -21.11
N SER I 143 50.42 49.19 -20.48
CA SER I 143 50.05 47.92 -21.09
C SER I 143 48.67 48.02 -21.72
N ARG I 144 48.51 47.38 -22.89
CA ARG I 144 47.21 47.36 -23.56
C ARG I 144 46.19 46.53 -22.79
N TYR I 145 46.65 45.52 -22.05
CA TYR I 145 45.76 44.69 -21.24
C TYR I 145 44.91 45.54 -20.30
N LEU I 146 45.56 46.29 -19.40
CA LEU I 146 44.84 47.05 -18.39
C LEU I 146 44.11 48.25 -19.01
N ARG I 147 44.66 48.82 -20.08
CA ARG I 147 43.98 49.90 -20.79
C ARG I 147 42.64 49.43 -21.36
N SER I 148 42.66 48.28 -22.04
CA SER I 148 41.43 47.71 -22.56
C SER I 148 40.49 47.29 -21.43
N LYS I 149 41.05 46.84 -20.31
CA LYS I 149 40.22 46.52 -19.15
C LYS I 149 39.47 47.74 -18.67
N ALA I 150 40.15 48.89 -18.58
CA ALA I 150 39.49 50.12 -18.12
C ALA I 150 38.43 50.59 -19.11
N VAL I 151 38.74 50.55 -20.41
CA VAL I 151 37.75 50.96 -21.40
C VAL I 151 36.53 50.05 -21.37
N GLY I 152 36.75 48.74 -21.25
CA GLY I 152 35.64 47.81 -21.17
C GLY I 152 34.81 48.00 -19.92
N GLU I 153 35.47 48.32 -18.80
CA GLU I 153 34.72 48.62 -17.58
C GLU I 153 33.82 49.82 -17.77
N LYS I 154 34.33 50.88 -18.40
CA LYS I 154 33.51 52.06 -18.65
C LYS I 154 32.33 51.73 -19.56
N GLU I 155 32.57 50.96 -20.62
CA GLU I 155 31.48 50.66 -21.54
C GLU I 155 30.44 49.71 -20.93
N VAL I 156 30.88 48.78 -20.09
CA VAL I 156 29.95 47.93 -19.36
C VAL I 156 29.08 48.75 -18.43
N ARG I 157 29.68 49.71 -17.72
CA ARG I 157 28.88 50.60 -16.89
C ARG I 157 27.89 51.39 -17.71
N ALA I 158 28.31 51.86 -18.90
CA ALA I 158 27.39 52.61 -19.74
C ALA I 158 26.21 51.76 -20.19
N ALA I 159 26.46 50.51 -20.58
CA ALA I 159 25.38 49.67 -21.09
C ALA I 159 24.48 49.16 -19.97
N PHE I 160 25.07 48.79 -18.83
CA PHE I 160 24.34 48.20 -17.70
C PHE I 160 24.63 49.04 -16.47
N PRO I 161 23.83 50.06 -16.18
CA PRO I 161 24.10 50.90 -15.00
C PRO I 161 24.09 50.13 -13.68
N GLU I 162 23.26 49.09 -13.56
CA GLU I 162 23.16 48.31 -12.34
C GLU I 162 24.18 47.18 -12.28
N ALA I 163 25.23 47.23 -13.09
CA ALA I 163 26.23 46.17 -13.12
C ALA I 163 27.15 46.27 -11.91
N THR I 164 27.58 45.12 -11.41
CA THR I 164 28.55 45.02 -10.33
C THR I 164 29.92 44.71 -10.93
N ILE I 165 30.89 45.57 -10.65
CA ILE I 165 32.26 45.41 -11.13
C ILE I 165 33.10 44.84 -10.01
N ILE I 166 33.82 43.76 -10.30
CA ILE I 166 34.72 43.14 -9.35
C ILE I 166 36.12 43.16 -9.94
N LYS I 167 37.01 43.82 -9.20
CA LYS I 167 38.39 43.99 -9.62
C LYS I 167 39.26 43.20 -8.70
N PRO I 168 40.04 42.30 -9.27
CA PRO I 168 40.91 41.47 -8.46
C PRO I 168 42.34 41.59 -8.93
N SER I 169 43.26 41.22 -8.04
CA SER I 169 44.70 41.21 -8.30
C SER I 169 45.11 39.84 -8.86
N ASP I 170 46.40 39.54 -8.84
CA ASP I 170 46.83 38.24 -9.34
C ASP I 170 46.15 37.19 -8.47
N ILE I 171 45.56 36.20 -9.11
CA ILE I 171 44.85 35.16 -8.37
C ILE I 171 45.71 33.94 -8.29
N PHE I 172 45.93 33.47 -7.08
CA PHE I 172 46.75 32.29 -6.89
C PHE I 172 45.86 31.13 -6.50
N GLY I 173 45.98 30.06 -7.27
CA GLY I 173 45.23 28.86 -7.01
C GLY I 173 45.88 27.66 -7.68
N ARG I 174 45.14 26.55 -7.68
CA ARG I 174 45.72 25.29 -8.14
C ARG I 174 45.97 25.29 -9.64
N GLU I 175 45.15 26.01 -10.41
CA GLU I 175 45.26 26.09 -11.85
C GLU I 175 45.61 27.50 -12.33
N ASP I 176 46.34 28.26 -11.51
CA ASP I 176 46.57 29.66 -11.79
C ASP I 176 47.71 29.85 -12.79
N ARG I 177 47.97 31.11 -13.10
CA ARG I 177 49.17 31.52 -13.82
C ARG I 177 50.05 32.46 -13.01
N PHE I 178 49.86 32.53 -11.70
CA PHE I 178 50.77 33.25 -10.82
C PHE I 178 51.85 32.34 -10.24
N LEU I 179 51.42 31.37 -9.44
CA LEU I 179 52.37 30.50 -8.75
C LEU I 179 52.97 29.47 -9.70
N ASN I 180 52.15 28.88 -10.56
CA ASN I 180 52.68 27.92 -11.53
C ASN I 180 53.64 28.60 -12.51
N TYR I 181 53.31 29.84 -12.91
CA TYR I 181 54.20 30.57 -13.80
C TYR I 181 55.52 30.92 -13.11
N PHE I 182 55.47 31.33 -11.85
CA PHE I 182 56.71 31.64 -11.14
C PHE I 182 57.52 30.38 -10.85
N ALA I 183 56.87 29.23 -10.74
CA ALA I 183 57.57 27.97 -10.49
C ALA I 183 58.10 27.32 -11.76
N SER I 184 57.70 27.80 -12.93
CA SER I 184 58.14 27.22 -14.19
C SER I 184 59.40 27.87 -14.75
N MET I 185 60.00 28.84 -14.03
CA MET I 185 61.16 29.54 -14.54
C MET I 185 62.43 28.69 -14.45
N ARG I 186 62.37 27.54 -13.79
CA ARG I 186 63.54 26.72 -13.58
C ARG I 186 63.96 25.94 -14.84
N LEU I 196 64.06 40.06 -11.90
CA LEU I 196 64.09 41.36 -11.25
C LEU I 196 63.11 41.40 -10.09
N GLY I 197 63.39 42.25 -9.11
CA GLY I 197 62.52 42.39 -7.96
C GLY I 197 62.95 43.57 -7.11
N LYS I 198 62.65 43.45 -5.82
CA LYS I 198 63.06 44.37 -4.76
C LYS I 198 62.39 45.73 -4.86
N GLU I 199 61.58 45.97 -5.90
CA GLU I 199 60.87 47.23 -6.05
C GLU I 199 59.40 47.07 -6.41
N THR I 200 58.95 45.87 -6.78
CA THR I 200 57.57 45.62 -7.14
C THR I 200 56.86 44.96 -5.96
N VAL I 201 55.66 45.46 -5.64
CA VAL I 201 54.85 44.93 -4.55
C VAL I 201 53.62 44.26 -5.14
N LYS I 202 53.29 43.07 -4.63
CA LYS I 202 52.18 42.27 -5.12
C LYS I 202 51.22 41.97 -3.99
N GLN I 203 49.93 41.85 -4.33
CA GLN I 203 48.85 41.65 -3.36
C GLN I 203 47.95 40.52 -3.86
N PRO I 204 48.38 39.27 -3.74
CA PRO I 204 47.63 38.17 -4.36
C PRO I 204 46.41 37.76 -3.55
N VAL I 205 45.41 37.25 -4.25
CA VAL I 205 44.13 36.86 -3.65
C VAL I 205 43.83 35.41 -4.02
N TYR I 206 43.27 34.67 -3.07
CA TYR I 206 42.93 33.26 -3.27
C TYR I 206 41.72 33.10 -4.19
N ILE I 207 41.72 32.01 -4.96
CA ILE I 207 40.68 31.78 -5.96
C ILE I 207 39.33 31.52 -5.30
N VAL I 208 39.33 30.74 -4.22
CA VAL I 208 38.06 30.43 -3.54
C VAL I 208 37.46 31.69 -2.95
N ASP I 209 38.31 32.60 -2.47
CA ASP I 209 37.81 33.88 -1.98
C ASP I 209 37.07 34.65 -3.07
N VAL I 210 37.63 34.68 -4.28
CA VAL I 210 36.99 35.39 -5.38
C VAL I 210 35.67 34.72 -5.76
N SER I 211 35.64 33.38 -5.77
CA SER I 211 34.39 32.70 -6.10
C SER I 211 33.30 33.00 -5.06
N LYS I 212 33.65 32.93 -3.78
CA LYS I 212 32.68 33.28 -2.75
C LYS I 212 32.27 34.74 -2.83
N GLY I 213 33.18 35.62 -3.23
CA GLY I 213 32.83 37.01 -3.41
C GLY I 213 31.83 37.23 -4.51
N ILE I 214 32.02 36.54 -5.64
CA ILE I 214 31.04 36.62 -6.72
C ILE I 214 29.69 36.09 -6.27
N ILE I 215 29.69 34.96 -5.55
CA ILE I 215 28.43 34.38 -5.10
C ILE I 215 27.71 35.32 -4.14
N ASN I 216 28.44 35.91 -3.20
CA ASN I 216 27.83 36.81 -2.23
C ASN I 216 27.39 38.11 -2.89
N ALA I 217 28.10 38.57 -3.92
CA ALA I 217 27.64 39.72 -4.68
C ALA I 217 26.32 39.42 -5.38
N ILE I 218 26.17 38.20 -5.90
CA ILE I 218 24.88 37.78 -6.45
C ILE I 218 23.82 37.81 -5.36
N LYS I 219 24.15 37.31 -4.18
CA LYS I 219 23.16 37.22 -3.11
C LYS I 219 22.93 38.55 -2.40
N ASP I 220 23.91 39.44 -2.41
CA ASP I 220 23.77 40.75 -1.76
C ASP I 220 22.84 41.63 -2.58
N PRO I 221 21.76 42.15 -2.00
CA PRO I 221 20.86 43.02 -2.77
C PRO I 221 21.36 44.45 -2.90
N ASP I 222 22.30 44.84 -2.04
CA ASP I 222 22.80 46.22 -2.05
C ASP I 222 24.04 46.40 -2.91
N ALA I 223 24.58 45.33 -3.50
CA ALA I 223 25.73 45.44 -4.39
C ALA I 223 25.32 45.56 -5.85
N LYS I 224 24.45 46.51 -6.16
CA LYS I 224 23.94 46.60 -7.52
C LYS I 224 24.90 47.38 -8.42
N GLY I 225 25.08 48.67 -8.15
CA GLY I 225 25.95 49.52 -8.93
C GLY I 225 27.33 49.71 -8.35
N LYS I 226 27.76 48.84 -7.43
CA LYS I 226 29.01 49.05 -6.73
C LYS I 226 30.18 48.46 -7.51
N THR I 227 31.39 48.91 -7.15
CA THR I 227 32.62 48.38 -7.69
C THR I 227 33.45 47.84 -6.54
N PHE I 228 33.92 46.61 -6.67
CA PHE I 228 34.67 45.94 -5.61
C PHE I 228 36.10 45.70 -6.05
N ALA I 229 36.98 45.55 -5.07
CA ALA I 229 38.38 45.20 -5.29
C ALA I 229 38.72 44.03 -4.39
N PHE I 230 39.00 42.88 -4.99
CA PHE I 230 39.29 41.65 -4.25
C PHE I 230 40.80 41.50 -4.13
N VAL I 231 41.33 41.71 -2.93
CA VAL I 231 42.75 41.67 -2.68
C VAL I 231 43.02 40.78 -1.47
N GLY I 232 44.26 40.30 -1.38
CA GLY I 232 44.66 39.46 -0.28
C GLY I 232 44.99 40.25 0.96
N PRO I 233 45.30 39.52 2.04
CA PRO I 233 45.56 40.19 3.32
C PRO I 233 46.93 40.86 3.37
N ASN I 234 47.93 40.27 2.74
CA ASN I 234 49.31 40.70 2.88
C ASN I 234 49.87 41.18 1.55
N ARG I 235 50.70 42.22 1.61
CA ARG I 235 51.43 42.74 0.46
C ARG I 235 52.88 42.29 0.55
N TYR I 236 53.38 41.69 -0.53
CA TYR I 236 54.75 41.19 -0.57
C TYR I 236 55.55 41.93 -1.62
N LEU I 237 56.85 42.06 -1.39
CA LEU I 237 57.75 42.44 -2.47
C LEU I 237 57.98 41.24 -3.39
N LEU I 238 58.21 41.55 -4.68
CA LEU I 238 58.31 40.48 -5.67
C LEU I 238 59.47 39.54 -5.37
N PHE I 239 60.62 40.09 -5.00
CA PHE I 239 61.80 39.26 -4.76
C PHE I 239 61.55 38.26 -3.64
N ASP I 240 61.03 38.73 -2.51
CA ASP I 240 60.78 37.83 -1.39
C ASP I 240 59.63 36.87 -1.68
N LEU I 241 58.64 37.30 -2.46
CA LEU I 241 57.56 36.40 -2.83
C LEU I 241 58.08 35.25 -3.68
N VAL I 242 58.92 35.56 -4.66
CA VAL I 242 59.49 34.50 -5.50
C VAL I 242 60.44 33.61 -4.69
N GLN I 243 61.16 34.21 -3.73
CA GLN I 243 62.00 33.40 -2.84
C GLN I 243 61.16 32.41 -2.03
N TYR I 244 60.03 32.89 -1.49
CA TYR I 244 59.14 32.00 -0.75
C TYR I 244 58.57 30.91 -1.65
N ILE I 245 58.20 31.27 -2.88
CA ILE I 245 57.66 30.29 -3.82
C ILE I 245 58.68 29.19 -4.09
N PHE I 246 59.93 29.59 -4.33
CA PHE I 246 60.97 28.60 -4.61
C PHE I 246 61.31 27.77 -3.38
N ALA I 247 61.24 28.36 -2.19
CA ALA I 247 61.50 27.62 -0.97
C ALA I 247 60.43 26.56 -0.72
N VAL I 248 59.16 26.90 -0.97
CA VAL I 248 58.09 25.93 -0.73
C VAL I 248 58.21 24.75 -1.69
N ALA I 249 58.77 24.99 -2.87
CA ALA I 249 58.96 23.92 -3.85
C ALA I 249 60.23 23.10 -3.60
N TYR I 250 61.04 23.47 -2.60
CA TYR I 250 62.29 22.77 -2.28
C TYR I 250 63.29 22.83 -3.43
N ARG I 251 63.34 23.96 -4.14
CA ARG I 251 64.31 23.94 -5.23
C ARG I 251 65.18 25.19 -5.21
N PRO I 252 66.42 25.09 -5.71
CA PRO I 252 67.36 26.22 -5.60
C PRO I 252 66.84 27.45 -6.34
N PHE I 253 67.13 28.62 -5.76
CA PHE I 253 66.81 29.90 -6.38
C PHE I 253 67.90 30.29 -7.38
N THR I 279 52.40 35.81 -22.86
CA THR I 279 53.63 35.66 -22.08
C THR I 279 54.84 36.17 -22.86
N THR I 280 54.59 36.90 -23.94
CA THR I 280 55.68 37.44 -24.74
C THR I 280 56.23 38.73 -24.14
N ARG I 281 55.40 39.77 -24.08
CA ARG I 281 55.82 41.06 -23.56
C ARG I 281 54.84 41.63 -22.53
N ASP I 282 53.54 41.45 -22.74
CA ASP I 282 52.54 42.05 -21.87
C ASP I 282 52.61 41.50 -20.45
N LYS I 283 52.79 40.19 -20.31
CA LYS I 283 52.84 39.59 -18.98
C LYS I 283 54.02 40.08 -18.18
N VAL I 284 55.17 40.25 -18.84
CA VAL I 284 56.36 40.75 -18.14
C VAL I 284 56.10 42.15 -17.59
N GLU I 285 55.54 43.04 -18.42
CA GLU I 285 55.28 44.40 -17.97
C GLU I 285 54.19 44.44 -16.90
N ARG I 286 53.22 43.54 -16.96
CA ARG I 286 52.18 43.49 -15.94
C ARG I 286 52.69 42.92 -14.63
N VAL I 287 53.67 42.02 -14.68
CA VAL I 287 54.18 41.42 -13.45
C VAL I 287 55.26 42.29 -12.83
N HIS I 288 55.91 43.15 -13.61
CA HIS I 288 56.89 44.05 -13.04
C HIS I 288 56.24 45.28 -12.41
N MET I 289 54.97 45.54 -12.68
CA MET I 289 54.32 46.73 -12.14
C MET I 289 53.70 46.43 -10.79
N SER I 290 53.59 47.46 -9.95
CA SER I 290 53.08 47.30 -8.60
C SER I 290 51.56 47.35 -8.59
N ASP I 291 50.98 46.62 -7.64
CA ASP I 291 49.54 46.58 -7.44
C ASP I 291 49.06 47.88 -6.83
N MET I 292 48.04 48.48 -7.43
CA MET I 292 47.52 49.73 -6.90
C MET I 292 46.79 49.49 -5.59
N THR I 293 46.63 50.56 -4.81
CA THR I 293 45.89 50.52 -3.56
C THR I 293 44.70 51.46 -3.68
N LEU I 294 43.50 50.93 -3.45
CA LEU I 294 42.26 51.68 -3.56
C LEU I 294 41.46 51.50 -2.27
N PRO I 295 41.82 52.24 -1.22
CA PRO I 295 41.09 52.10 0.05
C PRO I 295 39.62 52.47 -0.02
N HIS I 296 39.24 53.36 -0.92
CA HIS I 296 37.86 53.83 -0.97
C HIS I 296 36.91 52.81 -1.58
N LEU I 297 37.43 51.69 -2.07
CA LEU I 297 36.55 50.69 -2.67
C LEU I 297 36.25 49.57 -1.68
N PRO I 298 35.00 49.12 -1.60
CA PRO I 298 34.68 47.96 -0.76
C PRO I 298 35.39 46.70 -1.28
N GLY I 299 35.68 45.79 -0.34
CA GLY I 299 36.40 44.59 -0.68
C GLY I 299 35.71 43.31 -0.24
N LEU I 300 36.50 42.28 0.07
CA LEU I 300 35.94 40.99 0.45
C LEU I 300 35.25 41.05 1.81
N GLU I 301 35.76 41.89 2.72
CA GLU I 301 35.16 41.97 4.04
C GLU I 301 33.77 42.60 4.01
N ASP I 302 33.51 43.49 3.04
CA ASP I 302 32.16 44.02 2.89
C ASP I 302 31.18 42.96 2.40
N LEU I 303 31.67 41.89 1.79
CA LEU I 303 30.85 40.78 1.35
C LEU I 303 30.88 39.61 2.33
N GLY I 304 31.36 39.84 3.55
CA GLY I 304 31.40 38.82 4.58
C GLY I 304 32.37 37.68 4.33
N ILE I 305 33.57 37.99 3.84
CA ILE I 305 34.58 36.98 3.54
C ILE I 305 35.90 37.40 4.17
N GLN I 306 36.56 36.46 4.83
CA GLN I 306 37.87 36.69 5.41
C GLN I 306 38.93 36.17 4.45
N ALA I 307 39.79 37.07 3.96
CA ALA I 307 40.75 36.69 2.93
C ALA I 307 41.77 35.70 3.47
N THR I 308 41.97 34.62 2.73
CA THR I 308 42.90 33.54 3.08
C THR I 308 44.31 33.94 2.72
N PRO I 309 45.25 33.89 3.65
CA PRO I 309 46.64 34.22 3.33
C PRO I 309 47.26 33.18 2.42
N LEU I 310 48.28 33.61 1.67
CA LEU I 310 48.96 32.73 0.74
C LEU I 310 49.71 31.60 1.43
N GLU I 311 50.11 31.79 2.69
CA GLU I 311 50.90 30.77 3.38
C GLU I 311 50.08 29.51 3.68
N LEU I 312 48.75 29.59 3.59
CA LEU I 312 47.93 28.43 3.88
C LEU I 312 47.69 27.58 2.64
N LYS I 313 47.88 28.16 1.45
CA LYS I 313 47.56 27.49 0.20
C LYS I 313 48.78 27.30 -0.70
N ALA I 314 49.93 27.87 -0.33
CA ALA I 314 51.11 27.74 -1.17
C ALA I 314 51.54 26.29 -1.28
N ILE I 315 51.47 25.54 -0.19
CA ILE I 315 51.81 24.11 -0.23
C ILE I 315 50.84 23.37 -1.15
N GLU I 316 49.55 23.68 -1.06
CA GLU I 316 48.56 23.02 -1.90
C GLU I 316 48.84 23.26 -3.37
N VAL I 317 49.20 24.49 -3.73
CA VAL I 317 49.46 24.79 -5.13
C VAL I 317 50.78 24.19 -5.60
N LEU I 318 51.83 24.26 -4.79
CA LEU I 318 53.18 23.99 -5.25
C LEU I 318 53.70 22.60 -4.88
N ARG I 319 52.89 21.76 -4.23
CA ARG I 319 53.37 20.43 -3.86
C ARG I 319 53.69 19.56 -5.06
N ARG I 320 53.00 19.76 -6.18
CA ARG I 320 53.28 18.98 -7.38
C ARG I 320 54.58 19.39 -8.07
N HIS I 321 55.20 20.48 -7.64
CA HIS I 321 56.47 20.93 -8.20
C HIS I 321 57.68 20.41 -7.43
N ARG I 322 57.47 19.62 -6.37
CA ARG I 322 58.58 19.03 -5.65
C ARG I 322 58.95 17.68 -6.27
N THR I 323 59.86 16.96 -5.62
CA THR I 323 60.29 15.64 -6.09
C THR I 323 60.29 14.62 -4.95
N VAL I 334 56.41 27.98 7.33
CA VAL I 334 57.84 27.73 7.34
C VAL I 334 58.60 28.78 6.54
N LYS I 335 59.31 29.66 7.25
CA LYS I 335 60.11 30.72 6.65
C LYS I 335 59.37 31.60 5.63
N PRO I 336 58.18 32.09 6.02
CA PRO I 336 57.35 32.93 5.14
C PRO I 336 58.06 34.24 4.80
N ALA I 337 57.86 34.71 3.57
CA ALA I 337 58.48 35.93 3.09
C ALA I 337 58.02 37.16 3.85
N LYS I 338 58.91 38.13 3.99
CA LYS I 338 58.61 39.37 4.71
C LYS I 338 57.49 40.13 4.01
N THR I 339 56.60 40.72 4.80
CA THR I 339 55.47 41.47 4.25
C THR I 339 55.53 42.95 4.61
N VAL I 340 54.96 43.78 3.74
CA VAL I 340 54.92 45.22 3.93
C VAL I 340 53.46 45.64 4.10
N ASN I 341 53.13 46.21 5.25
CA ASN I 341 51.77 46.65 5.52
C ASN I 341 51.73 48.16 5.79
N ASP J 1 -82.16 -28.85 -5.09
CA ASP J 1 -81.22 -28.62 -4.00
C ASP J 1 -79.81 -28.32 -4.49
N ASN J 2 -79.00 -29.37 -4.65
CA ASN J 2 -77.59 -29.17 -4.95
C ASN J 2 -77.37 -28.82 -6.42
N SER J 3 -78.35 -29.10 -7.28
CA SER J 3 -78.16 -28.88 -8.70
C SER J 3 -77.91 -27.42 -9.04
N THR J 4 -78.43 -26.49 -8.24
CA THR J 4 -78.33 -25.08 -8.54
C THR J 4 -77.09 -24.47 -7.90
N TYR J 5 -76.36 -23.66 -8.67
CA TYR J 5 -75.24 -22.89 -8.15
C TYR J 5 -75.76 -21.58 -7.56
N ARG J 6 -75.35 -21.29 -6.33
CA ARG J 6 -75.85 -20.13 -5.60
C ARG J 6 -74.74 -19.16 -5.20
N ASN J 7 -73.85 -18.86 -6.14
CA ASN J 7 -72.84 -17.82 -5.97
C ASN J 7 -72.78 -16.94 -7.21
N LEU J 8 -73.94 -16.55 -7.73
CA LEU J 8 -74.02 -15.65 -8.87
C LEU J 8 -74.06 -14.19 -8.46
N GLN J 9 -74.09 -13.90 -7.16
CA GLN J 9 -74.19 -12.53 -6.69
C GLN J 9 -72.97 -11.72 -7.08
N HIS J 10 -71.82 -12.37 -7.26
CA HIS J 10 -70.63 -11.66 -7.69
C HIS J 10 -70.63 -11.33 -9.17
N HIS J 11 -71.71 -11.64 -9.88
CA HIS J 11 -71.81 -11.33 -11.30
C HIS J 11 -72.17 -9.88 -11.57
N GLU J 12 -72.56 -9.10 -10.55
CA GLU J 12 -72.97 -7.72 -10.72
C GLU J 12 -72.17 -6.80 -9.81
N TYR J 13 -71.03 -7.29 -9.31
CA TYR J 13 -70.15 -6.53 -8.45
C TYR J 13 -69.45 -5.46 -9.29
N SER J 14 -69.41 -4.23 -8.76
CA SER J 14 -68.83 -3.11 -9.49
C SER J 14 -67.39 -2.87 -9.04
N THR J 15 -66.78 -1.85 -9.62
CA THR J 15 -65.41 -1.47 -9.30
C THR J 15 -65.26 -0.87 -7.90
N TYR J 16 -66.36 -0.54 -7.23
CA TYR J 16 -66.30 0.11 -5.93
C TYR J 16 -67.03 -0.69 -4.85
N THR J 17 -67.39 -1.94 -5.12
CA THR J 17 -68.21 -2.70 -4.18
C THR J 17 -67.49 -2.93 -2.86
N PHE J 18 -66.21 -3.31 -2.92
CA PHE J 18 -65.45 -3.59 -1.70
C PHE J 18 -65.30 -2.33 -0.85
N LEU J 19 -64.94 -1.22 -1.47
CA LEU J 19 -64.74 0.02 -0.73
C LEU J 19 -66.05 0.57 -0.19
N ASP J 20 -67.15 0.41 -0.94
CA ASP J 20 -68.44 0.85 -0.44
C ASP J 20 -68.88 0.01 0.75
N LEU J 21 -68.62 -1.30 0.71
CA LEU J 21 -68.89 -2.13 1.88
C LEU J 21 -68.04 -1.73 3.06
N ASN J 22 -66.78 -1.36 2.81
CA ASN J 22 -65.93 -0.86 3.89
C ASN J 22 -66.52 0.41 4.51
N VAL J 23 -67.00 1.33 3.67
CA VAL J 23 -67.60 2.55 4.18
C VAL J 23 -68.84 2.24 5.01
N GLU J 24 -69.66 1.29 4.54
CA GLU J 24 -70.83 0.88 5.31
C GLU J 24 -70.44 0.32 6.66
N LEU J 25 -69.41 -0.52 6.70
CA LEU J 25 -68.95 -1.13 7.94
C LEU J 25 -68.24 -0.15 8.87
N SER J 26 -67.80 1.00 8.37
CA SER J 26 -67.04 1.94 9.20
C SER J 26 -67.81 2.40 10.42
N LYS J 27 -69.14 2.31 10.40
CA LYS J 27 -69.93 2.74 11.56
C LYS J 27 -70.08 1.65 12.61
N PHE J 28 -69.67 0.42 12.32
CA PHE J 28 -69.82 -0.70 13.25
C PHE J 28 -68.56 -0.97 14.06
N ARG J 29 -67.46 -0.30 13.76
CA ARG J 29 -66.17 -0.61 14.33
C ARG J 29 -66.05 -0.07 15.76
N MET J 30 -65.18 -0.70 16.53
CA MET J 30 -64.80 -0.20 17.84
C MET J 30 -63.78 0.93 17.66
N PRO J 31 -63.70 1.84 18.63
CA PRO J 31 -62.66 2.89 18.55
C PRO J 31 -61.27 2.28 18.53
N GLN J 32 -60.42 2.82 17.66
CA GLN J 32 -59.10 2.26 17.50
C GLN J 32 -58.19 2.63 18.68
N PRO J 33 -57.21 1.80 19.00
CA PRO J 33 -56.19 2.18 19.97
C PRO J 33 -55.18 3.14 19.34
N SER J 34 -54.48 3.87 20.19
CA SER J 34 -53.52 4.86 19.74
C SER J 34 -52.16 4.58 20.36
N SER J 35 -51.10 4.83 19.58
CA SER J 35 -49.74 4.67 20.07
C SER J 35 -49.30 5.83 20.96
N GLY J 36 -50.01 6.96 20.94
CA GLY J 36 -49.69 8.13 21.73
C GLY J 36 -49.21 9.30 20.92
N ARG J 37 -48.74 9.05 19.70
CA ARG J 37 -48.22 10.09 18.83
C ARG J 37 -48.92 10.02 17.48
N GLN J 38 -48.85 11.12 16.74
CA GLN J 38 -49.55 11.19 15.45
C GLN J 38 -48.85 10.35 14.39
N SER J 39 -47.56 10.08 14.56
CA SER J 39 -46.76 9.38 13.55
C SER J 39 -45.45 8.96 14.20
N PRO J 40 -44.79 7.93 13.68
CA PRO J 40 -43.44 7.62 14.15
C PRO J 40 -42.45 8.74 13.90
N ARG J 41 -42.73 9.60 12.92
CA ARG J 41 -41.90 10.75 12.61
C ARG J 41 -42.26 11.98 13.42
N HIS J 42 -43.17 11.85 14.39
CA HIS J 42 -43.56 12.95 15.24
C HIS J 42 -42.82 12.88 16.58
N GLN K 1 30.90 -8.24 39.96
CA GLN K 1 30.45 -8.76 38.66
C GLN K 1 29.28 -7.93 38.13
N LEU K 2 28.68 -7.12 38.99
CA LEU K 2 27.55 -6.27 38.61
C LEU K 2 27.84 -4.86 39.08
N ILE K 3 27.72 -3.88 38.17
CA ILE K 3 28.03 -2.50 38.52
C ILE K 3 27.03 -1.96 39.53
N ALA K 4 25.75 -2.30 39.36
CA ALA K 4 24.65 -1.74 40.14
C ALA K 4 24.61 -0.22 40.00
N VAL K 5 24.64 0.25 38.75
CA VAL K 5 24.51 1.67 38.47
C VAL K 5 23.03 2.05 38.49
N ASP K 6 22.76 3.29 38.89
CA ASP K 6 21.41 3.83 38.99
C ASP K 6 21.33 5.12 38.18
N GLU K 7 20.86 5.03 36.95
CA GLU K 7 20.73 6.20 36.09
C GLU K 7 19.79 5.86 34.94
N LYS K 8 19.20 6.90 34.35
CA LYS K 8 18.32 6.72 33.22
C LYS K 8 19.13 6.34 31.97
N LEU K 9 18.57 5.43 31.18
CA LEU K 9 19.27 4.92 30.00
C LEU K 9 19.32 5.98 28.91
N ASP K 10 20.50 6.12 28.31
CA ASP K 10 20.70 7.08 27.22
C ASP K 10 21.77 6.53 26.28
N ILE K 11 21.37 6.17 25.07
CA ILE K 11 22.28 5.63 24.06
C ILE K 11 22.42 6.60 22.88
N THR K 12 22.20 7.90 23.12
CA THR K 12 22.18 8.85 22.03
C THR K 12 23.52 8.93 21.31
N THR K 13 24.62 8.94 22.07
CA THR K 13 25.94 9.11 21.48
C THR K 13 26.41 7.90 20.69
N LEU K 14 25.72 6.76 20.78
CA LEU K 14 26.17 5.54 20.12
C LEU K 14 25.43 5.23 18.83
N THR K 15 24.33 5.94 18.54
CA THR K 15 23.50 5.56 17.40
C THR K 15 23.93 6.21 16.10
N GLY K 16 24.87 7.15 16.14
CA GLY K 16 25.35 7.80 14.94
C GLY K 16 24.39 8.79 14.32
N VAL K 17 23.32 9.17 15.01
CA VAL K 17 22.35 10.12 14.45
C VAL K 17 22.91 11.52 14.53
N PRO K 18 22.81 12.32 13.47
CA PRO K 18 23.29 13.70 13.53
C PRO K 18 22.58 14.50 14.61
N GLU K 19 23.30 15.50 15.13
CA GLU K 19 22.87 16.19 16.35
C GLU K 19 21.49 16.82 16.18
N GLU K 20 21.25 17.48 15.04
CA GLU K 20 20.01 18.21 14.84
C GLU K 20 18.84 17.28 14.51
N HIS K 21 19.06 15.99 14.31
CA HIS K 21 17.97 15.04 14.14
C HIS K 21 17.67 14.30 15.43
N ILE K 22 18.06 14.87 16.58
CA ILE K 22 17.77 14.30 17.88
C ILE K 22 16.90 15.27 18.66
N LYS K 23 17.42 16.47 18.90
CA LYS K 23 16.74 17.45 19.76
C LYS K 23 15.79 18.37 19.00
N THR K 24 15.72 18.26 17.68
CA THR K 24 14.83 19.10 16.91
C THR K 24 13.54 18.39 16.50
N ARG K 25 13.59 17.06 16.35
CA ARG K 25 12.43 16.29 15.93
C ARG K 25 11.42 16.13 17.06
N LYS K 26 10.18 15.82 16.67
CA LYS K 26 9.09 15.53 17.60
C LYS K 26 8.42 14.25 17.11
N VAL K 27 8.48 13.19 17.92
CA VAL K 27 7.85 11.94 17.52
C VAL K 27 6.43 11.88 18.10
N ARG K 28 5.58 11.14 17.41
CA ARG K 28 4.19 10.93 17.78
C ARG K 28 3.99 9.44 18.03
N ILE K 29 3.46 9.12 19.21
CA ILE K 29 3.18 7.75 19.62
C ILE K 29 1.67 7.60 19.73
N PHE K 30 1.10 6.70 18.93
CA PHE K 30 -0.35 6.65 18.82
C PHE K 30 -0.77 5.30 18.24
N VAL K 31 -2.02 4.95 18.47
CA VAL K 31 -2.67 3.85 17.77
C VAL K 31 -3.35 4.44 16.52
N PRO K 32 -2.99 4.00 15.33
CA PRO K 32 -3.58 4.62 14.12
C PRO K 32 -5.09 4.42 14.06
N ALA K 33 -5.78 5.46 13.63
CA ALA K 33 -7.23 5.42 13.48
C ALA K 33 -7.62 4.50 12.32
N ARG K 34 -8.79 3.89 12.47
CA ARG K 34 -9.30 3.02 11.42
C ARG K 34 -9.63 3.82 10.17
N ASN K 35 -9.21 3.30 9.02
CA ASN K 35 -9.60 3.89 7.74
C ASN K 35 -11.11 3.84 7.60
N ASN K 36 -11.74 5.02 7.47
CA ASN K 36 -13.19 5.09 7.47
C ASN K 36 -13.80 4.49 6.22
N MET K 37 -13.01 4.26 5.17
CA MET K 37 -13.52 3.64 3.96
C MET K 37 -13.82 2.15 4.14
N GLN K 38 -13.30 1.53 5.19
CA GLN K 38 -13.47 0.10 5.42
C GLN K 38 -13.91 -0.18 6.84
N SER K 39 -14.33 -1.41 7.09
CA SER K 39 -14.85 -1.82 8.38
C SER K 39 -13.87 -2.66 9.19
N GLY K 40 -12.86 -3.24 8.56
CA GLY K 40 -11.91 -4.06 9.30
C GLY K 40 -11.11 -3.25 10.31
N VAL K 41 -10.82 -3.89 11.44
CA VAL K 41 -10.16 -3.25 12.56
C VAL K 41 -8.76 -3.79 12.80
N ASN K 42 -8.25 -4.64 11.91
CA ASN K 42 -6.98 -5.31 12.17
C ASN K 42 -5.78 -4.37 12.12
N ASN K 43 -5.95 -3.17 11.58
CA ASN K 43 -4.89 -2.18 11.52
C ASN K 43 -4.92 -1.22 12.69
N THR K 44 -5.77 -1.45 13.69
CA THR K 44 -5.88 -0.59 14.85
C THR K 44 -5.44 -1.33 16.12
N LYS K 45 -4.51 -2.26 15.98
CA LYS K 45 -4.10 -3.11 17.09
C LYS K 45 -2.80 -2.69 17.76
N LYS K 46 -1.82 -2.21 17.01
CA LYS K 46 -0.48 -1.96 17.51
C LYS K 46 -0.24 -0.45 17.65
N TRP K 47 0.81 -0.12 18.38
CA TRP K 47 1.21 1.26 18.58
C TRP K 47 2.26 1.66 17.54
N LYS K 48 2.16 2.88 17.03
CA LYS K 48 3.08 3.40 16.04
C LYS K 48 3.83 4.59 16.59
N MET K 49 5.09 4.70 16.19
CA MET K 49 5.93 5.87 16.40
C MET K 49 6.27 6.45 15.03
N GLU K 50 6.01 7.75 14.86
CA GLU K 50 6.27 8.40 13.58
C GLU K 50 6.77 9.81 13.81
N PHE K 51 7.64 10.29 12.91
CA PHE K 51 8.27 11.58 13.08
C PHE K 51 7.44 12.71 12.47
N ASP K 52 7.84 13.94 12.80
CA ASP K 52 7.14 15.12 12.31
C ASP K 52 7.41 15.36 10.83
N THR K 53 6.38 15.84 10.13
CA THR K 53 6.46 16.08 8.70
C THR K 53 7.32 17.31 8.40
N ARG K 54 8.24 17.17 7.45
CA ARG K 54 9.12 18.24 7.03
C ARG K 54 8.82 18.65 5.59
N GLU K 55 9.61 19.58 5.07
CA GLU K 55 9.34 20.19 3.78
C GLU K 55 9.52 19.22 2.63
N ARG K 56 8.59 19.27 1.68
CA ARG K 56 8.67 18.55 0.41
C ARG K 56 8.52 19.56 -0.70
N TRP K 57 9.42 19.51 -1.69
CA TRP K 57 9.37 20.48 -2.77
C TRP K 57 9.41 19.78 -4.12
N GLU K 58 9.29 20.57 -5.18
CA GLU K 58 9.18 20.01 -6.52
C GLU K 58 10.54 20.02 -7.21
N ASN K 59 10.91 18.88 -7.77
CA ASN K 59 12.15 18.78 -8.51
C ASN K 59 12.06 19.62 -9.79
N PRO K 60 13.01 20.53 -10.03
CA PRO K 60 12.92 21.36 -11.25
C PRO K 60 12.91 20.57 -12.53
N LEU K 61 13.64 19.46 -12.60
CA LEU K 61 13.55 18.51 -13.70
C LEU K 61 12.54 17.43 -13.32
N MET K 62 11.59 17.18 -14.23
CA MET K 62 10.63 16.08 -14.11
C MET K 62 9.55 16.32 -13.07
N GLY K 63 9.70 17.34 -12.24
CA GLY K 63 8.64 17.68 -11.30
C GLY K 63 8.38 16.67 -10.21
N TRP K 64 9.38 15.88 -9.82
CA TRP K 64 9.19 14.91 -8.76
C TRP K 64 9.15 15.59 -7.39
N SER K 65 8.85 14.79 -6.36
CA SER K 65 8.77 15.29 -5.00
C SER K 65 10.08 14.98 -4.28
N SER K 66 10.75 16.03 -3.82
CA SER K 66 12.06 15.95 -3.20
C SER K 66 11.97 16.31 -1.72
N THR K 67 12.78 15.63 -0.92
CA THR K 67 12.85 15.87 0.51
C THR K 67 14.31 15.94 0.92
N ALA K 68 14.55 16.53 2.09
CA ALA K 68 15.88 16.58 2.67
C ALA K 68 15.97 16.01 4.06
N ASP K 69 14.89 15.48 4.63
CA ASP K 69 14.96 14.91 5.96
C ASP K 69 14.98 13.39 5.89
N PRO K 70 15.98 12.74 6.50
CA PRO K 70 16.14 11.29 6.32
C PRO K 70 15.10 10.46 7.05
N LEU K 71 14.30 11.04 7.95
CA LEU K 71 13.36 10.29 8.76
C LEU K 71 11.92 10.41 8.28
N SER K 72 11.70 10.82 7.03
CA SER K 72 10.36 11.05 6.53
C SER K 72 9.56 9.77 6.36
N ASN K 73 10.21 8.62 6.22
CA ASN K 73 9.53 7.34 6.02
C ASN K 73 9.72 6.36 7.17
N LEU K 74 10.12 6.84 8.35
CA LEU K 74 10.47 5.96 9.45
C LEU K 74 9.28 5.80 10.39
N VAL K 75 8.74 4.59 10.47
CA VAL K 75 7.60 4.27 11.31
C VAL K 75 7.95 3.01 12.10
N LEU K 76 7.81 3.07 13.42
CA LEU K 76 8.15 1.95 14.28
C LEU K 76 6.90 1.39 14.93
N THR K 77 6.92 0.08 15.18
CA THR K 77 5.79 -0.66 15.71
C THR K 77 6.10 -1.16 17.12
N PHE K 78 5.14 -1.02 18.02
CA PHE K 78 5.31 -1.41 19.42
C PHE K 78 4.05 -2.10 19.92
N SER K 79 4.27 -3.02 20.87
CA SER K 79 3.17 -3.77 21.46
C SER K 79 2.34 -2.90 22.38
N THR K 80 2.99 -2.11 23.23
CA THR K 80 2.31 -1.26 24.20
C THR K 80 2.84 0.16 24.08
N LYS K 81 2.10 1.09 24.67
CA LYS K 81 2.53 2.47 24.73
C LYS K 81 3.81 2.63 25.56
N GLU K 82 3.94 1.83 26.62
CA GLU K 82 5.13 1.91 27.48
C GLU K 82 6.39 1.56 26.72
N ASP K 83 6.33 0.55 25.84
CA ASP K 83 7.49 0.19 25.03
C ASP K 83 7.92 1.35 24.14
N ALA K 84 6.96 2.01 23.50
CA ALA K 84 7.27 3.14 22.62
C ALA K 84 7.87 4.30 23.42
N VAL K 85 7.31 4.57 24.60
CA VAL K 85 7.87 5.63 25.45
C VAL K 85 9.30 5.30 25.85
N ALA K 86 9.56 4.04 26.23
CA ALA K 86 10.91 3.66 26.62
C ALA K 86 11.89 3.81 25.45
N PHE K 87 11.48 3.38 24.26
CA PHE K 87 12.35 3.50 23.09
C PHE K 87 12.65 4.96 22.78
N ALA K 88 11.62 5.81 22.77
CA ALA K 88 11.82 7.22 22.46
C ALA K 88 12.69 7.90 23.51
N GLU K 89 12.48 7.55 24.79
CA GLU K 89 13.28 8.16 25.85
C GLU K 89 14.74 7.76 25.76
N LYS K 90 15.03 6.47 25.56
CA LYS K 90 16.42 6.06 25.48
C LYS K 90 17.08 6.56 24.21
N ASN K 91 16.31 6.85 23.16
CA ASN K 91 16.88 7.39 21.94
C ASN K 91 16.93 8.92 21.91
N GLY K 92 16.48 9.59 22.97
CA GLY K 92 16.62 11.03 23.07
C GLY K 92 15.66 11.84 22.22
N TRP K 93 14.50 11.29 21.88
CA TRP K 93 13.51 12.00 21.08
C TRP K 93 12.38 12.49 21.97
N SER K 94 12.03 13.76 21.83
CA SER K 94 10.85 14.30 22.51
C SER K 94 9.59 13.81 21.81
N PHE K 95 8.60 13.40 22.60
CA PHE K 95 7.46 12.67 22.09
C PHE K 95 6.14 13.27 22.57
N ASP K 96 5.10 13.04 21.79
CA ASP K 96 3.72 13.29 22.19
C ASP K 96 2.97 11.97 22.11
N VAL K 97 2.31 11.60 23.20
CA VAL K 97 1.57 10.35 23.29
C VAL K 97 0.08 10.65 23.29
N GLU K 98 -0.66 9.95 22.44
CA GLU K 98 -2.11 10.03 22.40
C GLU K 98 -2.70 8.72 22.88
N GLU K 99 -3.71 8.80 23.74
CA GLU K 99 -4.34 7.61 24.28
C GLU K 99 -5.14 6.89 23.20
N ARG K 100 -5.26 5.57 23.37
CA ARG K 100 -5.96 4.74 22.40
C ARG K 100 -7.45 5.03 22.42
N LYS K 101 -8.04 5.20 21.23
CA LYS K 101 -9.47 5.38 21.09
C LYS K 101 -10.13 4.03 20.83
N VAL K 102 -11.16 3.71 21.60
CA VAL K 102 -11.82 2.43 21.54
C VAL K 102 -13.30 2.67 21.26
N PRO K 103 -13.92 1.99 20.30
CA PRO K 103 -15.37 2.13 20.10
C PRO K 103 -16.15 1.66 21.32
N LYS K 104 -17.02 2.53 21.82
CA LYS K 104 -17.81 2.19 22.99
C LYS K 104 -18.87 1.14 22.63
N PRO K 105 -19.19 0.25 23.57
CA PRO K 105 -20.19 -0.79 23.26
C PRO K 105 -21.57 -0.19 23.04
N LYS K 106 -22.28 -0.75 22.06
CA LYS K 106 -23.56 -0.21 21.63
C LYS K 106 -24.65 -1.24 21.85
N SER K 107 -25.84 -0.76 22.17
CA SER K 107 -27.02 -1.60 22.33
C SER K 107 -27.73 -1.70 20.98
N LYS K 108 -27.76 -2.90 20.42
CA LYS K 108 -28.40 -3.16 19.14
C LYS K 108 -29.58 -4.09 19.33
N SER K 109 -30.71 -3.74 18.72
CA SER K 109 -31.91 -4.55 18.84
C SER K 109 -32.65 -4.52 17.50
N TYR K 110 -32.75 -5.67 16.85
CA TYR K 110 -33.49 -5.76 15.60
C TYR K 110 -34.98 -5.52 15.80
N GLY K 111 -35.53 -5.96 16.93
CA GLY K 111 -36.94 -5.78 17.20
C GLY K 111 -37.37 -4.32 17.33
N ALA K 112 -36.44 -3.44 17.70
CA ALA K 112 -36.76 -2.02 17.79
C ALA K 112 -37.07 -1.40 16.43
N ASN K 113 -36.72 -2.08 15.34
CA ASN K 113 -37.03 -1.58 14.01
C ASN K 113 -38.53 -1.45 13.80
N PHE K 114 -39.31 -2.27 14.51
CA PHE K 114 -40.76 -2.29 14.35
C PHE K 114 -41.42 -1.99 15.68
N SER K 115 -41.51 -0.70 15.99
CA SER K 115 -41.92 -0.29 17.33
C SER K 115 -43.36 0.16 17.36
N TRP K 116 -44.06 -0.21 18.43
CA TRP K 116 -45.45 0.21 18.62
C TRP K 116 -45.56 1.72 18.77
N ASN K 117 -44.70 2.32 19.60
CA ASN K 117 -44.87 3.72 19.95
C ASN K 117 -43.58 4.53 20.01
N LYS K 118 -42.42 3.97 19.68
CA LYS K 118 -41.18 4.73 19.71
C LYS K 118 -40.86 5.28 18.32
N ARG K 119 -39.88 6.18 18.29
CA ARG K 119 -39.46 6.78 17.03
C ARG K 119 -38.47 5.91 16.27
N THR K 120 -38.00 4.83 16.88
CA THR K 120 -37.04 3.94 16.23
C THR K 120 -37.65 3.12 15.10
N ARG K 121 -38.97 3.15 14.95
CA ARG K 121 -39.61 2.41 13.86
C ARG K 121 -39.16 2.93 12.51
N VAL K 122 -38.75 2.02 11.64
CA VAL K 122 -38.17 2.37 10.35
C VAL K 122 -39.28 2.46 9.31
N SER K 123 -39.07 3.31 8.30
CA SER K 123 -40.05 3.47 7.23
C SER K 123 -39.79 2.50 6.08
N THR K 124 -38.56 2.01 5.95
CA THR K 124 -38.21 1.01 4.95
C THR K 124 -37.18 0.05 5.52
N LYS K 125 -37.08 -1.11 4.89
CA LYS K 125 -36.03 -2.07 5.17
C LYS K 125 -35.70 -2.86 3.92
N SER L 1 -23.47 -9.59 37.68
CA SER L 1 -24.78 -9.04 37.96
C SER L 1 -25.86 -9.79 37.18
N ASN L 2 -26.38 -9.16 36.13
CA ASN L 2 -27.32 -9.79 35.22
C ASN L 2 -26.65 -10.41 34.01
N LEU L 3 -25.32 -10.43 33.98
CA LEU L 3 -24.59 -10.95 32.83
C LEU L 3 -24.83 -12.45 32.66
N ILE L 4 -24.88 -12.87 31.41
CA ILE L 4 -25.00 -14.28 31.06
C ILE L 4 -23.68 -14.75 30.47
N GLU L 5 -23.45 -16.05 30.57
CA GLU L 5 -22.21 -16.68 30.13
C GLU L 5 -22.44 -17.35 28.78
N VAL L 6 -21.62 -17.00 27.80
CA VAL L 6 -21.62 -17.66 26.50
C VAL L 6 -20.19 -18.02 26.15
N PHE L 7 -20.03 -18.78 25.08
CA PHE L 7 -18.71 -19.26 24.67
C PHE L 7 -18.45 -18.91 23.22
N VAL L 8 -17.26 -18.40 22.96
CA VAL L 8 -16.77 -18.16 21.61
C VAL L 8 -15.62 -19.14 21.38
N ASP L 9 -15.84 -20.11 20.49
CA ASP L 9 -14.87 -21.16 20.21
C ASP L 9 -14.41 -21.86 21.50
N GLY L 10 -15.33 -22.02 22.43
CA GLY L 10 -15.04 -22.67 23.69
C GLY L 10 -14.53 -21.77 24.80
N GLN L 11 -14.31 -20.50 24.54
CA GLN L 11 -13.80 -19.57 25.54
C GLN L 11 -14.96 -18.81 26.17
N SER L 12 -15.01 -18.82 27.50
CA SER L 12 -16.14 -18.21 28.21
C SER L 12 -16.05 -16.69 28.19
N VAL L 13 -17.22 -16.05 28.12
CA VAL L 13 -17.31 -14.60 28.18
C VAL L 13 -18.68 -14.25 28.75
N MET L 14 -18.71 -13.20 29.58
CA MET L 14 -19.94 -12.74 30.19
C MET L 14 -20.43 -11.50 29.44
N VAL L 15 -21.68 -11.53 29.01
CA VAL L 15 -22.25 -10.42 28.27
C VAL L 15 -23.62 -10.02 28.80
N GLU L 16 -23.98 -8.77 28.56
CA GLU L 16 -25.27 -8.23 28.99
C GLU L 16 -26.39 -8.85 28.15
N PRO L 17 -27.59 -8.97 28.73
CA PRO L 17 -28.70 -9.57 27.99
C PRO L 17 -29.03 -8.74 26.74
N GLY L 18 -29.37 -9.41 25.66
CA GLY L 18 -29.68 -8.75 24.40
C GLY L 18 -28.47 -8.53 23.51
N THR L 19 -27.31 -8.98 23.95
CA THR L 19 -26.08 -8.83 23.16
C THR L 19 -26.12 -9.79 21.97
N THR L 20 -25.77 -9.29 20.80
CA THR L 20 -25.74 -10.10 19.58
C THR L 20 -24.50 -10.98 19.48
N VAL L 21 -24.61 -12.07 18.72
CA VAL L 21 -23.49 -12.99 18.52
C VAL L 21 -22.27 -12.23 18.00
N LEU L 22 -22.49 -11.26 17.11
CA LEU L 22 -21.40 -10.46 16.58
C LEU L 22 -20.67 -9.70 17.68
N GLN L 23 -21.41 -9.10 18.62
CA GLN L 23 -20.78 -8.35 19.69
C GLN L 23 -20.06 -9.27 20.68
N ALA L 24 -20.61 -10.44 20.96
CA ALA L 24 -19.91 -11.40 21.80
C ALA L 24 -18.60 -11.85 21.17
N CYS L 25 -18.60 -12.07 19.85
CA CYS L 25 -17.36 -12.42 19.16
C CYS L 25 -16.39 -11.24 19.18
N GLU L 26 -16.91 -10.02 19.10
CA GLU L 26 -16.07 -8.84 19.20
C GLU L 26 -15.37 -8.76 20.55
N LYS L 27 -16.09 -9.12 21.62
CA LYS L 27 -15.50 -9.06 22.96
C LYS L 27 -14.32 -10.02 23.10
N VAL L 28 -14.23 -11.03 22.24
CA VAL L 28 -13.13 -11.98 22.29
C VAL L 28 -11.99 -11.56 21.37
N GLY L 29 -12.27 -10.73 20.36
CA GLY L 29 -11.23 -10.24 19.49
C GLY L 29 -11.40 -10.69 18.06
N MET L 30 -12.48 -11.44 17.81
CA MET L 30 -12.81 -11.93 16.47
C MET L 30 -13.78 -10.97 15.81
N GLN L 31 -13.45 -10.54 14.59
CA GLN L 31 -14.34 -9.69 13.80
C GLN L 31 -15.06 -10.58 12.79
N ILE L 32 -16.38 -10.63 12.91
CA ILE L 32 -17.20 -11.41 11.98
C ILE L 32 -17.30 -10.67 10.65
N PRO L 33 -17.23 -11.36 9.52
CA PRO L 33 -17.43 -10.70 8.22
C PRO L 33 -18.80 -10.03 8.14
N ARG L 34 -18.85 -8.92 7.41
CA ARG L 34 -20.07 -8.12 7.34
C ARG L 34 -20.07 -7.30 6.07
N PHE L 35 -21.25 -7.09 5.53
CA PHE L 35 -21.45 -6.02 4.55
C PHE L 35 -22.53 -5.04 4.94
N CYS L 36 -23.70 -5.52 5.35
CA CYS L 36 -24.84 -4.65 5.63
C CYS L 36 -24.87 -4.12 7.05
N TYR L 37 -24.19 -4.77 7.99
CA TYR L 37 -24.23 -4.33 9.37
C TYR L 37 -23.30 -3.14 9.59
N HIS L 38 -23.79 -2.16 10.34
CA HIS L 38 -22.99 -1.04 10.79
C HIS L 38 -23.36 -0.71 12.23
N GLU L 39 -22.35 -0.35 13.03
CA GLU L 39 -22.57 -0.13 14.45
C GLU L 39 -23.56 1.00 14.72
N ARG L 40 -23.50 2.06 13.91
CA ARG L 40 -24.33 3.23 14.15
C ARG L 40 -25.61 3.26 13.33
N LEU L 41 -25.89 2.22 12.56
CA LEU L 41 -27.14 2.09 11.82
C LEU L 41 -28.00 1.01 12.46
N SER L 42 -29.28 1.01 12.08
CA SER L 42 -30.17 -0.05 12.53
C SER L 42 -29.81 -1.36 11.83
N VAL L 43 -30.13 -2.46 12.51
CA VAL L 43 -29.78 -3.78 11.98
C VAL L 43 -30.66 -4.10 10.78
N ALA L 44 -30.03 -4.60 9.72
CA ALA L 44 -30.73 -4.94 8.48
C ALA L 44 -30.84 -6.45 8.26
N GLY L 45 -29.73 -7.16 8.26
CA GLY L 45 -29.75 -8.60 8.06
C GLY L 45 -29.94 -9.06 6.63
N ASN L 46 -29.52 -8.27 5.64
CA ASN L 46 -29.73 -8.60 4.23
C ASN L 46 -28.60 -9.42 3.63
N CYS L 47 -27.34 -9.06 3.92
CA CYS L 47 -26.22 -9.58 3.16
C CYS L 47 -25.87 -11.01 3.52
N ARG L 48 -26.30 -11.51 4.67
CA ARG L 48 -26.08 -12.89 5.10
C ARG L 48 -24.60 -13.26 5.14
N MET L 49 -23.71 -12.28 5.18
CA MET L 49 -22.27 -12.56 5.27
C MET L 49 -21.83 -12.90 6.69
N CYS L 50 -22.64 -12.58 7.70
CA CYS L 50 -22.30 -12.80 9.09
C CYS L 50 -22.80 -14.14 9.61
N LEU L 51 -23.27 -15.01 8.72
CA LEU L 51 -23.79 -16.30 9.14
C LEU L 51 -22.72 -17.10 9.86
N VAL L 52 -23.07 -17.67 11.00
CA VAL L 52 -22.13 -18.40 11.84
C VAL L 52 -22.85 -19.58 12.46
N GLU L 53 -22.10 -20.62 12.81
CA GLU L 53 -22.67 -21.84 13.37
C GLU L 53 -22.69 -21.77 14.89
N ILE L 54 -23.82 -22.16 15.47
CA ILE L 54 -23.92 -22.40 16.90
C ILE L 54 -23.81 -23.90 17.13
N GLU L 55 -23.05 -24.30 18.15
CA GLU L 55 -22.81 -25.70 18.41
C GLU L 55 -24.13 -26.44 18.66
N LYS L 56 -24.25 -27.63 18.06
CA LYS L 56 -25.43 -28.49 18.19
C LYS L 56 -26.71 -27.80 17.73
N ALA L 57 -26.61 -26.95 16.71
CA ALA L 57 -27.77 -26.33 16.09
C ALA L 57 -27.62 -26.51 14.58
N PRO L 58 -28.59 -27.12 13.91
CA PRO L 58 -28.41 -27.46 12.50
C PRO L 58 -28.36 -26.25 11.57
N LYS L 59 -28.92 -25.11 11.95
CA LYS L 59 -29.05 -23.97 11.06
C LYS L 59 -28.16 -22.82 11.54
N VAL L 60 -27.47 -22.19 10.60
CA VAL L 60 -26.64 -21.05 10.92
C VAL L 60 -27.51 -19.85 11.26
N VAL L 61 -26.97 -18.93 12.04
CA VAL L 61 -27.68 -17.74 12.47
C VAL L 61 -26.94 -16.51 11.95
N ALA L 62 -27.68 -15.42 11.79
CA ALA L 62 -27.10 -14.14 11.38
C ALA L 62 -26.56 -13.43 12.61
N ALA L 63 -25.23 -13.39 12.74
CA ALA L 63 -24.61 -12.92 13.97
C ALA L 63 -24.93 -11.46 14.26
N CYS L 64 -25.17 -10.65 13.23
CA CYS L 64 -25.39 -9.23 13.42
C CYS L 64 -26.75 -8.94 14.06
N ALA L 65 -27.72 -9.85 13.91
CA ALA L 65 -29.07 -9.60 14.36
C ALA L 65 -29.55 -10.51 15.48
N MET L 66 -28.91 -11.66 15.69
CA MET L 66 -29.43 -12.65 16.61
C MET L 66 -28.86 -12.42 18.00
N PRO L 67 -29.67 -12.13 19.01
CA PRO L 67 -29.16 -12.07 20.38
C PRO L 67 -28.63 -13.43 20.83
N VAL L 68 -27.54 -13.39 21.57
CA VAL L 68 -26.91 -14.60 22.07
C VAL L 68 -27.68 -15.10 23.28
N MET L 69 -27.62 -16.40 23.52
CA MET L 69 -28.30 -17.02 24.65
C MET L 69 -27.30 -17.73 25.55
N LYS L 70 -27.71 -17.93 26.80
CA LYS L 70 -26.85 -18.54 27.79
C LYS L 70 -26.47 -19.95 27.39
N GLY L 71 -25.18 -20.26 27.51
CA GLY L 71 -24.67 -21.57 27.18
C GLY L 71 -24.30 -21.78 25.73
N TRP L 72 -24.57 -20.81 24.86
CA TRP L 72 -24.27 -20.96 23.45
C TRP L 72 -22.76 -20.98 23.22
N ASN L 73 -22.33 -21.86 22.33
CA ASN L 73 -20.94 -21.93 21.90
C ASN L 73 -20.89 -21.53 20.43
N ILE L 74 -20.33 -20.36 20.16
CA ILE L 74 -20.25 -19.85 18.79
C ILE L 74 -19.00 -20.39 18.13
N LEU L 75 -19.17 -21.01 16.97
CA LEU L 75 -18.06 -21.61 16.21
C LEU L 75 -17.76 -20.69 15.04
N THR L 76 -16.80 -19.78 15.23
CA THR L 76 -16.52 -18.77 14.22
C THR L 76 -15.75 -19.35 13.04
N ASN L 77 -14.83 -20.27 13.29
CA ASN L 77 -13.99 -20.84 12.24
C ASN L 77 -14.40 -22.26 11.85
N SER L 78 -15.64 -22.63 12.12
CA SER L 78 -16.12 -23.96 11.79
C SER L 78 -16.26 -24.12 10.28
N GLU L 79 -16.31 -25.38 9.83
CA GLU L 79 -16.45 -25.67 8.41
C GLU L 79 -17.76 -25.13 7.85
N LYS L 80 -18.84 -25.26 8.62
CA LYS L 80 -20.14 -24.81 8.14
C LYS L 80 -20.16 -23.30 7.94
N SER L 81 -19.57 -22.55 8.86
CA SER L 81 -19.54 -21.09 8.72
C SER L 81 -18.62 -20.66 7.58
N LYS L 82 -17.50 -21.37 7.38
CA LYS L 82 -16.63 -21.08 6.26
C LYS L 82 -17.33 -21.32 4.93
N LYS L 83 -18.08 -22.42 4.83
CA LYS L 83 -18.80 -22.70 3.60
C LYS L 83 -19.92 -21.69 3.36
N ALA L 84 -20.59 -21.26 4.43
CA ALA L 84 -21.60 -20.22 4.30
C ALA L 84 -20.98 -18.93 3.78
N ARG L 85 -19.81 -18.55 4.32
CA ARG L 85 -19.13 -17.35 3.83
C ARG L 85 -18.76 -17.49 2.36
N GLU L 86 -18.24 -18.65 1.97
CA GLU L 86 -17.85 -18.85 0.57
C GLU L 86 -19.05 -18.76 -0.37
N GLY L 87 -20.18 -19.36 0.02
CA GLY L 87 -21.36 -19.29 -0.82
C GLY L 87 -21.91 -17.88 -0.95
N VAL L 88 -21.95 -17.14 0.17
CA VAL L 88 -22.46 -15.77 0.12
C VAL L 88 -21.56 -14.89 -0.74
N MET L 89 -20.24 -15.07 -0.63
CA MET L 89 -19.32 -14.31 -1.47
C MET L 89 -19.47 -14.67 -2.94
N GLU L 90 -19.71 -15.96 -3.24
CA GLU L 90 -19.98 -16.36 -4.61
C GLU L 90 -21.20 -15.64 -5.16
N PHE L 91 -22.28 -15.61 -4.38
CA PHE L 91 -23.49 -14.92 -4.85
C PHE L 91 -23.23 -13.44 -5.03
N LEU L 92 -22.49 -12.81 -4.11
CA LEU L 92 -22.21 -11.38 -4.23
C LEU L 92 -21.38 -11.08 -5.47
N LEU L 93 -20.45 -11.96 -5.82
CA LEU L 93 -19.56 -11.70 -6.95
C LEU L 93 -20.13 -12.16 -8.28
N ALA L 94 -21.25 -12.90 -8.29
CA ALA L 94 -21.78 -13.42 -9.54
C ALA L 94 -22.08 -12.32 -10.56
N ASN L 95 -22.73 -11.24 -10.12
CA ASN L 95 -23.11 -10.16 -11.03
C ASN L 95 -22.25 -8.92 -10.89
N HIS L 96 -21.24 -8.95 -10.03
CA HIS L 96 -20.41 -7.77 -9.81
C HIS L 96 -19.59 -7.45 -11.06
N PRO L 97 -19.45 -6.18 -11.41
CA PRO L 97 -18.67 -5.81 -12.60
C PRO L 97 -17.18 -5.89 -12.37
N LEU L 98 -16.48 -6.32 -13.43
CA LEU L 98 -15.02 -6.39 -13.43
C LEU L 98 -14.43 -5.00 -13.61
N ASP L 99 -14.55 -4.19 -12.55
CA ASP L 99 -14.24 -2.77 -12.61
C ASP L 99 -13.06 -2.36 -11.75
N CYS L 100 -12.37 -3.30 -11.12
CA CYS L 100 -11.35 -2.96 -10.12
C CYS L 100 -10.27 -2.01 -10.64
N PRO L 101 -9.69 -2.20 -11.83
CA PRO L 101 -8.69 -1.22 -12.31
C PRO L 101 -9.23 0.19 -12.52
N ILE L 102 -10.53 0.35 -12.77
CA ILE L 102 -11.11 1.68 -12.94
C ILE L 102 -11.95 2.12 -11.75
N CYS L 103 -12.16 1.25 -10.78
CA CYS L 103 -12.93 1.59 -9.59
C CYS L 103 -12.05 2.35 -8.60
N ASP L 104 -12.56 3.46 -8.07
CA ASP L 104 -11.81 4.27 -7.13
C ASP L 104 -11.62 3.59 -5.77
N GLN L 105 -12.40 2.55 -5.47
CA GLN L 105 -12.30 1.85 -4.20
C GLN L 105 -11.35 0.66 -4.29
N GLY L 106 -10.54 0.62 -5.35
CA GLY L 106 -9.66 -0.50 -5.61
C GLY L 106 -8.86 -1.01 -4.42
N GLY L 107 -7.93 -0.22 -3.91
CA GLY L 107 -7.11 -0.75 -2.84
C GLY L 107 -7.70 -0.69 -1.43
N GLU L 108 -8.91 -0.17 -1.27
CA GLU L 108 -9.56 -0.06 0.03
C GLU L 108 -11.01 -0.53 -0.04
N CYS L 109 -11.22 -1.72 -0.60
CA CYS L 109 -12.56 -2.26 -0.81
C CYS L 109 -12.82 -3.41 0.16
N ASP L 110 -13.91 -3.31 0.93
CA ASP L 110 -14.29 -4.41 1.80
C ASP L 110 -14.71 -5.63 1.00
N LEU L 111 -15.29 -5.43 -0.18
CA LEU L 111 -15.64 -6.56 -1.02
C LEU L 111 -14.38 -7.31 -1.47
N GLN L 112 -13.38 -6.58 -1.96
CA GLN L 112 -12.12 -7.18 -2.37
C GLN L 112 -11.46 -7.92 -1.21
N ASP L 113 -11.33 -7.25 -0.07
CA ASP L 113 -10.58 -7.81 1.05
C ASP L 113 -11.30 -9.01 1.64
N GLN L 114 -12.62 -8.95 1.76
CA GLN L 114 -13.34 -10.08 2.32
C GLN L 114 -13.44 -11.22 1.32
N SER L 115 -13.37 -10.93 0.02
CA SER L 115 -13.24 -11.99 -0.96
C SER L 115 -11.89 -12.70 -0.82
N MET L 116 -10.81 -11.94 -0.60
CA MET L 116 -9.51 -12.58 -0.43
C MET L 116 -9.40 -13.31 0.91
N MET L 117 -10.13 -12.87 1.92
CA MET L 117 -9.97 -13.46 3.25
C MET L 117 -10.93 -14.60 3.53
N PHE L 118 -12.13 -14.59 2.93
CA PHE L 118 -13.17 -15.55 3.30
C PHE L 118 -13.83 -16.24 2.11
N GLY L 119 -13.61 -15.79 0.88
CA GLY L 119 -14.20 -16.41 -0.28
C GLY L 119 -13.27 -17.38 -0.97
N SER L 120 -13.78 -17.95 -2.07
CA SER L 120 -12.97 -18.80 -2.92
C SER L 120 -12.08 -17.94 -3.80
N ASP L 121 -11.19 -18.58 -4.55
CA ASP L 121 -10.26 -17.89 -5.44
C ASP L 121 -10.62 -18.01 -6.91
N ARG L 122 -11.77 -18.60 -7.23
CA ARG L 122 -12.17 -18.82 -8.61
C ARG L 122 -13.68 -18.70 -8.71
N SER L 123 -14.16 -18.61 -9.94
CA SER L 123 -15.59 -18.50 -10.21
C SER L 123 -16.04 -19.69 -11.05
N ARG L 124 -17.33 -20.01 -10.90
CA ARG L 124 -18.00 -20.99 -11.76
C ARG L 124 -19.30 -20.41 -12.31
N PHE L 125 -19.34 -19.08 -12.47
CA PHE L 125 -20.49 -18.37 -13.02
C PHE L 125 -20.28 -18.23 -14.52
N LEU L 126 -21.13 -18.89 -15.31
CA LEU L 126 -20.96 -18.94 -16.76
C LEU L 126 -22.05 -18.17 -17.51
N GLU L 127 -22.67 -17.18 -16.87
CA GLU L 127 -23.75 -16.44 -17.50
C GLU L 127 -23.30 -15.01 -17.79
N GLY L 128 -24.21 -14.22 -18.37
CA GLY L 128 -24.00 -12.80 -18.53
C GLY L 128 -24.44 -12.06 -17.27
N LYS L 129 -23.79 -10.93 -17.00
CA LYS L 129 -24.10 -10.17 -15.81
C LYS L 129 -25.13 -9.10 -16.10
N ARG L 130 -25.82 -8.67 -15.05
CA ARG L 130 -26.77 -7.56 -15.13
C ARG L 130 -26.01 -6.24 -15.09
N ALA L 131 -26.58 -5.24 -15.75
CA ALA L 131 -26.06 -3.88 -15.74
C ALA L 131 -27.23 -2.92 -15.55
N VAL L 132 -27.08 -1.96 -14.64
CA VAL L 132 -28.13 -1.00 -14.36
C VAL L 132 -27.63 0.39 -14.75
N GLU L 133 -28.57 1.31 -14.93
CA GLU L 133 -28.23 2.67 -15.32
C GLU L 133 -27.89 3.50 -14.09
N ASP L 134 -26.98 4.44 -14.27
CA ASP L 134 -26.53 5.27 -13.16
C ASP L 134 -27.53 6.39 -12.88
N LYS L 135 -27.58 6.79 -11.61
CA LYS L 135 -28.44 7.87 -11.14
C LYS L 135 -27.58 9.09 -10.82
N ASN L 136 -28.22 10.26 -10.82
CA ASN L 136 -27.55 11.52 -10.55
C ASN L 136 -28.16 12.12 -9.29
N ILE L 137 -27.33 12.26 -8.25
CA ILE L 137 -27.82 12.73 -6.96
C ILE L 137 -27.02 13.95 -6.51
N GLY L 138 -26.36 14.61 -7.45
CA GLY L 138 -25.65 15.84 -7.15
C GLY L 138 -24.20 15.83 -7.59
N PRO L 139 -23.52 16.95 -7.39
CA PRO L 139 -22.11 17.07 -7.79
C PRO L 139 -21.10 16.57 -6.76
N LEU L 140 -21.55 15.96 -5.67
CA LEU L 140 -20.65 15.51 -4.62
C LEU L 140 -20.43 14.01 -4.62
N VAL L 141 -21.48 13.23 -4.79
CA VAL L 141 -21.41 11.77 -4.75
C VAL L 141 -21.57 11.24 -6.16
N LYS L 142 -20.52 10.65 -6.68
CA LYS L 142 -20.56 9.98 -7.98
C LYS L 142 -21.17 8.61 -7.83
N THR L 143 -22.12 8.29 -8.71
CA THR L 143 -22.92 7.08 -8.62
C THR L 143 -22.60 6.17 -9.80
N ILE L 144 -22.20 4.94 -9.50
CA ILE L 144 -22.04 3.88 -10.48
C ILE L 144 -22.72 2.65 -9.90
N MET L 145 -23.99 2.43 -10.25
CA MET L 145 -24.81 1.50 -9.49
C MET L 145 -24.66 0.05 -9.92
N THR L 146 -23.89 -0.22 -10.97
CA THR L 146 -23.62 -1.61 -11.31
C THR L 146 -22.77 -2.28 -10.24
N ARG L 147 -22.02 -1.48 -9.48
CA ARG L 147 -21.21 -1.99 -8.38
C ARG L 147 -22.01 -2.18 -7.09
N CYS L 148 -23.27 -1.74 -7.04
CA CYS L 148 -24.07 -1.86 -5.84
C CYS L 148 -24.30 -3.32 -5.47
N ILE L 149 -24.25 -3.60 -4.17
CA ILE L 149 -24.52 -4.92 -3.64
C ILE L 149 -25.77 -4.93 -2.76
N GLN L 150 -26.52 -3.83 -2.74
CA GLN L 150 -27.85 -3.77 -2.14
C GLN L 150 -27.83 -4.02 -0.64
N CYS L 151 -26.83 -3.46 0.04
CA CYS L 151 -26.73 -3.56 1.49
C CYS L 151 -27.65 -2.60 2.23
N THR L 152 -28.19 -1.59 1.54
CA THR L 152 -29.10 -0.60 2.10
C THR L 152 -28.48 0.19 3.26
N ARG L 153 -27.16 0.36 3.26
CA ARG L 153 -26.53 1.20 4.26
C ARG L 153 -26.84 2.68 4.01
N CYS L 154 -26.82 3.10 2.75
CA CYS L 154 -27.08 4.49 2.41
C CYS L 154 -28.50 4.89 2.76
N ILE L 155 -29.46 3.99 2.52
CA ILE L 155 -30.86 4.30 2.82
C ILE L 155 -31.06 4.48 4.32
N ARG L 156 -30.49 3.57 5.11
CA ARG L 156 -30.62 3.66 6.56
C ARG L 156 -29.93 4.91 7.11
N PHE L 157 -28.74 5.24 6.58
CA PHE L 157 -28.07 6.46 7.00
C PHE L 157 -28.90 7.69 6.67
N ALA L 158 -29.40 7.77 5.43
CA ALA L 158 -30.16 8.94 5.01
C ALA L 158 -31.41 9.10 5.86
N SER L 159 -32.11 8.00 6.14
CA SER L 159 -33.34 8.11 6.92
C SER L 159 -33.06 8.45 8.38
N GLU L 160 -32.11 7.75 9.01
CA GLU L 160 -31.91 7.86 10.45
C GLU L 160 -30.94 8.96 10.85
N ILE L 161 -29.75 8.99 10.26
CA ILE L 161 -28.75 9.97 10.65
C ILE L 161 -29.04 11.33 10.04
N ALA L 162 -29.17 11.38 8.72
CA ALA L 162 -29.37 12.65 8.03
C ALA L 162 -30.80 13.15 8.11
N GLY L 163 -31.75 12.29 8.45
CA GLY L 163 -33.14 12.70 8.50
C GLY L 163 -33.76 13.02 7.15
N VAL L 164 -33.26 12.42 6.08
CA VAL L 164 -33.76 12.66 4.73
C VAL L 164 -34.24 11.33 4.15
N ASP L 165 -35.47 11.29 3.67
CA ASP L 165 -36.10 10.08 3.20
C ASP L 165 -36.12 9.97 1.68
N ASP L 166 -35.06 10.41 1.01
CA ASP L 166 -35.03 10.44 -0.45
C ASP L 166 -34.59 9.12 -1.05
N LEU L 167 -33.83 8.32 -0.31
CA LEU L 167 -33.27 7.08 -0.84
C LEU L 167 -34.17 5.90 -0.53
N GLY L 168 -34.28 4.99 -1.49
CA GLY L 168 -35.07 3.79 -1.31
C GLY L 168 -34.69 2.75 -2.32
N THR L 169 -35.45 1.66 -2.34
CA THR L 169 -35.30 0.60 -3.32
C THR L 169 -36.55 0.54 -4.19
N THR L 170 -36.35 0.47 -5.50
CA THR L 170 -37.44 0.30 -6.45
C THR L 170 -37.28 -1.03 -7.17
N GLY L 171 -38.39 -1.66 -7.50
CA GLY L 171 -38.35 -2.94 -8.16
C GLY L 171 -38.46 -4.09 -7.19
N ARG L 172 -38.06 -5.27 -7.68
CA ARG L 172 -38.20 -6.51 -6.95
C ARG L 172 -37.16 -7.51 -7.44
N GLY L 173 -36.76 -8.41 -6.56
CA GLY L 173 -35.89 -9.50 -6.97
C GLY L 173 -34.54 -9.02 -7.48
N ASN L 174 -34.12 -9.56 -8.62
CA ASN L 174 -32.77 -9.33 -9.12
C ASN L 174 -32.58 -7.88 -9.59
N ASP L 175 -33.61 -7.27 -10.18
CA ASP L 175 -33.49 -5.89 -10.63
C ASP L 175 -34.04 -4.88 -9.62
N MET L 176 -33.95 -5.18 -8.33
CA MET L 176 -34.24 -4.18 -7.30
C MET L 176 -33.05 -3.23 -7.19
N GLN L 177 -33.33 -1.92 -7.35
CA GLN L 177 -32.28 -0.93 -7.50
C GLN L 177 -32.40 0.15 -6.43
N VAL L 178 -31.27 0.58 -5.91
CA VAL L 178 -31.20 1.65 -4.92
C VAL L 178 -31.19 2.99 -5.63
N GLY L 179 -32.05 3.91 -5.19
CA GLY L 179 -32.08 5.22 -5.80
C GLY L 179 -33.18 6.13 -5.29
N THR L 180 -33.56 7.10 -6.12
CA THR L 180 -34.59 8.07 -5.79
C THR L 180 -35.85 7.93 -6.62
N TYR L 181 -35.80 7.17 -7.72
CA TYR L 181 -36.90 6.89 -8.64
C TYR L 181 -37.26 8.11 -9.48
N ILE L 182 -36.77 9.29 -9.11
CA ILE L 182 -36.95 10.50 -9.89
C ILE L 182 -35.63 11.24 -9.88
N GLU L 183 -35.48 12.18 -10.81
CA GLU L 183 -34.30 13.03 -10.85
C GLU L 183 -34.33 13.93 -9.64
N LYS L 184 -33.45 13.67 -8.67
CA LYS L 184 -33.46 14.37 -7.40
C LYS L 184 -32.06 14.33 -6.81
N MET L 185 -31.56 15.50 -6.42
CA MET L 185 -30.25 15.59 -5.80
C MET L 185 -30.39 15.33 -4.30
N PHE L 186 -29.56 14.44 -3.77
CA PHE L 186 -29.51 14.17 -2.34
C PHE L 186 -28.61 15.20 -1.70
N MET L 187 -29.20 16.27 -1.19
CA MET L 187 -28.45 17.40 -0.65
C MET L 187 -28.69 17.50 0.84
N SER L 188 -27.62 17.43 1.62
CA SER L 188 -27.69 17.64 3.06
C SER L 188 -26.28 17.94 3.55
N GLU L 189 -26.19 18.52 4.74
CA GLU L 189 -24.90 18.87 5.31
C GLU L 189 -24.07 17.62 5.62
N LEU L 190 -24.69 16.44 5.66
CA LEU L 190 -24.01 15.20 5.97
C LEU L 190 -24.09 14.19 4.83
N SER L 191 -24.22 14.67 3.59
CA SER L 191 -24.50 13.77 2.48
C SER L 191 -23.28 12.97 2.06
N GLY L 192 -22.08 13.53 2.19
CA GLY L 192 -20.87 12.85 1.75
C GLY L 192 -20.53 11.62 2.56
N ASN L 193 -21.07 11.49 3.78
CA ASN L 193 -20.77 10.33 4.60
C ASN L 193 -21.23 9.02 3.98
N ILE L 194 -22.24 9.04 3.10
CA ILE L 194 -22.68 7.82 2.45
C ILE L 194 -21.58 7.26 1.54
N ILE L 195 -20.60 8.09 1.15
CA ILE L 195 -19.46 7.55 0.43
C ILE L 195 -18.65 6.62 1.34
N ASP L 196 -18.42 7.03 2.59
CA ASP L 196 -17.62 6.22 3.49
C ASP L 196 -18.35 4.94 3.88
N ILE L 197 -19.65 5.03 4.16
CA ILE L 197 -20.39 3.85 4.61
C ILE L 197 -20.65 2.88 3.48
N CYS L 198 -20.65 3.33 2.24
CA CYS L 198 -20.85 2.42 1.12
C CYS L 198 -19.65 1.48 1.03
N PRO L 199 -19.83 0.17 1.16
CA PRO L 199 -18.68 -0.74 1.18
C PRO L 199 -17.98 -0.86 -0.16
N VAL L 200 -18.63 -0.48 -1.26
CA VAL L 200 -18.10 -0.72 -2.59
C VAL L 200 -17.97 0.59 -3.34
N GLY L 201 -17.55 0.52 -4.60
CA GLY L 201 -17.35 1.69 -5.42
C GLY L 201 -18.61 2.21 -6.07
N ALA L 202 -19.77 1.75 -5.59
CA ALA L 202 -21.03 2.26 -6.11
C ALA L 202 -21.18 3.75 -5.84
N LEU L 203 -20.84 4.20 -4.63
CA LEU L 203 -20.85 5.61 -4.26
C LEU L 203 -19.43 6.06 -4.00
N THR L 204 -18.97 7.06 -4.75
CA THR L 204 -17.62 7.55 -4.59
C THR L 204 -17.64 9.07 -4.48
N SER L 205 -16.49 9.64 -4.13
CA SER L 205 -16.35 11.08 -4.08
C SER L 205 -16.08 11.61 -5.49
N LYS L 206 -16.96 12.48 -5.99
CA LYS L 206 -16.79 13.01 -7.33
C LYS L 206 -15.55 13.90 -7.47
N PRO L 207 -15.28 14.87 -6.60
CA PRO L 207 -14.06 15.66 -6.75
C PRO L 207 -12.77 14.88 -6.58
N TYR L 208 -12.81 13.71 -5.95
CA TYR L 208 -11.63 12.89 -5.70
C TYR L 208 -11.35 11.90 -6.84
N ALA L 209 -12.22 11.84 -7.85
CA ALA L 209 -12.18 10.75 -8.82
C ALA L 209 -10.84 10.64 -9.53
N PHE L 210 -10.31 9.42 -9.56
CA PHE L 210 -9.12 8.99 -10.29
C PHE L 210 -7.86 9.77 -9.95
N THR L 211 -7.70 10.26 -8.73
CA THR L 211 -6.52 11.08 -8.46
C THR L 211 -5.45 10.30 -7.72
N ALA L 212 -5.82 9.33 -6.89
CA ALA L 212 -4.86 8.63 -6.06
C ALA L 212 -5.32 7.20 -5.84
N ARG L 213 -4.42 6.40 -5.26
CA ARG L 213 -4.71 5.07 -4.75
C ARG L 213 -4.45 5.04 -3.25
N PRO L 214 -5.21 4.25 -2.50
CA PRO L 214 -5.10 4.32 -1.03
C PRO L 214 -3.75 3.91 -0.48
N TRP L 215 -2.97 3.10 -1.21
CA TRP L 215 -1.67 2.68 -0.69
C TRP L 215 -0.61 3.77 -0.84
N GLU L 216 -0.81 4.73 -1.74
CA GLU L 216 0.17 5.81 -1.91
C GLU L 216 0.08 6.86 -0.82
N THR L 217 -1.08 7.00 -0.17
CA THR L 217 -1.34 8.18 0.62
C THR L 217 -0.72 8.06 2.02
N ARG L 218 -0.29 9.21 2.53
CA ARG L 218 0.18 9.36 3.90
C ARG L 218 -0.93 9.99 4.73
N LYS L 219 -1.13 9.48 5.94
CA LYS L 219 -2.25 9.84 6.77
C LYS L 219 -1.78 10.78 7.87
N THR L 220 -2.43 11.95 7.99
CA THR L 220 -2.15 12.89 9.06
C THR L 220 -3.42 13.10 9.87
N GLU L 221 -3.36 12.78 11.16
CA GLU L 221 -4.52 12.92 12.03
C GLU L 221 -4.57 14.35 12.56
N SER L 222 -5.65 15.07 12.26
CA SER L 222 -5.71 16.50 12.50
C SER L 222 -7.13 16.88 12.91
N ILE L 223 -7.38 18.19 12.96
CA ILE L 223 -8.63 18.75 13.45
C ILE L 223 -9.24 19.65 12.37
N ASP L 224 -10.55 19.53 12.18
CA ASP L 224 -11.26 20.43 11.29
C ASP L 224 -11.43 21.80 11.93
N VAL L 225 -11.35 22.86 11.11
CA VAL L 225 -11.51 24.22 11.60
C VAL L 225 -12.62 24.94 10.84
N MET L 226 -13.46 24.19 10.10
CA MET L 226 -14.52 24.82 9.34
C MET L 226 -15.70 25.25 10.21
N ASP L 227 -15.77 24.77 11.45
CA ASP L 227 -16.77 25.24 12.41
C ASP L 227 -16.17 25.12 13.80
N ALA L 228 -17.02 25.24 14.82
CA ALA L 228 -16.58 25.15 16.20
C ALA L 228 -16.83 23.80 16.84
N VAL L 229 -17.18 22.78 16.05
CA VAL L 229 -17.36 21.44 16.60
C VAL L 229 -16.01 20.81 16.94
N GLY L 230 -15.00 21.05 16.12
CA GLY L 230 -13.71 20.42 16.31
C GLY L 230 -13.67 18.96 15.95
N SER L 231 -14.31 18.57 14.85
CA SER L 231 -14.35 17.18 14.46
C SER L 231 -12.97 16.68 14.05
N ASN L 232 -12.63 15.48 14.50
CA ASN L 232 -11.33 14.90 14.19
C ASN L 232 -11.33 14.34 12.77
N ILE L 233 -10.24 14.57 12.04
CA ILE L 233 -10.17 14.23 10.64
C ILE L 233 -8.82 13.56 10.35
N VAL L 234 -8.73 12.97 9.18
CA VAL L 234 -7.48 12.48 8.61
C VAL L 234 -7.29 13.16 7.25
N VAL L 235 -6.18 13.86 7.11
CA VAL L 235 -5.77 14.45 5.83
C VAL L 235 -4.93 13.42 5.10
N SER L 236 -5.31 13.12 3.86
CA SER L 236 -4.55 12.23 3.00
C SER L 236 -3.64 13.08 2.12
N THR L 237 -2.36 12.78 2.12
CA THR L 237 -1.40 13.51 1.30
C THR L 237 -0.65 12.54 0.40
N ARG L 238 -0.12 13.06 -0.70
CA ARG L 238 0.73 12.26 -1.56
C ARG L 238 1.69 13.19 -2.28
N THR L 239 2.99 12.93 -2.14
CA THR L 239 4.05 13.72 -2.77
C THR L 239 3.87 15.21 -2.51
N GLY L 240 3.58 15.54 -1.25
CA GLY L 240 3.45 16.92 -0.83
C GLY L 240 2.19 17.63 -1.24
N GLU L 241 1.11 16.89 -1.49
CA GLU L 241 -0.14 17.50 -1.90
C GLU L 241 -1.29 16.86 -1.14
N VAL L 242 -2.26 17.68 -0.72
CA VAL L 242 -3.46 17.18 -0.07
C VAL L 242 -4.38 16.56 -1.10
N MET L 243 -4.80 15.32 -0.86
CA MET L 243 -5.66 14.63 -1.81
C MET L 243 -7.12 14.58 -1.35
N ARG L 244 -7.37 14.37 -0.06
CA ARG L 244 -8.73 14.22 0.42
C ARG L 244 -8.75 14.33 1.95
N ILE L 245 -9.95 14.46 2.49
CA ILE L 245 -10.21 14.54 3.92
C ILE L 245 -11.17 13.41 4.30
N LEU L 246 -10.85 12.70 5.37
CA LEU L 246 -11.70 11.64 5.86
C LEU L 246 -12.03 11.88 7.33
N PRO L 247 -13.16 11.38 7.80
CA PRO L 247 -13.45 11.49 9.24
C PRO L 247 -12.54 10.58 10.05
N ARG L 248 -12.14 11.10 11.21
CA ARG L 248 -11.45 10.32 12.22
C ARG L 248 -12.37 10.15 13.41
N MET L 249 -12.43 8.93 13.93
CA MET L 249 -13.45 8.55 14.91
C MET L 249 -13.17 9.19 16.26
N HIS L 250 -14.17 9.90 16.79
CA HIS L 250 -14.14 10.44 18.15
C HIS L 250 -15.56 10.34 18.70
N GLU L 251 -15.76 9.42 19.65
CA GLU L 251 -17.11 9.14 20.13
C GLU L 251 -17.74 10.35 20.80
N ASP L 252 -16.93 11.29 21.27
CA ASP L 252 -17.47 12.41 22.04
C ASP L 252 -17.78 13.63 21.18
N ILE L 253 -17.18 13.75 19.99
CA ILE L 253 -17.34 14.97 19.22
C ILE L 253 -18.14 14.73 17.94
N ASN L 254 -17.62 13.92 17.02
CA ASN L 254 -18.28 13.68 15.76
C ASN L 254 -18.56 12.22 15.47
N GLU L 255 -18.42 11.34 16.45
CA GLU L 255 -18.51 9.90 16.27
C GLU L 255 -17.71 9.44 15.06
N GLU L 256 -18.36 9.35 13.92
CA GLU L 256 -17.73 8.80 12.73
C GLU L 256 -17.98 9.64 11.48
N TRP L 257 -18.61 10.80 11.62
CA TRP L 257 -19.04 11.58 10.47
C TRP L 257 -18.33 12.92 10.44
N ILE L 258 -18.36 13.56 9.27
CA ILE L 258 -17.94 14.94 9.11
C ILE L 258 -18.98 15.64 8.24
N SER L 259 -18.85 16.96 8.16
CA SER L 259 -19.75 17.76 7.36
C SER L 259 -19.29 17.79 5.90
N ASP L 260 -20.20 18.19 5.02
CA ASP L 260 -19.87 18.30 3.61
C ASP L 260 -18.84 19.40 3.37
N LYS L 261 -18.95 20.51 4.10
CA LYS L 261 -17.94 21.55 4.03
C LYS L 261 -16.59 21.02 4.49
N THR L 262 -16.56 20.38 5.66
CA THR L 262 -15.33 19.79 6.18
C THR L 262 -14.73 18.80 5.19
N ARG L 263 -15.59 18.02 4.53
CA ARG L 263 -15.12 16.98 3.63
C ARG L 263 -14.57 17.53 2.32
N PHE L 264 -15.25 18.51 1.73
CA PHE L 264 -14.99 18.88 0.34
C PHE L 264 -14.42 20.28 0.15
N ALA L 265 -14.25 21.07 1.20
CA ALA L 265 -13.77 22.44 1.00
C ALA L 265 -12.26 22.54 0.91
N TYR L 266 -11.54 21.43 1.04
CA TYR L 266 -10.09 21.45 0.89
C TYR L 266 -9.65 21.88 -0.51
N ASP L 267 -10.55 21.82 -1.48
CA ASP L 267 -10.27 22.34 -2.82
C ASP L 267 -9.83 23.79 -2.76
N GLY L 268 -10.39 24.58 -1.84
CA GLY L 268 -10.08 25.99 -1.73
C GLY L 268 -8.68 26.29 -1.25
N LEU L 269 -7.97 25.31 -0.72
CA LEU L 269 -6.58 25.51 -0.29
C LEU L 269 -5.62 25.62 -1.46
N LYS L 270 -6.08 25.39 -2.68
CA LYS L 270 -5.23 25.42 -3.86
C LYS L 270 -5.42 26.68 -4.70
N ARG L 271 -6.31 27.58 -4.28
CA ARG L 271 -6.62 28.78 -5.04
C ARG L 271 -6.51 30.02 -4.18
N GLN L 272 -6.22 31.15 -4.82
CA GLN L 272 -6.17 32.46 -4.18
C GLN L 272 -5.25 32.46 -2.96
N ARG L 273 -4.14 31.74 -3.06
CA ARG L 273 -3.23 31.58 -1.94
C ARG L 273 -2.20 32.71 -1.92
N LEU L 274 -1.91 33.18 -0.71
CA LEU L 274 -0.86 34.18 -0.50
C LEU L 274 0.47 33.45 -0.37
N THR L 275 1.43 33.81 -1.21
CA THR L 275 2.68 33.07 -1.29
C THR L 275 3.91 33.90 -0.96
N GLN L 276 3.87 35.21 -1.15
CA GLN L 276 5.03 36.06 -0.93
C GLN L 276 4.63 37.33 -0.20
N PRO L 277 5.55 37.94 0.54
CA PRO L 277 5.28 39.26 1.13
C PRO L 277 5.02 40.30 0.05
N MET L 278 4.13 41.24 0.35
CA MET L 278 3.76 42.28 -0.60
C MET L 278 3.70 43.64 0.06
N ILE L 279 4.05 44.68 -0.70
CA ILE L 279 4.04 46.06 -0.25
C ILE L 279 3.42 46.94 -1.33
N ARG L 280 3.05 48.16 -0.96
CA ARG L 280 2.49 49.13 -1.88
C ARG L 280 3.61 49.85 -2.61
N ASN L 281 3.56 49.84 -3.95
CA ASN L 281 4.52 50.56 -4.76
C ASN L 281 4.12 52.03 -4.87
N GLU L 282 4.90 52.81 -5.62
CA GLU L 282 4.64 54.25 -5.71
C GLU L 282 3.34 54.54 -6.44
N LYS L 283 2.90 53.63 -7.32
CA LYS L 283 1.62 53.80 -7.99
C LYS L 283 0.45 53.50 -7.06
N GLY L 284 0.69 52.77 -5.98
CA GLY L 284 -0.38 52.35 -5.10
C GLY L 284 -0.81 50.91 -5.26
N LEU L 285 -0.06 50.10 -6.00
CA LEU L 285 -0.42 48.72 -6.28
C LEU L 285 0.45 47.77 -5.46
N LEU L 286 -0.12 46.62 -5.10
CA LEU L 286 0.57 45.62 -4.32
C LEU L 286 1.58 44.89 -5.20
N THR L 287 2.83 44.84 -4.75
CA THR L 287 3.92 44.21 -5.48
C THR L 287 4.74 43.36 -4.52
N TYR L 288 5.38 42.33 -5.08
CA TYR L 288 6.13 41.38 -4.28
C TYR L 288 7.39 42.01 -3.70
N THR L 289 7.85 41.43 -2.60
CA THR L 289 9.04 41.90 -1.89
C THR L 289 9.51 40.81 -0.95
N THR L 290 10.70 41.01 -0.38
CA THR L 290 11.28 40.02 0.52
C THR L 290 10.66 40.14 1.92
N TRP L 291 10.93 39.12 2.73
CA TRP L 291 10.49 39.17 4.13
C TRP L 291 11.15 40.31 4.89
N GLU L 292 12.43 40.57 4.59
CA GLU L 292 13.16 41.64 5.27
C GLU L 292 12.47 42.99 5.07
N ASP L 293 12.14 43.32 3.83
CA ASP L 293 11.57 44.63 3.52
C ASP L 293 10.20 44.81 4.17
N ALA L 294 9.32 43.82 4.01
CA ALA L 294 7.98 43.91 4.56
C ALA L 294 8.02 43.99 6.08
N LEU L 295 8.85 43.16 6.70
CA LEU L 295 8.94 43.18 8.17
C LEU L 295 9.52 44.50 8.66
N SER L 296 10.50 45.05 7.94
CA SER L 296 11.05 46.34 8.34
C SER L 296 10.02 47.46 8.22
N ARG L 297 9.22 47.44 7.15
CA ARG L 297 8.19 48.46 7.00
C ARG L 297 7.14 48.35 8.11
N VAL L 298 6.73 47.13 8.46
CA VAL L 298 5.77 46.96 9.55
C VAL L 298 6.38 47.40 10.88
N ALA L 299 7.65 47.03 11.12
CA ALA L 299 8.30 47.35 12.39
C ALA L 299 8.51 48.84 12.56
N GLY L 300 8.79 49.56 11.47
CA GLY L 300 8.94 51.01 11.58
C GLY L 300 7.68 51.67 12.12
N MET L 301 6.52 51.26 11.62
CA MET L 301 5.27 51.83 12.11
C MET L 301 4.95 51.32 13.52
N LEU L 302 5.30 50.06 13.82
CA LEU L 302 5.09 49.55 15.17
C LEU L 302 5.93 50.33 16.19
N GLN L 303 7.10 50.80 15.78
CA GLN L 303 7.92 51.63 16.66
C GLN L 303 7.38 53.05 16.71
N SER L 304 6.87 53.56 15.60
CA SER L 304 6.42 54.95 15.56
C SER L 304 5.18 55.17 16.40
N PHE L 305 4.23 54.25 16.36
CA PHE L 305 2.98 54.42 17.09
C PHE L 305 2.93 53.46 18.28
N GLN L 306 2.09 53.81 19.25
CA GLN L 306 1.97 53.02 20.47
C GLN L 306 0.63 53.33 21.12
N GLY L 307 0.39 52.70 22.26
CA GLY L 307 -0.82 52.97 23.02
C GLY L 307 -2.08 52.55 22.28
N ASN L 308 -3.07 53.43 22.27
CA ASN L 308 -4.35 53.13 21.64
C ASN L 308 -4.30 53.35 20.13
N ASP L 309 -3.16 53.79 19.59
CA ASP L 309 -3.04 53.98 18.15
C ASP L 309 -2.82 52.66 17.42
N VAL L 310 -2.59 51.58 18.16
CA VAL L 310 -2.33 50.27 17.56
C VAL L 310 -3.46 49.31 17.95
N ALA L 311 -3.91 48.51 17.00
CA ALA L 311 -4.99 47.57 17.25
C ALA L 311 -4.86 46.37 16.33
N ALA L 312 -5.58 45.31 16.67
CA ALA L 312 -5.54 44.08 15.89
C ALA L 312 -6.90 43.41 15.92
N ILE L 313 -7.26 42.78 14.80
CA ILE L 313 -8.50 42.03 14.66
C ILE L 313 -8.15 40.60 14.27
N ALA L 314 -8.79 39.64 14.94
CA ALA L 314 -8.53 38.22 14.72
C ALA L 314 -9.70 37.58 13.99
N GLY L 315 -9.40 36.83 12.93
CA GLY L 315 -10.41 36.17 12.13
C GLY L 315 -10.82 34.82 12.70
N GLY L 316 -11.61 34.10 11.92
CA GLY L 316 -12.24 32.87 12.34
C GLY L 316 -11.42 31.60 12.24
N LEU L 317 -10.22 31.64 11.67
CA LEU L 317 -9.41 30.45 11.47
C LEU L 317 -8.04 30.60 12.10
N VAL L 318 -7.94 31.39 13.16
CA VAL L 318 -6.67 31.72 13.80
C VAL L 318 -6.43 30.76 14.96
N ASP L 319 -5.18 30.31 15.10
CA ASP L 319 -4.80 29.41 16.16
C ASP L 319 -4.40 30.17 17.42
N ALA L 320 -4.34 29.43 18.54
CA ALA L 320 -4.05 30.04 19.83
C ALA L 320 -2.62 30.56 19.92
N GLU L 321 -1.67 29.88 19.26
CA GLU L 321 -0.27 30.32 19.30
C GLU L 321 -0.12 31.70 18.67
N ALA L 322 -0.67 31.90 17.48
CA ALA L 322 -0.61 33.21 16.84
C ALA L 322 -1.38 34.25 17.64
N LEU L 323 -2.51 33.85 18.24
CA LEU L 323 -3.29 34.79 19.04
C LEU L 323 -2.48 35.32 20.22
N VAL L 324 -1.84 34.41 20.98
CA VAL L 324 -1.07 34.84 22.13
C VAL L 324 0.17 35.61 21.69
N ALA L 325 0.78 35.24 20.55
CA ALA L 325 1.94 35.98 20.07
C ALA L 325 1.57 37.42 19.72
N LEU L 326 0.45 37.61 19.01
CA LEU L 326 0.02 38.95 18.66
C LEU L 326 -0.39 39.74 19.90
N LYS L 327 -1.03 39.08 20.87
CA LYS L 327 -1.39 39.76 22.11
C LYS L 327 -0.15 40.24 22.86
N ASP L 328 0.88 39.39 22.95
CA ASP L 328 2.11 39.80 23.59
C ASP L 328 2.80 40.94 22.84
N LEU L 329 2.80 40.86 21.51
CA LEU L 329 3.44 41.91 20.72
C LEU L 329 2.74 43.26 20.93
N LEU L 330 1.41 43.27 20.93
CA LEU L 330 0.69 44.52 21.15
C LEU L 330 0.75 45.00 22.60
N ASN L 331 0.84 44.08 23.57
CA ASN L 331 1.04 44.51 24.95
C ASN L 331 2.41 45.16 25.13
N ARG L 332 3.43 44.67 24.42
CA ARG L 332 4.75 45.27 24.54
C ARG L 332 4.79 46.71 24.02
N VAL L 333 3.81 47.12 23.22
CA VAL L 333 3.68 48.51 22.80
C VAL L 333 2.61 49.24 23.59
N ASP L 334 2.07 48.60 24.64
CA ASP L 334 1.05 49.15 25.52
C ASP L 334 -0.27 49.36 24.77
N SER L 335 -0.69 48.32 24.05
CA SER L 335 -1.99 48.30 23.40
C SER L 335 -2.79 47.14 23.97
N ASP L 336 -4.07 47.40 24.25
CA ASP L 336 -4.95 46.37 24.78
C ASP L 336 -6.12 46.07 23.84
N SER L 337 -6.23 46.76 22.71
CA SER L 337 -7.34 46.57 21.79
C SER L 337 -7.10 45.35 20.89
N LEU L 338 -7.21 44.17 21.50
CA LEU L 338 -7.12 42.90 20.79
C LEU L 338 -8.55 42.39 20.60
N CYS L 339 -9.04 42.45 19.37
CA CYS L 339 -10.46 42.24 19.12
C CYS L 339 -10.67 41.05 18.18
N THR L 340 -11.88 40.51 18.23
CA THR L 340 -12.33 39.47 17.31
C THR L 340 -13.56 39.99 16.56
N GLU L 341 -13.88 39.34 15.44
CA GLU L 341 -15.05 39.75 14.67
C GLU L 341 -16.35 39.27 15.33
N GLU L 342 -16.33 38.09 15.95
CA GLU L 342 -17.52 37.55 16.58
C GLU L 342 -17.77 38.26 17.91
N VAL L 343 -19.01 38.72 18.10
CA VAL L 343 -19.38 39.55 19.24
C VAL L 343 -19.91 38.66 20.36
N PHE L 344 -19.41 38.87 21.57
CA PHE L 344 -19.97 38.28 22.78
C PHE L 344 -20.19 39.42 23.78
N PRO L 345 -21.32 39.45 24.46
CA PRO L 345 -21.58 40.56 25.39
C PRO L 345 -20.62 40.55 26.58
N THR L 346 -20.00 41.70 26.83
CA THR L 346 -18.98 41.84 27.85
C THR L 346 -19.52 42.35 29.18
N ALA L 347 -20.81 42.63 29.27
CA ALA L 347 -21.39 43.09 30.53
C ALA L 347 -21.43 41.96 31.54
N GLY L 348 -21.26 42.32 32.81
CA GLY L 348 -21.34 41.31 33.87
C GLY L 348 -20.01 40.60 34.02
N ALA L 349 -20.06 39.27 33.93
CA ALA L 349 -18.83 38.49 34.00
C ALA L 349 -18.03 38.59 32.71
N GLY L 350 -18.70 38.68 31.57
CA GLY L 350 -18.00 38.74 30.30
C GLY L 350 -17.27 37.43 30.03
N THR L 351 -15.98 37.53 29.75
CA THR L 351 -15.13 36.37 29.54
C THR L 351 -14.30 36.02 30.76
N ASP L 352 -14.58 36.64 31.91
CA ASP L 352 -13.85 36.31 33.13
C ASP L 352 -14.16 34.90 33.60
N LEU L 353 -15.41 34.47 33.46
CA LEU L 353 -15.84 33.14 33.83
C LEU L 353 -16.00 32.31 32.55
N ARG L 354 -15.25 31.21 32.47
CA ARG L 354 -15.22 30.42 31.24
C ARG L 354 -16.59 29.84 30.90
N SER L 355 -17.27 29.28 31.90
CA SER L 355 -18.58 28.67 31.68
C SER L 355 -19.61 29.64 31.14
N ASN L 356 -19.37 30.94 31.26
CA ASN L 356 -20.28 31.94 30.70
C ASN L 356 -20.34 31.89 29.18
N TYR L 357 -19.34 31.30 28.50
CA TYR L 357 -19.35 31.30 27.05
C TYR L 357 -19.06 29.92 26.46
N LEU L 358 -19.45 28.86 27.15
CA LEU L 358 -19.16 27.50 26.70
C LEU L 358 -20.45 26.70 26.54
N LEU L 359 -20.32 25.61 25.79
CA LEU L 359 -21.35 24.57 25.73
C LEU L 359 -21.08 23.64 26.92
N ASN L 360 -21.62 24.02 28.09
CA ASN L 360 -21.25 23.38 29.33
C ASN L 360 -21.73 21.94 29.41
N THR L 361 -22.88 21.63 28.78
CA THR L 361 -23.39 20.26 28.79
C THR L 361 -22.51 19.30 27.99
N THR L 362 -21.66 19.84 27.09
CA THR L 362 -20.82 19.09 26.16
C THR L 362 -21.65 18.43 25.07
N ILE L 363 -21.00 18.01 23.99
CA ILE L 363 -21.71 17.40 22.87
C ILE L 363 -22.33 16.07 23.28
N ALA L 364 -21.57 15.23 23.99
CA ALA L 364 -22.08 13.94 24.42
C ALA L 364 -23.24 14.06 25.41
N GLY L 365 -23.22 15.08 26.27
CA GLY L 365 -24.26 15.25 27.27
C GLY L 365 -25.65 15.42 26.70
N VAL L 366 -25.76 15.78 25.42
CA VAL L 366 -27.07 15.86 24.77
C VAL L 366 -27.79 14.53 24.83
N GLU L 367 -27.04 13.43 24.81
CA GLU L 367 -27.64 12.10 24.91
C GLU L 367 -28.25 11.83 26.27
N GLU L 368 -27.99 12.67 27.26
CA GLU L 368 -28.55 12.51 28.60
C GLU L 368 -29.71 13.44 28.89
N ALA L 369 -29.89 14.48 28.08
CA ALA L 369 -30.97 15.43 28.31
C ALA L 369 -32.30 14.84 27.87
N ASP L 370 -33.39 15.36 28.45
CA ASP L 370 -34.74 14.99 28.06
C ASP L 370 -35.54 16.15 27.48
N VAL L 371 -35.08 17.38 27.67
CA VAL L 371 -35.69 18.56 27.03
C VAL L 371 -34.56 19.46 26.59
N ILE L 372 -34.72 20.08 25.43
CA ILE L 372 -33.76 21.04 24.92
C ILE L 372 -34.53 22.21 24.31
N LEU L 373 -34.02 23.42 24.54
CA LEU L 373 -34.59 24.64 24.00
C LEU L 373 -33.53 25.36 23.18
N LEU L 374 -33.81 25.58 21.91
CA LEU L 374 -32.91 26.25 20.99
C LEU L 374 -33.36 27.70 20.81
N VAL L 375 -32.44 28.65 20.98
CA VAL L 375 -32.77 30.06 20.96
C VAL L 375 -31.91 30.72 19.89
N GLY L 376 -32.57 31.25 18.85
CA GLY L 376 -31.91 32.09 17.87
C GLY L 376 -30.72 31.45 17.18
N THR L 377 -30.86 30.21 16.75
CA THR L 377 -29.77 29.52 16.08
C THR L 377 -30.34 28.51 15.10
N ASN L 378 -29.52 28.15 14.11
CA ASN L 378 -29.82 27.08 13.17
C ASN L 378 -28.71 26.05 13.31
N PRO L 379 -28.83 25.10 14.23
CA PRO L 379 -27.74 24.14 14.44
C PRO L 379 -27.46 23.27 13.24
N ARG L 380 -28.41 23.16 12.32
CA ARG L 380 -28.23 22.32 11.14
C ARG L 380 -27.05 22.79 10.31
N PHE L 381 -26.91 24.10 10.13
CA PHE L 381 -25.84 24.66 9.31
C PHE L 381 -24.74 25.33 10.10
N GLU L 382 -25.01 25.79 11.33
CA GLU L 382 -23.97 26.34 12.18
C GLU L 382 -23.08 25.28 12.81
N ALA L 383 -23.65 24.13 13.19
CA ALA L 383 -22.91 23.06 13.84
C ALA L 383 -23.52 21.73 13.45
N PRO L 384 -23.21 21.24 12.24
CA PRO L 384 -23.93 20.06 11.71
C PRO L 384 -23.81 18.82 12.58
N LEU L 385 -22.65 18.58 13.20
CA LEU L 385 -22.51 17.38 14.02
C LEU L 385 -23.23 17.51 15.36
N PHE L 386 -23.30 18.73 15.91
CA PHE L 386 -24.14 18.95 17.09
C PHE L 386 -25.60 18.67 16.78
N ASN L 387 -26.07 19.13 15.61
CA ASN L 387 -27.44 18.84 15.19
C ASN L 387 -27.64 17.35 14.96
N ALA L 388 -26.62 16.66 14.44
CA ALA L 388 -26.72 15.21 14.28
C ALA L 388 -26.84 14.51 15.63
N ARG L 389 -26.10 14.98 16.64
CA ARG L 389 -26.23 14.42 17.97
C ARG L 389 -27.62 14.67 18.55
N ILE L 390 -28.17 15.87 18.30
CA ILE L 390 -29.54 16.16 18.73
C ILE L 390 -30.52 15.22 18.04
N ARG L 391 -30.33 14.99 16.75
CA ARG L 391 -31.18 14.07 15.99
C ARG L 391 -31.10 12.65 16.55
N LYS L 392 -29.89 12.21 16.90
CA LYS L 392 -29.70 10.88 17.47
C LYS L 392 -30.42 10.75 18.81
N SER L 393 -30.30 11.76 19.67
CA SER L 393 -30.99 11.72 20.95
C SER L 393 -32.50 11.80 20.78
N TRP L 394 -32.96 12.59 19.81
CA TRP L 394 -34.38 12.66 19.48
C TRP L 394 -34.91 11.31 19.03
N LEU L 395 -34.12 10.58 18.24
CA LEU L 395 -34.56 9.29 17.71
C LEU L 395 -34.55 8.21 18.79
N HIS L 396 -33.50 8.17 19.60
CA HIS L 396 -33.29 7.04 20.51
C HIS L 396 -33.74 7.30 21.94
N ASN L 397 -33.73 8.56 22.40
CA ASN L 397 -34.04 8.89 23.78
C ASN L 397 -35.38 9.60 23.93
N ASP L 398 -36.13 9.78 22.85
CA ASP L 398 -37.42 10.50 22.88
C ASP L 398 -37.25 11.91 23.41
N LEU L 399 -36.17 12.56 22.98
CA LEU L 399 -35.87 13.93 23.38
C LEU L 399 -36.90 14.91 22.84
N LYS L 400 -37.32 15.84 23.69
CA LYS L 400 -38.24 16.89 23.31
C LYS L 400 -37.46 18.15 22.95
N VAL L 401 -37.78 18.74 21.79
CA VAL L 401 -37.04 19.85 21.23
C VAL L 401 -38.01 21.01 20.98
N ALA L 402 -37.60 22.21 21.38
CA ALA L 402 -38.33 23.44 21.10
C ALA L 402 -37.36 24.49 20.60
N LEU L 403 -37.87 25.44 19.82
CA LEU L 403 -37.03 26.44 19.17
C LEU L 403 -37.62 27.83 19.30
N ILE L 404 -36.77 28.79 19.63
CA ILE L 404 -37.09 30.21 19.59
C ILE L 404 -36.36 30.80 18.39
N GLY L 405 -37.10 31.23 17.39
CA GLY L 405 -36.51 31.77 16.19
C GLY L 405 -37.34 31.38 14.99
N SER L 406 -36.75 31.56 13.80
CA SER L 406 -37.48 31.26 12.57
C SER L 406 -37.67 29.75 12.43
N PRO L 407 -38.79 29.32 11.84
CA PRO L 407 -39.05 27.88 11.74
C PRO L 407 -38.25 27.19 10.64
N VAL L 408 -36.96 26.95 10.89
CA VAL L 408 -36.11 26.28 9.92
C VAL L 408 -36.40 24.78 9.95
N ASP L 409 -35.89 24.06 8.96
CA ASP L 409 -36.03 22.61 8.91
C ASP L 409 -34.80 21.98 9.56
N LEU L 410 -35.00 21.24 10.64
CA LEU L 410 -33.91 20.68 11.43
C LEU L 410 -33.75 19.17 11.23
N THR L 411 -34.48 18.58 10.27
CA THR L 411 -34.57 17.15 9.99
C THR L 411 -35.24 16.36 11.10
N TYR L 412 -35.81 17.03 12.10
CA TYR L 412 -36.63 16.36 13.10
C TYR L 412 -37.73 17.33 13.52
N ARG L 413 -38.83 16.77 14.02
CA ARG L 413 -39.97 17.57 14.43
C ARG L 413 -39.72 18.21 15.78
N TYR L 414 -39.93 19.53 15.85
CA TYR L 414 -39.72 20.30 17.07
C TYR L 414 -40.94 21.16 17.33
N ASP L 415 -41.01 21.73 18.53
CA ASP L 415 -42.12 22.59 18.93
C ASP L 415 -41.71 24.05 18.74
N HIS L 416 -42.31 24.70 17.75
CA HIS L 416 -42.04 26.11 17.47
C HIS L 416 -42.81 26.95 18.48
N LEU L 417 -42.08 27.75 19.26
CA LEU L 417 -42.74 28.59 20.25
C LEU L 417 -42.96 30.01 19.74
N GLY L 418 -42.26 30.38 18.67
CA GLY L 418 -42.46 31.68 18.06
C GLY L 418 -41.15 32.31 17.64
N ASP L 419 -41.27 33.56 17.20
CA ASP L 419 -40.16 34.32 16.64
C ASP L 419 -39.70 35.49 17.50
N SER L 420 -40.50 35.91 18.47
CA SER L 420 -40.19 37.12 19.20
C SER L 420 -39.26 36.82 20.37
N PRO L 421 -38.22 37.65 20.57
CA PRO L 421 -37.39 37.50 21.79
C PRO L 421 -38.18 37.61 23.07
N LYS L 422 -39.26 38.40 23.08
CA LYS L 422 -40.09 38.56 24.27
C LYS L 422 -40.64 37.24 24.79
N ILE L 423 -40.75 36.22 23.94
CA ILE L 423 -41.18 34.91 24.39
C ILE L 423 -40.28 34.42 25.52
N LEU L 424 -38.96 34.61 25.37
CA LEU L 424 -38.04 34.28 26.45
C LEU L 424 -38.47 34.93 27.76
N GLN L 425 -38.79 36.22 27.72
CA GLN L 425 -39.25 36.90 28.92
C GLN L 425 -40.46 36.19 29.52
N ASP L 426 -41.43 35.81 28.69
CA ASP L 426 -42.57 35.07 29.18
C ASP L 426 -42.14 33.77 29.84
N ILE L 427 -41.24 33.02 29.19
CA ILE L 427 -40.71 31.81 29.81
C ILE L 427 -39.94 32.16 31.07
N ALA L 428 -39.23 33.29 31.05
CA ALA L 428 -38.50 33.72 32.24
C ALA L 428 -39.46 34.12 33.36
N SER L 429 -40.70 34.45 33.01
CA SER L 429 -41.65 34.91 34.02
C SER L 429 -42.53 33.78 34.52
N GLY L 430 -42.78 32.78 33.68
CA GLY L 430 -43.62 31.66 34.04
C GLY L 430 -45.00 31.64 33.41
N ASN L 431 -45.34 32.64 32.58
CA ASN L 431 -46.63 32.62 31.91
C ASN L 431 -46.70 31.53 30.85
N HIS L 432 -45.62 31.35 30.09
CA HIS L 432 -45.62 30.39 28.99
C HIS L 432 -45.69 28.96 29.53
N PRO L 433 -46.51 28.10 28.94
CA PRO L 433 -46.58 26.70 29.42
C PRO L 433 -45.28 25.93 29.23
N PHE L 434 -44.40 26.35 28.33
CA PHE L 434 -43.10 25.71 28.23
C PHE L 434 -42.26 25.95 29.48
N SER L 435 -42.58 26.97 30.27
CA SER L 435 -41.95 27.10 31.59
C SER L 435 -42.32 25.91 32.46
N GLN L 436 -43.58 25.49 32.41
CA GLN L 436 -43.99 24.29 33.12
C GLN L 436 -43.34 23.05 32.52
N ILE L 437 -43.15 23.03 31.20
CA ILE L 437 -42.46 21.90 30.58
C ILE L 437 -41.03 21.78 31.10
N LEU L 438 -40.32 22.91 31.18
CA LEU L 438 -38.95 22.90 31.67
C LEU L 438 -38.87 22.63 33.17
N LYS L 439 -39.90 23.01 33.92
CA LYS L 439 -39.90 22.77 35.36
C LYS L 439 -39.94 21.28 35.68
N GLU L 440 -40.69 20.51 34.89
CA GLU L 440 -40.85 19.08 35.13
C GLU L 440 -39.66 18.25 34.68
N ALA L 441 -38.74 18.82 33.91
CA ALA L 441 -37.64 18.06 33.33
C ALA L 441 -36.61 17.69 34.39
N LYS L 442 -35.99 16.52 34.20
CA LYS L 442 -34.92 16.11 35.10
C LYS L 442 -33.56 16.59 34.59
N LYS L 443 -33.38 16.64 33.27
CA LYS L 443 -32.13 17.08 32.66
C LYS L 443 -32.45 18.10 31.57
N PRO L 444 -32.81 19.32 31.95
CA PRO L 444 -33.15 20.34 30.95
C PRO L 444 -31.89 20.97 30.36
N MET L 445 -32.03 21.47 29.14
CA MET L 445 -30.91 22.02 28.38
C MET L 445 -31.38 23.24 27.61
N VAL L 446 -30.66 24.35 27.75
CA VAL L 446 -30.94 25.57 27.01
C VAL L 446 -29.69 25.94 26.21
N VAL L 447 -29.84 26.08 24.90
CA VAL L 447 -28.73 26.36 24.00
C VAL L 447 -29.00 27.67 23.28
N LEU L 448 -28.04 28.60 23.38
CA LEU L 448 -28.14 29.91 22.74
C LEU L 448 -26.99 30.06 21.76
N GLY L 449 -27.31 30.45 20.52
CA GLY L 449 -26.29 30.59 19.50
C GLY L 449 -25.66 31.97 19.49
N SER L 450 -24.39 32.02 19.07
CA SER L 450 -23.69 33.30 18.96
C SER L 450 -24.28 34.20 17.89
N SER L 451 -24.90 33.61 16.86
CA SER L 451 -25.54 34.42 15.83
C SER L 451 -26.66 35.28 16.43
N ALA L 452 -27.34 34.77 17.45
CA ALA L 452 -28.31 35.60 18.15
C ALA L 452 -27.63 36.59 19.09
N LEU L 453 -26.32 36.41 19.31
CA LEU L 453 -25.59 37.34 20.16
C LEU L 453 -25.00 38.49 19.34
N GLN L 454 -24.89 38.31 18.02
CA GLN L 454 -24.34 39.37 17.18
C GLN L 454 -25.32 40.51 16.90
N ARG L 455 -26.60 40.37 17.26
CA ARG L 455 -27.62 41.29 16.78
C ARG L 455 -27.83 42.52 17.66
N SER L 456 -26.86 42.91 18.47
CA SER L 456 -26.88 44.09 19.34
C SER L 456 -27.91 43.94 20.47
N ASP L 457 -28.68 42.87 20.49
CA ASP L 457 -29.49 42.48 21.64
C ASP L 457 -28.79 41.44 22.50
N GLY L 458 -27.51 41.16 22.20
CA GLY L 458 -26.84 40.03 22.83
C GLY L 458 -26.85 40.09 24.34
N THR L 459 -26.68 41.29 24.90
CA THR L 459 -26.72 41.43 26.35
C THR L 459 -28.10 41.05 26.90
N ALA L 460 -29.16 41.59 26.31
CA ALA L 460 -30.51 41.29 26.79
C ALA L 460 -30.91 39.84 26.51
N ILE L 461 -30.53 39.31 25.35
CA ILE L 461 -30.81 37.90 25.04
C ILE L 461 -30.11 37.00 26.05
N LEU L 462 -28.83 37.27 26.31
CA LEU L 462 -28.08 36.45 27.27
C LEU L 462 -28.68 36.57 28.67
N ALA L 463 -29.10 37.78 29.06
CA ALA L 463 -29.71 37.95 30.36
C ALA L 463 -31.01 37.16 30.48
N ALA L 464 -31.83 37.16 29.42
CA ALA L 464 -33.08 36.41 29.46
C ALA L 464 -32.83 34.91 29.53
N VAL L 465 -31.88 34.40 28.76
CA VAL L 465 -31.57 32.97 28.82
C VAL L 465 -31.03 32.59 30.19
N SER L 466 -30.16 33.44 30.76
CA SER L 466 -29.64 33.18 32.09
C SER L 466 -30.75 33.20 33.13
N ASN L 467 -31.72 34.11 32.97
CA ASN L 467 -32.87 34.14 33.87
C ASN L 467 -33.67 32.86 33.79
N ILE L 468 -33.89 32.35 32.57
CA ILE L 468 -34.62 31.09 32.41
C ILE L 468 -33.87 29.96 33.11
N ALA L 469 -32.57 29.87 32.88
CA ALA L 469 -31.77 28.81 33.49
C ALA L 469 -31.78 28.91 35.01
N GLN L 470 -31.68 30.14 35.53
CA GLN L 470 -31.70 30.32 36.98
C GLN L 470 -33.05 29.94 37.57
N ASN L 471 -34.14 30.25 36.87
CA ASN L 471 -35.45 29.81 37.33
C ASN L 471 -35.53 28.29 37.36
N ILE L 472 -34.98 27.64 36.33
CA ILE L 472 -34.98 26.18 36.29
C ILE L 472 -34.23 25.62 37.49
N ARG L 473 -33.04 26.14 37.76
CA ARG L 473 -32.24 25.63 38.86
C ARG L 473 -32.87 25.95 40.22
N LEU L 474 -33.57 27.08 40.32
CA LEU L 474 -34.16 27.46 41.60
C LEU L 474 -35.41 26.66 41.90
N SER L 475 -36.24 26.40 40.89
CA SER L 475 -37.49 25.68 41.12
C SER L 475 -37.25 24.16 41.18
N SER L 476 -36.51 23.62 40.22
CA SER L 476 -36.28 22.19 40.19
C SER L 476 -35.14 21.76 41.10
N GLY L 477 -34.46 22.71 41.76
CA GLY L 477 -33.37 22.38 42.65
C GLY L 477 -32.12 22.00 41.89
N VAL L 478 -31.11 21.59 42.66
CA VAL L 478 -29.83 21.16 42.10
C VAL L 478 -29.91 19.65 41.90
N THR L 479 -30.14 19.23 40.66
CA THR L 479 -30.15 17.81 40.35
C THR L 479 -28.75 17.20 40.48
N GLY L 480 -27.72 17.98 40.16
CA GLY L 480 -26.35 17.53 40.29
C GLY L 480 -25.40 18.54 39.68
N ASP L 481 -24.39 18.06 38.95
CA ASP L 481 -23.58 18.95 38.11
C ASP L 481 -24.05 18.86 36.66
N TRP L 482 -25.33 19.16 36.45
CA TRP L 482 -25.94 19.01 35.14
C TRP L 482 -25.56 20.12 34.15
N LYS L 483 -25.36 21.35 34.63
CA LYS L 483 -24.88 22.46 33.79
C LYS L 483 -25.86 22.75 32.64
N VAL L 484 -27.00 23.33 33.03
CA VAL L 484 -28.09 23.61 32.09
C VAL L 484 -27.65 24.58 30.99
N MET L 485 -26.99 25.68 31.35
CA MET L 485 -26.70 26.74 30.39
C MET L 485 -25.67 26.31 29.36
N ASN L 486 -25.83 26.80 28.12
CA ASN L 486 -24.95 26.45 27.02
C ASN L 486 -24.89 27.60 26.00
N ILE L 487 -23.71 27.78 25.41
CA ILE L 487 -23.50 28.72 24.32
C ILE L 487 -22.93 27.94 23.14
N LEU L 488 -23.57 28.02 21.99
CA LEU L 488 -23.11 27.33 20.79
C LEU L 488 -22.39 28.31 19.87
N HIS L 489 -21.12 28.04 19.59
CA HIS L 489 -20.28 28.93 18.80
C HIS L 489 -20.24 28.49 17.34
N ARG L 490 -19.77 29.40 16.49
CA ARG L 490 -19.77 29.21 15.05
C ARG L 490 -18.38 29.12 14.43
N ILE L 491 -17.39 29.82 14.96
CA ILE L 491 -16.05 29.85 14.39
C ILE L 491 -15.10 29.11 15.31
N ALA L 492 -14.01 28.61 14.72
CA ALA L 492 -13.10 27.73 15.44
C ALA L 492 -12.13 28.49 16.34
N SER L 493 -12.00 29.79 16.15
CA SER L 493 -10.99 30.57 16.88
C SER L 493 -11.57 31.38 18.02
N GLN L 494 -12.88 31.33 18.25
CA GLN L 494 -13.50 32.24 19.20
C GLN L 494 -13.18 31.86 20.65
N VAL L 495 -13.25 30.57 20.97
CA VAL L 495 -13.10 30.14 22.35
C VAL L 495 -11.67 30.36 22.83
N ALA L 496 -10.69 30.07 21.97
CA ALA L 496 -9.30 30.33 22.33
C ALA L 496 -9.04 31.82 22.53
N ALA L 497 -9.61 32.66 21.67
CA ALA L 497 -9.44 34.10 21.81
C ALA L 497 -10.07 34.62 23.10
N LEU L 498 -11.26 34.11 23.45
CA LEU L 498 -11.89 34.52 24.70
C LEU L 498 -11.13 34.01 25.91
N ASP L 499 -10.55 32.80 25.80
CA ASP L 499 -9.70 32.28 26.88
C ASP L 499 -8.48 33.15 27.10
N LEU L 500 -7.90 33.68 26.03
CA LEU L 500 -6.64 34.40 26.13
C LEU L 500 -6.82 35.88 26.50
N GLY L 501 -8.05 36.35 26.60
CA GLY L 501 -8.28 37.74 26.97
C GLY L 501 -8.57 38.69 25.83
N TYR L 502 -8.85 38.19 24.63
CA TYR L 502 -9.25 39.07 23.55
C TYR L 502 -10.63 39.64 23.83
N LYS L 503 -10.80 40.92 23.50
CA LYS L 503 -12.10 41.55 23.65
C LYS L 503 -13.02 41.10 22.52
N PRO L 504 -14.17 40.49 22.83
CA PRO L 504 -15.04 40.03 21.75
C PRO L 504 -15.76 41.19 21.09
N GLY L 505 -15.81 41.15 19.77
CA GLY L 505 -16.40 42.22 18.99
C GLY L 505 -15.37 43.26 18.62
N VAL L 506 -15.82 44.22 17.82
CA VAL L 506 -14.91 45.19 17.20
C VAL L 506 -15.29 46.60 17.62
N GLU L 507 -16.05 46.71 18.71
CA GLU L 507 -16.52 48.01 19.16
C GLU L 507 -15.39 48.90 19.67
N ALA L 508 -14.36 48.31 20.29
CA ALA L 508 -13.25 49.11 20.78
C ALA L 508 -12.52 49.83 19.66
N ILE L 509 -12.49 49.23 18.47
CA ILE L 509 -11.92 49.91 17.31
C ILE L 509 -12.76 51.12 16.94
N ARG L 510 -14.09 50.96 16.95
CA ARG L 510 -14.98 52.07 16.61
C ARG L 510 -14.83 53.21 17.61
N LYS L 511 -14.71 52.89 18.89
CA LYS L 511 -14.56 53.94 19.90
C LYS L 511 -13.26 54.71 19.72
N ASN L 512 -12.16 54.00 19.48
CA ASN L 512 -10.83 54.60 19.33
C ASN L 512 -10.21 54.09 18.04
N PRO L 513 -10.46 54.77 16.93
CA PRO L 513 -9.87 54.36 15.66
C PRO L 513 -8.35 54.35 15.72
N PRO L 514 -7.71 53.29 15.25
CA PRO L 514 -6.25 53.22 15.29
C PRO L 514 -5.62 53.72 14.00
N LYS L 515 -4.33 54.02 14.11
CA LYS L 515 -3.54 54.41 12.94
C LYS L 515 -2.65 53.30 12.43
N VAL L 516 -2.50 52.21 13.20
CA VAL L 516 -1.89 50.98 12.72
C VAL L 516 -2.84 49.84 13.08
N LEU L 517 -3.23 49.06 12.08
CA LEU L 517 -4.20 47.99 12.29
C LEU L 517 -3.64 46.67 11.79
N PHE L 518 -3.72 45.65 12.64
CA PHE L 518 -3.32 44.29 12.30
C PHE L 518 -4.55 43.47 11.99
N LEU L 519 -4.56 42.83 10.83
CA LEU L 519 -5.64 41.94 10.43
C LEU L 519 -5.09 40.52 10.39
N LEU L 520 -5.31 39.77 11.47
CA LEU L 520 -4.84 38.39 11.58
C LEU L 520 -5.90 37.46 10.97
N GLY L 521 -5.85 37.32 9.66
CA GLY L 521 -6.81 36.50 8.96
C GLY L 521 -8.24 37.01 9.02
N ALA L 522 -8.43 38.30 9.28
CA ALA L 522 -9.76 38.86 9.45
C ALA L 522 -10.37 39.11 8.07
N ASP L 523 -11.48 38.42 7.77
CA ASP L 523 -12.09 38.48 6.45
C ASP L 523 -13.60 38.69 6.53
N GLY L 524 -14.11 39.13 7.68
CA GLY L 524 -15.53 39.40 7.80
C GLY L 524 -15.97 40.74 7.28
N GLY L 525 -15.02 41.63 6.98
CA GLY L 525 -15.34 42.93 6.46
C GLY L 525 -16.05 43.87 7.40
N CYS L 526 -15.99 43.60 8.71
CA CYS L 526 -16.71 44.44 9.66
C CYS L 526 -16.04 45.79 9.85
N ILE L 527 -14.78 45.92 9.45
CA ILE L 527 -14.07 47.19 9.46
C ILE L 527 -13.63 47.51 8.04
N THR L 528 -13.99 48.70 7.57
CA THR L 528 -13.62 49.21 6.25
C THR L 528 -12.66 50.37 6.45
N ARG L 529 -12.01 50.79 5.37
CA ARG L 529 -11.14 51.97 5.45
C ARG L 529 -11.91 53.23 5.80
N GLN L 530 -13.24 53.22 5.64
CA GLN L 530 -14.05 54.37 6.03
C GLN L 530 -14.13 54.53 7.55
N ASP L 531 -14.08 53.44 8.29
CA ASP L 531 -14.13 53.50 9.75
C ASP L 531 -12.77 53.77 10.38
N LEU L 532 -11.75 53.97 9.56
CA LEU L 532 -10.40 54.27 10.02
C LEU L 532 -9.98 55.62 9.48
N PRO L 533 -9.07 56.31 10.17
CA PRO L 533 -8.62 57.62 9.68
C PRO L 533 -7.89 57.49 8.36
N LYS L 534 -7.62 58.65 7.76
CA LYS L 534 -6.81 58.71 6.55
C LYS L 534 -5.42 58.14 6.83
N ASP L 535 -4.84 57.53 5.80
CA ASP L 535 -3.48 56.97 5.81
C ASP L 535 -3.25 56.02 6.99
N CYS L 536 -4.28 55.28 7.38
CA CYS L 536 -4.11 54.22 8.35
C CYS L 536 -3.27 53.09 7.78
N PHE L 537 -2.33 52.57 8.58
CA PHE L 537 -1.47 51.47 8.16
C PHE L 537 -2.16 50.15 8.51
N ILE L 538 -2.46 49.35 7.50
CA ILE L 538 -3.17 48.09 7.68
C ILE L 538 -2.25 46.96 7.26
N ILE L 539 -2.07 45.98 8.13
CA ILE L 539 -1.30 44.78 7.84
C ILE L 539 -2.26 43.61 7.81
N TYR L 540 -2.24 42.84 6.73
CA TYR L 540 -3.00 41.60 6.64
C TYR L 540 -2.04 40.42 6.68
N GLN L 541 -2.24 39.55 7.65
CA GLN L 541 -1.53 38.27 7.72
C GLN L 541 -2.56 37.16 7.57
N GLY L 542 -2.33 36.26 6.64
CA GLY L 542 -3.26 35.19 6.37
C GLY L 542 -2.74 34.29 5.27
N HIS L 543 -3.64 33.44 4.76
CA HIS L 543 -3.27 32.47 3.74
C HIS L 543 -4.06 32.63 2.44
N HIS L 544 -5.18 33.35 2.44
CA HIS L 544 -5.99 33.51 1.25
C HIS L 544 -6.13 34.99 0.90
N GLY L 545 -6.25 35.26 -0.39
CA GLY L 545 -6.62 36.57 -0.88
C GLY L 545 -8.13 36.70 -0.93
N ASP L 546 -8.68 37.50 -0.04
CA ASP L 546 -10.12 37.63 0.18
C ASP L 546 -10.39 39.12 0.39
N VAL L 547 -11.53 39.44 1.02
CA VAL L 547 -11.88 40.84 1.22
C VAL L 547 -10.87 41.57 2.10
N GLY L 548 -10.00 40.83 2.80
CA GLY L 548 -9.07 41.45 3.72
C GLY L 548 -7.75 41.91 3.14
N ALA L 549 -7.29 41.29 2.06
CA ALA L 549 -5.97 41.57 1.48
C ALA L 549 -5.90 42.84 0.63
N PRO L 550 -6.86 43.13 -0.26
CA PRO L 550 -6.69 44.29 -1.14
C PRO L 550 -6.74 45.63 -0.43
N MET L 551 -7.19 45.69 0.82
CA MET L 551 -7.26 46.93 1.58
C MET L 551 -6.04 47.14 2.46
N ALA L 552 -5.03 46.29 2.35
CA ALA L 552 -3.88 46.31 3.25
C ALA L 552 -2.69 46.97 2.56
N ASP L 553 -1.82 47.57 3.38
CA ASP L 553 -0.57 48.12 2.92
C ASP L 553 0.53 47.07 2.81
N VAL L 554 0.59 46.14 3.75
CA VAL L 554 1.59 45.08 3.76
C VAL L 554 0.86 43.75 3.91
N ILE L 555 1.25 42.77 3.10
CA ILE L 555 0.69 41.42 3.16
C ILE L 555 1.79 40.47 3.62
N LEU L 556 1.51 39.74 4.69
CA LEU L 556 2.42 38.73 5.21
C LEU L 556 1.79 37.35 5.04
N PRO L 557 2.34 36.48 4.19
CA PRO L 557 1.67 35.20 3.91
C PRO L 557 1.90 34.19 5.03
N GLY L 558 0.80 33.68 5.59
CA GLY L 558 0.84 32.72 6.66
C GLY L 558 0.51 31.32 6.20
N ALA L 559 0.25 30.46 7.18
CA ALA L 559 -0.01 29.04 6.95
C ALA L 559 -1.49 28.73 7.19
N ALA L 560 -2.01 27.79 6.41
CA ALA L 560 -3.36 27.27 6.62
C ALA L 560 -3.32 26.17 7.67
N TYR L 561 -4.50 25.70 8.07
CA TYR L 561 -4.59 24.76 9.19
C TYR L 561 -3.99 23.40 8.86
N THR L 562 -3.84 23.07 7.58
CA THR L 562 -3.20 21.82 7.18
C THR L 562 -1.68 21.91 7.12
N GLU L 563 -1.12 23.10 7.39
CA GLU L 563 0.31 23.34 7.20
C GLU L 563 1.01 23.75 8.48
N LYS L 564 0.43 23.46 9.64
CA LYS L 564 1.05 23.84 10.90
C LYS L 564 0.53 22.95 12.01
N SER L 565 1.25 22.94 13.12
CA SER L 565 0.79 22.29 14.35
C SER L 565 0.25 23.40 15.25
N ALA L 566 -1.07 23.48 15.37
CA ALA L 566 -1.74 24.61 15.97
C ALA L 566 -2.85 24.14 16.90
N THR L 567 -3.19 24.98 17.87
CA THR L 567 -4.18 24.65 18.89
C THR L 567 -5.47 25.41 18.62
N TYR L 568 -6.58 24.67 18.64
CA TYR L 568 -7.93 25.22 18.49
C TYR L 568 -8.80 24.67 19.61
N VAL L 569 -9.72 25.48 20.10
CA VAL L 569 -10.62 25.09 21.18
C VAL L 569 -12.05 25.15 20.65
N ASN L 570 -12.76 24.04 20.77
CA ASN L 570 -14.09 23.94 20.19
C ASN L 570 -15.13 24.58 21.11
N THR L 571 -16.40 24.44 20.73
CA THR L 571 -17.49 25.09 21.46
C THR L 571 -17.66 24.51 22.87
N GLU L 572 -17.13 23.33 23.14
CA GLU L 572 -17.20 22.74 24.48
C GLU L 572 -16.15 23.28 25.43
N GLY L 573 -15.11 23.93 24.92
CA GLY L 573 -13.95 24.23 25.72
C GLY L 573 -12.87 23.19 25.69
N ARG L 574 -12.87 22.31 24.70
CA ARG L 574 -11.86 21.26 24.57
C ARG L 574 -10.79 21.69 23.58
N ALA L 575 -9.54 21.72 24.04
CA ALA L 575 -8.42 22.12 23.20
C ALA L 575 -7.88 20.92 22.44
N GLN L 576 -7.57 21.12 21.16
CA GLN L 576 -7.03 20.07 20.30
C GLN L 576 -5.99 20.70 19.37
N GLN L 577 -5.00 19.90 18.97
CA GLN L 577 -3.94 20.39 18.11
C GLN L 577 -4.01 19.70 16.76
N THR L 578 -3.73 20.46 15.70
CA THR L 578 -3.53 19.90 14.37
C THR L 578 -2.08 19.44 14.21
N LYS L 579 -1.82 18.78 13.10
CA LYS L 579 -0.47 18.35 12.74
C LYS L 579 -0.16 18.85 11.33
N VAL L 580 1.13 18.94 11.03
CA VAL L 580 1.56 19.38 9.70
C VAL L 580 1.31 18.26 8.71
N ALA L 581 0.47 18.52 7.72
CA ALA L 581 0.27 17.60 6.60
C ALA L 581 1.18 17.93 5.42
N VAL L 582 1.21 19.20 5.01
CA VAL L 582 2.15 19.70 4.02
C VAL L 582 2.75 20.99 4.55
N THR L 583 3.71 21.50 3.85
CA THR L 583 4.28 22.77 4.29
C THR L 583 3.66 23.93 3.52
N PRO L 584 3.73 25.15 4.04
CA PRO L 584 3.15 26.31 3.35
C PRO L 584 3.77 26.51 1.98
N PRO L 585 2.99 27.00 1.02
CA PRO L 585 3.53 27.23 -0.33
C PRO L 585 4.38 28.49 -0.39
N GLY L 586 5.39 28.43 -1.27
CA GLY L 586 6.16 29.63 -1.58
C GLY L 586 6.98 30.12 -0.39
N LEU L 587 6.79 31.38 -0.03
CA LEU L 587 7.48 32.01 1.09
C LEU L 587 6.62 32.11 2.34
N ALA L 588 5.47 31.46 2.36
CA ALA L 588 4.59 31.54 3.52
C ALA L 588 5.22 30.83 4.72
N ARG L 589 4.92 31.34 5.91
CA ARG L 589 5.52 30.86 7.14
C ARG L 589 4.45 30.62 8.20
N GLU L 590 4.86 29.96 9.27
CA GLU L 590 4.00 29.80 10.44
C GLU L 590 3.71 31.16 11.06
N ASP L 591 2.47 31.33 11.52
CA ASP L 591 1.99 32.66 11.91
C ASP L 591 2.68 33.17 13.16
N TRP L 592 2.81 32.32 14.19
CA TRP L 592 3.49 32.76 15.40
C TRP L 592 4.95 33.06 15.12
N LYS L 593 5.57 32.33 14.19
CA LYS L 593 6.93 32.64 13.78
C LYS L 593 7.01 34.01 13.10
N ILE L 594 6.01 34.35 12.29
CA ILE L 594 5.96 35.67 11.68
C ILE L 594 5.90 36.76 12.75
N ILE L 595 5.05 36.57 13.74
CA ILE L 595 4.90 37.58 14.80
C ILE L 595 6.18 37.68 15.62
N ARG L 596 6.83 36.54 15.90
CA ARG L 596 8.07 36.57 16.66
C ARG L 596 9.20 37.26 15.89
N ALA L 597 9.30 36.98 14.59
CA ALA L 597 10.31 37.64 13.76
C ALA L 597 10.05 39.14 13.69
N LEU L 598 8.78 39.53 13.57
CA LEU L 598 8.44 40.95 13.57
C LEU L 598 8.81 41.61 14.89
N SER L 599 8.58 40.92 16.01
CA SER L 599 8.94 41.48 17.30
C SER L 599 10.45 41.65 17.42
N GLU L 600 11.22 40.68 16.94
CA GLU L 600 12.68 40.79 17.02
C GLU L 600 13.19 41.94 16.15
N ILE L 601 12.63 42.10 14.96
CA ILE L 601 13.09 43.16 14.06
C ILE L 601 12.74 44.53 14.64
N ALA L 602 11.63 44.62 15.38
CA ALA L 602 11.16 45.88 15.92
C ALA L 602 11.80 46.24 17.25
N GLY L 603 12.71 45.42 17.77
CA GLY L 603 13.32 45.66 19.06
C GLY L 603 12.47 45.28 20.26
N MET L 604 11.53 44.36 20.10
CA MET L 604 10.64 43.94 21.19
C MET L 604 10.54 42.43 21.25
N THR L 605 11.71 41.78 21.26
CA THR L 605 11.80 40.34 21.09
C THR L 605 10.98 39.60 22.14
N LEU L 606 10.15 38.65 21.68
CA LEU L 606 9.34 37.85 22.58
C LEU L 606 10.17 36.72 23.19
N PRO L 607 9.85 36.31 24.43
CA PRO L 607 10.73 35.36 25.14
C PRO L 607 10.82 33.99 24.50
N TYR L 608 9.83 33.60 23.70
CA TYR L 608 9.78 32.24 23.18
C TYR L 608 10.34 32.14 21.77
N ASP L 609 10.99 31.00 21.48
CA ASP L 609 11.68 30.74 20.23
C ASP L 609 11.25 29.46 19.53
N THR L 610 10.68 28.50 20.25
CA THR L 610 10.21 27.25 19.68
C THR L 610 8.71 27.12 19.91
N LEU L 611 8.12 26.12 19.26
CA LEU L 611 6.69 25.85 19.46
C LEU L 611 6.42 25.40 20.89
N ASP L 612 7.34 24.65 21.48
CA ASP L 612 7.20 24.24 22.87
C ASP L 612 7.19 25.44 23.81
N GLN L 613 8.04 26.42 23.55
CA GLN L 613 8.06 27.62 24.39
C GLN L 613 6.80 28.46 24.21
N VAL L 614 6.24 28.49 22.99
CA VAL L 614 4.97 29.17 22.78
C VAL L 614 3.86 28.48 23.55
N ARG L 615 3.89 27.14 23.58
CA ARG L 615 2.89 26.41 24.35
C ARG L 615 3.08 26.63 25.85
N SER L 616 4.33 26.79 26.29
CA SER L 616 4.57 27.16 27.70
C SER L 616 3.99 28.54 28.01
N ARG L 617 4.13 29.48 27.09
CA ARG L 617 3.49 30.79 27.26
C ARG L 617 1.97 30.64 27.32
N LEU L 618 1.40 29.80 26.45
CA LEU L 618 -0.03 29.54 26.47
C LEU L 618 -0.47 28.97 27.82
N GLU L 619 0.34 28.08 28.39
CA GLU L 619 0.06 27.56 29.71
C GLU L 619 0.09 28.66 30.76
N GLU L 620 1.05 29.59 30.64
CA GLU L 620 1.13 30.70 31.58
C GLU L 620 -0.12 31.58 31.51
N VAL L 621 -0.62 31.81 30.30
CA VAL L 621 -1.75 32.73 30.14
C VAL L 621 -3.08 32.05 30.48
N SER L 622 -3.30 30.85 29.94
CA SER L 622 -4.52 30.11 30.23
C SER L 622 -4.21 28.62 30.22
N PRO L 623 -4.07 27.99 31.38
CA PRO L 623 -3.50 26.63 31.43
C PRO L 623 -4.43 25.53 30.94
N ASN L 624 -5.61 25.87 30.43
CA ASN L 624 -6.47 24.86 29.82
C ASN L 624 -6.17 24.64 28.34
N LEU L 625 -5.27 25.43 27.76
CA LEU L 625 -4.92 25.33 26.36
C LEU L 625 -3.86 24.28 26.06
N VAL L 626 -3.30 23.64 27.08
CA VAL L 626 -2.31 22.59 26.88
C VAL L 626 -2.81 21.23 27.34
N ARG L 627 -4.05 21.12 27.80
CA ARG L 627 -4.70 19.84 28.08
C ARG L 627 -5.54 19.48 26.86
N TYR L 628 -5.09 18.48 26.11
CA TYR L 628 -5.47 18.37 24.69
C TYR L 628 -6.65 17.45 24.43
N ASP L 629 -7.29 16.90 25.46
CA ASP L 629 -8.57 16.25 25.23
C ASP L 629 -9.55 16.46 26.37
N ASP L 630 -9.27 17.38 27.28
CA ASP L 630 -10.07 17.52 28.50
C ASP L 630 -11.20 18.51 28.29
N VAL L 631 -12.36 18.18 28.85
CA VAL L 631 -13.58 18.95 28.61
C VAL L 631 -14.21 19.38 29.91
N GLU L 632 -13.77 18.80 31.02
CA GLU L 632 -14.37 19.11 32.31
C GLU L 632 -13.87 20.46 32.82
N GLY L 633 -14.77 21.20 33.48
CA GLY L 633 -14.43 22.51 34.00
C GLY L 633 -15.34 22.91 35.14
N ALA L 634 -14.96 23.99 35.80
CA ALA L 634 -15.75 24.50 36.92
C ALA L 634 -17.03 25.16 36.43
N ASN L 635 -18.02 25.24 37.31
CA ASN L 635 -19.30 25.88 37.02
C ASN L 635 -19.41 27.12 37.89
N TYR L 636 -19.41 28.29 37.25
CA TYR L 636 -19.59 29.57 37.91
C TYR L 636 -20.85 30.25 37.40
N PHE L 637 -21.92 29.48 37.21
CA PHE L 637 -23.17 30.03 36.70
C PHE L 637 -23.79 31.02 37.68
N GLN L 638 -23.69 30.73 38.98
CA GLN L 638 -24.31 31.60 39.98
C GLN L 638 -23.71 33.01 39.92
N GLN L 639 -22.38 33.09 39.86
CA GLN L 639 -21.71 34.39 39.79
C GLN L 639 -22.09 35.15 38.52
N ALA L 640 -22.10 34.46 37.37
CA ALA L 640 -22.43 35.12 36.12
C ALA L 640 -23.88 35.60 36.11
N ASN L 641 -24.79 34.79 36.64
CA ASN L 641 -26.20 35.17 36.69
C ASN L 641 -26.41 36.36 37.62
N GLU L 642 -25.69 36.40 38.74
CA GLU L 642 -25.77 37.56 39.62
C GLU L 642 -25.19 38.81 38.98
N LEU L 643 -24.11 38.67 38.21
CA LEU L 643 -23.53 39.82 37.54
C LEU L 643 -24.31 40.26 36.31
N SER L 644 -25.11 39.38 35.72
CA SER L 644 -25.85 39.73 34.52
C SER L 644 -27.10 40.55 34.80
N LYS L 645 -27.43 40.77 36.07
CA LYS L 645 -28.62 41.51 36.47
C LYS L 645 -28.35 42.98 36.71
N LEU L 646 -27.13 43.46 36.44
CA LEU L 646 -26.80 44.85 36.72
C LEU L 646 -27.35 45.77 35.64
N VAL L 647 -26.89 45.59 34.40
CA VAL L 647 -27.42 46.38 33.28
C VAL L 647 -28.79 45.83 32.90
N ASN L 648 -29.64 46.72 32.39
CA ASN L 648 -31.01 46.38 32.02
C ASN L 648 -31.30 46.79 30.58
N GLN L 649 -30.41 46.39 29.67
CA GLN L 649 -30.63 46.62 28.25
C GLN L 649 -31.96 46.02 27.81
N GLN L 650 -32.72 46.78 27.03
CA GLN L 650 -34.02 46.33 26.56
C GLN L 650 -33.88 45.50 25.29
N LEU L 651 -34.89 44.66 25.04
CA LEU L 651 -34.93 43.86 23.83
C LEU L 651 -35.47 44.67 22.67
N LEU L 652 -35.13 44.26 21.45
CA LEU L 652 -35.65 44.90 20.25
C LEU L 652 -36.93 44.22 19.80
N ALA L 653 -37.76 44.98 19.08
CA ALA L 653 -38.93 44.41 18.41
C ALA L 653 -38.50 43.89 17.04
N ASP L 654 -37.72 42.82 17.02
CA ASP L 654 -37.10 42.31 15.80
C ASP L 654 -36.96 40.80 15.93
N PRO L 655 -37.67 40.01 15.12
CA PRO L 655 -37.63 38.56 15.29
C PRO L 655 -36.23 38.00 15.08
N LEU L 656 -35.92 36.94 15.79
CA LEU L 656 -34.64 36.26 15.67
C LEU L 656 -34.57 35.53 14.34
N VAL L 657 -33.72 36.01 13.45
CA VAL L 657 -33.57 35.43 12.12
C VAL L 657 -32.13 34.94 11.95
N PRO L 658 -31.90 33.63 11.95
CA PRO L 658 -30.53 33.13 11.82
C PRO L 658 -29.96 33.46 10.45
N PRO L 659 -28.64 33.61 10.35
CA PRO L 659 -28.04 33.91 9.03
C PRO L 659 -28.09 32.73 8.08
N GLN L 660 -27.94 31.50 8.58
CA GLN L 660 -28.01 30.30 7.75
C GLN L 660 -29.47 29.86 7.65
N LEU L 661 -30.20 30.55 6.77
CA LEU L 661 -31.62 30.27 6.64
C LEU L 661 -31.89 28.96 5.90
N THR L 662 -31.15 28.71 4.83
CA THR L 662 -31.36 27.52 4.01
C THR L 662 -30.00 26.96 3.58
N ILE L 663 -30.03 25.79 2.95
CA ILE L 663 -28.82 25.04 2.68
C ILE L 663 -27.89 25.79 1.71
N LYS L 664 -28.43 26.66 0.86
CA LYS L 664 -27.58 27.40 -0.06
C LYS L 664 -26.67 28.39 0.65
N ASP L 665 -26.96 28.73 1.90
CA ASP L 665 -26.13 29.64 2.68
C ASP L 665 -25.08 28.92 3.52
N PHE L 666 -25.01 27.60 3.43
CA PHE L 666 -24.15 26.80 4.28
C PHE L 666 -22.77 26.56 3.67
N TYR L 667 -22.66 26.60 2.34
CA TYR L 667 -21.44 26.15 1.68
C TYR L 667 -20.31 27.18 1.77
N MET L 668 -20.63 28.48 1.72
CA MET L 668 -19.63 29.54 1.70
C MET L 668 -19.73 30.36 2.99
N THR L 669 -18.79 30.15 3.91
CA THR L 669 -18.81 30.88 5.17
C THR L 669 -17.45 31.45 5.53
N ASP L 670 -16.37 30.91 4.98
CA ASP L 670 -15.03 31.37 5.28
C ASP L 670 -14.24 31.51 3.99
N SER L 671 -13.00 32.00 4.12
CA SER L 671 -12.19 32.29 2.94
C SER L 671 -11.79 31.02 2.21
N ILE L 672 -11.62 29.91 2.93
CA ILE L 672 -11.29 28.64 2.29
C ILE L 672 -12.50 28.12 1.52
N SER L 673 -13.69 28.25 2.10
CA SER L 673 -14.91 27.85 1.40
C SER L 673 -15.18 28.70 0.17
N ARG L 674 -14.92 30.01 0.27
CA ARG L 674 -15.22 30.90 -0.85
C ARG L 674 -14.27 30.67 -2.02
N ALA L 675 -13.08 30.13 -1.76
CA ALA L 675 -12.15 29.78 -2.82
C ALA L 675 -12.38 28.38 -3.36
N SER L 676 -13.31 27.62 -2.80
CA SER L 676 -13.54 26.25 -3.22
C SER L 676 -14.45 26.21 -4.44
N GLN L 677 -13.99 25.53 -5.49
CA GLN L 677 -14.81 25.32 -6.68
C GLN L 677 -15.90 24.28 -6.45
N THR L 678 -15.64 23.30 -5.60
CA THR L 678 -16.65 22.32 -5.24
C THR L 678 -17.81 22.98 -4.49
N MET L 679 -17.51 23.91 -3.58
CA MET L 679 -18.57 24.65 -2.91
C MET L 679 -19.37 25.49 -3.89
N ALA L 680 -18.71 26.07 -4.88
CA ALA L 680 -19.42 26.80 -5.93
C ALA L 680 -20.35 25.88 -6.70
N LYS L 681 -19.89 24.67 -7.02
CA LYS L 681 -20.75 23.70 -7.69
C LYS L 681 -21.95 23.34 -6.81
N CYS L 682 -21.73 23.17 -5.51
CA CYS L 682 -22.83 22.84 -4.60
C CYS L 682 -23.86 23.96 -4.55
N VAL L 683 -23.38 25.21 -4.47
CA VAL L 683 -24.28 26.36 -4.45
C VAL L 683 -25.08 26.43 -5.74
N LYS L 684 -24.41 26.22 -6.88
CA LYS L 684 -25.10 26.21 -8.17
C LYS L 684 -26.16 25.12 -8.23
N ALA L 685 -25.81 23.91 -7.78
CA ALA L 685 -26.74 22.79 -7.86
C ALA L 685 -27.95 23.01 -6.98
N VAL L 686 -27.75 23.54 -5.77
CA VAL L 686 -28.89 23.76 -4.89
C VAL L 686 -29.74 24.93 -5.36
N THR L 687 -29.11 25.95 -5.97
CA THR L 687 -29.88 27.08 -6.46
C THR L 687 -30.73 26.70 -7.67
N GLU L 688 -30.14 26.02 -8.65
CA GLU L 688 -30.90 25.40 -9.73
C GLU L 688 -30.46 23.95 -9.87
N GLY L 689 -31.43 23.04 -9.92
CA GLY L 689 -31.15 21.62 -9.94
C GLY L 689 -31.56 20.97 -11.23
N ILE L 690 -30.85 19.91 -11.61
CA ILE L 690 -31.17 19.19 -12.84
C ILE L 690 -31.26 17.69 -12.55
N GLU M 1 38.73 -29.32 -53.75
CA GLU M 1 40.05 -28.96 -53.25
C GLU M 1 40.29 -27.46 -53.33
N LEU M 2 41.57 -27.10 -53.47
CA LEU M 2 41.95 -25.69 -53.56
C LEU M 2 41.27 -25.00 -54.74
N VAL M 3 41.16 -25.69 -55.87
CA VAL M 3 40.61 -25.08 -57.07
C VAL M 3 39.15 -24.70 -56.86
N GLN M 4 38.38 -25.56 -56.20
CA GLN M 4 36.98 -25.26 -55.93
C GLN M 4 36.85 -24.03 -55.03
N VAL M 5 37.72 -23.91 -54.02
CA VAL M 5 37.69 -22.74 -53.15
C VAL M 5 37.99 -21.47 -53.93
N LEU M 6 38.99 -21.52 -54.81
CA LEU M 6 39.30 -20.34 -55.62
C LEU M 6 38.15 -19.99 -56.57
N ARG M 7 37.50 -21.01 -57.14
CA ARG M 7 36.34 -20.75 -57.97
C ARG M 7 35.23 -20.07 -57.19
N ARG M 8 35.01 -20.51 -55.94
CA ARG M 8 34.04 -19.84 -55.08
C ARG M 8 34.45 -18.40 -54.79
N GLY M 9 35.74 -18.14 -54.62
CA GLY M 9 36.18 -16.77 -54.41
C GLY M 9 35.91 -15.87 -55.60
N LEU M 10 36.24 -16.34 -56.80
CA LEU M 10 35.93 -15.55 -58.00
C LEU M 10 34.42 -15.41 -58.22
N GLN M 11 33.64 -16.42 -57.87
CA GLN M 11 32.19 -16.28 -57.97
C GLN M 11 31.67 -15.25 -56.97
N GLN M 12 32.30 -15.15 -55.80
CA GLN M 12 31.98 -14.06 -54.89
C GLN M 12 32.30 -12.71 -55.51
N VAL M 13 33.43 -12.62 -56.20
CA VAL M 13 33.80 -11.38 -56.87
C VAL M 13 32.75 -11.01 -57.92
N SER M 14 32.26 -12.01 -58.65
CA SER M 14 31.30 -11.75 -59.72
C SER M 14 29.90 -11.46 -59.18
N GLY M 15 29.51 -12.07 -58.06
CA GLY M 15 28.16 -11.93 -57.55
C GLY M 15 27.85 -10.59 -56.93
N HIS M 16 28.85 -9.73 -56.76
CA HIS M 16 28.64 -8.39 -56.25
C HIS M 16 28.68 -7.34 -57.35
N GLY M 17 28.48 -7.75 -58.60
CA GLY M 17 28.48 -6.82 -59.70
C GLY M 17 29.84 -6.43 -60.22
N GLY M 18 30.87 -7.21 -59.95
CA GLY M 18 32.21 -6.90 -60.39
C GLY M 18 33.06 -6.34 -59.27
N LEU M 19 34.25 -5.87 -59.67
CA LEU M 19 35.24 -5.41 -58.69
C LEU M 19 34.76 -4.18 -57.93
N ARG M 20 34.01 -3.29 -58.59
CA ARG M 20 33.51 -2.09 -57.93
C ARG M 20 32.59 -2.44 -56.76
N GLY M 21 31.56 -3.25 -57.03
CA GLY M 21 30.66 -3.65 -55.96
C GLY M 21 31.33 -4.51 -54.92
N TYR M 22 32.26 -5.37 -55.35
CA TYR M 22 33.00 -6.21 -54.40
C TYR M 22 33.78 -5.35 -53.41
N LEU M 23 34.56 -4.38 -53.91
CA LEU M 23 35.30 -3.50 -53.03
C LEU M 23 34.36 -2.65 -52.17
N ARG M 24 33.24 -2.22 -52.76
CA ARG M 24 32.26 -1.44 -52.01
C ARG M 24 31.76 -2.20 -50.79
N VAL M 25 31.31 -3.43 -51.00
CA VAL M 25 30.78 -4.21 -49.89
C VAL M 25 31.89 -4.62 -48.92
N LEU M 26 33.10 -4.88 -49.43
CA LEU M 26 34.20 -5.24 -48.55
C LEU M 26 34.58 -4.10 -47.62
N PHE M 27 34.58 -2.87 -48.12
CA PHE M 27 34.96 -1.74 -47.29
C PHE M 27 33.81 -1.19 -46.46
N ARG M 28 32.56 -1.48 -46.83
CA ARG M 28 31.44 -1.01 -46.03
C ARG M 28 31.02 -1.99 -44.94
N ALA M 29 31.07 -3.30 -45.21
CA ALA M 29 30.59 -4.28 -44.25
C ALA M 29 31.63 -5.29 -43.82
N ASN M 30 32.86 -5.21 -44.34
CA ASN M 30 33.94 -6.15 -44.01
C ASN M 30 33.54 -7.59 -44.29
N ASP M 31 32.70 -7.80 -45.31
CA ASP M 31 32.23 -9.13 -45.66
C ASP M 31 31.91 -9.16 -47.15
N VAL M 32 32.17 -10.30 -47.78
CA VAL M 32 31.99 -10.43 -49.22
C VAL M 32 31.14 -11.66 -49.55
N ARG M 33 30.42 -12.18 -48.57
CA ARG M 33 29.52 -13.29 -48.81
C ARG M 33 28.35 -12.86 -49.70
N VAL M 34 27.91 -13.76 -50.57
CA VAL M 34 26.78 -13.55 -51.44
C VAL M 34 25.61 -14.40 -50.95
N GLY M 35 24.48 -13.76 -50.68
CA GLY M 35 23.28 -14.47 -50.27
C GLY M 35 22.10 -14.07 -51.13
N THR M 36 21.03 -14.84 -51.00
CA THR M 36 19.82 -14.53 -51.74
C THR M 36 19.09 -13.35 -51.11
N LEU M 37 18.69 -12.41 -51.95
CA LEU M 37 18.00 -11.22 -51.46
C LEU M 37 16.61 -11.59 -50.96
N VAL M 38 16.33 -11.27 -49.70
CA VAL M 38 15.03 -11.52 -49.10
C VAL M 38 14.08 -10.35 -49.29
N GLY M 39 14.55 -9.13 -49.09
CA GLY M 39 13.64 -8.01 -49.19
C GLY M 39 14.36 -6.68 -49.30
N GLU M 40 13.60 -5.72 -49.81
CA GLU M 40 14.02 -4.33 -49.94
C GLU M 40 13.26 -3.48 -48.92
N ASP M 41 14.00 -2.63 -48.21
CA ASP M 41 13.40 -1.75 -47.24
C ASP M 41 13.00 -0.43 -47.90
N LYS M 42 12.03 0.25 -47.31
CA LYS M 42 11.59 1.53 -47.85
C LYS M 42 12.66 2.61 -47.70
N TYR M 43 13.60 2.42 -46.79
CA TYR M 43 14.68 3.37 -46.57
C TYR M 43 15.93 3.02 -47.36
N GLY M 44 15.95 1.90 -48.06
CA GLY M 44 17.09 1.48 -48.84
C GLY M 44 17.86 0.29 -48.31
N ASN M 45 17.55 -0.20 -47.11
CA ASN M 45 18.23 -1.37 -46.56
C ASN M 45 17.85 -2.62 -47.34
N LYS M 46 18.84 -3.46 -47.61
CA LYS M 46 18.63 -4.73 -48.30
C LYS M 46 18.84 -5.87 -47.31
N TYR M 47 18.08 -6.95 -47.46
CA TYR M 47 18.13 -8.05 -46.53
C TYR M 47 18.45 -9.35 -47.27
N TYR M 48 19.38 -10.12 -46.71
CA TYR M 48 19.86 -11.34 -47.34
C TYR M 48 19.86 -12.48 -46.34
N GLU M 49 19.68 -13.69 -46.87
CA GLU M 49 19.70 -14.90 -46.08
C GLU M 49 20.54 -15.95 -46.78
N ASP M 50 21.10 -16.86 -45.99
CA ASP M 50 21.89 -17.98 -46.51
C ASP M 50 21.81 -19.10 -45.47
N ASN M 51 20.93 -20.06 -45.70
CA ASN M 51 20.65 -21.06 -44.69
C ASN M 51 21.76 -22.11 -44.56
N LYS M 52 22.76 -22.10 -45.45
CA LYS M 52 23.91 -22.96 -45.28
C LYS M 52 24.91 -22.41 -44.27
N GLN M 53 24.81 -21.13 -43.92
CA GLN M 53 25.63 -20.55 -42.87
C GLN M 53 25.08 -20.95 -41.51
N PHE M 54 25.96 -20.93 -40.51
CA PHE M 54 25.53 -21.34 -39.18
C PHE M 54 24.65 -20.29 -38.52
N PHE M 55 23.90 -20.72 -37.51
CA PHE M 55 22.88 -19.88 -36.88
C PHE M 55 23.52 -18.63 -36.26
N GLY M 56 23.01 -17.47 -36.67
CA GLY M 56 23.58 -16.21 -36.26
C GLY M 56 24.25 -15.47 -37.40
N ARG M 57 24.68 -16.22 -38.43
CA ARG M 57 25.28 -15.66 -39.63
C ARG M 57 24.45 -15.94 -40.88
N HIS M 58 23.26 -16.52 -40.73
CA HIS M 58 22.43 -16.90 -41.85
C HIS M 58 21.51 -15.78 -42.33
N ARG M 59 21.51 -14.63 -41.66
CA ARG M 59 20.67 -13.50 -42.02
C ARG M 59 21.45 -12.23 -41.78
N TRP M 60 21.39 -11.30 -42.73
CA TRP M 60 22.09 -10.03 -42.53
C TRP M 60 21.41 -8.92 -43.34
N VAL M 61 21.76 -7.69 -42.98
CA VAL M 61 21.24 -6.49 -43.63
C VAL M 61 22.41 -5.67 -44.14
N ILE M 62 22.32 -5.22 -45.39
CA ILE M 62 23.23 -4.23 -45.94
C ILE M 62 22.51 -2.89 -45.86
N TYR M 63 23.08 -1.98 -45.09
CA TYR M 63 22.41 -0.72 -44.78
C TYR M 63 22.43 0.22 -45.99
N THR M 64 21.45 1.12 -46.02
CA THR M 64 21.39 2.14 -47.05
C THR M 64 22.52 3.14 -46.86
N THR M 65 22.88 3.82 -47.95
CA THR M 65 23.90 4.84 -47.89
C THR M 65 23.35 6.21 -47.51
N GLU M 66 22.03 6.35 -47.35
CA GLU M 66 21.45 7.64 -47.00
C GLU M 66 20.10 7.37 -46.35
N MET M 67 20.01 7.54 -45.04
CA MET M 67 18.75 7.50 -44.32
C MET M 67 18.27 8.93 -44.10
N ASN M 68 17.25 9.11 -43.24
CA ASN M 68 16.38 10.29 -43.22
C ASN M 68 17.07 11.59 -43.64
N GLY M 69 18.14 11.96 -42.96
CA GLY M 69 18.82 13.18 -43.35
C GLY M 69 20.33 13.08 -43.46
N ARG M 70 20.92 12.00 -42.95
CA ARG M 70 22.36 11.90 -42.84
C ARG M 70 22.92 10.89 -43.83
N ASP M 71 24.19 11.09 -44.16
CA ASP M 71 24.94 10.17 -45.01
C ASP M 71 25.33 8.98 -44.13
N THR M 72 24.90 7.79 -44.53
CA THR M 72 25.22 6.56 -43.80
C THR M 72 26.07 5.62 -44.66
N PHE M 73 26.89 6.18 -45.55
CA PHE M 73 27.83 5.35 -46.31
C PHE M 73 28.83 4.68 -45.39
N TRP M 74 29.37 5.42 -44.42
CA TRP M 74 30.26 4.87 -43.42
C TRP M 74 29.62 4.75 -42.04
N ASP M 75 28.71 5.66 -41.69
CA ASP M 75 28.16 5.73 -40.34
C ASP M 75 26.82 5.00 -40.31
N VAL M 76 26.87 3.71 -39.98
CA VAL M 76 25.66 2.90 -39.85
C VAL M 76 25.59 2.41 -38.41
N ASP M 77 24.36 2.14 -37.96
CA ASP M 77 24.16 1.58 -36.63
C ASP M 77 22.89 0.75 -36.64
N GLY M 78 22.79 -0.14 -35.65
CA GLY M 78 21.72 -1.13 -35.59
C GLY M 78 20.33 -0.55 -35.42
N SER M 79 20.21 0.71 -35.02
CA SER M 79 18.91 1.33 -34.83
C SER M 79 18.28 1.83 -36.12
N MET M 80 18.94 1.62 -37.26
CA MET M 80 18.39 2.03 -38.55
C MET M 80 17.44 1.01 -39.15
N VAL M 81 17.23 -0.13 -38.49
CA VAL M 81 16.35 -1.17 -39.00
C VAL M 81 14.93 -0.91 -38.54
N PRO M 82 13.95 -0.84 -39.45
CA PRO M 82 12.55 -0.65 -39.04
C PRO M 82 12.02 -1.86 -38.29
N PRO M 83 10.97 -1.69 -37.47
CA PRO M 83 10.58 -2.76 -36.54
C PRO M 83 10.20 -4.08 -37.19
N GLU M 84 9.58 -4.08 -38.38
CA GLU M 84 9.19 -5.34 -39.01
C GLU M 84 10.41 -6.15 -39.44
N TRP M 85 11.34 -5.51 -40.15
CA TRP M 85 12.59 -6.16 -40.46
C TRP M 85 13.44 -6.38 -39.21
N HIS M 86 13.23 -5.58 -38.17
CA HIS M 86 13.90 -5.83 -36.89
C HIS M 86 13.46 -7.16 -36.30
N ARG M 87 12.16 -7.46 -36.38
CA ARG M 87 11.66 -8.75 -35.93
C ARG M 87 12.24 -9.88 -36.77
N TRP M 88 12.27 -9.71 -38.10
CA TRP M 88 12.83 -10.79 -38.92
C TRP M 88 14.31 -10.99 -38.66
N LEU M 89 15.07 -9.90 -38.48
CA LEU M 89 16.52 -9.95 -38.45
C LEU M 89 17.06 -10.53 -37.16
N HIS M 90 16.35 -10.37 -36.05
CA HIS M 90 16.76 -10.93 -34.77
C HIS M 90 16.21 -12.34 -34.55
N CYS M 91 15.59 -12.93 -35.56
CA CYS M 91 15.09 -14.30 -35.52
C CYS M 91 14.02 -14.49 -34.45
N MET M 92 13.31 -13.41 -34.10
CA MET M 92 12.10 -13.54 -33.31
C MET M 92 10.98 -14.20 -34.09
N THR M 93 11.12 -14.28 -35.42
CA THR M 93 10.14 -14.93 -36.27
C THR M 93 10.88 -15.54 -37.46
N ASP M 94 10.22 -16.48 -38.12
CA ASP M 94 10.77 -17.11 -39.31
C ASP M 94 10.27 -16.48 -40.60
N ASP M 95 9.37 -15.50 -40.51
CA ASP M 95 8.68 -14.96 -41.67
C ASP M 95 9.06 -13.50 -41.88
N PRO M 96 9.60 -13.13 -43.03
CA PRO M 96 9.92 -11.72 -43.28
C PRO M 96 8.67 -10.90 -43.51
N PRO M 97 8.73 -9.58 -43.36
CA PRO M 97 7.54 -8.75 -43.58
C PRO M 97 7.07 -8.69 -45.02
N THR M 98 7.72 -9.39 -45.94
CA THR M 98 7.22 -9.46 -47.31
C THR M 98 6.14 -10.52 -47.45
N THR M 99 6.39 -11.73 -46.94
CA THR M 99 5.39 -12.79 -47.05
C THR M 99 4.20 -12.54 -46.14
N LYS M 100 4.45 -12.04 -44.92
CA LYS M 100 3.36 -11.60 -44.05
C LYS M 100 3.70 -10.22 -43.46
N PRO M 101 2.93 -9.19 -43.78
CA PRO M 101 3.25 -7.86 -43.31
C PRO M 101 2.64 -7.59 -41.95
N PRO M 102 3.08 -6.54 -41.27
CA PRO M 102 2.45 -6.18 -39.99
C PRO M 102 1.05 -5.62 -40.19
N THR M 103 0.25 -5.73 -39.13
CA THR M 103 -1.07 -5.12 -39.14
C THR M 103 -0.96 -3.61 -39.24
N ALA M 104 -1.82 -3.01 -40.07
CA ALA M 104 -1.77 -1.59 -40.34
C ALA M 104 -2.63 -0.83 -39.34
N ARG M 105 -2.02 0.17 -38.70
CA ARG M 105 -2.74 1.07 -37.80
C ARG M 105 -2.46 2.50 -38.23
N LYS M 106 -3.44 3.37 -38.01
CA LYS M 106 -3.29 4.76 -38.43
C LYS M 106 -2.38 5.56 -37.51
N TYR M 107 -2.06 5.03 -36.33
CA TYR M 107 -1.17 5.71 -35.40
C TYR M 107 0.26 5.20 -35.47
N ILE M 108 0.56 4.25 -36.36
CA ILE M 108 1.92 3.74 -36.47
C ILE M 108 2.77 4.70 -37.30
N TRP M 109 4.01 4.90 -36.89
CA TRP M 109 4.91 5.81 -37.59
C TRP M 109 5.12 5.34 -39.03
N THR M 110 4.82 6.21 -39.99
CA THR M 110 5.09 5.91 -41.39
C THR M 110 6.55 6.08 -41.75
N ASN M 111 7.32 6.80 -40.95
CA ASN M 111 8.75 7.00 -41.16
C ASN M 111 9.47 6.57 -39.89
N HIS M 112 10.31 5.55 -39.99
CA HIS M 112 11.12 5.12 -38.86
C HIS M 112 12.26 6.11 -38.62
N LYS M 113 12.69 6.21 -37.37
CA LYS M 113 13.79 7.08 -36.98
C LYS M 113 14.80 6.29 -36.16
N PHE M 114 16.08 6.54 -36.38
CA PHE M 114 17.12 5.90 -35.60
C PHE M 114 17.34 6.64 -34.29
N ASN M 115 18.41 6.28 -33.59
CA ASN M 115 18.75 6.90 -32.31
C ASN M 115 19.27 8.31 -32.56
N VAL M 116 18.59 9.30 -32.01
CA VAL M 116 18.91 10.69 -32.30
C VAL M 116 19.62 11.36 -31.12
N SER M 117 20.27 10.55 -30.28
CA SER M 117 21.06 11.09 -29.19
C SER M 117 22.26 11.85 -29.72
N GLY M 118 22.64 12.91 -29.02
CA GLY M 118 23.72 13.78 -29.49
C GLY M 118 23.36 14.57 -30.74
N THR M 119 22.12 15.04 -30.82
CA THR M 119 21.55 15.64 -32.02
C THR M 119 20.45 16.59 -31.58
N PRO M 120 20.25 17.71 -32.31
CA PRO M 120 19.18 18.66 -31.93
C PRO M 120 17.80 18.04 -31.84
N GLN M 121 17.64 16.82 -32.33
CA GLN M 121 16.38 16.09 -32.24
C GLN M 121 16.29 15.22 -30.99
N GLN M 122 17.27 15.29 -30.10
CA GLN M 122 17.27 14.44 -28.92
C GLN M 122 16.11 14.79 -27.98
N TYR M 123 15.70 13.80 -27.21
CA TYR M 123 14.62 13.96 -26.26
C TYR M 123 15.10 14.72 -25.03
N VAL M 124 14.30 15.67 -24.58
CA VAL M 124 14.58 16.46 -23.38
C VAL M 124 13.44 16.23 -22.39
N PRO M 125 13.71 15.68 -21.20
CA PRO M 125 12.63 15.42 -20.25
C PRO M 125 12.03 16.70 -19.69
N TYR M 126 10.76 16.62 -19.32
CA TYR M 126 10.07 17.74 -18.69
C TYR M 126 8.80 17.23 -18.00
N SER M 127 8.32 18.00 -17.04
CA SER M 127 7.10 17.66 -16.33
C SER M 127 5.88 17.89 -17.22
N THR M 128 4.93 16.97 -17.16
CA THR M 128 3.76 17.02 -18.03
C THR M 128 2.50 17.47 -17.29
N THR M 129 2.60 17.76 -16.00
CA THR M 129 1.44 18.13 -15.20
C THR M 129 1.31 19.65 -15.09
N ARG M 130 0.12 20.08 -14.72
CA ARG M 130 -0.16 21.50 -14.57
C ARG M 130 0.25 21.99 -13.17
N LYS M 131 0.28 23.30 -13.02
CA LYS M 131 0.65 23.88 -11.73
C LYS M 131 -0.40 23.57 -10.67
N LYS M 132 0.07 23.22 -9.47
CA LYS M 132 -0.83 22.74 -8.43
C LYS M 132 -1.52 23.88 -7.69
N ILE M 133 -0.76 24.85 -7.20
CA ILE M 133 -1.27 25.93 -6.37
C ILE M 133 -1.33 27.20 -7.20
N GLN M 134 -2.47 27.87 -7.18
CA GLN M 134 -2.67 29.13 -7.88
C GLN M 134 -2.52 30.29 -6.90
N GLU M 135 -1.78 31.30 -7.32
CA GLU M 135 -1.55 32.47 -6.47
C GLU M 135 -2.69 33.46 -6.61
N TRP M 136 -2.79 34.36 -5.62
CA TRP M 136 -3.79 35.41 -5.64
C TRP M 136 -3.29 36.60 -6.46
N VAL M 137 -4.18 37.17 -7.25
CA VAL M 137 -3.84 38.27 -8.16
C VAL M 137 -4.35 39.56 -7.53
N PRO M 138 -3.47 40.55 -7.28
CA PRO M 138 -3.93 41.78 -6.66
C PRO M 138 -4.86 42.56 -7.58
N PRO M 139 -5.75 43.38 -7.04
CA PRO M 139 -6.54 44.27 -7.88
C PRO M 139 -5.67 45.30 -8.56
N SER M 140 -6.11 45.73 -9.75
CA SER M 140 -5.37 46.73 -10.51
C SER M 140 -5.67 48.15 -10.08
N THR M 141 -6.62 48.35 -9.16
CA THR M 141 -6.90 49.72 -8.77
C THR M 141 -6.39 49.98 -7.34
N PRO M 142 -5.89 51.19 -7.08
CA PRO M 142 -5.47 51.53 -5.72
C PRO M 142 -6.64 51.57 -4.74
N TYR M 143 -6.31 51.45 -3.46
CA TYR M 143 -7.29 51.49 -2.39
C TYR M 143 -7.66 52.91 -1.99
N LYS M 144 -6.69 53.82 -1.96
CA LYS M 144 -6.95 55.20 -1.58
C LYS M 144 -6.71 56.13 -2.78
N GLY N 1 -38.90 -14.30 -17.62
CA GLY N 1 -37.50 -13.96 -17.44
C GLY N 1 -37.30 -12.47 -17.23
N ALA N 2 -36.77 -11.80 -18.24
CA ALA N 2 -36.55 -10.36 -18.16
C ALA N 2 -37.88 -9.62 -18.10
N GLY N 3 -37.94 -8.61 -17.25
CA GLY N 3 -39.17 -7.86 -17.05
C GLY N 3 -39.56 -6.99 -18.22
N GLY N 4 -38.75 -5.98 -18.52
CA GLY N 4 -39.01 -5.05 -19.60
C GLY N 4 -39.58 -3.71 -19.18
N ALA N 5 -40.05 -3.60 -17.94
CA ALA N 5 -40.55 -2.34 -17.40
C ALA N 5 -39.48 -1.70 -16.54
N LEU N 6 -39.17 -0.45 -16.82
CA LEU N 6 -38.15 0.26 -16.06
C LEU N 6 -38.66 0.64 -14.68
N PHE N 7 -37.72 0.76 -13.74
CA PHE N 7 -38.04 1.16 -12.37
C PHE N 7 -37.44 2.52 -12.03
N VAL N 8 -37.23 3.36 -13.03
CA VAL N 8 -36.88 4.77 -12.85
C VAL N 8 -37.92 5.59 -13.59
N HIS N 9 -38.26 6.74 -13.03
CA HIS N 9 -39.22 7.64 -13.65
C HIS N 9 -38.50 8.84 -14.25
N ARG N 10 -38.75 9.10 -15.52
CA ARG N 10 -38.29 10.31 -16.20
C ARG N 10 -39.50 11.13 -16.61
N ASP N 11 -39.41 12.44 -16.40
CA ASP N 11 -40.54 13.31 -16.63
C ASP N 11 -40.92 13.32 -18.11
N THR N 12 -42.19 13.62 -18.38
CA THR N 12 -42.83 13.39 -19.66
C THR N 12 -44.06 14.27 -19.78
N PRO N 13 -44.37 14.76 -20.99
CA PRO N 13 -45.53 15.68 -21.12
C PRO N 13 -46.83 15.11 -20.58
N GLU N 14 -47.10 13.83 -20.79
CA GLU N 14 -48.28 13.20 -20.21
C GLU N 14 -48.01 12.49 -18.89
N ASN N 15 -46.79 12.60 -18.35
CA ASN N 15 -46.49 12.01 -17.04
C ASN N 15 -45.43 12.88 -16.37
N ASN N 16 -45.87 13.81 -15.52
CA ASN N 16 -44.97 14.72 -14.82
C ASN N 16 -45.69 15.20 -13.57
N PRO N 17 -44.97 15.83 -12.63
CA PRO N 17 -45.61 16.22 -11.36
C PRO N 17 -46.77 17.18 -11.52
N ASP N 18 -46.87 17.89 -12.64
CA ASP N 18 -47.97 18.80 -12.88
C ASP N 18 -49.16 18.13 -13.56
N THR N 19 -49.08 16.83 -13.83
CA THR N 19 -50.22 16.12 -14.41
C THR N 19 -51.41 16.21 -13.45
N PRO N 20 -52.57 16.69 -13.90
CA PRO N 20 -53.66 16.93 -12.96
C PRO N 20 -54.30 15.63 -12.48
N PHE N 21 -54.20 15.39 -11.18
CA PHE N 21 -54.90 14.27 -10.56
C PHE N 21 -55.47 14.74 -9.22
N ASP N 22 -56.70 14.31 -8.95
CA ASP N 22 -57.34 14.58 -7.67
C ASP N 22 -58.37 13.49 -7.41
N PHE N 23 -58.70 13.32 -6.13
CA PHE N 23 -59.71 12.36 -5.71
C PHE N 23 -61.07 13.03 -5.76
N THR N 24 -62.10 12.27 -6.14
CA THR N 24 -63.45 12.77 -6.06
C THR N 24 -63.91 12.81 -4.60
N PRO N 25 -64.95 13.60 -4.28
CA PRO N 25 -65.42 13.66 -2.89
C PRO N 25 -65.78 12.31 -2.29
N GLU N 26 -66.45 11.45 -3.06
CA GLU N 26 -66.81 10.13 -2.54
C GLU N 26 -65.57 9.25 -2.38
N ASN N 27 -64.57 9.45 -3.23
CA ASN N 27 -63.30 8.76 -3.01
C ASN N 27 -62.60 9.28 -1.77
N TYR N 28 -62.79 10.56 -1.42
CA TYR N 28 -62.29 11.05 -0.14
C TYR N 28 -63.02 10.40 1.02
N LYS N 29 -64.33 10.17 0.88
CA LYS N 29 -65.06 9.44 1.92
C LYS N 29 -64.51 8.02 2.08
N ARG N 30 -64.27 7.33 0.97
CA ARG N 30 -63.68 6.00 1.03
C ARG N 30 -62.29 6.03 1.67
N ILE N 31 -61.50 7.05 1.34
CA ILE N 31 -60.18 7.19 1.93
C ILE N 31 -60.27 7.36 3.44
N GLU N 32 -61.23 8.16 3.90
CA GLU N 32 -61.33 8.40 5.33
C GLU N 32 -61.78 7.13 6.07
N ALA N 33 -62.66 6.33 5.45
CA ALA N 33 -63.00 5.04 6.05
C ALA N 33 -61.78 4.11 6.10
N ILE N 34 -61.02 4.05 5.00
CA ILE N 34 -59.83 3.20 4.95
C ILE N 34 -58.85 3.59 6.05
N VAL N 35 -58.61 4.89 6.22
CA VAL N 35 -57.69 5.35 7.25
C VAL N 35 -58.24 5.02 8.64
N LYS N 36 -59.57 5.14 8.81
CA LYS N 36 -60.17 4.80 10.08
C LYS N 36 -60.02 3.33 10.43
N ASN N 37 -59.77 2.47 9.43
CA ASN N 37 -59.61 1.05 9.72
C ASN N 37 -58.38 0.76 10.58
N TYR N 38 -57.40 1.66 10.62
CA TYR N 38 -56.13 1.35 11.27
C TYR N 38 -55.93 2.12 12.56
N PRO N 39 -55.09 1.61 13.46
CA PRO N 39 -54.85 2.29 14.73
C PRO N 39 -54.22 3.67 14.56
N GLU N 40 -54.58 4.57 15.47
CA GLU N 40 -54.08 5.94 15.41
C GLU N 40 -52.60 5.98 15.74
N GLY N 41 -51.86 6.76 14.94
CA GLY N 41 -50.41 6.74 14.99
C GLY N 41 -49.77 5.87 13.92
N HIS N 42 -50.56 5.08 13.20
CA HIS N 42 -50.07 4.25 12.10
C HIS N 42 -50.94 4.50 10.88
N LYS N 43 -50.64 5.57 10.15
CA LYS N 43 -51.45 5.97 9.01
C LYS N 43 -50.82 5.52 7.70
N ALA N 44 -49.54 5.16 7.73
CA ALA N 44 -48.88 4.65 6.53
C ALA N 44 -49.47 3.31 6.10
N ALA N 45 -50.13 2.61 7.02
CA ALA N 45 -50.73 1.32 6.73
C ALA N 45 -51.80 1.42 5.66
N ALA N 46 -52.29 2.63 5.41
CA ALA N 46 -53.31 2.87 4.40
C ALA N 46 -52.73 3.16 3.02
N VAL N 47 -51.42 3.04 2.85
CA VAL N 47 -50.81 3.37 1.56
C VAL N 47 -51.30 2.43 0.47
N LEU N 48 -51.31 1.12 0.75
CA LEU N 48 -51.70 0.15 -0.27
C LEU N 48 -53.15 0.30 -0.72
N PRO N 49 -54.15 0.39 0.17
CA PRO N 49 -55.52 0.59 -0.35
C PRO N 49 -55.72 1.91 -1.07
N VAL N 50 -55.30 3.02 -0.45
CA VAL N 50 -55.55 4.33 -1.04
C VAL N 50 -54.92 4.43 -2.43
N LEU N 51 -53.66 4.00 -2.55
CA LEU N 51 -53.02 3.94 -3.87
C LEU N 51 -53.87 3.13 -4.85
N ASP N 52 -54.30 1.94 -4.42
CA ASP N 52 -55.18 1.14 -5.26
C ASP N 52 -56.41 1.93 -5.68
N LEU N 53 -57.01 2.66 -4.73
CA LEU N 53 -58.19 3.45 -5.05
C LEU N 53 -57.89 4.46 -6.14
N ALA N 54 -56.72 5.11 -6.07
CA ALA N 54 -56.35 6.06 -7.11
C ALA N 54 -56.36 5.39 -8.47
N GLN N 55 -55.80 4.19 -8.56
CA GLN N 55 -55.80 3.48 -9.83
C GLN N 55 -57.22 3.20 -10.30
N ARG N 56 -58.09 2.80 -9.37
CA ARG N 56 -59.47 2.50 -9.74
C ARG N 56 -60.19 3.75 -10.22
N GLN N 57 -59.71 4.93 -9.80
CA GLN N 57 -60.32 6.16 -10.28
C GLN N 57 -59.69 6.61 -11.59
N ASN N 58 -58.44 6.21 -11.84
CA ASN N 58 -57.68 6.78 -12.95
C ASN N 58 -57.36 5.76 -14.04
N GLY N 59 -57.29 4.48 -13.71
CA GLY N 59 -56.90 3.44 -14.63
C GLY N 59 -55.43 3.11 -14.58
N TRP N 60 -54.61 4.02 -14.09
CA TRP N 60 -53.19 3.80 -13.89
C TRP N 60 -52.70 4.82 -12.88
N LEU N 61 -51.41 4.77 -12.58
CA LEU N 61 -50.83 5.58 -11.50
C LEU N 61 -49.77 6.52 -12.04
N PRO N 62 -50.11 7.77 -12.35
CA PRO N 62 -49.08 8.77 -12.67
C PRO N 62 -48.31 9.16 -11.42
N ILE N 63 -47.20 9.86 -11.64
CA ILE N 63 -46.38 10.32 -10.52
C ILE N 63 -47.14 11.31 -9.65
N SER N 64 -48.04 12.08 -10.25
CA SER N 64 -48.83 13.03 -9.48
C SER N 64 -49.79 12.32 -8.53
N ALA N 65 -50.35 11.19 -8.95
CA ALA N 65 -51.18 10.40 -8.05
C ALA N 65 -50.37 9.88 -6.87
N MET N 66 -49.14 9.43 -7.12
CA MET N 66 -48.27 8.97 -6.04
C MET N 66 -47.99 10.10 -5.06
N ASN N 67 -47.68 11.29 -5.58
CA ASN N 67 -47.42 12.43 -4.70
C ASN N 67 -48.66 12.81 -3.91
N LYS N 68 -49.83 12.75 -4.54
CA LYS N 68 -51.07 13.08 -3.85
C LYS N 68 -51.35 12.10 -2.70
N VAL N 69 -51.14 10.81 -2.96
CA VAL N 69 -51.32 9.81 -1.90
C VAL N 69 -50.33 10.06 -0.77
N ALA N 70 -49.07 10.35 -1.12
CA ALA N 70 -48.04 10.57 -0.10
C ALA N 70 -48.37 11.79 0.76
N GLU N 71 -48.92 12.84 0.16
CA GLU N 71 -49.22 14.03 0.94
C GLU N 71 -50.52 13.91 1.71
N ILE N 72 -51.48 13.13 1.21
CA ILE N 72 -52.70 12.86 1.98
C ILE N 72 -52.36 12.07 3.24
N LEU N 73 -51.55 11.02 3.09
CA LEU N 73 -51.21 10.18 4.22
C LEU N 73 -50.02 10.71 5.02
N GLN N 74 -49.41 11.81 4.58
CA GLN N 74 -48.28 12.44 5.27
C GLN N 74 -47.12 11.47 5.43
N VAL N 75 -46.80 10.77 4.35
CA VAL N 75 -45.63 9.90 4.29
C VAL N 75 -44.69 10.47 3.24
N PRO N 76 -43.40 10.19 3.35
CA PRO N 76 -42.46 10.65 2.33
C PRO N 76 -42.81 10.07 0.97
N PRO N 77 -42.66 10.83 -0.11
CA PRO N 77 -43.02 10.32 -1.44
C PRO N 77 -42.22 9.08 -1.85
N MET N 78 -40.96 8.96 -1.40
CA MET N 78 -40.16 7.81 -1.79
C MET N 78 -40.76 6.51 -1.29
N ARG N 79 -41.43 6.53 -0.13
CA ARG N 79 -42.08 5.33 0.37
C ARG N 79 -43.21 4.89 -0.57
N VAL N 80 -44.00 5.84 -1.05
CA VAL N 80 -45.06 5.52 -1.99
C VAL N 80 -44.47 5.04 -3.31
N TYR N 81 -43.34 5.62 -3.73
CA TYR N 81 -42.69 5.14 -4.94
C TYR N 81 -42.25 3.69 -4.80
N GLU N 82 -41.68 3.34 -3.63
CA GLU N 82 -41.27 1.96 -3.40
C GLU N 82 -42.45 1.02 -3.43
N VAL N 83 -43.56 1.41 -2.80
CA VAL N 83 -44.76 0.58 -2.84
C VAL N 83 -45.26 0.42 -4.28
N ALA N 84 -45.29 1.51 -5.04
CA ALA N 84 -45.80 1.45 -6.40
C ALA N 84 -44.93 0.57 -7.29
N THR N 85 -43.62 0.57 -7.08
CA THR N 85 -42.73 -0.23 -7.91
C THR N 85 -42.54 -1.65 -7.39
N PHE N 86 -43.00 -1.96 -6.17
CA PHE N 86 -42.82 -3.32 -5.65
C PHE N 86 -43.96 -4.23 -6.10
N TYR N 87 -45.19 -3.76 -6.02
CA TYR N 87 -46.35 -4.59 -6.29
C TYR N 87 -46.74 -4.53 -7.76
N THR N 88 -47.00 -5.70 -8.34
CA THR N 88 -47.18 -5.81 -9.79
C THR N 88 -48.59 -5.48 -10.27
N MET N 89 -49.55 -5.32 -9.36
CA MET N 89 -50.91 -4.96 -9.77
C MET N 89 -51.09 -3.47 -9.99
N TYR N 90 -50.07 -2.66 -9.70
CA TYR N 90 -50.10 -1.23 -9.96
C TYR N 90 -49.60 -0.95 -11.36
N ASN N 91 -50.33 -0.14 -12.11
CA ASN N 91 -49.96 0.23 -13.47
C ASN N 91 -49.33 1.62 -13.44
N ARG N 92 -48.02 1.68 -13.57
CA ARG N 92 -47.31 2.95 -13.64
C ARG N 92 -47.24 3.50 -15.05
N LYS N 93 -47.87 2.83 -16.00
CA LYS N 93 -48.03 3.22 -17.38
C LYS N 93 -49.49 3.04 -17.77
N PRO N 94 -50.02 3.87 -18.67
CA PRO N 94 -51.41 3.70 -19.09
C PRO N 94 -51.64 2.33 -19.70
N VAL N 95 -52.81 1.76 -19.41
CA VAL N 95 -53.15 0.41 -19.84
C VAL N 95 -54.51 0.45 -20.52
N GLY N 96 -54.77 -0.58 -21.31
CA GLY N 96 -56.01 -0.64 -22.07
C GLY N 96 -57.24 -0.79 -21.19
N LYS N 97 -58.40 -0.62 -21.81
CA LYS N 97 -59.65 -0.70 -21.07
C LYS N 97 -59.85 -2.08 -20.45
N TYR N 98 -59.44 -3.13 -21.16
CA TYR N 98 -59.57 -4.50 -20.69
C TYR N 98 -58.16 -5.09 -20.57
N HIS N 99 -57.66 -5.18 -19.34
CA HIS N 99 -56.34 -5.72 -19.05
C HIS N 99 -56.47 -7.24 -18.97
N ILE N 100 -56.00 -7.95 -20.00
CA ILE N 100 -56.10 -9.39 -20.09
C ILE N 100 -54.83 -10.00 -19.53
N GLN N 101 -54.95 -10.79 -18.48
CA GLN N 101 -53.83 -11.46 -17.84
C GLN N 101 -53.99 -12.96 -18.01
N VAL N 102 -53.01 -13.60 -18.64
CA VAL N 102 -53.04 -15.03 -18.91
C VAL N 102 -52.03 -15.70 -18.00
N CYS N 103 -52.51 -16.66 -17.20
CA CYS N 103 -51.62 -17.43 -16.33
C CYS N 103 -50.88 -18.48 -17.15
N THR N 104 -49.56 -18.51 -17.02
CA THR N 104 -48.72 -19.42 -17.78
C THR N 104 -47.81 -20.25 -16.87
N THR N 105 -48.15 -20.34 -15.60
CA THR N 105 -47.37 -21.14 -14.66
C THR N 105 -47.63 -22.62 -14.90
N THR N 106 -46.78 -23.46 -14.28
CA THR N 106 -46.71 -24.88 -14.63
C THR N 106 -48.04 -25.62 -14.56
N PRO N 107 -48.86 -25.50 -13.52
CA PRO N 107 -50.16 -26.21 -13.55
C PRO N 107 -51.07 -25.75 -14.68
N CYS N 108 -51.05 -24.46 -15.02
CA CYS N 108 -51.85 -23.97 -16.14
C CYS N 108 -51.19 -24.32 -17.46
N MET N 109 -49.85 -24.32 -17.50
CA MET N 109 -49.15 -24.67 -18.74
C MET N 109 -49.33 -26.14 -19.09
N LEU N 110 -49.52 -26.99 -18.08
CA LEU N 110 -49.76 -28.40 -18.34
C LEU N 110 -51.06 -28.60 -19.11
N ARG N 111 -52.09 -27.84 -18.77
CA ARG N 111 -53.37 -27.91 -19.47
C ARG N 111 -53.46 -26.89 -20.59
N ASN N 112 -52.41 -26.82 -21.41
CA ASN N 112 -52.41 -26.10 -22.69
C ASN N 112 -52.84 -24.64 -22.54
N SER N 113 -52.04 -23.87 -21.81
CA SER N 113 -52.31 -22.44 -21.66
C SER N 113 -51.66 -21.58 -22.73
N ASP N 114 -50.77 -22.16 -23.55
CA ASP N 114 -50.16 -21.37 -24.62
C ASP N 114 -51.03 -21.34 -25.86
N SER N 115 -51.89 -22.35 -26.04
CA SER N 115 -52.85 -22.31 -27.13
C SER N 115 -53.80 -21.13 -26.97
N ILE N 116 -54.26 -20.88 -25.76
CA ILE N 116 -55.12 -19.73 -25.51
C ILE N 116 -54.35 -18.43 -25.68
N LEU N 117 -53.09 -18.42 -25.26
CA LEU N 117 -52.24 -17.25 -25.51
C LEU N 117 -52.20 -16.93 -26.99
N GLU N 118 -51.86 -17.92 -27.82
CA GLU N 118 -51.73 -17.67 -29.25
C GLU N 118 -53.07 -17.38 -29.91
N ALA N 119 -54.16 -17.93 -29.38
CA ALA N 119 -55.49 -17.58 -29.87
C ALA N 119 -55.78 -16.10 -29.63
N ILE N 120 -55.44 -15.60 -28.44
CA ILE N 120 -55.63 -14.19 -28.14
C ILE N 120 -54.75 -13.32 -29.03
N GLN N 121 -53.50 -13.74 -29.24
CA GLN N 121 -52.62 -13.00 -30.14
C GLN N 121 -53.20 -12.89 -31.54
N LYS N 122 -53.66 -14.01 -32.08
CA LYS N 122 -54.22 -14.00 -33.44
C LYS N 122 -55.50 -13.18 -33.51
N LYS N 123 -56.34 -13.27 -32.49
CA LYS N 123 -57.59 -12.51 -32.51
C LYS N 123 -57.35 -11.01 -32.41
N LEU N 124 -56.37 -10.59 -31.60
CA LEU N 124 -56.14 -9.17 -31.39
C LEU N 124 -55.04 -8.59 -32.26
N GLY N 125 -54.21 -9.43 -32.88
CA GLY N 125 -53.12 -8.94 -33.69
C GLY N 125 -52.08 -8.16 -32.90
N ILE N 126 -51.84 -8.54 -31.66
CA ILE N 126 -50.82 -7.91 -30.82
C ILE N 126 -49.96 -9.02 -30.22
N LYS N 127 -48.76 -8.64 -29.79
CA LYS N 127 -47.88 -9.56 -29.09
C LYS N 127 -48.20 -9.56 -27.60
N VAL N 128 -47.37 -10.25 -26.82
CA VAL N 128 -47.69 -10.53 -25.42
C VAL N 128 -47.80 -9.24 -24.61
N GLY N 129 -46.89 -8.29 -24.83
CA GLY N 129 -46.80 -7.12 -23.99
C GLY N 129 -47.35 -5.82 -24.54
N GLU N 130 -48.11 -5.83 -25.63
CA GLU N 130 -48.54 -4.58 -26.20
C GLU N 130 -50.04 -4.35 -26.00
N THR N 131 -50.52 -3.26 -26.61
CA THR N 131 -51.89 -2.79 -26.49
C THR N 131 -52.44 -2.59 -27.90
N THR N 132 -53.74 -2.81 -28.07
CA THR N 132 -54.36 -2.62 -29.37
C THR N 132 -54.36 -1.12 -29.73
N PRO N 133 -54.43 -0.80 -31.03
CA PRO N 133 -54.39 0.61 -31.43
C PRO N 133 -55.53 1.45 -30.85
N ASP N 134 -56.70 0.85 -30.63
CA ASP N 134 -57.83 1.58 -30.06
C ASP N 134 -57.78 1.66 -28.54
N LYS N 135 -56.68 1.25 -27.92
CA LYS N 135 -56.51 1.29 -26.46
C LYS N 135 -57.67 0.58 -25.75
N LEU N 136 -58.05 -0.59 -26.29
CA LEU N 136 -59.17 -1.35 -25.75
C LEU N 136 -58.75 -2.61 -25.03
N PHE N 137 -57.62 -3.20 -25.41
CA PHE N 137 -57.14 -4.43 -24.80
C PHE N 137 -55.64 -4.33 -24.57
N THR N 138 -55.18 -4.96 -23.48
CA THR N 138 -53.76 -5.07 -23.20
C THR N 138 -53.47 -6.49 -22.74
N LEU N 139 -52.76 -7.25 -23.57
CA LEU N 139 -52.31 -8.58 -23.24
C LEU N 139 -51.14 -8.50 -22.27
N ILE N 140 -51.03 -9.50 -21.40
CA ILE N 140 -49.88 -9.63 -20.51
C ILE N 140 -49.88 -11.03 -19.92
N GLU N 141 -48.71 -11.50 -19.52
CA GLU N 141 -48.53 -12.83 -18.94
C GLU N 141 -48.30 -12.67 -17.43
N VAL N 142 -48.97 -13.50 -16.63
CA VAL N 142 -48.87 -13.43 -15.18
C VAL N 142 -48.57 -14.81 -14.62
N GLU N 143 -48.22 -14.85 -13.34
CA GLU N 143 -47.95 -16.09 -12.64
C GLU N 143 -49.26 -16.68 -12.13
N CYS N 144 -49.18 -17.71 -11.28
CA CYS N 144 -50.35 -18.44 -10.84
C CYS N 144 -51.39 -17.51 -10.21
N LEU N 145 -52.63 -17.65 -10.66
CA LEU N 145 -53.71 -16.76 -10.25
C LEU N 145 -54.62 -17.38 -9.18
N GLY N 146 -54.28 -18.56 -8.67
CA GLY N 146 -55.07 -19.15 -7.62
C GLY N 146 -56.30 -19.92 -8.08
N ALA N 147 -56.36 -20.29 -9.35
CA ALA N 147 -57.45 -21.09 -9.90
C ALA N 147 -56.89 -22.24 -10.72
N CYS N 148 -55.89 -22.91 -10.15
CA CYS N 148 -55.15 -23.93 -10.89
C CYS N 148 -56.04 -25.11 -11.25
N VAL N 149 -57.04 -25.41 -10.43
CA VAL N 149 -57.97 -26.48 -10.72
C VAL N 149 -58.77 -26.20 -11.98
N ASN N 150 -59.14 -24.93 -12.20
CA ASN N 150 -59.86 -24.53 -13.40
C ASN N 150 -58.93 -24.02 -14.48
N ALA N 151 -57.89 -24.78 -14.81
CA ALA N 151 -56.94 -24.34 -15.82
C ALA N 151 -57.36 -24.84 -17.20
N PRO N 152 -57.01 -24.12 -18.27
CA PRO N 152 -56.33 -22.81 -18.31
C PRO N 152 -57.30 -21.66 -18.06
N MET N 153 -56.83 -20.51 -17.56
CA MET N 153 -57.72 -19.44 -17.16
C MET N 153 -57.09 -18.10 -17.48
N VAL N 154 -57.93 -17.05 -17.47
CA VAL N 154 -57.50 -15.68 -17.66
C VAL N 154 -58.20 -14.79 -16.62
N GLN N 155 -57.65 -13.61 -16.43
CA GLN N 155 -58.25 -12.59 -15.57
C GLN N 155 -58.40 -11.31 -16.38
N ILE N 156 -59.62 -10.76 -16.42
CA ILE N 156 -59.89 -9.49 -17.07
C ILE N 156 -60.64 -8.62 -16.08
N ASN N 157 -60.00 -7.54 -15.64
CA ASN N 157 -60.62 -6.48 -14.84
C ASN N 157 -61.43 -7.05 -13.67
N ASP N 158 -60.72 -7.71 -12.75
CA ASP N 158 -61.27 -8.30 -11.53
C ASP N 158 -62.08 -9.57 -11.77
N ASN N 159 -62.23 -10.01 -13.02
CA ASN N 159 -63.07 -11.16 -13.33
C ASN N 159 -62.22 -12.34 -13.77
N TYR N 160 -62.59 -13.53 -13.31
CA TYR N 160 -61.89 -14.77 -13.63
C TYR N 160 -62.68 -15.53 -14.68
N TYR N 161 -62.03 -15.88 -15.78
CA TYR N 161 -62.63 -16.71 -16.83
C TYR N 161 -61.85 -18.01 -16.90
N GLU N 162 -62.51 -19.11 -16.59
CA GLU N 162 -61.82 -20.36 -16.27
C GLU N 162 -62.23 -21.46 -17.24
N ASP N 163 -61.45 -22.54 -17.24
CA ASP N 163 -61.72 -23.73 -18.03
C ASP N 163 -61.87 -23.38 -19.51
N LEU N 164 -60.87 -22.70 -20.05
CA LEU N 164 -61.02 -22.07 -21.35
C LEU N 164 -60.43 -22.93 -22.47
N THR N 165 -61.02 -22.78 -23.65
CA THR N 165 -60.53 -23.26 -24.93
C THR N 165 -60.43 -22.05 -25.85
N PRO N 166 -59.65 -22.14 -26.93
CA PRO N 166 -59.47 -20.94 -27.78
C PRO N 166 -60.77 -20.38 -28.33
N LYS N 167 -61.75 -21.25 -28.63
CA LYS N 167 -63.07 -20.77 -29.04
C LYS N 167 -63.71 -19.93 -27.95
N ASP N 168 -63.64 -20.41 -26.70
CA ASP N 168 -64.24 -19.68 -25.59
C ASP N 168 -63.59 -18.32 -25.41
N ILE N 169 -62.26 -18.26 -25.51
CA ILE N 169 -61.60 -16.98 -25.33
C ILE N 169 -61.93 -16.03 -26.49
N GLU N 170 -62.10 -16.57 -27.71
CA GLU N 170 -62.51 -15.70 -28.81
C GLU N 170 -63.91 -15.12 -28.58
N GLU N 171 -64.83 -15.94 -28.09
CA GLU N 171 -66.17 -15.43 -27.80
C GLU N 171 -66.15 -14.42 -26.66
N ILE N 172 -65.30 -14.64 -25.65
CA ILE N 172 -65.17 -13.66 -24.58
C ILE N 172 -64.66 -12.33 -25.14
N ILE N 173 -63.65 -12.40 -26.01
CA ILE N 173 -63.07 -11.19 -26.57
C ILE N 173 -64.09 -10.43 -27.41
N ASP N 174 -64.80 -11.13 -28.30
CA ASP N 174 -65.72 -10.38 -29.15
C ASP N 174 -66.97 -9.94 -28.40
N GLU N 175 -67.33 -10.63 -27.31
CA GLU N 175 -68.40 -10.12 -26.44
C GLU N 175 -67.96 -8.86 -25.73
N LEU N 176 -66.69 -8.80 -25.31
CA LEU N 176 -66.16 -7.56 -24.73
C LEU N 176 -66.14 -6.45 -25.76
N LYS N 177 -65.77 -6.77 -27.00
CA LYS N 177 -65.78 -5.77 -28.07
C LYS N 177 -67.18 -5.29 -28.39
N ALA N 178 -68.19 -6.16 -28.24
CA ALA N 178 -69.57 -5.76 -28.54
C ALA N 178 -70.05 -4.66 -27.60
N GLY N 179 -69.68 -4.74 -26.33
CA GLY N 179 -70.06 -3.71 -25.39
C GLY N 179 -70.55 -4.25 -24.06
N LYS N 180 -71.05 -5.48 -24.08
CA LYS N 180 -71.53 -6.10 -22.85
C LYS N 180 -70.42 -6.93 -22.20
N ILE N 181 -70.66 -7.32 -20.96
CA ILE N 181 -69.67 -8.01 -20.14
C ILE N 181 -70.03 -9.49 -20.08
N PRO N 182 -69.13 -10.40 -20.47
CA PRO N 182 -69.41 -11.83 -20.30
C PRO N 182 -69.39 -12.22 -18.82
N LYS N 183 -70.18 -13.24 -18.50
CA LYS N 183 -70.29 -13.66 -17.11
C LYS N 183 -69.01 -14.36 -16.66
N PRO N 184 -68.59 -14.13 -15.42
CA PRO N 184 -67.35 -14.78 -14.93
C PRO N 184 -67.58 -16.25 -14.61
N GLY N 185 -66.48 -16.94 -14.36
CA GLY N 185 -66.53 -18.31 -13.92
C GLY N 185 -65.92 -19.27 -14.93
N PRO N 186 -66.11 -20.56 -14.69
CA PRO N 186 -65.61 -21.55 -15.65
C PRO N 186 -66.57 -21.74 -16.80
N ARG N 187 -66.03 -22.25 -17.91
CA ARG N 187 -66.83 -22.62 -19.06
C ARG N 187 -67.13 -24.11 -18.97
N SER N 188 -67.72 -24.68 -20.02
CA SER N 188 -68.08 -26.09 -20.09
C SER N 188 -69.02 -26.51 -18.97
N GLY N 189 -69.62 -25.54 -18.28
CA GLY N 189 -70.63 -25.83 -17.27
C GLY N 189 -70.17 -26.71 -16.12
N ARG N 190 -69.03 -26.38 -15.53
CA ARG N 190 -68.49 -27.18 -14.43
C ARG N 190 -68.80 -26.61 -13.05
N PHE N 191 -69.10 -25.32 -12.95
CA PHE N 191 -69.60 -24.70 -11.71
C PHE N 191 -68.61 -24.84 -10.54
N SER N 192 -67.48 -24.14 -10.66
CA SER N 192 -66.57 -23.89 -9.53
C SER N 192 -66.01 -25.19 -8.94
N CYS N 193 -65.21 -25.87 -9.77
CA CYS N 193 -64.20 -26.83 -9.34
C CYS N 193 -64.76 -28.00 -8.52
N GLU N 194 -65.69 -28.70 -9.11
CA GLU N 194 -66.01 -30.07 -8.71
C GLU N 194 -65.54 -31.01 -9.81
N PRO N 195 -65.55 -32.32 -9.56
CA PRO N 195 -65.28 -33.25 -10.66
C PRO N 195 -66.29 -33.05 -11.78
N ALA N 196 -65.80 -33.13 -13.03
CA ALA N 196 -66.63 -32.79 -14.18
C ALA N 196 -67.82 -33.74 -14.30
N GLY N 197 -67.61 -35.02 -14.04
CA GLY N 197 -68.71 -35.98 -14.05
C GLY N 197 -68.66 -36.90 -12.85
N GLY N 198 -67.71 -36.66 -11.96
CA GLY N 198 -67.53 -37.49 -10.79
C GLY N 198 -68.58 -37.30 -9.71
N LEU N 199 -68.66 -36.09 -9.16
CA LEU N 199 -69.51 -35.80 -7.99
C LEU N 199 -69.26 -36.82 -6.88
N THR N 200 -68.03 -36.80 -6.37
CA THR N 200 -67.57 -37.83 -5.43
C THR N 200 -67.59 -37.36 -3.98
N SER N 201 -68.27 -36.27 -3.66
CA SER N 201 -68.35 -35.77 -2.30
C SER N 201 -69.44 -34.70 -2.22
N LEU N 202 -69.97 -34.51 -1.01
CA LEU N 202 -71.00 -33.51 -0.73
C LEU N 202 -72.25 -33.73 -1.59
N THR N 203 -72.74 -34.97 -1.57
CA THR N 203 -73.98 -35.33 -2.24
C THR N 203 -75.16 -35.40 -1.28
N GLU N 204 -74.94 -35.89 -0.07
CA GLU N 204 -76.01 -35.95 0.92
C GLU N 204 -76.30 -34.55 1.45
N PRO N 205 -77.53 -34.28 1.87
CA PRO N 205 -77.85 -32.98 2.47
C PRO N 205 -77.01 -32.72 3.70
N PRO N 206 -76.52 -31.49 3.88
CA PRO N 206 -75.68 -31.19 5.05
C PRO N 206 -76.49 -31.24 6.34
N LYS N 207 -75.80 -31.55 7.42
CA LYS N 207 -76.44 -31.69 8.72
C LYS N 207 -76.81 -30.32 9.29
N GLY N 208 -77.75 -30.33 10.23
CA GLY N 208 -78.25 -29.11 10.82
C GLY N 208 -77.48 -28.70 12.05
N PRO N 209 -77.97 -27.65 12.70
CA PRO N 209 -77.27 -27.11 13.88
C PRO N 209 -77.14 -28.14 15.00
N GLY N 210 -75.99 -28.14 15.65
CA GLY N 210 -75.74 -29.02 16.78
C GLY N 210 -75.77 -30.50 16.44
N PHE N 211 -75.25 -30.87 15.27
CA PHE N 211 -75.31 -32.26 14.85
C PHE N 211 -74.41 -33.14 15.71
N GLY N 212 -73.18 -32.72 15.95
CA GLY N 212 -72.21 -33.54 16.65
C GLY N 212 -71.57 -32.85 17.83
N VAL N 213 -72.35 -32.06 18.56
CA VAL N 213 -71.82 -31.29 19.67
C VAL N 213 -71.46 -32.21 20.83
N GLN N 214 -70.37 -31.88 21.52
CA GLN N 214 -69.93 -32.65 22.68
C GLN N 214 -70.72 -32.26 23.92
N ALA N 215 -70.70 -33.15 24.91
CA ALA N 215 -71.37 -32.89 26.18
C ALA N 215 -70.69 -31.76 26.93
N GLY N 216 -71.51 -30.95 27.60
CA GLY N 216 -70.99 -29.81 28.34
C GLY N 216 -70.87 -28.54 27.54
N LEU N 217 -71.45 -28.49 26.35
CA LEU N 217 -71.39 -27.31 25.50
C LEU N 217 -72.76 -27.01 24.90
N THR O 1 -6.02 -32.96 2.09
CA THR O 1 -4.76 -32.36 1.69
C THR O 1 -4.39 -32.82 0.27
N ARG O 2 -4.91 -32.08 -0.69
CA ARG O 2 -4.83 -32.36 -2.11
C ARG O 2 -3.56 -31.72 -2.67
N PRO O 3 -3.27 -31.78 -3.98
CA PRO O 3 -1.88 -31.55 -4.42
C PRO O 3 -1.32 -30.16 -4.18
N THR O 4 -2.12 -29.18 -3.76
CA THR O 4 -1.57 -27.84 -3.57
C THR O 4 -1.03 -27.61 -2.16
N ILE O 5 -1.22 -28.54 -1.24
CA ILE O 5 -0.82 -28.36 0.15
C ILE O 5 0.46 -29.12 0.42
N ARG O 6 1.38 -28.48 1.13
CA ARG O 6 2.65 -29.10 1.47
C ARG O 6 2.45 -30.31 2.37
N PRO O 7 2.99 -31.47 2.02
CA PRO O 7 2.87 -32.63 2.92
C PRO O 7 3.72 -32.47 4.16
N ARG O 8 3.31 -33.15 5.22
CA ARG O 8 3.95 -33.03 6.53
C ARG O 8 4.55 -34.37 6.94
N ASN O 9 5.60 -34.32 7.77
CA ASN O 9 6.36 -35.48 8.18
C ASN O 9 6.28 -35.62 9.69
N ASP O 10 5.60 -36.67 10.17
CA ASP O 10 5.40 -36.83 11.61
C ASP O 10 6.61 -37.47 12.28
N VAL O 11 7.33 -38.33 11.56
CA VAL O 11 8.47 -39.03 12.15
C VAL O 11 9.56 -38.04 12.54
N VAL O 12 9.88 -37.12 11.63
CA VAL O 12 10.89 -36.10 11.91
C VAL O 12 10.42 -35.18 13.03
N HIS O 13 9.14 -34.86 13.06
CA HIS O 13 8.58 -34.04 14.14
C HIS O 13 8.79 -34.71 15.49
N LYS O 14 8.47 -35.99 15.59
CA LYS O 14 8.66 -36.72 16.85
C LYS O 14 10.13 -36.78 17.23
N GLN O 15 11.00 -37.06 16.26
CA GLN O 15 12.42 -37.17 16.54
C GLN O 15 12.98 -35.85 17.06
N LEU O 16 12.60 -34.73 16.43
CA LEU O 16 13.10 -33.43 16.86
C LEU O 16 12.54 -33.04 18.22
N SER O 17 11.28 -33.37 18.50
CA SER O 17 10.74 -33.11 19.83
C SER O 17 11.49 -33.90 20.90
N ALA O 18 11.80 -35.17 20.61
CA ALA O 18 12.53 -35.98 21.57
C ALA O 18 13.94 -35.42 21.81
N PHE O 19 14.63 -35.02 20.74
CA PHE O 19 15.97 -34.46 20.94
C PHE O 19 15.92 -33.13 21.67
N GLY O 20 14.87 -32.34 21.45
CA GLY O 20 14.72 -31.10 22.19
C GLY O 20 14.54 -31.33 23.67
N GLN O 21 13.68 -32.28 24.04
CA GLN O 21 13.53 -32.61 25.46
C GLN O 21 14.82 -33.16 26.04
N TYR O 22 15.56 -33.96 25.26
CA TYR O 22 16.84 -34.49 25.69
C TYR O 22 17.83 -33.37 26.00
N VAL O 23 17.96 -32.41 25.08
CA VAL O 23 18.87 -31.29 25.29
C VAL O 23 18.46 -30.46 26.49
N ALA O 24 17.15 -30.22 26.64
CA ALA O 24 16.67 -29.44 27.78
C ALA O 24 16.97 -30.15 29.10
N GLU O 25 16.79 -31.47 29.14
CA GLU O 25 17.11 -32.23 30.35
C GLU O 25 18.59 -32.15 30.68
N ILE O 26 19.45 -32.24 29.65
CA ILE O 26 20.89 -32.25 29.92
C ILE O 26 21.39 -30.90 30.43
N LEU O 27 20.84 -29.79 29.94
CA LEU O 27 21.34 -28.45 30.25
C LEU O 27 20.22 -27.58 30.81
N PRO O 28 19.73 -27.89 32.00
CA PRO O 28 18.63 -27.07 32.56
C PRO O 28 19.09 -25.74 33.12
N LYS O 29 20.39 -25.48 33.19
CA LYS O 29 20.87 -24.20 33.70
C LYS O 29 20.67 -23.07 32.70
N TYR O 30 20.60 -23.38 31.41
CA TYR O 30 20.59 -22.36 30.37
C TYR O 30 19.37 -22.41 29.48
N VAL O 31 18.74 -23.56 29.33
CA VAL O 31 17.61 -23.69 28.40
C VAL O 31 16.35 -23.11 29.04
N GLN O 32 15.74 -22.13 28.36
CA GLN O 32 14.47 -21.60 28.79
C GLN O 32 13.29 -22.10 27.96
N GLN O 33 13.49 -22.47 26.71
CA GLN O 33 12.36 -22.92 25.90
C GLN O 33 12.87 -23.84 24.79
N VAL O 34 12.01 -24.76 24.36
CA VAL O 34 12.28 -25.62 23.22
C VAL O 34 11.04 -25.62 22.34
N GLN O 35 11.24 -25.51 21.02
CA GLN O 35 10.13 -25.45 20.08
C GLN O 35 10.43 -26.29 18.85
N VAL O 36 9.38 -26.87 18.28
CA VAL O 36 9.45 -27.55 16.99
C VAL O 36 8.35 -26.97 16.12
N SER O 37 8.72 -26.41 14.97
CA SER O 37 7.76 -25.79 14.08
C SER O 37 7.06 -26.84 13.23
N CYS O 38 5.96 -26.41 12.59
CA CYS O 38 5.14 -27.34 11.80
C CYS O 38 5.86 -27.86 10.57
N PHE O 39 6.88 -27.14 10.07
CA PHE O 39 7.73 -27.65 8.99
C PHE O 39 9.00 -28.29 9.54
N ASN O 40 8.95 -28.79 10.76
CA ASN O 40 9.99 -29.63 11.36
C ASN O 40 11.33 -28.90 11.47
N GLU O 41 11.33 -27.82 12.23
CA GLU O 41 12.54 -27.09 12.58
C GLU O 41 12.57 -26.90 14.07
N LEU O 42 13.67 -27.32 14.70
CA LEU O 42 13.81 -27.32 16.15
C LEU O 42 14.65 -26.12 16.57
N GLU O 43 14.12 -25.30 17.48
CA GLU O 43 14.85 -24.17 18.02
C GLU O 43 14.87 -24.23 19.54
N ILE O 44 15.99 -23.78 20.12
CA ILE O 44 16.22 -23.83 21.56
C ILE O 44 16.52 -22.41 22.04
N PHE O 45 15.71 -21.91 22.96
CA PHE O 45 15.83 -20.58 23.52
C PHE O 45 16.57 -20.67 24.83
N ILE O 46 17.71 -19.98 24.92
CA ILE O 46 18.64 -20.10 26.04
C ILE O 46 18.91 -18.72 26.63
N HIS O 47 19.45 -18.73 27.84
CA HIS O 47 19.97 -17.55 28.51
C HIS O 47 21.31 -17.14 27.91
N PRO O 48 21.61 -15.85 27.84
CA PRO O 48 22.87 -15.41 27.22
C PRO O 48 24.12 -16.01 27.84
N ASP O 49 24.11 -16.32 29.13
CA ASP O 49 25.31 -16.85 29.77
C ASP O 49 25.68 -18.24 29.27
N GLY O 50 24.78 -18.92 28.58
CA GLY O 50 25.04 -20.27 28.13
C GLY O 50 25.44 -20.42 26.68
N VAL O 51 25.89 -19.34 26.05
CA VAL O 51 26.25 -19.39 24.64
C VAL O 51 27.41 -20.36 24.43
N ILE O 52 28.46 -20.25 25.23
CA ILE O 52 29.64 -21.09 25.06
C ILE O 52 29.38 -22.51 25.54
N PRO O 53 28.80 -22.75 26.72
CA PRO O 53 28.53 -24.15 27.10
C PRO O 53 27.61 -24.87 26.13
N VAL O 54 26.40 -24.35 25.89
CA VAL O 54 25.42 -25.03 25.06
C VAL O 54 26.02 -25.37 23.70
N LEU O 55 26.55 -24.36 23.01
CA LEU O 55 27.15 -24.61 21.71
C LEU O 55 28.22 -25.69 21.79
N THR O 56 29.10 -25.60 22.79
CA THR O 56 30.14 -26.61 22.94
C THR O 56 29.52 -28.00 23.06
N PHE O 57 28.50 -28.12 23.92
CA PHE O 57 27.80 -29.39 24.04
C PHE O 57 27.33 -29.88 22.67
N LEU O 58 26.62 -29.01 21.94
CA LEU O 58 26.04 -29.44 20.68
C LEU O 58 27.11 -29.76 19.65
N ARG O 59 28.32 -29.27 19.85
CA ARG O 59 29.39 -29.60 18.91
C ARG O 59 30.08 -30.91 19.29
N ASP O 60 30.18 -31.19 20.59
CA ASP O 60 31.09 -32.23 21.04
C ASP O 60 30.40 -33.48 21.58
N HIS O 61 29.13 -33.40 21.95
CA HIS O 61 28.44 -34.58 22.46
C HIS O 61 28.31 -35.63 21.37
N THR O 62 28.47 -36.90 21.76
CA THR O 62 28.43 -37.98 20.78
C THR O 62 27.04 -38.13 20.19
N ASN O 63 26.01 -37.72 20.93
CA ASN O 63 24.65 -37.87 20.44
C ASN O 63 24.16 -36.62 19.68
N ALA O 64 24.99 -35.59 19.57
CA ALA O 64 24.63 -34.40 18.80
C ALA O 64 25.56 -34.16 17.60
N GLN O 65 26.85 -34.01 17.87
CA GLN O 65 27.89 -33.69 16.89
C GLN O 65 27.41 -32.74 15.79
N PHE O 66 26.95 -31.57 16.21
CA PHE O 66 26.64 -30.48 15.30
C PHE O 66 27.96 -29.75 15.00
N LYS O 67 28.69 -30.28 14.03
CA LYS O 67 30.05 -29.80 13.76
C LYS O 67 30.09 -28.59 12.83
N SER O 68 28.99 -28.26 12.15
CA SER O 68 28.99 -27.18 11.17
C SER O 68 28.18 -26.01 11.68
N LEU O 69 28.75 -24.80 11.59
CA LEU O 69 28.00 -23.58 11.85
C LEU O 69 27.55 -23.02 10.50
N ALA O 70 26.27 -23.20 10.18
CA ALA O 70 25.76 -22.76 8.89
C ALA O 70 25.63 -21.23 8.84
N ASP O 71 25.14 -20.61 9.90
CA ASP O 71 24.88 -19.18 9.86
C ASP O 71 24.78 -18.64 11.27
N LEU O 72 25.23 -17.41 11.45
CA LEU O 72 25.06 -16.67 12.69
C LEU O 72 24.63 -15.25 12.35
N THR O 73 23.51 -14.81 12.91
CA THR O 73 22.95 -13.50 12.56
C THR O 73 22.15 -12.95 13.74
N ALA O 74 21.63 -11.75 13.55
CA ALA O 74 20.86 -11.06 14.58
C ALA O 74 19.57 -10.50 13.98
N VAL O 75 18.58 -10.32 14.85
CA VAL O 75 17.30 -9.72 14.47
C VAL O 75 16.99 -8.60 15.45
N ASP O 76 16.56 -7.45 14.93
CA ASP O 76 16.25 -6.28 15.74
C ASP O 76 14.74 -6.16 15.93
N VAL O 77 14.30 -6.19 17.19
CA VAL O 77 12.91 -6.00 17.56
C VAL O 77 12.80 -4.86 18.56
N PRO O 78 12.51 -3.63 18.12
CA PRO O 78 12.58 -2.49 19.05
C PRO O 78 11.62 -2.55 20.23
N THR O 79 10.51 -3.30 20.12
CA THR O 79 9.51 -3.30 21.17
C THR O 79 9.91 -4.09 22.40
N ARG O 80 11.01 -4.85 22.34
CA ARG O 80 11.45 -5.65 23.48
C ARG O 80 12.48 -4.90 24.31
N GLN O 81 12.49 -5.20 25.61
CA GLN O 81 13.48 -4.61 26.51
C GLN O 81 14.89 -5.01 26.10
N ASN O 82 15.08 -6.28 25.75
CA ASN O 82 16.31 -6.74 25.10
C ASN O 82 16.09 -6.69 23.60
N ARG O 83 16.73 -5.72 22.95
CA ARG O 83 16.40 -5.35 21.58
C ARG O 83 16.72 -6.47 20.60
N PHE O 84 17.91 -7.06 20.71
CA PHE O 84 18.44 -7.91 19.68
C PHE O 84 18.36 -9.38 20.08
N GLU O 85 17.98 -10.22 19.12
CA GLU O 85 18.05 -11.66 19.30
C GLU O 85 19.10 -12.22 18.35
N ILE O 86 19.92 -13.13 18.89
CA ILE O 86 21.06 -13.72 18.20
C ILE O 86 20.70 -15.17 17.88
N VAL O 87 20.86 -15.53 16.60
CA VAL O 87 20.40 -16.80 16.06
C VAL O 87 21.59 -17.57 15.52
N TYR O 88 21.79 -18.79 16.03
CA TYR O 88 22.82 -19.70 15.56
C TYR O 88 22.16 -20.86 14.84
N ASN O 89 22.59 -21.13 13.61
CA ASN O 89 22.10 -22.27 12.85
C ASN O 89 23.23 -23.30 12.75
N LEU O 90 22.95 -24.52 13.21
CA LEU O 90 23.96 -25.57 13.26
C LEU O 90 23.52 -26.77 12.45
N LEU O 91 24.49 -27.37 11.76
CA LEU O 91 24.28 -28.56 10.94
C LEU O 91 25.13 -29.70 11.47
N SER O 92 24.48 -30.85 11.64
CA SER O 92 25.12 -32.10 12.04
C SER O 92 25.11 -33.03 10.84
N LEU O 93 26.31 -33.42 10.40
CA LEU O 93 26.46 -34.33 9.27
C LEU O 93 26.32 -35.79 9.69
N ARG O 94 26.73 -36.12 10.92
CA ARG O 94 26.63 -37.49 11.40
C ARG O 94 25.19 -37.95 11.46
N PHE O 95 24.29 -37.08 11.92
CA PHE O 95 22.87 -37.42 12.06
C PHE O 95 22.00 -36.71 11.05
N ASN O 96 22.59 -35.97 10.10
CA ASN O 96 21.87 -35.35 9.00
C ASN O 96 20.74 -34.47 9.51
N SER O 97 21.09 -33.56 10.41
CA SER O 97 20.07 -32.78 11.10
C SER O 97 20.50 -31.34 11.24
N ARG O 98 19.54 -30.48 11.56
CA ARG O 98 19.78 -29.06 11.75
C ARG O 98 19.14 -28.61 13.05
N ILE O 99 19.73 -27.60 13.67
CA ILE O 99 19.22 -27.06 14.92
C ILE O 99 19.45 -25.55 14.94
N ARG O 100 18.66 -24.87 15.76
CA ARG O 100 18.74 -23.42 15.90
C ARG O 100 18.76 -23.05 17.37
N VAL O 101 19.66 -22.16 17.74
CA VAL O 101 19.83 -21.70 19.11
C VAL O 101 19.64 -20.18 19.13
N LYS O 102 18.75 -19.70 19.99
CA LYS O 102 18.46 -18.28 20.09
C LYS O 102 18.83 -17.76 21.48
N THR O 103 19.36 -16.55 21.52
CA THR O 103 19.58 -15.82 22.76
C THR O 103 19.31 -14.34 22.52
N TYR O 104 19.46 -13.51 23.55
CA TYR O 104 19.09 -12.11 23.42
C TYR O 104 20.12 -11.21 24.10
N THR O 105 20.12 -9.95 23.71
CA THR O 105 20.94 -8.92 24.34
C THR O 105 20.38 -7.55 23.99
N ASP O 106 20.88 -6.52 24.66
CA ASP O 106 20.55 -5.14 24.35
C ASP O 106 21.77 -4.37 23.87
N GLU O 107 21.65 -3.04 23.76
CA GLU O 107 22.69 -2.24 23.14
C GLU O 107 23.95 -2.19 24.00
N LEU O 108 23.84 -2.51 25.29
CA LEU O 108 24.95 -2.32 26.22
C LEU O 108 25.44 -3.58 26.90
N THR O 109 24.86 -4.75 26.60
CA THR O 109 25.29 -5.99 27.25
C THR O 109 26.12 -6.82 26.30
N PRO O 110 27.39 -7.08 26.61
CA PRO O 110 28.22 -7.90 25.72
C PRO O 110 27.74 -9.34 25.64
N ILE O 111 28.02 -9.96 24.49
CA ILE O 111 27.78 -11.37 24.25
C ILE O 111 29.13 -12.05 24.09
N GLU O 112 29.27 -13.24 24.66
CA GLU O 112 30.51 -13.99 24.54
C GLU O 112 30.73 -14.40 23.08
N SER O 113 31.97 -14.26 22.63
CA SER O 113 32.35 -14.68 21.28
C SER O 113 32.50 -16.20 21.22
N SER O 114 32.00 -16.79 20.13
CA SER O 114 32.01 -18.23 19.96
C SER O 114 33.08 -18.70 18.97
N VAL O 115 34.09 -17.87 18.71
CA VAL O 115 35.14 -18.26 17.77
C VAL O 115 35.92 -19.45 18.30
N THR O 116 35.98 -19.64 19.62
CA THR O 116 36.68 -20.79 20.17
C THR O 116 35.92 -22.08 19.94
N VAL O 117 34.61 -22.00 19.72
CA VAL O 117 33.83 -23.20 19.39
C VAL O 117 33.80 -23.43 17.88
N TYR O 118 33.48 -22.38 17.12
CA TYR O 118 33.43 -22.44 15.66
C TYR O 118 34.30 -21.33 15.11
N LYS O 119 35.29 -21.69 14.29
CA LYS O 119 36.12 -20.68 13.65
C LYS O 119 35.31 -19.81 12.70
N ALA O 120 34.25 -20.36 12.12
CA ALA O 120 33.42 -19.62 11.17
C ALA O 120 32.75 -18.41 11.79
N ALA O 121 32.54 -18.40 13.10
CA ALA O 121 31.84 -17.31 13.77
C ALA O 121 32.53 -15.96 13.59
N ASN O 122 33.86 -15.94 13.45
CA ASN O 122 34.64 -14.72 13.46
C ASN O 122 34.00 -13.63 12.61
N TRP O 123 33.97 -13.83 11.29
CA TRP O 123 33.44 -12.81 10.40
C TRP O 123 31.98 -12.54 10.69
N TYR O 124 31.20 -13.59 10.97
CA TYR O 124 29.79 -13.40 11.28
C TYR O 124 29.63 -12.42 12.43
N GLU O 125 30.41 -12.60 13.50
CA GLU O 125 30.29 -11.69 14.63
C GLU O 125 30.65 -10.27 14.21
N ARG O 126 31.71 -10.12 13.41
CA ARG O 126 32.05 -8.81 12.86
C ARG O 126 30.84 -8.21 12.15
N GLU O 127 30.21 -9.01 11.29
CA GLU O 127 29.06 -8.51 10.56
C GLU O 127 27.96 -8.05 11.52
N ILE O 128 27.69 -8.85 12.56
CA ILE O 128 26.68 -8.44 13.52
C ILE O 128 27.06 -7.11 14.14
N TRP O 129 28.31 -6.99 14.59
CA TRP O 129 28.75 -5.74 15.20
C TRP O 129 28.64 -4.59 14.21
N ASP O 130 28.90 -4.87 12.93
CA ASP O 130 28.82 -3.81 11.94
C ASP O 130 27.38 -3.36 11.72
N MET O 131 26.43 -4.29 11.76
CA MET O 131 25.09 -3.96 11.30
C MET O 131 24.12 -3.68 12.44
N PHE O 132 24.39 -4.16 13.64
CA PHE O 132 23.48 -3.97 14.76
C PHE O 132 24.10 -3.31 15.98
N GLY O 133 25.43 -3.21 16.05
CA GLY O 133 26.05 -2.62 17.22
C GLY O 133 26.15 -3.52 18.42
N VAL O 134 26.09 -4.84 18.24
CA VAL O 134 26.24 -5.77 19.34
C VAL O 134 27.72 -6.08 19.53
N PHE O 135 28.22 -5.84 20.74
CA PHE O 135 29.61 -6.10 21.05
C PHE O 135 29.81 -7.55 21.49
N PHE O 136 30.88 -8.16 21.00
CA PHE O 136 31.23 -9.53 21.35
C PHE O 136 32.52 -9.50 22.16
N ALA O 137 32.48 -10.07 23.35
CA ALA O 137 33.63 -10.09 24.23
C ALA O 137 34.60 -11.18 23.83
N ASN O 138 35.90 -10.88 23.96
CA ASN O 138 36.98 -11.82 23.70
C ASN O 138 37.06 -12.21 22.22
N HIS O 139 36.60 -11.31 21.35
CA HIS O 139 36.76 -11.51 19.92
C HIS O 139 38.21 -11.20 19.51
N PRO O 140 38.81 -12.06 18.67
CA PRO O 140 40.23 -11.82 18.30
C PRO O 140 40.49 -10.47 17.65
N ASP O 141 39.61 -10.01 16.77
CA ASP O 141 39.72 -8.66 16.21
C ASP O 141 38.35 -8.23 15.73
N LEU O 142 37.67 -7.43 16.55
CA LEU O 142 36.33 -6.95 16.22
C LEU O 142 36.45 -5.56 15.61
N ARG O 143 35.90 -5.41 14.40
CA ARG O 143 35.91 -4.13 13.69
C ARG O 143 34.90 -4.23 12.55
N ARG O 144 34.69 -3.11 11.87
CA ARG O 144 33.73 -3.08 10.79
C ARG O 144 34.21 -3.94 9.62
N ILE O 145 33.23 -4.57 8.94
CA ILE O 145 33.55 -5.45 7.82
C ILE O 145 32.75 -5.12 6.57
N LEU O 146 31.60 -4.48 6.65
CA LEU O 146 30.77 -4.20 5.48
C LEU O 146 30.64 -2.72 5.18
N THR O 147 30.58 -1.87 6.19
CA THR O 147 30.34 -0.45 5.98
C THR O 147 31.64 0.26 5.56
N ASP O 148 31.47 1.49 5.11
CA ASP O 148 32.59 2.33 4.73
C ASP O 148 33.39 2.74 5.96
N TYR O 149 34.64 3.13 5.74
CA TYR O 149 35.52 3.53 6.83
C TYR O 149 34.99 4.82 7.46
N GLY O 150 34.89 4.82 8.79
CA GLY O 150 34.35 5.95 9.50
C GLY O 150 32.85 6.10 9.43
N PHE O 151 32.13 5.08 8.98
CA PHE O 151 30.68 5.16 8.89
C PHE O 151 30.07 5.16 10.28
N GLU O 152 29.11 6.06 10.50
CA GLU O 152 28.46 6.23 11.79
C GLU O 152 27.12 5.53 11.80
N GLY O 153 26.83 4.80 12.86
CA GLY O 153 25.56 4.12 13.02
C GLY O 153 25.64 2.66 12.63
N HIS O 154 24.52 1.99 12.81
CA HIS O 154 24.38 0.57 12.47
C HIS O 154 23.15 0.40 11.59
N PRO O 155 23.34 0.18 10.29
CA PRO O 155 22.22 0.36 9.34
C PRO O 155 21.13 -0.68 9.41
N PHE O 156 21.38 -1.86 9.99
CA PHE O 156 20.33 -2.88 10.03
C PHE O 156 19.40 -2.71 11.21
N ARG O 157 19.63 -1.72 12.06
CA ARG O 157 18.67 -1.37 13.10
C ARG O 157 17.41 -0.80 12.47
N LYS O 158 16.28 -1.06 13.12
CA LYS O 158 14.99 -0.64 12.57
C LYS O 158 14.85 0.88 12.50
N ASP O 159 15.37 1.60 13.49
CA ASP O 159 15.28 3.06 13.50
C ASP O 159 16.29 3.73 12.58
N PHE O 160 17.20 2.98 11.97
CA PHE O 160 18.08 3.57 10.97
C PHE O 160 17.32 3.79 9.67
N PRO O 161 17.37 4.98 9.10
CA PRO O 161 16.64 5.24 7.86
C PRO O 161 17.24 4.51 6.67
N LEU O 162 16.39 4.25 5.68
CA LEU O 162 16.78 3.42 4.54
C LEU O 162 17.92 4.05 3.74
N SER O 163 17.86 5.35 3.50
CA SER O 163 18.88 6.03 2.70
C SER O 163 20.00 6.62 3.56
N GLY O 164 19.99 6.40 4.86
CA GLY O 164 21.05 6.90 5.71
C GLY O 164 20.97 8.39 5.94
N TYR O 165 22.11 8.96 6.33
CA TYR O 165 22.19 10.37 6.66
C TYR O 165 23.11 11.17 5.76
N VAL O 166 24.07 10.52 5.08
CA VAL O 166 25.03 11.21 4.23
C VAL O 166 25.10 10.53 2.88
N GLU O 167 25.49 11.30 1.88
CA GLU O 167 25.75 10.83 0.53
C GLU O 167 27.08 11.39 0.06
N LEU O 168 27.63 10.78 -0.98
CA LEU O 168 28.98 11.07 -1.44
C LEU O 168 28.94 11.69 -2.83
N ARG O 169 29.87 12.61 -3.09
CA ARG O 169 30.05 13.15 -4.42
C ARG O 169 31.49 13.60 -4.57
N TYR O 170 31.86 13.99 -5.79
CA TYR O 170 33.19 14.52 -6.05
C TYR O 170 33.13 16.03 -6.09
N ASP O 171 34.03 16.68 -5.36
CA ASP O 171 34.13 18.13 -5.34
C ASP O 171 35.44 18.55 -6.01
N ASP O 172 35.34 19.50 -6.93
CA ASP O 172 36.48 19.96 -7.71
C ASP O 172 37.25 21.07 -7.00
N GLU O 173 36.59 21.80 -6.10
CA GLU O 173 37.30 22.81 -5.32
C GLU O 173 38.38 22.18 -4.43
N VAL O 174 37.99 21.16 -3.66
CA VAL O 174 38.94 20.45 -2.80
C VAL O 174 39.52 19.22 -3.49
N LYS O 175 39.07 18.91 -4.71
CA LYS O 175 39.64 17.85 -5.52
C LYS O 175 39.59 16.49 -4.83
N ARG O 176 38.42 16.15 -4.29
CA ARG O 176 38.29 14.85 -3.64
C ARG O 176 36.83 14.49 -3.46
N VAL O 177 36.60 13.27 -3.02
CA VAL O 177 35.25 12.81 -2.69
C VAL O 177 34.88 13.31 -1.30
N VAL O 178 33.70 13.90 -1.19
CA VAL O 178 33.21 14.48 0.07
C VAL O 178 31.84 13.90 0.38
N ALA O 179 31.51 13.94 1.67
CA ALA O 179 30.24 13.47 2.20
C ALA O 179 29.41 14.65 2.67
N GLU O 180 28.13 14.65 2.32
CA GLU O 180 27.21 15.74 2.61
C GLU O 180 25.90 15.15 3.10
N PRO O 181 25.08 15.94 3.80
CA PRO O 181 23.75 15.43 4.20
C PRO O 181 22.92 15.07 2.99
N VAL O 182 22.16 13.99 3.12
CA VAL O 182 21.49 13.37 1.98
C VAL O 182 20.32 14.24 1.52
N GLU O 183 20.22 14.43 0.21
CA GLU O 183 19.07 15.08 -0.41
C GLU O 183 18.68 14.26 -1.63
N LEU O 184 17.42 13.86 -1.70
CA LEU O 184 16.91 13.04 -2.79
C LEU O 184 16.04 13.86 -3.72
N ALA O 185 16.31 13.76 -5.02
CA ALA O 185 15.48 14.45 -6.01
C ALA O 185 14.08 13.85 -6.05
N GLN O 186 13.96 12.56 -5.79
CA GLN O 186 12.67 11.91 -5.60
C GLN O 186 12.71 11.13 -4.29
N GLU O 187 11.86 11.53 -3.35
CA GLU O 187 11.74 10.81 -2.08
C GLU O 187 11.18 9.41 -2.32
N PHE O 188 11.69 8.45 -1.56
CA PHE O 188 11.15 7.10 -1.60
C PHE O 188 9.68 7.13 -1.20
N ARG O 189 8.86 6.42 -1.98
CA ARG O 189 7.41 6.44 -1.80
C ARG O 189 7.00 5.37 -0.80
N LYS O 190 6.51 5.78 0.37
CA LYS O 190 6.07 4.84 1.40
C LYS O 190 4.66 4.36 1.09
N PHE O 191 4.48 3.04 1.07
CA PHE O 191 3.20 2.42 0.74
C PHE O 191 2.61 1.80 1.99
N ASP O 192 1.30 1.98 2.17
CA ASP O 192 0.54 1.34 3.24
C ASP O 192 -0.18 0.14 2.64
N LEU O 193 0.44 -1.03 2.75
CA LEU O 193 -0.07 -2.22 2.07
C LEU O 193 -0.92 -3.12 2.96
N ASN O 194 -0.68 -3.13 4.27
CA ASN O 194 -1.41 -4.04 5.14
C ASN O 194 -2.91 -3.76 5.11
N SER O 195 -3.68 -4.81 4.91
CA SER O 195 -5.13 -4.71 4.90
C SER O 195 -5.68 -4.94 6.29
N PRO O 196 -6.85 -4.38 6.59
CA PRO O 196 -7.63 -4.86 7.73
C PRO O 196 -8.16 -6.24 7.40
N TRP O 197 -9.04 -6.82 8.22
CA TRP O 197 -9.52 -8.18 7.97
C TRP O 197 -8.37 -9.19 8.02
N GLU O 198 -7.93 -9.46 9.25
CA GLU O 198 -6.85 -10.40 9.53
C GLU O 198 -6.92 -11.66 8.67
N ALA O 199 -5.76 -12.19 8.31
CA ALA O 199 -5.68 -13.32 7.38
C ALA O 199 -5.68 -14.67 8.06
N PHE O 200 -5.07 -14.78 9.24
CA PHE O 200 -4.81 -16.09 9.87
C PHE O 200 -5.40 -16.16 11.27
N PRO O 201 -6.57 -16.80 11.43
CA PRO O 201 -7.15 -16.93 12.78
C PRO O 201 -6.30 -17.71 13.76
N ALA O 202 -5.47 -18.64 13.28
CA ALA O 202 -4.68 -19.48 14.17
C ALA O 202 -3.63 -18.70 14.95
N TYR O 203 -3.29 -17.49 14.51
CA TYR O 203 -2.29 -16.67 15.17
C TYR O 203 -2.89 -15.47 15.89
N ARG O 204 -4.20 -15.47 16.10
CA ARG O 204 -4.85 -14.34 16.76
C ARG O 204 -4.36 -14.21 18.19
N GLN O 205 -4.10 -12.99 18.59
CA GLN O 205 -3.66 -12.71 19.95
C GLN O 205 -4.85 -12.38 20.84
N PRO O 206 -4.74 -12.70 22.14
CA PRO O 206 -5.80 -12.34 23.06
C PRO O 206 -6.04 -10.84 23.06
N PRO O 207 -7.29 -10.40 23.23
CA PRO O 207 -7.60 -8.97 23.10
C PRO O 207 -7.12 -8.12 24.27
N GLU O 208 -6.53 -8.74 25.30
CA GLU O 208 -5.99 -8.06 26.49
C GLU O 208 -6.81 -6.86 26.95
N ASN P 1 60.11 -8.10 6.52
CA ASN P 1 58.69 -8.40 6.56
C ASN P 1 57.87 -7.17 6.20
N LEU P 2 57.63 -6.98 4.90
CA LEU P 2 56.96 -5.80 4.40
C LEU P 2 55.46 -6.03 4.31
N THR P 3 54.73 -4.95 4.06
CA THR P 3 53.29 -4.97 3.89
C THR P 3 52.91 -4.50 2.50
N LEU P 4 51.94 -5.17 1.90
CA LEU P 4 51.45 -4.84 0.58
C LEU P 4 49.93 -4.68 0.64
N ASN P 5 49.43 -3.70 -0.10
CA ASN P 5 48.01 -3.38 -0.17
C ASN P 5 47.58 -3.56 -1.62
N PHE P 6 47.15 -4.76 -1.97
CA PHE P 6 46.66 -5.04 -3.32
C PHE P 6 45.16 -4.73 -3.35
N GLY P 7 44.85 -3.50 -3.74
CA GLY P 7 43.49 -3.04 -3.80
C GLY P 7 42.92 -3.13 -5.20
N PRO P 8 41.93 -2.28 -5.50
CA PRO P 8 41.31 -2.20 -6.82
C PRO P 8 42.24 -1.60 -7.87
N GLY P 15 35.37 -10.09 -8.32
CA GLY P 15 35.32 -8.80 -8.99
C GLY P 15 36.33 -7.80 -8.45
N VAL P 16 35.96 -7.12 -7.37
CA VAL P 16 36.80 -6.11 -6.74
C VAL P 16 37.08 -6.52 -5.30
N LEU P 17 38.37 -6.51 -4.93
CA LEU P 17 38.80 -6.97 -3.63
C LEU P 17 40.03 -6.20 -3.20
N ARG P 18 40.09 -5.86 -1.92
CA ARG P 18 41.28 -5.27 -1.30
C ARG P 18 41.91 -6.33 -0.41
N LEU P 19 43.23 -6.44 -0.47
CA LEU P 19 43.95 -7.49 0.23
C LEU P 19 45.16 -6.86 0.91
N VAL P 20 45.21 -6.93 2.24
CA VAL P 20 46.32 -6.37 3.00
C VAL P 20 47.14 -7.54 3.52
N MET P 21 48.39 -7.66 3.06
CA MET P 21 49.18 -8.82 3.45
C MET P 21 50.57 -8.41 3.92
N GLU P 22 51.08 -9.17 4.89
CA GLU P 22 52.46 -9.08 5.31
C GLU P 22 53.21 -10.27 4.76
N LEU P 23 54.32 -9.98 4.08
CA LEU P 23 55.19 -10.98 3.46
C LEU P 23 56.60 -10.85 4.00
N SER P 24 57.25 -11.97 4.24
CA SER P 24 58.67 -12.01 4.59
C SER P 24 59.40 -12.69 3.44
N GLY P 25 60.01 -11.90 2.57
CA GLY P 25 60.62 -12.46 1.38
C GLY P 25 59.57 -12.75 0.33
N GLU P 26 59.48 -14.01 -0.07
CA GLU P 26 58.45 -14.40 -1.03
C GLU P 26 57.24 -15.00 -0.33
N MET P 27 57.43 -15.51 0.88
CA MET P 27 56.35 -16.21 1.58
C MET P 27 55.30 -15.23 2.09
N VAL P 28 54.07 -15.70 2.18
CA VAL P 28 52.96 -14.92 2.73
C VAL P 28 52.86 -15.24 4.22
N ARG P 29 53.09 -14.23 5.05
CA ARG P 29 52.97 -14.43 6.50
C ARG P 29 51.54 -14.19 6.98
N LYS P 30 50.89 -13.16 6.45
CA LYS P 30 49.51 -12.88 6.84
C LYS P 30 48.78 -12.24 5.67
N CYS P 31 47.49 -12.56 5.54
CA CYS P 31 46.66 -12.08 4.43
C CYS P 31 45.26 -11.77 4.94
N ASP P 32 44.94 -10.49 5.10
CA ASP P 32 43.63 -10.06 5.57
C ASP P 32 42.84 -9.43 4.42
N PRO P 33 41.75 -10.07 3.99
CA PRO P 33 40.89 -9.44 2.98
C PRO P 33 40.02 -8.34 3.59
N HIS P 34 39.89 -7.25 2.85
CA HIS P 34 39.00 -6.15 3.21
C HIS P 34 37.85 -6.15 2.20
N ILE P 35 36.63 -6.28 2.69
CA ILE P 35 35.47 -6.39 1.82
C ILE P 35 34.54 -5.21 2.07
N GLY P 36 33.38 -5.22 1.42
CA GLY P 36 32.43 -4.13 1.52
C GLY P 36 32.41 -3.21 0.32
N LEU P 37 33.32 -3.39 -0.63
CA LEU P 37 33.32 -2.59 -1.85
C LEU P 37 32.11 -2.85 -2.74
N LEU P 38 31.35 -3.90 -2.46
CA LEU P 38 30.09 -4.16 -3.17
C LEU P 38 28.96 -4.39 -2.18
N HIS P 39 29.02 -3.77 -1.00
CA HIS P 39 27.91 -3.87 -0.05
C HIS P 39 26.81 -2.88 -0.45
N GLY P 41 23.49 -3.07 0.73
CA GLY P 41 22.41 -3.04 1.70
C GLY P 41 21.17 -3.78 1.24
N THR P 42 21.37 -4.96 0.65
CA THR P 42 20.26 -5.73 0.10
C THR P 42 19.27 -6.16 1.19
N GLU P 43 19.78 -6.60 2.34
CA GLU P 43 18.90 -7.14 3.38
C GLU P 43 18.01 -6.08 3.99
N LYS P 44 18.51 -4.84 4.13
CA LYS P 44 17.63 -3.77 4.58
C LYS P 44 16.64 -3.36 3.50
N LEU P 45 17.06 -3.37 2.23
CA LEU P 45 16.16 -3.02 1.14
C LEU P 45 15.01 -4.02 1.01
N ILE P 46 15.26 -5.29 1.34
CA ILE P 46 14.24 -6.32 1.16
C ILE P 46 13.07 -6.09 2.11
N GLU P 47 13.31 -5.51 3.29
CA GLU P 47 12.24 -5.29 4.25
C GLU P 47 11.22 -4.26 3.78
N TYR P 48 11.51 -3.52 2.72
CA TYR P 48 10.60 -2.52 2.19
C TYR P 48 9.86 -3.03 0.95
N LYS P 49 9.92 -4.32 0.67
CA LYS P 49 9.31 -4.92 -0.50
C LYS P 49 8.40 -6.07 -0.09
N THR P 50 7.42 -6.35 -0.96
CA THR P 50 6.68 -7.59 -0.87
C THR P 50 7.57 -8.76 -1.27
N TYR P 51 7.09 -9.98 -1.02
CA TYR P 51 7.90 -11.16 -1.30
C TYR P 51 8.21 -11.28 -2.79
N LEU P 52 7.22 -11.03 -3.63
CA LEU P 52 7.46 -11.00 -5.08
C LEU P 52 8.43 -9.88 -5.45
N GLN P 53 8.26 -8.70 -4.85
CA GLN P 53 9.17 -7.59 -5.13
C GLN P 53 10.58 -7.89 -4.65
N ALA P 54 10.73 -8.71 -3.61
CA ALA P 54 12.05 -9.05 -3.10
C ALA P 54 12.72 -10.16 -3.89
N LEU P 55 11.96 -10.96 -4.64
CA LEU P 55 12.55 -12.05 -5.41
C LEU P 55 13.70 -11.62 -6.33
N PRO P 56 13.61 -10.53 -7.11
CA PRO P 56 14.71 -10.22 -8.05
C PRO P 56 16.05 -9.84 -7.41
N TYR P 57 16.11 -9.55 -6.11
CA TYR P 57 17.41 -9.30 -5.47
C TYR P 57 18.26 -10.56 -5.44
N PHE P 58 17.63 -11.73 -5.35
CA PHE P 58 18.38 -12.98 -5.30
C PHE P 58 19.03 -13.29 -6.63
N ASP P 59 18.50 -12.74 -7.72
CA ASP P 59 19.20 -12.81 -9.00
C ASP P 59 20.57 -12.13 -8.90
N ARG P 60 20.62 -10.99 -8.22
CA ARG P 60 21.83 -10.19 -8.13
C ARG P 60 22.74 -10.60 -6.98
N LEU P 61 22.30 -11.47 -6.10
CA LEU P 61 23.19 -11.91 -5.02
C LEU P 61 24.43 -12.61 -5.58
N ASP P 62 24.26 -13.79 -6.14
CA ASP P 62 25.36 -14.53 -6.77
C ASP P 62 25.02 -14.57 -8.25
N TYR P 63 25.58 -13.61 -9.00
CA TYR P 63 25.14 -13.34 -10.35
C TYR P 63 25.81 -14.22 -11.40
N VAL P 64 26.31 -15.38 -10.99
CA VAL P 64 26.77 -16.39 -11.93
C VAL P 64 25.79 -17.55 -11.88
N SER P 65 25.06 -17.66 -10.78
CA SER P 65 24.04 -18.70 -10.61
C SER P 65 22.74 -18.05 -10.13
N MET P 66 21.95 -17.56 -11.08
CA MET P 66 20.77 -16.76 -10.76
C MET P 66 19.59 -17.64 -10.32
N MET P 67 19.22 -18.61 -11.16
CA MET P 67 18.04 -19.40 -10.88
C MET P 67 18.21 -20.28 -9.65
N CYS P 68 19.44 -20.59 -9.25
CA CYS P 68 19.64 -21.34 -8.01
C CYS P 68 19.28 -20.50 -6.78
N ASN P 69 19.71 -19.23 -6.75
CA ASN P 69 19.30 -18.35 -5.66
C ASN P 69 17.79 -18.13 -5.69
N GLU P 70 17.23 -17.96 -6.90
CA GLU P 70 15.79 -17.87 -7.05
C GLU P 70 15.11 -19.07 -6.41
N GLN P 71 15.62 -20.27 -6.68
CA GLN P 71 15.05 -21.50 -6.18
C GLN P 71 15.13 -21.57 -4.65
N ALA P 72 16.25 -21.16 -4.09
CA ALA P 72 16.40 -21.19 -2.63
C ALA P 72 15.40 -20.27 -1.96
N TYR P 73 15.26 -19.03 -2.47
CA TYR P 73 14.30 -18.10 -1.91
C TYR P 73 12.87 -18.62 -2.07
N SER P 74 12.55 -19.17 -3.23
CA SER P 74 11.22 -19.70 -3.49
C SER P 74 10.91 -20.85 -2.55
N LEU P 75 11.88 -21.73 -2.30
CA LEU P 75 11.68 -22.85 -1.37
C LEU P 75 11.41 -22.34 0.03
N ALA P 76 12.16 -21.32 0.48
CA ALA P 76 11.90 -20.76 1.81
C ALA P 76 10.48 -20.20 1.92
N VAL P 77 10.07 -19.42 0.91
CA VAL P 77 8.74 -18.83 0.97
C VAL P 77 7.67 -19.90 0.88
N GLU P 78 7.89 -20.94 0.06
CA GLU P 78 6.95 -22.04 -0.04
C GLU P 78 6.79 -22.76 1.29
N LYS P 79 7.90 -23.00 1.98
CA LYS P 79 7.84 -23.64 3.29
C LYS P 79 7.05 -22.77 4.28
N LEU P 80 7.27 -21.46 4.25
CA LEU P 80 6.53 -20.59 5.14
C LEU P 80 5.04 -20.52 4.77
N LEU P 81 4.71 -20.70 3.49
CA LEU P 81 3.34 -20.62 3.02
C LEU P 81 2.58 -21.93 3.15
N ASN P 82 3.28 -23.04 3.43
CA ASN P 82 2.66 -24.35 3.59
C ASN P 82 1.96 -24.82 2.31
N ILE P 83 2.58 -24.52 1.17
CA ILE P 83 2.08 -24.96 -0.14
C ILE P 83 3.20 -25.73 -0.82
N GLN P 84 2.89 -26.28 -1.99
CA GLN P 84 3.88 -27.01 -2.76
C GLN P 84 3.70 -26.74 -4.26
N PRO P 85 4.80 -26.62 -5.00
CA PRO P 85 4.71 -26.40 -6.44
C PRO P 85 4.22 -27.65 -7.15
N PRO P 86 3.65 -27.51 -8.34
CA PRO P 86 3.24 -28.68 -9.13
C PRO P 86 4.44 -29.44 -9.64
N PRO P 87 4.26 -30.72 -9.99
CA PRO P 87 5.41 -31.55 -10.40
C PRO P 87 6.18 -31.01 -11.60
N ARG P 88 5.50 -30.50 -12.62
CA ARG P 88 6.19 -30.01 -13.80
C ARG P 88 7.07 -28.80 -13.46
N ALA P 89 6.58 -27.94 -12.58
CA ALA P 89 7.39 -26.81 -12.11
C ALA P 89 8.65 -27.31 -11.42
N GLN P 90 8.54 -28.36 -10.61
CA GLN P 90 9.70 -28.90 -9.91
C GLN P 90 10.73 -29.46 -10.89
N TRP P 91 10.25 -30.19 -11.92
CA TRP P 91 11.17 -30.73 -12.92
C TRP P 91 11.85 -29.61 -13.71
N ILE P 92 11.10 -28.57 -14.07
CA ILE P 92 11.68 -27.42 -14.76
C ILE P 92 12.72 -26.75 -13.88
N ARG P 93 12.43 -26.62 -12.58
CA ARG P 93 13.35 -26.01 -11.64
C ARG P 93 14.65 -26.78 -11.57
N VAL P 94 14.58 -28.11 -11.49
CA VAL P 94 15.80 -28.90 -11.37
C VAL P 94 16.59 -28.87 -12.67
N LEU P 95 15.90 -28.91 -13.81
CA LEU P 95 16.59 -28.82 -15.11
C LEU P 95 17.36 -27.51 -15.23
N PHE P 96 16.71 -26.39 -14.91
CA PHE P 96 17.40 -25.12 -15.04
C PHE P 96 18.43 -24.91 -13.93
N GLY P 97 18.25 -25.56 -12.79
CA GLY P 97 19.29 -25.54 -11.77
C GLY P 97 20.56 -26.24 -12.22
N GLU P 98 20.41 -27.36 -12.94
CA GLU P 98 21.59 -28.04 -13.46
C GLU P 98 22.24 -27.26 -14.60
N ILE P 99 21.41 -26.62 -15.45
CA ILE P 99 21.97 -25.74 -16.48
C ILE P 99 22.76 -24.59 -15.83
N THR P 100 22.22 -24.03 -14.75
CA THR P 100 22.90 -22.97 -14.02
C THR P 100 24.18 -23.47 -13.37
N ARG P 101 24.18 -24.70 -12.86
CA ARG P 101 25.42 -25.28 -12.34
C ARG P 101 26.48 -25.38 -13.43
N LEU P 102 26.06 -25.78 -14.63
CA LEU P 102 27.00 -25.82 -15.76
C LEU P 102 27.59 -24.44 -16.04
N LEU P 103 26.72 -23.41 -16.07
CA LEU P 103 27.18 -22.04 -16.30
C LEU P 103 28.19 -21.62 -15.25
N ASN P 104 27.87 -21.85 -13.97
CA ASN P 104 28.74 -21.43 -12.89
C ASN P 104 30.07 -22.15 -12.93
N HIS P 105 30.06 -23.46 -13.21
CA HIS P 105 31.30 -24.22 -13.20
C HIS P 105 32.19 -23.82 -14.38
N ILE P 106 31.59 -23.55 -15.54
CA ILE P 106 32.36 -23.02 -16.66
C ILE P 106 33.04 -21.72 -16.25
N MET P 107 32.27 -20.80 -15.67
CA MET P 107 32.84 -19.52 -15.28
C MET P 107 33.98 -19.69 -14.27
N ALA P 108 33.75 -20.52 -13.26
CA ALA P 108 34.76 -20.69 -12.21
C ALA P 108 36.04 -21.29 -12.76
N VAL P 109 35.94 -22.38 -13.52
CA VAL P 109 37.14 -23.05 -14.01
C VAL P 109 37.89 -22.16 -15.01
N THR P 110 37.16 -21.54 -15.94
CA THR P 110 37.85 -20.76 -16.97
C THR P 110 38.44 -19.47 -16.40
N THR P 111 37.78 -18.87 -15.41
CA THR P 111 38.36 -17.70 -14.76
C THR P 111 39.59 -18.08 -13.94
N HIS P 112 39.55 -19.23 -13.25
CA HIS P 112 40.73 -19.74 -12.58
C HIS P 112 41.90 -19.89 -13.56
N ALA P 113 41.65 -20.54 -14.70
CA ALA P 113 42.71 -20.75 -15.68
C ALA P 113 43.22 -19.44 -16.25
N LEU P 114 42.32 -18.49 -16.53
CA LEU P 114 42.73 -17.20 -17.06
C LEU P 114 43.61 -16.44 -16.08
N ASP P 115 43.25 -16.48 -14.79
CA ASP P 115 44.08 -15.82 -13.79
C ASP P 115 45.43 -16.51 -13.67
N ILE P 116 45.47 -17.83 -13.83
CA ILE P 116 46.75 -18.53 -13.86
C ILE P 116 47.52 -18.16 -15.13
N GLY P 117 46.82 -18.01 -16.26
CA GLY P 117 47.48 -17.57 -17.47
C GLY P 117 47.11 -18.30 -18.75
N ALA P 118 46.09 -19.16 -18.71
CA ALA P 118 45.78 -20.02 -19.86
C ALA P 118 44.98 -19.28 -20.93
N MET P 119 43.84 -18.71 -20.55
CA MET P 119 42.99 -17.75 -21.28
C MET P 119 42.41 -18.20 -22.62
N THR P 120 42.73 -19.39 -23.11
CA THR P 120 42.04 -19.90 -24.31
C THR P 120 40.72 -20.62 -24.00
N PRO P 121 40.69 -21.52 -23.00
CA PRO P 121 39.42 -22.17 -22.66
C PRO P 121 38.35 -21.20 -22.24
N PHE P 122 38.72 -20.01 -21.77
CA PHE P 122 37.73 -18.99 -21.45
C PHE P 122 36.85 -18.71 -22.65
N PHE P 123 37.44 -18.41 -23.81
CA PHE P 123 36.67 -18.20 -25.03
C PHE P 123 35.95 -19.47 -25.45
N TRP P 124 36.68 -20.61 -25.44
CA TRP P 124 36.09 -21.86 -25.91
C TRP P 124 34.78 -22.18 -25.19
N MET P 125 34.74 -21.95 -23.88
CA MET P 125 33.56 -22.30 -23.09
C MET P 125 32.59 -21.14 -22.93
N PHE P 126 33.02 -19.89 -23.15
CA PHE P 126 32.06 -18.81 -23.11
C PHE P 126 31.16 -18.81 -24.34
N GLU P 127 31.58 -19.46 -25.43
CA GLU P 127 30.61 -19.71 -26.50
C GLU P 127 29.43 -20.56 -25.99
N GLU P 128 29.73 -21.65 -25.26
CA GLU P 128 28.68 -22.47 -24.67
C GLU P 128 27.86 -21.67 -23.66
N ARG P 129 28.53 -20.83 -22.88
CA ARG P 129 27.81 -19.97 -21.94
C ARG P 129 26.82 -19.08 -22.67
N GLU P 130 27.19 -18.57 -23.84
CA GLU P 130 26.27 -17.76 -24.63
C GLU P 130 25.07 -18.58 -25.08
N LYS P 131 25.28 -19.83 -25.46
CA LYS P 131 24.15 -20.68 -25.82
C LYS P 131 23.19 -20.90 -24.64
N MET P 132 23.73 -21.12 -23.44
CA MET P 132 22.84 -21.28 -22.29
C MET P 132 22.16 -19.97 -21.90
N PHE P 133 22.82 -18.83 -22.15
CA PHE P 133 22.14 -17.54 -22.01
C PHE P 133 20.96 -17.45 -22.96
N GLU P 134 21.11 -17.99 -24.17
CA GLU P 134 19.98 -18.07 -25.09
C GLU P 134 18.84 -18.89 -24.51
N PHE P 135 19.16 -20.01 -23.85
CA PHE P 135 18.11 -20.79 -23.19
C PHE P 135 17.38 -19.95 -22.13
N TYR P 136 18.15 -19.25 -21.30
CA TYR P 136 17.56 -18.36 -20.30
C TYR P 136 16.61 -17.35 -20.94
N GLU P 137 17.06 -16.71 -22.01
CA GLU P 137 16.27 -15.66 -22.64
C GLU P 137 15.01 -16.23 -23.27
N ARG P 138 15.11 -17.41 -23.89
CA ARG P 138 13.92 -18.00 -24.50
C ARG P 138 12.89 -18.40 -23.45
N VAL P 139 13.34 -18.76 -22.25
CA VAL P 139 12.34 -19.15 -21.25
C VAL P 139 11.80 -17.94 -20.48
N SER P 140 12.59 -16.87 -20.32
CA SER P 140 12.17 -15.78 -19.46
C SER P 140 12.22 -14.40 -20.10
N GLY P 141 12.88 -14.23 -21.24
CA GLY P 141 13.04 -12.94 -21.85
C GLY P 141 14.28 -12.17 -21.43
N ALA P 142 15.04 -12.67 -20.47
CA ALA P 142 16.27 -12.03 -20.01
C ALA P 142 17.40 -13.03 -20.06
N ARG P 143 18.62 -12.54 -20.26
CA ARG P 143 19.75 -13.44 -20.45
C ARG P 143 20.33 -13.91 -19.11
N MET P 144 20.45 -13.02 -18.13
CA MET P 144 20.94 -13.47 -16.82
C MET P 144 20.00 -13.16 -15.67
N HIS P 145 19.55 -11.91 -15.48
CA HIS P 145 18.70 -11.58 -14.33
C HIS P 145 17.25 -11.99 -14.67
N ALA P 146 16.97 -13.29 -14.49
CA ALA P 146 15.81 -13.90 -15.15
C ALA P 146 14.51 -13.68 -14.37
N ALA P 147 14.56 -13.83 -13.04
CA ALA P 147 13.37 -13.77 -12.19
C ALA P 147 12.31 -14.78 -12.60
N TYR P 148 12.75 -16.00 -12.93
CA TYR P 148 11.85 -16.99 -13.53
C TYR P 148 11.22 -17.90 -12.48
N ILE P 149 11.99 -18.31 -11.49
CA ILE P 149 11.52 -19.24 -10.46
C ILE P 149 10.87 -18.44 -9.34
N ARG P 150 9.58 -18.65 -9.15
CA ARG P 150 8.76 -17.91 -8.19
C ARG P 150 8.36 -18.81 -7.02
N PRO P 151 8.00 -18.22 -5.88
CA PRO P 151 7.54 -19.03 -4.74
C PRO P 151 6.24 -19.80 -4.96
N GLY P 152 5.71 -19.83 -6.17
CA GLY P 152 4.61 -20.73 -6.45
C GLY P 152 4.89 -21.74 -7.55
N GLY P 153 6.11 -21.72 -8.08
CA GLY P 153 6.46 -22.54 -9.22
C GLY P 153 7.37 -21.81 -10.17
N VAL P 154 6.96 -21.66 -11.42
CA VAL P 154 7.68 -20.84 -12.39
C VAL P 154 6.70 -19.87 -13.03
N HIS P 155 7.25 -18.80 -13.61
CA HIS P 155 6.42 -17.75 -14.17
C HIS P 155 5.62 -18.23 -15.37
N GLN P 156 6.29 -18.92 -16.31
CA GLN P 156 5.67 -19.29 -17.57
C GLN P 156 6.11 -20.69 -17.96
N ASP P 157 5.30 -21.34 -18.78
CA ASP P 157 5.66 -22.63 -19.34
C ASP P 157 6.73 -22.46 -20.41
N LEU P 158 7.38 -23.57 -20.75
CA LEU P 158 8.42 -23.53 -21.76
C LEU P 158 7.83 -23.33 -23.15
N PRO P 159 8.53 -22.62 -24.03
CA PRO P 159 8.10 -22.52 -25.43
C PRO P 159 8.20 -23.87 -26.13
N LEU P 160 7.50 -23.97 -27.26
CA LEU P 160 7.20 -25.28 -27.83
C LEU P 160 8.44 -26.02 -28.34
N GLY P 161 9.52 -25.31 -28.63
CA GLY P 161 10.68 -26.00 -29.15
C GLY P 161 11.92 -25.96 -28.27
N LEU P 162 11.75 -25.64 -26.99
CA LEU P 162 12.91 -25.42 -26.12
C LEU P 162 13.59 -26.73 -25.73
N LEU P 163 12.81 -27.77 -25.44
CA LEU P 163 13.39 -29.04 -25.01
C LEU P 163 14.28 -29.63 -26.09
N ASP P 164 13.86 -29.53 -27.34
CA ASP P 164 14.66 -30.04 -28.45
C ASP P 164 16.01 -29.36 -28.54
N ASP P 165 16.04 -28.04 -28.36
CA ASP P 165 17.30 -27.31 -28.47
C ASP P 165 18.18 -27.56 -27.26
N ILE P 166 17.59 -27.73 -26.07
CA ILE P 166 18.38 -28.11 -24.90
C ILE P 166 19.01 -29.47 -25.11
N TYR P 167 18.25 -30.42 -25.67
CA TYR P 167 18.81 -31.72 -26.00
C TYR P 167 19.94 -31.60 -27.02
N GLU P 168 19.76 -30.80 -28.06
CA GLU P 168 20.80 -30.66 -29.08
C GLU P 168 22.07 -30.07 -28.49
N PHE P 169 21.94 -29.07 -27.61
CA PHE P 169 23.11 -28.49 -26.98
C PHE P 169 23.81 -29.50 -26.07
N SER P 170 23.05 -30.19 -25.22
CA SER P 170 23.65 -31.01 -24.18
C SER P 170 24.36 -32.25 -24.73
N LYS P 171 24.06 -32.66 -25.95
CA LYS P 171 24.67 -33.85 -26.52
C LYS P 171 26.03 -33.59 -27.15
N ASN P 172 26.47 -32.33 -27.22
CA ASN P 172 27.81 -32.00 -27.71
C ASN P 172 28.69 -31.38 -26.64
N PHE P 173 28.19 -31.19 -25.42
CA PHE P 173 28.93 -30.45 -24.40
C PHE P 173 30.08 -31.29 -23.81
N SER P 174 29.93 -32.62 -23.81
CA SER P 174 30.96 -33.48 -23.24
C SER P 174 32.28 -33.34 -24.00
N PHE P 175 32.21 -33.16 -25.31
CA PHE P 175 33.42 -32.94 -26.10
C PHE P 175 34.09 -31.62 -25.75
N ARG P 176 33.31 -30.58 -25.46
CA ARG P 176 33.91 -29.32 -25.01
C ARG P 176 34.61 -29.49 -23.66
N ILE P 177 33.98 -30.23 -22.74
CA ILE P 177 34.64 -30.55 -21.47
C ILE P 177 35.94 -31.32 -21.73
N ASP P 178 35.90 -32.23 -22.70
CA ASP P 178 37.08 -33.04 -23.02
C ASP P 178 38.21 -32.15 -23.54
N GLU P 179 37.89 -31.17 -24.37
CA GLU P 179 38.91 -30.23 -24.84
C GLU P 179 39.49 -29.41 -23.68
N LEU P 180 38.62 -28.97 -22.76
CA LEU P 180 39.09 -28.32 -21.54
C LEU P 180 40.10 -29.19 -20.81
N GLU P 181 39.75 -30.46 -20.58
CA GLU P 181 40.64 -31.35 -19.84
C GLU P 181 41.94 -31.59 -20.60
N GLU P 182 41.87 -31.72 -21.93
CA GLU P 182 43.07 -31.87 -22.73
C GLU P 182 43.99 -30.66 -22.58
N MET P 183 43.41 -29.48 -22.42
CA MET P 183 44.24 -28.30 -22.23
C MET P 183 44.79 -28.20 -20.81
N LEU P 184 44.09 -28.69 -19.80
CA LEU P 184 44.46 -28.39 -18.42
C LEU P 184 44.85 -29.61 -17.58
N THR P 185 44.11 -30.72 -17.68
CA THR P 185 44.16 -31.75 -16.63
C THR P 185 45.56 -32.33 -16.45
N ASN P 186 46.21 -32.72 -17.54
CA ASN P 186 47.51 -33.38 -17.44
C ASN P 186 48.68 -32.46 -17.72
N ASN P 187 48.45 -31.16 -17.83
CA ASN P 187 49.52 -30.21 -18.10
C ASN P 187 50.40 -30.05 -16.88
N ARG P 188 51.71 -30.18 -17.08
CA ARG P 188 52.64 -30.10 -15.95
C ARG P 188 52.70 -28.71 -15.33
N ILE P 189 52.50 -27.65 -16.14
CA ILE P 189 52.51 -26.31 -15.59
C ILE P 189 51.26 -26.07 -14.75
N TRP P 190 50.11 -26.52 -15.23
CA TRP P 190 48.87 -26.41 -14.45
C TRP P 190 48.96 -27.21 -13.15
N ARG P 191 49.50 -28.43 -13.22
CA ARG P 191 49.66 -29.25 -12.03
C ARG P 191 50.61 -28.59 -11.03
N ASN P 192 51.73 -28.05 -11.52
CA ASN P 192 52.65 -27.36 -10.63
C ASN P 192 52.03 -26.10 -10.03
N ARG P 193 51.08 -25.47 -10.72
CA ARG P 193 50.40 -24.32 -10.16
C ARG P 193 49.29 -24.71 -9.18
N THR P 194 48.80 -25.95 -9.24
CA THR P 194 47.61 -26.32 -8.48
C THR P 194 47.82 -27.42 -7.45
N VAL P 195 48.78 -28.32 -7.64
CA VAL P 195 48.92 -29.48 -6.76
C VAL P 195 49.55 -29.05 -5.44
N ASP P 196 48.95 -29.52 -4.33
CA ASP P 196 49.43 -29.26 -2.97
C ASP P 196 49.38 -27.78 -2.61
N ILE P 197 48.48 -27.04 -3.25
CA ILE P 197 48.29 -25.62 -3.00
C ILE P 197 46.97 -25.44 -2.30
N GLY P 198 46.98 -24.72 -1.18
CA GLY P 198 45.77 -24.51 -0.41
C GLY P 198 45.18 -25.77 0.17
N VAL P 199 46.01 -26.61 0.78
CA VAL P 199 45.53 -27.85 1.37
C VAL P 199 44.82 -27.55 2.68
N VAL P 200 43.59 -28.04 2.81
CA VAL P 200 42.79 -27.88 4.03
C VAL P 200 42.32 -29.26 4.47
N THR P 201 42.40 -29.50 5.78
CA THR P 201 41.97 -30.77 6.35
C THR P 201 40.45 -30.79 6.50
N ALA P 202 39.91 -32.01 6.68
CA ALA P 202 38.47 -32.17 6.80
C ALA P 202 37.92 -31.50 8.06
N GLU P 203 38.60 -31.69 9.20
CA GLU P 203 38.10 -31.11 10.44
C GLU P 203 38.16 -29.59 10.43
N ASP P 204 39.25 -29.03 9.88
CA ASP P 204 39.34 -27.57 9.75
C ASP P 204 38.26 -27.04 8.82
N ALA P 205 38.02 -27.75 7.71
CA ALA P 205 36.99 -27.32 6.77
C ALA P 205 35.62 -27.34 7.43
N LEU P 206 35.34 -28.35 8.25
CA LEU P 206 34.07 -28.40 8.96
C LEU P 206 33.95 -27.28 9.97
N ASN P 207 35.03 -27.01 10.72
CA ASN P 207 34.95 -26.00 11.78
C ASN P 207 34.94 -24.58 11.22
N TYR P 208 35.52 -24.39 10.04
CA TYR P 208 35.58 -23.07 9.43
C TYR P 208 34.32 -22.73 8.64
N GLY P 209 33.33 -23.61 8.60
CA GLY P 209 32.09 -23.33 7.91
C GLY P 209 32.12 -23.52 6.42
N PHE P 210 33.08 -24.28 5.89
CA PHE P 210 33.14 -24.51 4.46
C PHE P 210 31.98 -25.42 4.03
N SER P 211 31.70 -25.42 2.72
CA SER P 211 30.64 -26.25 2.18
C SER P 211 30.91 -26.50 0.71
N GLY P 212 30.20 -27.47 0.16
CA GLY P 212 30.33 -27.78 -1.26
C GLY P 212 31.65 -28.45 -1.57
N VAL P 213 32.27 -28.01 -2.67
CA VAL P 213 33.54 -28.57 -3.11
C VAL P 213 34.61 -28.40 -2.04
N MET P 214 34.59 -27.27 -1.33
CA MET P 214 35.58 -27.04 -0.28
C MET P 214 35.52 -28.11 0.80
N LEU P 215 34.39 -28.80 0.92
CA LEU P 215 34.32 -29.98 1.77
C LEU P 215 34.75 -31.23 1.00
N ARG P 216 34.18 -31.44 -0.18
CA ARG P 216 34.35 -32.70 -0.91
C ARG P 216 35.78 -32.89 -1.40
N GLY P 217 36.52 -31.81 -1.61
CA GLY P 217 37.93 -31.94 -1.94
C GLY P 217 38.76 -32.58 -0.84
N SER P 218 38.35 -32.43 0.42
CA SER P 218 39.05 -33.03 1.53
C SER P 218 38.55 -34.43 1.87
N GLY P 219 37.62 -34.97 1.09
CA GLY P 219 37.14 -36.31 1.30
C GLY P 219 35.84 -36.42 2.07
N ILE P 220 35.19 -35.31 2.39
CA ILE P 220 33.93 -35.35 3.13
C ILE P 220 32.80 -35.70 2.17
N GLN P 221 32.06 -36.75 2.50
CA GLN P 221 30.97 -37.26 1.66
C GLN P 221 29.69 -36.54 2.06
N TRP P 222 29.47 -35.36 1.47
CA TRP P 222 28.33 -34.53 1.80
C TRP P 222 27.89 -33.78 0.56
N ASP P 223 26.58 -33.81 0.29
CA ASP P 223 25.99 -33.06 -0.81
C ASP P 223 24.51 -32.89 -0.49
N LEU P 224 24.03 -31.64 -0.51
CA LEU P 224 22.68 -31.37 -0.05
C LEU P 224 21.62 -31.97 -0.97
N ARG P 225 21.93 -32.18 -2.25
CA ARG P 225 20.97 -32.81 -3.14
C ARG P 225 20.84 -34.30 -2.90
N LYS P 226 21.71 -34.89 -2.08
CA LYS P 226 21.68 -36.31 -1.76
C LYS P 226 21.23 -36.55 -0.32
N THR P 227 21.60 -35.66 0.61
CA THR P 227 21.28 -35.89 2.01
C THR P 227 19.96 -35.22 2.39
N GLN P 228 19.70 -34.03 1.83
CA GLN P 228 18.46 -33.30 2.09
C GLN P 228 17.88 -32.81 0.77
N PRO P 229 17.37 -33.75 -0.03
CA PRO P 229 16.83 -33.44 -1.36
C PRO P 229 15.61 -32.53 -1.33
N TYR P 230 15.55 -31.66 -2.33
CA TYR P 230 14.45 -30.72 -2.52
C TYR P 230 13.92 -30.93 -3.92
N ASP P 231 12.64 -30.61 -4.14
CA ASP P 231 11.97 -30.79 -5.42
C ASP P 231 11.99 -32.26 -5.85
N VAL P 232 12.43 -32.52 -7.07
CA VAL P 232 12.47 -33.89 -7.60
C VAL P 232 13.85 -34.57 -7.61
N TYR P 233 14.83 -33.97 -6.94
CA TYR P 233 16.19 -34.51 -6.93
C TYR P 233 16.25 -35.97 -6.53
N ASP P 234 15.46 -36.38 -5.55
CA ASP P 234 15.47 -37.79 -5.16
C ASP P 234 14.98 -38.72 -6.25
N GLN P 235 14.52 -38.19 -7.38
CA GLN P 235 14.07 -38.99 -8.51
C GLN P 235 15.10 -39.08 -9.62
N VAL P 236 16.27 -38.49 -9.46
CA VAL P 236 17.34 -38.56 -10.44
C VAL P 236 18.55 -39.20 -9.79
N GLU P 237 19.35 -39.89 -10.59
CA GLU P 237 20.55 -40.54 -10.11
C GLU P 237 21.79 -39.86 -10.68
N PHE P 238 22.81 -39.72 -9.84
CA PHE P 238 24.09 -39.13 -10.23
C PHE P 238 25.10 -39.45 -9.15
N ASP P 239 26.37 -39.24 -9.47
CA ASP P 239 27.46 -39.48 -8.54
C ASP P 239 28.04 -38.17 -8.03
N VAL P 240 28.58 -38.24 -6.82
CA VAL P 240 29.19 -37.09 -6.16
C VAL P 240 30.71 -37.27 -6.25
N PRO P 241 31.43 -36.42 -6.98
CA PRO P 241 32.89 -36.52 -6.99
C PRO P 241 33.50 -36.15 -5.65
N ILE P 242 34.49 -36.91 -5.23
CA ILE P 242 35.11 -36.77 -3.92
C ILE P 242 36.62 -36.67 -4.11
N GLY P 243 37.24 -35.70 -3.45
CA GLY P 243 38.68 -35.53 -3.52
C GLY P 243 39.42 -36.36 -2.49
N SER P 244 40.75 -36.33 -2.60
CA SER P 244 41.61 -37.11 -1.72
C SER P 244 42.71 -36.30 -1.03
N ARG P 245 43.21 -35.23 -1.63
CA ARG P 245 44.29 -34.46 -1.04
C ARG P 245 43.87 -33.08 -0.56
N GLY P 246 42.64 -32.65 -0.84
CA GLY P 246 42.16 -31.36 -0.35
C GLY P 246 42.92 -30.16 -0.84
N ASP P 247 43.41 -30.17 -2.06
CA ASP P 247 44.13 -29.05 -2.65
C ASP P 247 43.36 -28.50 -3.85
N CYS P 248 43.97 -27.52 -4.53
CA CYS P 248 43.30 -26.88 -5.65
C CYS P 248 43.09 -27.83 -6.82
N TYR P 249 44.06 -28.71 -7.07
CA TYR P 249 43.95 -29.64 -8.19
C TYR P 249 42.77 -30.58 -8.02
N ASP P 250 42.58 -31.13 -6.83
CA ASP P 250 41.45 -32.02 -6.58
C ASP P 250 40.12 -31.28 -6.69
N ARG P 251 40.08 -30.02 -6.28
CA ARG P 251 38.85 -29.24 -6.40
C ARG P 251 38.53 -28.95 -7.87
N TYR P 252 39.56 -28.69 -8.67
CA TYR P 252 39.36 -28.52 -10.12
C TYR P 252 38.81 -29.80 -10.75
N LEU P 253 39.38 -30.94 -10.38
CA LEU P 253 38.87 -32.21 -10.89
C LEU P 253 37.44 -32.44 -10.47
N CYS P 254 37.12 -32.11 -9.22
CA CYS P 254 35.76 -32.26 -8.73
C CYS P 254 34.78 -31.39 -9.52
N ARG P 255 35.17 -30.15 -9.81
CA ARG P 255 34.27 -29.27 -10.57
C ARG P 255 34.03 -29.78 -11.98
N VAL P 256 35.07 -30.29 -12.65
CA VAL P 256 34.87 -30.89 -13.97
C VAL P 256 33.93 -32.09 -13.90
N GLU P 257 34.13 -32.95 -12.91
CA GLU P 257 33.25 -34.10 -12.75
C GLU P 257 31.81 -33.69 -12.45
N GLU P 258 31.61 -32.63 -11.67
CA GLU P 258 30.24 -32.15 -11.45
C GLU P 258 29.62 -31.60 -12.72
N MET P 259 30.41 -31.00 -13.60
CA MET P 259 29.87 -30.63 -14.91
C MET P 259 29.35 -31.86 -15.65
N ARG P 260 30.13 -32.94 -15.64
CA ARG P 260 29.68 -34.17 -16.31
C ARG P 260 28.41 -34.72 -15.66
N GLN P 261 28.36 -34.74 -14.32
CA GLN P 261 27.18 -35.24 -13.62
C GLN P 261 25.97 -34.35 -13.86
N SER P 262 26.17 -33.05 -14.04
CA SER P 262 25.08 -32.16 -14.42
C SER P 262 24.55 -32.51 -15.79
N LEU P 263 25.43 -32.85 -16.72
CA LEU P 263 24.96 -33.33 -18.02
C LEU P 263 24.09 -34.58 -17.86
N ARG P 264 24.52 -35.50 -16.99
CA ARG P 264 23.74 -36.71 -16.73
C ARG P 264 22.34 -36.38 -16.18
N ILE P 265 22.28 -35.49 -15.19
CA ILE P 265 21.01 -35.12 -14.59
C ILE P 265 20.13 -34.40 -15.61
N ILE P 266 20.74 -33.58 -16.47
CA ILE P 266 19.96 -32.85 -17.48
C ILE P 266 19.34 -33.82 -18.47
N SER P 267 20.08 -34.86 -18.85
CA SER P 267 19.51 -35.89 -19.72
C SER P 267 18.29 -36.54 -19.06
N GLN P 268 18.43 -36.91 -17.79
CA GLN P 268 17.29 -37.51 -17.10
C GLN P 268 16.11 -36.55 -17.04
N CYS P 269 16.37 -35.28 -16.74
CA CYS P 269 15.30 -34.29 -16.64
C CYS P 269 14.60 -34.11 -17.98
N LEU P 270 15.35 -34.12 -19.07
CA LEU P 270 14.76 -34.01 -20.40
C LEU P 270 13.84 -35.18 -20.68
N ASN P 271 14.22 -36.39 -20.26
CA ASN P 271 13.40 -37.54 -20.61
C ASN P 271 12.15 -37.69 -19.75
N LYS P 272 12.14 -37.21 -18.51
CA LYS P 272 11.02 -37.43 -17.60
C LYS P 272 10.22 -36.17 -17.30
N MET P 273 10.25 -35.19 -18.19
CA MET P 273 9.45 -33.97 -17.99
C MET P 273 7.97 -34.29 -18.07
N PRO P 274 7.19 -34.04 -17.03
CA PRO P 274 5.78 -34.43 -17.04
C PRO P 274 4.89 -33.31 -17.54
N PRO P 275 3.64 -33.61 -17.88
CA PRO P 275 2.69 -32.56 -18.27
C PRO P 275 2.01 -31.94 -17.06
N GLY P 276 1.30 -30.84 -17.31
CA GLY P 276 0.47 -30.20 -16.32
C GLY P 276 0.76 -28.74 -16.20
N GLU P 277 0.18 -28.13 -15.18
CA GLU P 277 0.34 -26.71 -14.89
C GLU P 277 1.74 -26.44 -14.32
N ILE P 278 2.10 -25.16 -14.29
CA ILE P 278 3.46 -24.77 -13.92
C ILE P 278 3.51 -23.87 -12.68
N LYS P 279 2.38 -23.44 -12.14
CA LYS P 279 2.36 -22.78 -10.84
C LYS P 279 1.22 -23.39 -10.03
N VAL P 280 1.24 -23.11 -8.72
CA VAL P 280 0.27 -23.73 -7.82
C VAL P 280 -1.12 -23.21 -8.12
N ASP P 281 -2.10 -24.12 -8.18
CA ASP P 281 -3.49 -23.78 -8.47
C ASP P 281 -4.14 -23.24 -7.20
N ASP P 282 -3.64 -22.09 -6.77
CA ASP P 282 -4.11 -21.40 -5.56
C ASP P 282 -3.97 -19.91 -5.84
N ALA P 283 -5.05 -19.28 -6.29
CA ALA P 283 -4.99 -17.91 -6.78
C ALA P 283 -4.73 -16.89 -5.68
N LYS P 284 -4.78 -17.29 -4.41
CA LYS P 284 -4.36 -16.41 -3.33
C LYS P 284 -2.86 -16.37 -3.17
N VAL P 285 -2.12 -17.18 -3.92
CA VAL P 285 -0.66 -17.17 -3.93
C VAL P 285 -0.15 -16.91 -5.34
N SER P 286 -0.61 -17.70 -6.30
CA SER P 286 -0.12 -17.53 -7.66
C SER P 286 -1.14 -16.80 -8.52
N PRO P 287 -0.70 -15.83 -9.32
CA PRO P 287 -1.65 -15.01 -10.08
C PRO P 287 -2.42 -15.85 -11.09
N PRO P 288 -3.68 -15.54 -11.33
CA PRO P 288 -4.45 -16.25 -12.37
C PRO P 288 -3.93 -15.95 -13.76
N LYS P 289 -4.40 -16.73 -14.72
CA LYS P 289 -4.10 -16.49 -16.12
C LYS P 289 -4.77 -15.21 -16.60
N ARG P 290 -4.21 -14.64 -17.67
CA ARG P 290 -4.69 -13.36 -18.17
C ARG P 290 -6.13 -13.46 -18.65
N ALA P 291 -6.49 -14.55 -19.34
CA ALA P 291 -7.87 -14.72 -19.79
C ALA P 291 -8.83 -14.83 -18.62
N GLU P 292 -8.45 -15.59 -17.59
CA GLU P 292 -9.26 -15.68 -16.39
C GLU P 292 -9.37 -14.32 -15.72
N MET P 293 -8.25 -13.60 -15.61
CA MET P 293 -8.26 -12.25 -15.04
C MET P 293 -9.22 -11.33 -15.80
N LYS P 294 -9.31 -11.50 -17.11
CA LYS P 294 -10.14 -10.64 -17.94
C LYS P 294 -11.54 -11.16 -18.14
N THR P 295 -11.90 -12.31 -17.57
CA THR P 295 -13.27 -12.80 -17.65
C THR P 295 -13.97 -13.03 -16.31
N SER P 296 -13.24 -13.33 -15.24
CA SER P 296 -13.84 -13.73 -13.98
C SER P 296 -13.61 -12.69 -12.89
N MET P 297 -14.64 -12.47 -12.06
CA MET P 297 -14.56 -11.46 -11.01
C MET P 297 -13.54 -11.83 -9.94
N GLU P 298 -13.58 -13.07 -9.45
CA GLU P 298 -12.61 -13.51 -8.45
C GLU P 298 -11.18 -13.43 -8.99
N SER P 299 -10.99 -13.80 -10.26
CA SER P 299 -9.66 -13.74 -10.85
C SER P 299 -9.15 -12.31 -10.92
N LEU P 300 -10.00 -11.36 -11.31
CA LEU P 300 -9.59 -9.96 -11.34
C LEU P 300 -9.26 -9.46 -9.94
N ILE P 301 -10.08 -9.80 -8.95
CA ILE P 301 -9.80 -9.34 -7.58
C ILE P 301 -8.48 -9.90 -7.08
N HIS P 302 -8.24 -11.19 -7.32
CA HIS P 302 -7.02 -11.82 -6.82
C HIS P 302 -5.79 -11.31 -7.56
N HIS P 303 -5.91 -11.04 -8.86
CA HIS P 303 -4.83 -10.40 -9.60
C HIS P 303 -4.50 -9.03 -9.02
N PHE P 304 -5.53 -8.19 -8.84
CA PHE P 304 -5.35 -6.86 -8.27
C PHE P 304 -4.64 -6.93 -6.92
N LYS P 305 -5.14 -7.77 -6.02
CA LYS P 305 -4.58 -7.83 -4.67
C LYS P 305 -3.18 -8.43 -4.66
N LEU P 306 -2.92 -9.44 -5.49
CA LEU P 306 -1.60 -10.04 -5.52
C LEU P 306 -0.56 -9.09 -6.09
N TYR P 307 -0.95 -8.22 -7.02
CA TYR P 307 0.01 -7.31 -7.61
C TYR P 307 0.09 -5.96 -6.93
N THR P 308 -0.82 -5.66 -5.99
CA THR P 308 -0.70 -4.43 -5.22
C THR P 308 -0.23 -4.68 -3.80
N GLU P 309 -0.96 -5.48 -3.03
CA GLU P 309 -0.62 -5.80 -1.65
C GLU P 309 0.33 -6.97 -1.54
N GLY P 310 0.16 -7.99 -2.38
CA GLY P 310 0.87 -9.24 -2.23
C GLY P 310 0.18 -10.17 -1.25
N TYR P 311 0.59 -11.43 -1.28
CA TYR P 311 0.03 -12.44 -0.39
C TYR P 311 0.65 -12.30 0.99
N GLN P 312 -0.17 -12.56 2.01
CA GLN P 312 0.33 -12.61 3.37
C GLN P 312 0.93 -13.97 3.65
N VAL P 313 2.01 -13.99 4.41
CA VAL P 313 2.70 -15.21 4.81
C VAL P 313 2.48 -15.40 6.31
N PRO P 314 2.07 -16.57 6.77
CA PRO P 314 1.85 -16.76 8.20
C PRO P 314 3.13 -16.52 8.98
N PRO P 315 3.02 -15.98 10.20
CA PRO P 315 4.23 -15.63 10.96
C PRO P 315 5.09 -16.86 11.26
N GLY P 316 6.40 -16.64 11.27
CA GLY P 316 7.31 -17.72 11.59
C GLY P 316 8.65 -17.50 10.92
N ALA P 317 9.62 -18.32 11.31
CA ALA P 317 10.98 -18.20 10.81
C ALA P 317 11.45 -19.54 10.27
N THR P 318 12.15 -19.50 9.13
CA THR P 318 12.72 -20.70 8.54
C THR P 318 14.16 -20.43 8.12
N TYR P 319 14.99 -21.48 8.19
CA TYR P 319 16.30 -21.48 7.56
C TYR P 319 16.26 -22.55 6.47
N THR P 320 16.31 -22.12 5.22
CA THR P 320 16.25 -23.01 4.07
C THR P 320 17.55 -22.93 3.31
N ALA P 321 18.14 -24.09 3.01
CA ALA P 321 19.43 -24.14 2.33
C ALA P 321 19.36 -25.08 1.13
N ILE P 322 20.13 -24.74 0.10
CA ILE P 322 20.25 -25.57 -1.09
C ILE P 322 21.73 -25.75 -1.42
N GLU P 323 21.99 -26.76 -2.24
CA GLU P 323 23.31 -27.03 -2.80
C GLU P 323 23.49 -26.17 -4.04
N ALA P 324 23.82 -24.90 -3.85
CA ALA P 324 24.12 -24.02 -4.96
C ALA P 324 25.48 -24.41 -5.57
N PRO P 325 25.75 -23.98 -6.79
CA PRO P 325 27.02 -24.37 -7.44
C PRO P 325 28.26 -23.96 -6.66
N LYS P 326 28.15 -22.97 -5.78
CA LYS P 326 29.30 -22.54 -4.99
C LYS P 326 29.30 -23.09 -3.57
N GLY P 327 28.32 -23.91 -3.20
CA GLY P 327 28.26 -24.42 -1.84
C GLY P 327 26.87 -24.31 -1.26
N GLU P 328 26.74 -24.38 0.06
CA GLU P 328 25.43 -24.26 0.69
C GLU P 328 25.00 -22.80 0.65
N PHE P 329 23.91 -22.52 -0.06
CA PHE P 329 23.33 -21.19 -0.09
C PHE P 329 22.04 -21.23 0.71
N GLY P 330 21.93 -20.35 1.70
CA GLY P 330 20.84 -20.42 2.64
C GLY P 330 20.16 -19.07 2.84
N VAL P 331 18.96 -19.15 3.39
CA VAL P 331 18.18 -17.97 3.75
C VAL P 331 17.52 -18.21 5.10
N TYR P 332 17.68 -17.28 6.02
CA TYR P 332 16.91 -17.21 7.25
C TYR P 332 15.84 -16.15 7.05
N LEU P 333 14.61 -16.60 6.89
CA LEU P 333 13.48 -15.74 6.54
C LEU P 333 12.51 -15.68 7.71
N VAL P 334 12.22 -14.47 8.19
CA VAL P 334 11.33 -14.23 9.31
C VAL P 334 10.14 -13.42 8.80
N SER P 335 8.95 -13.98 8.99
CA SER P 335 7.67 -13.40 8.62
C SER P 335 6.90 -13.00 9.87
N ASP P 336 6.30 -11.82 9.85
CA ASP P 336 5.46 -11.33 10.93
C ASP P 336 3.97 -11.41 10.63
N GLY P 337 3.58 -12.08 9.54
CA GLY P 337 2.19 -12.24 9.19
C GLY P 337 1.68 -11.35 8.08
N SER P 338 2.47 -10.37 7.65
CA SER P 338 2.07 -9.43 6.63
C SER P 338 2.56 -9.89 5.26
N SER P 339 2.44 -9.01 4.26
CA SER P 339 2.88 -9.29 2.91
C SER P 339 4.32 -8.87 2.65
N ARG P 340 5.01 -8.33 3.65
CA ARG P 340 6.41 -7.98 3.55
C ARG P 340 7.22 -8.78 4.57
N PRO P 341 8.36 -9.34 4.17
CA PRO P 341 9.18 -10.07 5.14
C PRO P 341 9.70 -9.15 6.24
N TYR P 342 9.68 -9.66 7.47
CA TYR P 342 10.25 -8.90 8.58
C TYR P 342 11.77 -8.93 8.56
N ARG P 343 12.36 -10.09 8.29
CA ARG P 343 13.81 -10.17 8.23
C ARG P 343 14.21 -11.19 7.19
N CYS P 344 15.30 -10.90 6.47
CA CYS P 344 15.84 -11.82 5.48
C CYS P 344 17.36 -11.78 5.59
N LYS P 345 17.94 -12.80 6.21
CA LYS P 345 19.39 -12.96 6.26
C LYS P 345 19.82 -13.95 5.21
N ILE P 346 20.80 -13.55 4.39
CA ILE P 346 21.30 -14.38 3.30
C ILE P 346 22.62 -15.00 3.72
N LYS P 347 22.71 -16.32 3.65
CA LYS P 347 23.93 -17.06 3.92
C LYS P 347 24.57 -17.45 2.60
N ALA P 348 25.78 -16.93 2.35
CA ALA P 348 26.54 -17.18 1.15
C ALA P 348 27.80 -17.96 1.48
N PRO P 349 28.07 -19.07 0.80
CA PRO P 349 29.27 -19.87 1.12
C PRO P 349 30.58 -19.12 0.94
N GLY P 350 30.64 -18.20 -0.03
CA GLY P 350 31.85 -17.43 -0.26
C GLY P 350 32.27 -16.61 0.94
N PHE P 351 31.32 -16.25 1.80
CA PHE P 351 31.65 -15.54 3.04
C PHE P 351 32.61 -16.36 3.90
N ALA P 352 32.24 -17.59 4.21
CA ALA P 352 33.10 -18.45 5.01
C ALA P 352 34.38 -18.81 4.26
N HIS P 353 34.28 -19.03 2.94
CA HIS P 353 35.49 -19.37 2.19
C HIS P 353 36.52 -18.24 2.23
N LEU P 354 36.07 -17.00 2.02
CA LEU P 354 36.98 -15.87 2.10
C LEU P 354 37.49 -15.66 3.52
N ALA P 355 36.66 -15.95 4.53
CA ALA P 355 37.15 -15.89 5.90
C ALA P 355 38.25 -16.91 6.17
N GLY P 356 38.18 -18.06 5.48
CA GLY P 356 39.22 -19.07 5.61
C GLY P 356 40.43 -18.89 4.72
N LEU P 357 40.35 -17.92 3.80
CA LEU P 357 41.50 -17.64 2.92
C LEU P 357 42.78 -17.41 3.70
N ASP P 358 42.69 -16.75 4.86
CA ASP P 358 43.91 -16.44 5.63
C ASP P 358 44.63 -17.72 6.06
N LYS P 359 43.88 -18.71 6.55
CA LYS P 359 44.52 -19.94 6.99
C LYS P 359 44.91 -20.81 5.80
N MET P 360 44.19 -20.69 4.68
CA MET P 360 44.52 -21.50 3.52
C MET P 360 45.82 -21.06 2.84
N SER P 361 46.23 -19.80 3.00
CA SER P 361 47.40 -19.26 2.32
C SER P 361 48.64 -19.19 3.21
N LYS P 362 48.63 -19.88 4.34
CA LYS P 362 49.77 -19.85 5.24
C LYS P 362 50.95 -20.60 4.62
N GLY P 363 52.12 -19.97 4.64
CA GLY P 363 53.32 -20.59 4.13
C GLY P 363 53.32 -20.86 2.64
N HIS P 364 52.80 -19.95 1.84
CA HIS P 364 52.76 -20.09 0.39
C HIS P 364 53.35 -18.86 -0.26
N MET P 365 53.55 -18.94 -1.57
CA MET P 365 54.04 -17.81 -2.34
C MET P 365 52.93 -16.80 -2.61
N LEU P 366 53.35 -15.61 -3.04
CA LEU P 366 52.39 -14.59 -3.44
C LEU P 366 51.59 -15.03 -4.66
N ALA P 367 52.23 -15.75 -5.59
CA ALA P 367 51.53 -16.24 -6.77
C ALA P 367 50.54 -17.36 -6.45
N ASP P 368 50.57 -17.92 -5.25
CA ASP P 368 49.63 -18.96 -4.88
C ASP P 368 48.32 -18.40 -4.31
N VAL P 369 48.33 -17.15 -3.85
CA VAL P 369 47.12 -16.55 -3.32
C VAL P 369 46.07 -16.39 -4.41
N VAL P 370 46.52 -16.10 -5.63
CA VAL P 370 45.61 -16.01 -6.77
C VAL P 370 44.96 -17.37 -7.04
N ALA P 371 45.75 -18.44 -6.99
CA ALA P 371 45.19 -19.77 -7.19
C ALA P 371 44.20 -20.13 -6.10
N ILE P 372 44.50 -19.79 -4.85
CA ILE P 372 43.58 -20.09 -3.76
C ILE P 372 42.29 -19.29 -3.90
N ILE P 373 42.40 -18.03 -4.31
CA ILE P 373 41.20 -17.23 -4.55
C ILE P 373 40.36 -17.83 -5.67
N GLY P 374 41.01 -18.27 -6.74
CA GLY P 374 40.27 -18.89 -7.83
C GLY P 374 39.62 -20.20 -7.45
N THR P 375 40.30 -21.00 -6.62
CA THR P 375 39.72 -22.28 -6.19
C THR P 375 38.63 -22.10 -5.15
N GLN P 376 38.58 -20.96 -4.48
CA GLN P 376 37.50 -20.69 -3.54
C GLN P 376 36.19 -20.32 -4.23
N ASP P 377 36.24 -19.92 -5.50
CA ASP P 377 35.05 -19.58 -6.29
C ASP P 377 34.26 -18.44 -5.65
N ILE P 378 34.89 -17.26 -5.62
CA ILE P 378 34.36 -16.10 -4.91
C ILE P 378 33.70 -15.16 -5.89
N VAL P 379 32.44 -14.80 -5.62
CA VAL P 379 31.76 -13.66 -6.22
C VAL P 379 31.32 -12.74 -5.09
N PHE P 380 31.67 -11.46 -5.20
CA PHE P 380 31.50 -10.54 -4.08
C PHE P 380 30.08 -10.01 -3.96
N GLY P 381 29.23 -10.21 -4.97
CA GLY P 381 27.83 -9.87 -4.80
C GLY P 381 27.18 -10.62 -3.66
N GLU P 382 27.48 -11.92 -3.54
CA GLU P 382 26.91 -12.70 -2.45
C GLU P 382 27.69 -12.50 -1.15
N VAL P 383 28.99 -12.22 -1.23
CA VAL P 383 29.79 -12.03 -0.02
C VAL P 383 29.41 -10.73 0.69
N ASP P 384 29.19 -9.66 -0.08
CA ASP P 384 28.91 -8.36 0.52
C ASP P 384 27.42 -8.11 0.73
N ARG P 385 26.58 -8.51 -0.22
CA ARG P 385 25.13 -8.33 -0.15
C ARG P 385 24.71 -6.88 0.09
N GLY Q 1 -4.71 16.08 -32.10
CA GLY Q 1 -4.98 17.48 -32.40
C GLY Q 1 -4.14 18.43 -31.57
N VAL Q 2 -2.89 18.63 -31.96
CA VAL Q 2 -1.96 19.44 -31.20
C VAL Q 2 -2.24 20.92 -31.46
N ARG Q 3 -2.02 21.75 -30.44
CA ARG Q 3 -2.13 23.18 -30.55
C ARG Q 3 -0.75 23.82 -30.33
N THR Q 4 -0.72 25.15 -30.35
CA THR Q 4 0.51 25.88 -30.11
C THR Q 4 0.28 26.93 -29.03
N SER Q 5 1.31 27.15 -28.22
CA SER Q 5 1.24 28.16 -27.17
C SER Q 5 1.36 29.55 -27.80
N PRO Q 6 0.88 30.60 -27.10
CA PRO Q 6 1.14 31.96 -27.59
C PRO Q 6 2.62 32.27 -27.75
N THR Q 7 3.47 31.59 -26.97
CA THR Q 7 4.92 31.74 -27.16
C THR Q 7 5.39 31.06 -28.43
N GLY Q 8 4.91 29.84 -28.68
CA GLY Q 8 5.36 29.08 -29.83
C GLY Q 8 5.51 27.60 -29.55
N GLU Q 9 5.56 27.24 -28.27
CA GLU Q 9 5.65 25.84 -27.87
C GLU Q 9 4.38 25.08 -28.25
N LYS Q 10 4.56 23.79 -28.51
CA LYS Q 10 3.42 22.91 -28.73
C LYS Q 10 2.80 22.55 -27.39
N VAL Q 11 1.47 22.46 -27.37
CA VAL Q 11 0.73 22.06 -26.18
C VAL Q 11 0.45 20.56 -26.27
N THR Q 12 0.81 19.84 -25.22
CA THR Q 12 0.61 18.40 -25.17
C THR Q 12 -0.87 18.06 -24.96
N HIS Q 13 -1.18 16.76 -25.05
CA HIS Q 13 -2.55 16.32 -24.80
C HIS Q 13 -2.96 16.47 -23.35
N THR Q 14 -2.00 16.61 -22.44
CA THR Q 14 -2.32 16.93 -21.05
C THR Q 14 -2.47 18.43 -20.82
N GLY Q 15 -2.25 19.25 -21.83
CA GLY Q 15 -2.36 20.68 -21.70
C GLY Q 15 -1.13 21.38 -21.17
N GLN Q 16 0.00 20.70 -21.09
CA GLN Q 16 1.21 21.29 -20.53
C GLN Q 16 1.83 22.28 -21.51
N ALA Q 17 2.29 23.41 -20.96
CA ALA Q 17 3.11 24.37 -21.67
C ALA Q 17 3.72 25.34 -20.67
N TYR Q 18 5.03 25.59 -20.78
CA TYR Q 18 5.66 26.60 -19.92
C TYR Q 18 5.12 27.98 -20.28
N ASP Q 19 4.85 28.78 -19.24
CA ASP Q 19 4.39 30.13 -19.47
C ASP Q 19 5.55 31.02 -19.92
N ASP Q 20 5.21 32.28 -20.24
CA ASP Q 20 6.21 33.19 -20.80
C ASP Q 20 7.32 33.49 -19.81
N GLY Q 21 6.99 33.61 -18.53
CA GLY Q 21 7.99 33.92 -17.53
C GLY Q 21 8.82 32.75 -17.03
N ASP Q 22 8.54 31.53 -17.47
CA ASP Q 22 9.22 30.36 -16.95
C ASP Q 22 10.64 30.26 -17.53
N TYR Q 23 11.62 30.08 -16.65
CA TYR Q 23 13.00 29.90 -17.11
C TYR Q 23 13.23 28.51 -17.69
N ARG Q 24 12.41 27.52 -17.29
CA ARG Q 24 12.62 26.12 -17.66
C ARG Q 24 12.57 25.90 -19.17
N ARG Q 25 11.90 26.77 -19.92
CA ARG Q 25 11.96 26.77 -21.37
C ARG Q 25 13.39 26.66 -21.90
N VAL Q 26 14.37 27.15 -21.15
CA VAL Q 26 15.77 27.13 -21.58
C VAL Q 26 16.23 25.71 -21.87
N ARG Q 27 15.57 24.69 -21.32
CA ARG Q 27 16.01 23.32 -21.61
C ARG Q 27 15.78 22.93 -23.07
N PHE Q 28 14.90 23.63 -23.78
CA PHE Q 28 14.58 23.27 -25.16
C PHE Q 28 15.41 24.03 -26.19
N SER Q 29 16.21 25.02 -25.76
CA SER Q 29 17.04 25.75 -26.71
C SER Q 29 18.10 24.84 -27.31
N ASP Q 30 18.29 24.97 -28.62
CA ASP Q 30 19.16 24.12 -29.44
C ASP Q 30 18.71 22.68 -29.47
N ARG Q 31 17.47 22.40 -29.07
CA ARG Q 31 16.95 21.06 -28.93
C ARG Q 31 15.47 21.10 -29.31
N GLN Q 32 14.72 20.08 -28.91
CA GLN Q 32 13.30 20.01 -29.24
C GLN Q 32 12.51 19.58 -28.00
N LYS Q 33 11.20 19.80 -28.07
CA LYS Q 33 10.28 19.35 -27.04
C LYS Q 33 9.49 18.16 -27.58
N GLU Q 34 9.62 17.02 -26.90
CA GLU Q 34 8.99 15.77 -27.35
C GLU Q 34 7.49 15.85 -27.10
N VAL Q 35 6.70 15.81 -28.17
CA VAL Q 35 5.24 15.85 -28.08
C VAL Q 35 4.68 14.74 -28.97
N ASN Q 36 3.76 13.96 -28.41
CA ASN Q 36 3.05 12.95 -29.19
C ASN Q 36 1.95 13.63 -30.00
N GLU Q 37 1.92 13.36 -31.30
CA GLU Q 37 1.01 14.07 -32.20
C GLU Q 37 -0.41 13.51 -32.18
N ASN Q 38 -0.59 12.23 -31.86
CA ASN Q 38 -1.90 11.59 -31.91
C ASN Q 38 -2.59 11.74 -30.56
N PHE Q 39 -3.61 12.59 -30.51
CA PHE Q 39 -4.36 12.81 -29.29
C PHE Q 39 -5.45 11.76 -29.16
N ALA Q 40 -5.44 11.02 -28.04
CA ALA Q 40 -6.35 9.90 -27.88
C ALA Q 40 -7.80 10.35 -27.77
N ILE Q 41 -8.05 11.52 -27.17
CA ILE Q 41 -9.42 11.99 -27.01
C ILE Q 41 -10.05 12.27 -28.37
N ASP Q 42 -9.31 12.93 -29.27
CA ASP Q 42 -9.83 13.20 -30.61
C ASP Q 42 -10.00 11.92 -31.41
N LEU Q 43 -9.08 10.96 -31.25
CA LEU Q 43 -9.16 9.70 -31.99
C LEU Q 43 -10.37 8.87 -31.55
N ILE Q 44 -10.62 8.80 -30.24
CA ILE Q 44 -11.80 8.09 -29.77
C ILE Q 44 -13.08 8.88 -30.05
N ALA Q 45 -12.99 10.19 -30.27
CA ALA Q 45 -14.18 10.95 -30.61
C ALA Q 45 -14.66 10.69 -32.04
N GLU Q 46 -13.81 10.12 -32.90
CA GLU Q 46 -14.19 9.88 -34.29
C GLU Q 46 -14.84 8.52 -34.52
N GLN Q 47 -14.85 7.64 -33.53
CA GLN Q 47 -15.45 6.33 -33.73
C GLN Q 47 -16.97 6.45 -33.83
N PRO Q 48 -17.59 5.73 -34.75
CA PRO Q 48 -19.06 5.76 -34.83
C PRO Q 48 -19.69 5.02 -33.65
N VAL Q 49 -20.90 5.45 -33.31
CA VAL Q 49 -21.67 4.82 -32.23
C VAL Q 49 -22.28 3.54 -32.76
N SER Q 50 -22.06 2.43 -32.06
CA SER Q 50 -22.59 1.14 -32.48
C SER Q 50 -24.06 1.01 -32.06
N GLU Q 51 -24.84 0.33 -32.90
CA GLU Q 51 -26.27 0.15 -32.69
C GLU Q 51 -26.52 -1.32 -32.35
N VAL Q 52 -27.18 -1.56 -31.22
CA VAL Q 52 -27.49 -2.91 -30.78
C VAL Q 52 -28.94 -2.98 -30.36
N GLY Q 53 -29.57 -4.11 -30.68
CA GLY Q 53 -30.97 -4.32 -30.35
C GLY Q 53 -31.18 -5.02 -29.03
N SER Q 54 -30.40 -4.66 -28.01
CA SER Q 54 -30.49 -5.26 -26.69
C SER Q 54 -30.36 -4.17 -25.64
N ARG Q 55 -30.93 -4.44 -24.46
CA ARG Q 55 -30.85 -3.47 -23.37
C ARG Q 55 -29.48 -3.47 -22.72
N VAL Q 56 -28.77 -4.60 -22.75
CA VAL Q 56 -27.45 -4.74 -22.14
C VAL Q 56 -26.50 -5.26 -23.20
N ILE Q 57 -25.34 -4.61 -23.32
CA ILE Q 57 -24.31 -5.03 -24.26
C ILE Q 57 -23.04 -5.34 -23.48
N SER Q 58 -22.16 -6.15 -24.08
CA SER Q 58 -20.89 -6.47 -23.45
C SER Q 58 -19.74 -5.98 -24.32
N CYS Q 59 -18.69 -5.48 -23.68
CA CYS Q 59 -17.51 -5.00 -24.36
C CYS Q 59 -16.25 -5.54 -23.69
N ASP Q 60 -15.31 -6.02 -24.51
CA ASP Q 60 -14.02 -6.45 -24.02
C ASP Q 60 -12.87 -5.77 -24.79
N GLY Q 61 -13.17 -4.80 -25.62
CA GLY Q 61 -12.16 -4.03 -26.33
C GLY Q 61 -11.68 -4.66 -27.63
N GLY Q 62 -12.22 -5.80 -28.03
CA GLY Q 62 -11.77 -6.45 -29.24
C GLY Q 62 -10.53 -7.29 -29.05
N GLY Q 63 -10.44 -8.41 -29.74
CA GLY Q 63 -9.30 -9.30 -29.64
C GLY Q 63 -9.37 -10.31 -28.53
N GLY Q 64 -10.49 -10.42 -27.83
CA GLY Q 64 -10.66 -11.42 -26.79
C GLY Q 64 -9.76 -11.22 -25.58
N ALA Q 65 -8.83 -12.14 -25.38
CA ALA Q 65 -7.88 -12.05 -24.28
C ALA Q 65 -6.85 -10.94 -24.49
N LEU Q 66 -6.79 -10.35 -25.68
CA LEU Q 66 -5.89 -9.26 -25.96
C LEU Q 66 -6.49 -7.89 -25.68
N GLY Q 67 -7.76 -7.83 -25.29
CA GLY Q 67 -8.44 -6.59 -24.98
C GLY Q 67 -8.35 -6.25 -23.51
N HIS Q 68 -9.46 -5.80 -22.95
CA HIS Q 68 -9.58 -5.45 -21.55
C HIS Q 68 -10.56 -6.39 -20.85
N PRO Q 69 -10.70 -6.30 -19.53
CA PRO Q 69 -11.71 -7.11 -18.84
C PRO Q 69 -13.10 -6.84 -19.38
N ARG Q 70 -13.89 -7.92 -19.48
CA ARG Q 70 -15.21 -7.83 -20.10
C ARG Q 70 -16.19 -7.14 -19.17
N VAL Q 71 -16.88 -6.12 -19.67
CA VAL Q 71 -17.81 -5.35 -18.88
C VAL Q 71 -19.15 -5.27 -19.59
N TYR Q 72 -20.20 -5.06 -18.81
CA TYR Q 72 -21.56 -5.01 -19.30
C TYR Q 72 -22.11 -3.59 -19.12
N ILE Q 73 -22.77 -3.10 -20.17
CA ILE Q 73 -23.21 -1.71 -20.27
C ILE Q 73 -24.71 -1.69 -20.48
N ASN Q 74 -25.40 -0.92 -19.65
CA ASN Q 74 -26.84 -0.73 -19.72
C ASN Q 74 -27.18 0.38 -20.68
N LEU Q 75 -28.21 0.16 -21.50
CA LEU Q 75 -28.59 1.09 -22.55
C LEU Q 75 -30.04 1.56 -22.40
N ASP Q 76 -30.53 1.63 -21.16
CA ASP Q 76 -31.91 2.04 -20.93
C ASP Q 76 -32.14 3.53 -21.09
N LYS Q 77 -31.14 4.35 -20.77
CA LYS Q 77 -31.27 5.80 -20.89
C LYS Q 77 -31.17 6.19 -22.36
N GLU Q 78 -32.20 6.86 -22.87
CA GLU Q 78 -32.18 7.33 -24.24
C GLU Q 78 -31.60 8.73 -24.39
N THR Q 79 -31.37 9.44 -23.28
CA THR Q 79 -30.79 10.77 -23.35
C THR Q 79 -29.35 10.71 -23.87
N LYS Q 80 -28.59 9.72 -23.42
CA LYS Q 80 -27.18 9.60 -23.78
C LYS Q 80 -26.90 8.20 -24.31
N THR Q 81 -25.63 7.94 -24.60
CA THR Q 81 -25.15 6.64 -25.04
C THR Q 81 -24.35 5.98 -23.93
N GLY Q 82 -24.31 4.65 -23.96
CA GLY Q 82 -23.47 3.90 -23.05
C GLY Q 82 -22.03 3.92 -23.53
N THR Q 83 -21.11 4.16 -22.61
CA THR Q 83 -19.68 4.25 -22.92
C THR Q 83 -18.92 3.23 -22.09
N CYS Q 84 -18.04 2.49 -22.75
CA CYS Q 84 -17.17 1.54 -22.05
C CYS Q 84 -16.17 2.28 -21.17
N GLY Q 85 -16.01 1.78 -19.94
CA GLY Q 85 -15.10 2.42 -19.00
C GLY Q 85 -13.64 2.15 -19.25
N TYR Q 86 -13.31 1.18 -20.09
CA TYR Q 86 -11.94 0.91 -20.50
C TYR Q 86 -11.62 1.47 -21.88
N CYS Q 87 -12.45 1.14 -22.87
CA CYS Q 87 -12.14 1.37 -24.27
C CYS Q 87 -12.57 2.75 -24.75
N GLY Q 88 -13.68 3.28 -24.25
CA GLY Q 88 -14.24 4.50 -24.77
C GLY Q 88 -15.23 4.33 -25.89
N LEU Q 89 -15.47 3.11 -26.36
CA LEU Q 89 -16.47 2.87 -27.39
C LEU Q 89 -17.87 3.15 -26.86
N GLN Q 90 -18.77 3.52 -27.76
CA GLN Q 90 -20.12 3.95 -27.40
C GLN Q 90 -21.15 3.02 -28.01
N PHE Q 91 -22.25 2.83 -27.29
CA PHE Q 91 -23.34 1.98 -27.74
C PHE Q 91 -24.67 2.66 -27.43
N ARG Q 92 -25.68 2.33 -28.23
CA ARG Q 92 -26.99 2.91 -28.07
C ARG Q 92 -28.04 1.96 -28.63
N GLN Q 93 -29.26 2.08 -28.14
CA GLN Q 93 -30.37 1.34 -28.72
C GLN Q 93 -30.93 2.12 -29.91
N PRO Q 94 -31.54 1.43 -30.88
CA PRO Q 94 -31.98 2.12 -32.11
C PRO Q 94 -33.15 3.04 -31.87
N HIS Q 95 -32.87 4.26 -31.40
CA HIS Q 95 -33.92 5.25 -31.20
C HIS Q 95 -34.59 5.60 -32.52
N HIS Q 96 -35.93 5.62 -32.50
CA HIS Q 96 -36.73 5.80 -33.72
C HIS Q 96 -36.33 4.79 -34.79
N ALA R 1 -12.70 -29.68 -28.48
CA ALA R 1 -12.10 -30.26 -29.67
C ALA R 1 -10.58 -30.40 -29.52
N SER R 2 -9.90 -29.26 -29.49
CA SER R 2 -8.44 -29.27 -29.40
C SER R 2 -7.99 -29.90 -28.08
N LYS R 3 -6.90 -30.65 -28.17
CA LYS R 3 -6.30 -31.30 -27.02
C LYS R 3 -5.10 -30.50 -26.51
N VAL R 4 -4.65 -30.87 -25.32
CA VAL R 4 -3.54 -30.16 -24.67
C VAL R 4 -2.28 -30.27 -25.52
N LYS R 5 -1.61 -29.14 -25.70
CA LYS R 5 -0.35 -29.10 -26.43
C LYS R 5 0.64 -28.24 -25.66
N GLN R 6 1.72 -28.85 -25.20
CA GLN R 6 2.78 -28.14 -24.52
C GLN R 6 4.11 -28.83 -24.83
N ASP R 7 5.20 -28.13 -24.53
CA ASP R 7 6.55 -28.63 -24.79
C ASP R 7 6.77 -29.92 -24.02
N MET R 8 6.95 -31.02 -24.75
CA MET R 8 7.10 -32.34 -24.18
C MET R 8 8.22 -33.07 -24.89
N PRO R 9 8.84 -34.06 -24.23
CA PRO R 9 9.79 -34.91 -24.94
C PRO R 9 9.10 -35.75 -26.00
N PRO R 10 9.81 -36.12 -27.07
CA PRO R 10 9.18 -36.93 -28.11
C PRO R 10 8.86 -38.32 -27.60
N PRO R 11 7.88 -39.00 -28.18
CA PRO R 11 7.63 -40.40 -27.80
C PRO R 11 8.87 -41.26 -28.01
N GLY R 12 9.16 -42.10 -27.03
CA GLY R 12 10.38 -42.86 -27.01
C GLY R 12 11.56 -42.16 -26.38
N GLY R 13 11.41 -40.90 -25.98
CA GLY R 13 12.48 -40.17 -25.33
C GLY R 13 13.53 -39.69 -26.30
N TYR R 14 14.57 -39.09 -25.72
CA TYR R 14 15.72 -38.60 -26.48
C TYR R 14 16.81 -39.66 -26.51
N GLY R 15 17.73 -39.50 -27.46
CA GLY R 15 18.86 -40.38 -27.57
C GLY R 15 19.82 -40.23 -26.41
N PRO R 16 20.59 -41.28 -26.13
CA PRO R 16 21.60 -41.20 -25.07
C PRO R 16 22.54 -40.02 -25.25
N ILE R 17 22.88 -39.40 -24.13
CA ILE R 17 23.72 -38.20 -24.10
C ILE R 17 25.05 -38.58 -23.45
N ASP R 18 26.14 -38.39 -24.18
CA ASP R 18 27.47 -38.72 -23.68
C ASP R 18 27.88 -37.75 -22.59
N TYR R 19 28.43 -38.29 -21.49
CA TYR R 19 28.98 -37.44 -20.43
C TYR R 19 30.31 -37.92 -19.89
N LYS R 20 30.73 -39.15 -20.16
CA LYS R 20 31.95 -39.68 -19.57
C LYS R 20 33.18 -39.03 -20.20
N ARG R 21 34.23 -38.92 -19.39
CA ARG R 21 35.49 -38.35 -19.87
C ARG R 21 36.08 -39.21 -20.97
N ASN R 22 36.49 -38.57 -22.07
CA ASN R 22 37.08 -39.25 -23.22
C ASN R 22 38.37 -38.54 -23.59
N LEU R 23 39.49 -39.01 -23.03
CA LEU R 23 40.82 -38.53 -23.37
C LEU R 23 41.62 -39.72 -23.88
N PRO R 24 41.61 -39.96 -25.20
CA PRO R 24 42.25 -41.17 -25.72
C PRO R 24 43.75 -41.14 -25.57
N ARG R 25 44.34 -42.33 -25.52
CA ARG R 25 45.78 -42.51 -25.52
C ARG R 25 46.23 -42.65 -26.97
N ARG R 26 47.06 -41.70 -27.42
CA ARG R 26 47.49 -41.70 -28.83
C ARG R 26 48.29 -42.95 -29.16
N GLY R 27 49.32 -43.24 -28.37
CA GLY R 27 50.00 -44.52 -28.47
C GLY R 27 51.41 -44.47 -29.02
N LEU R 28 52.40 -44.47 -28.13
CA LEU R 28 53.79 -44.74 -28.45
C LEU R 28 54.56 -44.96 -27.15
N SER R 29 55.25 -46.09 -27.04
CA SER R 29 55.98 -46.42 -25.83
C SER R 29 57.22 -45.54 -25.68
#